data_8OPK
#
_entry.id   8OPK
#
_cell.length_a   1.00
_cell.length_b   1.00
_cell.length_c   1.00
_cell.angle_alpha   90.00
_cell.angle_beta   90.00
_cell.angle_gamma   90.00
#
_symmetry.space_group_name_H-M   'P 1'
#
_entity_poly.entity_id   1
_entity_poly.type   'polypeptide(L)'
_entity_poly.pdbx_seq_one_letter_code
;GITSKMRMPKSKGATVLNLEHLLEYAPQQIDISNTRATQSQFDTWYEAVQLAYDIGETEMPTVMNGLMVWCIENGTSPNI
NGVWVMMDGDEQVEYPLKPIVENAKPTLRQIMAHFSDVAEAYIEMRNCKEPYMPRYGLVRNLRDGSLARYAFDFYEVTSR
TPVRAREAHIQMKAAALKSENLYFQGLEHHHHHH
;
_entity_poly.pdbx_strand_id   Aa,Ab,Ac,Ad,Ae,Af,Ag,Ah,Ai,Aj,Ak,Al,Am,An,Ao,Ap
#
# COMPACT_ATOMS: atom_id res chain seq x y z
N ARG A 7 12.15 -13.88 45.84
CA ARG A 7 12.75 -12.71 46.49
C ARG A 7 11.68 -11.81 47.06
N MET A 8 11.38 -11.97 48.35
CA MET A 8 10.33 -11.18 48.97
C MET A 8 10.82 -9.75 49.19
N PRO A 9 9.96 -8.75 49.00
CA PRO A 9 10.36 -7.37 49.30
C PRO A 9 10.73 -7.22 50.76
N LYS A 10 11.64 -6.30 51.03
CA LYS A 10 12.08 -6.09 52.39
C LYS A 10 12.68 -4.78 52.62
N SER A 11 12.52 -4.29 53.83
CA SER A 11 13.14 -3.06 54.21
C SER A 11 13.70 -3.29 55.59
N LYS A 12 15.02 -3.30 55.73
CA LYS A 12 15.67 -3.48 57.04
C LYS A 12 15.55 -4.87 57.60
N GLY A 13 15.63 -5.88 56.76
CA GLY A 13 15.62 -7.23 57.26
C GLY A 13 14.30 -7.62 57.85
N ALA A 14 13.24 -7.38 57.11
CA ALA A 14 11.93 -7.78 57.53
C ALA A 14 11.16 -7.62 56.26
N THR A 15 10.27 -8.55 55.96
CA THR A 15 9.44 -8.38 54.78
C THR A 15 8.53 -7.23 55.03
N VAL A 16 8.03 -6.63 53.96
CA VAL A 16 7.07 -5.55 54.07
C VAL A 16 5.76 -6.14 53.55
N LEU A 17 5.53 -7.41 53.79
CA LEU A 17 4.30 -8.09 53.40
C LEU A 17 4.00 -9.14 54.47
N ASN A 18 2.74 -9.57 54.51
CA ASN A 18 2.32 -10.67 55.39
C ASN A 18 1.74 -11.75 54.48
N LEU A 19 2.48 -12.85 54.34
CA LEU A 19 2.04 -13.94 53.49
C LEU A 19 0.99 -14.80 54.16
N GLU A 20 0.76 -14.60 55.43
CA GLU A 20 -0.30 -15.30 56.08
C GLU A 20 -1.55 -14.68 55.57
N HIS A 21 -1.65 -13.37 55.76
CA HIS A 21 -2.84 -12.65 55.30
C HIS A 21 -3.03 -12.86 53.85
N LEU A 22 -2.03 -12.59 53.07
CA LEU A 22 -2.16 -12.68 51.65
C LEU A 22 -2.71 -13.99 51.14
N LEU A 23 -2.34 -15.08 51.75
CA LEU A 23 -2.79 -16.32 51.24
C LEU A 23 -4.29 -16.29 51.18
N GLU A 24 -4.91 -15.62 52.15
CA GLU A 24 -6.38 -15.59 52.23
C GLU A 24 -6.97 -14.22 51.92
N TYR A 25 -6.22 -13.36 51.27
CA TYR A 25 -6.72 -12.05 50.84
C TYR A 25 -7.04 -12.22 49.43
N ALA A 26 -8.31 -12.26 49.12
CA ALA A 26 -8.74 -12.45 47.77
C ALA A 26 -9.92 -11.57 47.51
N PRO A 27 -9.67 -10.33 47.11
CA PRO A 27 -10.75 -9.40 46.79
C PRO A 27 -11.29 -9.62 45.38
N GLN A 28 -12.58 -9.49 45.21
CA GLN A 28 -13.12 -9.65 43.91
C GLN A 28 -12.63 -8.52 43.08
N GLN A 29 -12.53 -8.75 41.81
CA GLN A 29 -11.95 -7.75 40.91
C GLN A 29 -12.80 -6.50 40.84
N ILE A 30 -14.13 -6.64 40.96
CA ILE A 30 -15.02 -5.48 40.84
C ILE A 30 -15.14 -4.68 42.11
N ASP A 31 -14.41 -5.05 43.17
CA ASP A 31 -14.34 -4.26 44.38
C ASP A 31 -13.01 -3.52 44.53
N ILE A 32 -11.96 -3.99 43.85
CA ILE A 32 -10.66 -3.34 43.87
C ILE A 32 -10.46 -2.53 42.60
N SER A 33 -11.13 -2.95 41.53
CA SER A 33 -10.92 -2.31 40.23
C SER A 33 -11.42 -0.86 40.26
N ASN A 34 -10.77 -0.03 39.45
CA ASN A 34 -11.15 1.38 39.31
C ASN A 34 -12.15 1.61 38.18
N THR A 35 -12.54 0.56 37.46
CA THR A 35 -13.59 0.64 36.44
C THR A 35 -14.95 0.85 37.04
N ARG A 36 -15.01 0.97 38.36
CA ARG A 36 -16.27 1.06 39.08
C ARG A 36 -16.05 1.91 40.32
N ALA A 37 -17.00 2.82 40.57
CA ALA A 37 -16.85 3.76 41.67
C ALA A 37 -16.93 3.04 43.01
N THR A 38 -16.29 3.64 44.02
CA THR A 38 -16.29 3.07 45.35
C THR A 38 -17.67 3.20 45.99
N GLN A 39 -17.90 2.39 47.02
CA GLN A 39 -19.18 2.42 47.71
C GLN A 39 -19.44 3.80 48.33
N SER A 40 -18.43 4.39 48.94
CA SER A 40 -18.58 5.74 49.49
C SER A 40 -18.95 6.73 48.41
N GLN A 41 -18.45 6.54 47.19
CA GLN A 41 -18.83 7.40 46.08
C GLN A 41 -20.24 7.10 45.59
N PHE A 42 -20.60 5.81 45.54
CA PHE A 42 -21.95 5.45 45.14
C PHE A 42 -22.98 6.00 46.13
N ASP A 43 -22.71 5.88 47.42
CA ASP A 43 -23.64 6.39 48.42
C ASP A 43 -23.79 7.91 48.30
N THR A 44 -22.68 8.61 48.08
CA THR A 44 -22.75 10.06 47.91
C THR A 44 -23.60 10.44 46.70
N TRP A 45 -23.39 9.74 45.58
CA TRP A 45 -24.20 10.01 44.38
C TRP A 45 -25.66 9.66 44.62
N TYR A 46 -25.92 8.50 45.22
CA TYR A 46 -27.29 8.08 45.46
C TYR A 46 -28.02 9.05 46.40
N GLU A 47 -27.35 9.45 47.47
CA GLU A 47 -27.96 10.35 48.44
C GLU A 47 -28.05 11.79 47.95
N ALA A 48 -27.34 12.12 46.88
CA ALA A 48 -27.46 13.44 46.26
C ALA A 48 -28.54 13.47 45.20
N VAL A 49 -28.66 12.41 44.40
CA VAL A 49 -29.74 12.32 43.43
C VAL A 49 -31.08 12.20 44.15
N GLN A 50 -31.10 11.51 45.29
CA GLN A 50 -32.33 11.38 46.06
C GLN A 50 -32.81 12.75 46.55
N LEU A 51 -31.88 13.58 47.02
CA LEU A 51 -32.26 14.90 47.52
C LEU A 51 -32.60 15.85 46.38
N ALA A 52 -31.85 15.78 45.29
CA ALA A 52 -32.08 16.67 44.15
C ALA A 52 -33.35 16.33 43.37
N TYR A 53 -33.96 15.18 43.62
CA TYR A 53 -35.18 14.78 42.93
C TYR A 53 -36.42 14.89 43.79
N ASP A 54 -36.28 15.31 45.05
CA ASP A 54 -37.43 15.43 45.95
C ASP A 54 -38.19 14.11 46.04
N ILE A 55 -37.45 13.03 46.23
CA ILE A 55 -38.00 11.68 46.28
C ILE A 55 -37.41 10.98 47.50
N GLY A 56 -38.24 10.17 48.17
CA GLY A 56 -37.78 9.39 49.31
C GLY A 56 -37.38 7.98 48.91
N GLU A 57 -37.06 7.18 49.93
CA GLU A 57 -36.70 5.79 49.70
C GLU A 57 -37.89 4.97 49.20
N THR A 58 -39.11 5.48 49.32
CA THR A 58 -40.28 4.71 48.91
C THR A 58 -40.28 4.47 47.41
N GLU A 59 -39.94 5.48 46.62
CA GLU A 59 -39.99 5.38 45.16
C GLU A 59 -38.67 5.69 44.47
N MET A 60 -37.61 6.01 45.21
CA MET A 60 -36.31 6.19 44.57
C MET A 60 -35.86 4.93 43.85
N PRO A 61 -35.97 3.73 44.43
CA PRO A 61 -35.61 2.53 43.66
C PRO A 61 -36.33 2.43 42.32
N THR A 62 -37.62 2.82 42.28
CA THR A 62 -38.34 2.79 41.03
C THR A 62 -37.72 3.72 39.99
N VAL A 63 -37.31 4.91 40.42
CA VAL A 63 -36.64 5.84 39.51
C VAL A 63 -35.35 5.24 38.99
N MET A 64 -34.62 4.53 39.85
CA MET A 64 -33.36 3.91 39.44
C MET A 64 -33.58 2.81 38.41
N ASN A 65 -34.75 2.17 38.42
CA ASN A 65 -35.05 1.19 37.39
C ASN A 65 -35.09 1.85 36.02
N GLY A 66 -35.74 3.00 35.91
CA GLY A 66 -35.79 3.71 34.66
C GLY A 66 -34.43 4.22 34.22
N LEU A 67 -33.66 4.77 35.16
CA LEU A 67 -32.35 5.32 34.81
C LEU A 67 -31.42 4.23 34.31
N MET A 68 -31.42 3.08 34.92
CA MET A 68 -30.58 2.06 34.43
C MET A 68 -31.00 1.72 33.03
N VAL A 69 -32.30 1.58 32.77
CA VAL A 69 -32.79 1.17 31.45
C VAL A 69 -32.59 2.25 30.43
N TRP A 70 -32.37 3.45 30.85
CA TRP A 70 -32.08 4.55 29.97
C TRP A 70 -30.65 4.46 29.63
N CYS A 71 -29.80 4.29 30.62
CA CYS A 71 -28.37 4.28 30.35
C CYS A 71 -27.91 3.00 29.66
N ILE A 72 -28.81 2.05 29.43
CA ILE A 72 -28.50 0.86 28.64
C ILE A 72 -28.81 1.18 27.18
N GLU A 73 -29.79 2.04 26.95
CA GLU A 73 -30.24 2.38 25.62
C GLU A 73 -29.65 3.67 25.08
N ASN A 74 -29.04 4.48 25.95
CA ASN A 74 -28.50 5.77 25.53
C ASN A 74 -27.00 5.86 25.73
N GLY A 75 -26.53 5.49 26.92
CA GLY A 75 -25.13 5.53 27.26
C GLY A 75 -24.90 6.26 28.56
N THR A 76 -23.63 6.29 28.97
CA THR A 76 -23.22 6.92 30.22
C THR A 76 -22.41 8.21 29.98
N SER A 77 -22.55 8.81 28.80
CA SER A 77 -21.92 10.10 28.49
C SER A 77 -22.99 11.01 27.88
N PRO A 78 -23.99 11.39 28.66
CA PRO A 78 -25.08 12.21 28.11
C PRO A 78 -24.80 13.70 28.18
N ASN A 79 -25.78 14.50 27.76
CA ASN A 79 -25.69 15.96 27.83
C ASN A 79 -26.15 16.40 29.21
N ILE A 80 -25.24 17.00 29.99
CA ILE A 80 -25.55 17.38 31.36
C ILE A 80 -26.76 18.30 31.39
N ASN A 81 -26.83 19.24 30.46
CA ASN A 81 -27.98 20.14 30.35
C ASN A 81 -29.03 19.48 29.45
N GLY A 82 -29.61 18.41 29.97
CA GLY A 82 -30.61 17.64 29.26
C GLY A 82 -31.55 16.96 30.23
N VAL A 83 -32.20 15.90 29.77
CA VAL A 83 -33.20 15.19 30.56
C VAL A 83 -33.22 13.74 30.14
N TRP A 84 -33.41 12.85 31.12
CA TRP A 84 -33.54 11.42 30.87
C TRP A 84 -34.98 10.99 31.10
N VAL A 85 -35.47 10.11 30.24
CA VAL A 85 -36.89 9.83 30.10
C VAL A 85 -37.23 8.52 30.80
N MET A 86 -38.39 8.50 31.46
CA MET A 86 -38.95 7.30 32.06
C MET A 86 -40.40 7.18 31.63
N MET A 87 -40.87 5.95 31.47
CA MET A 87 -42.20 5.69 30.97
C MET A 87 -43.08 5.15 32.09
N ASP A 88 -44.07 5.93 32.49
CA ASP A 88 -45.03 5.52 33.51
C ASP A 88 -46.26 4.90 32.81
N GLY A 89 -46.00 3.82 32.08
CA GLY A 89 -47.03 3.21 31.28
C GLY A 89 -46.93 3.68 29.85
N ASP A 90 -47.97 4.38 29.38
CA ASP A 90 -47.91 5.05 28.10
C ASP A 90 -47.44 6.49 28.22
N GLU A 91 -47.43 7.04 29.43
CA GLU A 91 -47.02 8.41 29.65
C GLU A 91 -45.50 8.52 29.74
N GLN A 92 -45.01 9.73 29.57
CA GLN A 92 -43.58 10.04 29.65
C GLN A 92 -43.29 10.78 30.94
N VAL A 93 -42.19 10.41 31.60
CA VAL A 93 -41.74 11.06 32.83
C VAL A 93 -40.33 11.58 32.57
N GLU A 94 -40.14 12.88 32.73
CA GLU A 94 -38.89 13.56 32.41
C GLU A 94 -38.20 13.96 33.70
N TYR A 95 -36.90 13.65 33.79
CA TYR A 95 -36.10 14.02 34.95
C TYR A 95 -34.83 14.74 34.48
N PRO A 96 -34.31 15.66 35.28
CA PRO A 96 -33.06 16.33 34.91
C PRO A 96 -31.86 15.42 35.00
N LEU A 97 -30.78 15.77 34.29
CA LEU A 97 -29.55 15.03 34.37
C LEU A 97 -28.48 15.82 35.06
N LYS A 98 -28.85 16.86 35.77
CA LYS A 98 -27.84 17.61 36.51
C LYS A 98 -27.36 16.80 37.70
N PRO A 99 -28.25 16.39 38.63
CA PRO A 99 -27.77 15.56 39.74
C PRO A 99 -27.14 14.25 39.30
N ILE A 100 -27.62 13.65 38.21
CA ILE A 100 -27.08 12.38 37.75
C ILE A 100 -25.61 12.52 37.41
N VAL A 101 -25.26 13.53 36.63
CA VAL A 101 -23.89 13.69 36.14
C VAL A 101 -23.05 14.52 37.09
N GLU A 102 -23.63 15.54 37.71
CA GLU A 102 -22.84 16.43 38.57
C GLU A 102 -22.26 15.67 39.76
N ASN A 103 -23.07 14.82 40.39
CA ASN A 103 -22.67 14.14 41.62
C ASN A 103 -22.09 12.76 41.39
N ALA A 104 -21.92 12.34 40.14
CA ALA A 104 -21.41 11.01 39.81
C ALA A 104 -19.90 11.10 39.68
N LYS A 105 -19.20 10.88 40.79
CA LYS A 105 -17.74 10.89 40.80
C LYS A 105 -17.19 9.47 40.74
N PRO A 106 -16.12 9.21 39.96
CA PRO A 106 -15.40 10.13 39.07
C PRO A 106 -16.15 10.36 37.77
N THR A 107 -16.77 9.31 37.25
CA THR A 107 -17.56 9.39 36.03
C THR A 107 -18.85 8.60 36.22
N LEU A 108 -19.89 9.00 35.49
CA LEU A 108 -21.18 8.33 35.63
C LEU A 108 -21.08 6.86 35.28
N ARG A 109 -20.16 6.49 34.39
CA ARG A 109 -19.99 5.09 34.05
C ARG A 109 -19.49 4.29 35.26
N GLN A 110 -18.52 4.84 35.99
CA GLN A 110 -18.07 4.19 37.22
C GLN A 110 -19.21 4.10 38.22
N ILE A 111 -20.04 5.15 38.30
CA ILE A 111 -21.20 5.13 39.19
C ILE A 111 -22.29 4.21 38.67
N MET A 112 -22.37 3.99 37.35
CA MET A 112 -23.33 3.07 36.78
C MET A 112 -22.77 1.66 36.59
N ALA A 113 -21.48 1.47 36.83
CA ALA A 113 -20.92 0.12 36.75
C ALA A 113 -21.50 -0.80 37.82
N HIS A 114 -22.05 -0.23 38.90
CA HIS A 114 -22.69 -1.04 39.92
C HIS A 114 -23.95 -1.74 39.42
N PHE A 115 -24.47 -1.33 38.26
CA PHE A 115 -25.63 -1.96 37.65
C PHE A 115 -25.26 -2.93 36.55
N SER A 116 -23.97 -3.27 36.42
CA SER A 116 -23.55 -4.14 35.33
C SER A 116 -24.22 -5.51 35.44
N ASP A 117 -24.30 -6.06 36.65
CA ASP A 117 -24.93 -7.37 36.83
C ASP A 117 -26.43 -7.29 36.57
N VAL A 118 -27.09 -6.27 37.09
CA VAL A 118 -28.53 -6.14 36.88
C VAL A 118 -28.83 -5.76 35.44
N ALA A 119 -28.03 -4.86 34.86
CA ALA A 119 -28.22 -4.51 33.46
C ALA A 119 -28.07 -5.73 32.57
N GLU A 120 -27.09 -6.60 32.88
CA GLU A 120 -26.95 -7.84 32.14
C GLU A 120 -28.19 -8.72 32.28
N ALA A 121 -28.77 -8.76 33.47
CA ALA A 121 -29.99 -9.54 33.67
C ALA A 121 -31.15 -8.97 32.90
N TYR A 122 -31.31 -7.65 32.93
CA TYR A 122 -32.46 -7.01 32.30
C TYR A 122 -32.34 -6.98 30.78
N ILE A 123 -31.11 -7.04 30.24
CA ILE A 123 -30.93 -7.09 28.80
C ILE A 123 -31.05 -8.50 28.26
N GLU A 124 -31.03 -9.51 29.13
CA GLU A 124 -31.42 -10.86 28.77
C GLU A 124 -32.81 -11.20 29.27
N MET A 125 -33.28 -10.54 30.32
CA MET A 125 -34.63 -10.77 30.79
C MET A 125 -35.66 -10.21 29.85
N ARG A 126 -35.26 -9.31 28.95
CA ARG A 126 -36.12 -8.75 27.93
C ARG A 126 -35.83 -9.33 26.55
N ASN A 127 -34.99 -10.33 26.55
CA ASN A 127 -34.66 -11.00 25.33
C ASN A 127 -35.48 -12.23 25.32
N CYS A 128 -35.76 -12.79 26.48
CA CYS A 128 -36.66 -13.91 26.52
C CYS A 128 -37.90 -13.35 25.90
N LYS A 129 -38.75 -14.20 25.35
CA LYS A 129 -40.03 -13.76 24.76
C LYS A 129 -39.89 -13.07 23.40
N GLU A 130 -39.10 -12.00 23.33
CA GLU A 130 -38.92 -11.28 22.07
C GLU A 130 -37.48 -10.79 21.94
N PRO A 131 -36.95 -10.79 20.70
CA PRO A 131 -35.59 -10.26 20.60
C PRO A 131 -35.53 -8.80 21.05
N TYR A 132 -34.47 -8.46 21.76
CA TYR A 132 -34.24 -7.10 22.21
C TYR A 132 -32.76 -6.81 22.13
N MET A 133 -32.42 -5.59 21.70
CA MET A 133 -31.02 -5.20 21.58
C MET A 133 -30.86 -3.73 21.98
N PRO A 134 -30.03 -3.44 22.99
CA PRO A 134 -29.79 -2.03 23.35
C PRO A 134 -29.39 -1.19 22.15
N ARG A 135 -29.45 0.13 22.29
CA ARG A 135 -29.07 1.02 21.21
C ARG A 135 -27.59 1.38 21.25
N TYR A 136 -26.85 0.85 22.21
CA TYR A 136 -25.39 0.95 22.20
C TYR A 136 -24.77 -0.17 21.39
N GLY A 137 -25.62 -1.05 20.86
CA GLY A 137 -25.16 -2.11 19.96
C GLY A 137 -25.77 -1.85 18.59
N LEU A 138 -27.03 -1.40 18.51
CA LEU A 138 -27.63 -1.06 17.23
C LEU A 138 -26.96 0.15 16.57
N VAL A 139 -26.31 1.02 17.32
CA VAL A 139 -25.58 2.15 16.74
C VAL A 139 -24.13 1.79 16.46
N ARG A 140 -23.60 0.84 17.22
CA ARG A 140 -22.21 0.41 17.07
C ARG A 140 -22.08 -0.86 16.25
N ASN A 141 -23.03 -1.11 15.37
CA ASN A 141 -22.92 -2.22 14.44
C ASN A 141 -22.62 -3.53 15.07
N LEU A 142 -23.57 -4.04 15.80
CA LEU A 142 -23.46 -5.36 16.37
C LEU A 142 -24.61 -6.14 15.76
N ARG A 143 -24.35 -7.30 15.22
CA ARG A 143 -25.37 -8.10 14.54
C ARG A 143 -25.66 -9.47 15.16
N ASP A 144 -25.19 -9.67 16.39
CA ASP A 144 -25.38 -10.95 17.06
C ASP A 144 -26.17 -10.81 18.33
N GLY A 145 -27.34 -11.42 18.37
CA GLY A 145 -28.21 -11.29 19.53
C GLY A 145 -27.67 -11.96 20.77
N SER A 146 -26.83 -12.98 20.60
CA SER A 146 -26.25 -13.66 21.76
C SER A 146 -25.37 -12.74 22.59
N LEU A 147 -24.86 -11.66 21.99
CA LEU A 147 -24.04 -10.70 22.70
C LEU A 147 -24.82 -9.45 23.11
N ALA A 148 -26.15 -9.51 23.05
CA ALA A 148 -26.93 -8.36 23.48
C ALA A 148 -26.80 -8.11 24.97
N ARG A 149 -26.54 -9.15 25.76
CA ARG A 149 -26.36 -8.99 27.19
C ARG A 149 -25.28 -7.96 27.51
N TYR A 150 -24.18 -7.99 26.77
CA TYR A 150 -22.99 -7.20 27.06
C TYR A 150 -22.99 -5.86 26.33
N ALA A 151 -24.12 -5.46 25.76
CA ALA A 151 -24.18 -4.26 24.93
C ALA A 151 -24.69 -3.07 25.75
N PHE A 152 -23.82 -2.57 26.62
CA PHE A 152 -24.07 -1.31 27.30
C PHE A 152 -22.74 -0.74 27.77
N ASP A 153 -22.70 0.58 27.89
CA ASP A 153 -21.43 1.27 28.13
C ASP A 153 -20.81 0.87 29.46
N PHE A 154 -21.63 0.74 30.50
CA PHE A 154 -21.13 0.57 31.86
C PHE A 154 -20.95 -0.90 32.24
N TYR A 155 -20.72 -1.78 31.28
CA TYR A 155 -20.42 -3.17 31.61
C TYR A 155 -19.06 -3.28 32.27
N GLU A 156 -18.95 -4.21 33.21
CA GLU A 156 -17.71 -4.44 33.95
C GLU A 156 -17.02 -5.68 33.38
N VAL A 157 -15.91 -5.47 32.68
CA VAL A 157 -15.14 -6.57 32.11
C VAL A 157 -14.33 -7.21 33.23
N THR A 158 -14.64 -8.46 33.54
CA THR A 158 -13.98 -9.20 34.60
C THR A 158 -13.38 -10.48 34.03
N SER A 159 -12.79 -11.29 34.91
CA SER A 159 -12.23 -12.57 34.49
C SER A 159 -13.30 -13.54 34.02
N ARG A 160 -14.55 -13.32 34.40
CA ARG A 160 -15.65 -14.21 34.02
C ARG A 160 -16.32 -13.79 32.71
N THR A 161 -15.90 -12.69 32.11
CA THR A 161 -16.50 -12.25 30.85
C THR A 161 -16.13 -13.24 29.74
N PRO A 162 -17.08 -13.68 28.92
CA PRO A 162 -16.71 -14.52 27.78
C PRO A 162 -15.77 -13.79 26.83
N VAL A 163 -14.85 -14.55 26.23
CA VAL A 163 -13.91 -13.96 25.29
C VAL A 163 -14.65 -13.29 24.15
N ARG A 164 -15.75 -13.88 23.72
CA ARG A 164 -16.52 -13.30 22.64
C ARG A 164 -17.15 -12.02 23.10
N ALA A 165 -17.65 -12.00 24.32
CA ALA A 165 -18.19 -10.75 24.87
C ALA A 165 -17.10 -9.70 25.01
N ARG A 166 -15.91 -10.10 25.48
CA ARG A 166 -14.80 -9.17 25.63
C ARG A 166 -14.27 -8.66 24.30
N GLU A 167 -14.69 -9.24 23.19
CA GLU A 167 -14.30 -8.78 21.86
C GLU A 167 -15.34 -7.89 21.21
N ALA A 168 -16.63 -8.12 21.51
CA ALA A 168 -17.66 -7.19 21.06
C ALA A 168 -17.39 -5.79 21.62
N HIS A 169 -16.97 -5.71 22.88
CA HIS A 169 -16.77 -4.41 23.51
C HIS A 169 -15.67 -3.61 22.81
N ILE A 170 -14.55 -4.26 22.48
CA ILE A 170 -13.50 -3.55 21.75
C ILE A 170 -13.95 -3.24 20.33
N GLN A 171 -14.86 -4.04 19.76
CA GLN A 171 -15.44 -3.70 18.48
C GLN A 171 -16.40 -2.52 18.60
N MET A 172 -17.29 -2.56 19.60
CA MET A 172 -18.25 -1.48 19.78
C MET A 172 -17.56 -0.20 20.25
N LYS A 173 -16.49 -0.33 21.03
CA LYS A 173 -15.76 0.83 21.54
C LYS A 173 -14.86 1.45 20.48
N ALA A 174 -14.93 0.99 19.23
CA ALA A 174 -14.12 1.55 18.16
C ALA A 174 -14.78 1.29 16.81
N LYS B 5 -22.18 -15.15 42.83
CA LYS B 5 -23.56 -14.70 42.66
C LYS B 5 -23.59 -13.26 42.16
N MET B 6 -24.74 -12.84 41.62
CA MET B 6 -24.90 -11.45 41.22
C MET B 6 -24.79 -10.54 42.42
N ARG B 7 -24.10 -9.41 42.24
CA ARG B 7 -23.96 -8.39 43.29
C ARG B 7 -24.88 -7.23 42.93
N MET B 8 -26.10 -7.29 43.47
CA MET B 8 -27.07 -6.24 43.21
C MET B 8 -26.58 -4.93 43.83
N PRO B 9 -26.81 -3.79 43.18
CA PRO B 9 -26.37 -2.51 43.75
C PRO B 9 -27.02 -2.25 45.09
N LYS B 10 -26.23 -1.72 46.02
CA LYS B 10 -26.71 -1.42 47.36
C LYS B 10 -26.03 -0.15 47.85
N SER B 11 -26.76 0.66 48.60
CA SER B 11 -26.23 1.91 49.14
C SER B 11 -25.78 1.76 50.59
N LYS B 12 -26.70 1.35 51.47
CA LYS B 12 -26.39 1.14 52.88
C LYS B 12 -27.06 -0.16 53.34
N GLY B 13 -26.89 -1.22 52.55
CA GLY B 13 -27.53 -2.48 52.83
C GLY B 13 -28.93 -2.61 52.29
N ALA B 14 -29.33 -1.74 51.36
CA ALA B 14 -30.64 -1.79 50.74
C ALA B 14 -30.47 -1.68 49.24
N THR B 15 -31.08 -2.62 48.50
CA THR B 15 -31.01 -2.57 47.05
C THR B 15 -31.59 -1.25 46.55
N VAL B 16 -30.88 -0.62 45.60
CA VAL B 16 -31.30 0.68 45.07
C VAL B 16 -32.21 0.50 43.86
N LEU B 17 -32.68 -0.72 43.64
CA LEU B 17 -33.58 -1.01 42.53
C LEU B 17 -34.80 -1.75 43.05
N ASN B 18 -35.94 -1.50 42.42
CA ASN B 18 -37.16 -2.23 42.71
C ASN B 18 -37.30 -3.36 41.71
N LEU B 19 -37.19 -4.60 42.19
CA LEU B 19 -37.22 -5.75 41.30
C LEU B 19 -38.64 -6.15 40.91
N GLU B 20 -39.64 -5.82 41.73
CA GLU B 20 -41.02 -6.06 41.33
C GLU B 20 -41.39 -5.23 40.10
N HIS B 21 -40.70 -4.09 39.92
CA HIS B 21 -41.02 -3.21 38.83
C HIS B 21 -40.07 -3.34 37.70
N LEU B 22 -38.88 -3.73 37.91
CA LEU B 22 -37.94 -3.94 36.81
C LEU B 22 -38.36 -5.08 35.91
N LEU B 23 -38.86 -6.17 36.49
CA LEU B 23 -39.34 -7.28 35.68
C LEU B 23 -40.50 -6.86 34.80
N GLU B 24 -41.32 -5.92 35.26
CA GLU B 24 -42.49 -5.45 34.52
C GLU B 24 -42.28 -4.05 33.95
N TYR B 25 -41.04 -3.70 33.64
CA TYR B 25 -40.70 -2.39 33.08
C TYR B 25 -39.97 -2.65 31.77
N ALA B 26 -40.73 -2.77 30.70
CA ALA B 26 -40.18 -3.00 29.36
C ALA B 26 -40.53 -1.82 28.46
N PRO B 27 -39.85 -0.73 28.65
CA PRO B 27 -40.10 0.37 27.76
C PRO B 27 -39.84 0.14 26.26
N GLN B 28 -40.71 0.57 25.34
CA GLN B 28 -40.39 0.52 23.93
C GLN B 28 -39.16 1.41 23.70
N GLN B 29 -38.25 0.91 22.87
CA GLN B 29 -36.95 1.57 22.76
C GLN B 29 -37.11 3.03 22.34
N ILE B 30 -38.12 3.31 21.51
CA ILE B 30 -38.28 4.66 20.97
C ILE B 30 -38.68 5.65 22.07
N ASP B 31 -39.46 5.20 23.06
CA ASP B 31 -39.97 6.14 24.06
C ASP B 31 -38.86 6.73 24.91
N ILE B 32 -37.83 5.95 25.25
CA ILE B 32 -36.71 6.42 26.05
C ILE B 32 -35.46 6.64 25.22
N SER B 33 -35.54 6.45 23.90
CA SER B 33 -34.38 6.69 23.06
C SER B 33 -34.06 8.18 22.99
N ASN B 34 -32.83 8.48 22.56
CA ASN B 34 -32.39 9.85 22.39
C ASN B 34 -32.29 10.27 20.94
N THR B 35 -32.58 9.37 19.99
CA THR B 35 -32.73 9.77 18.60
C THR B 35 -34.07 10.45 18.34
N ARG B 36 -35.01 10.37 19.28
CA ARG B 36 -36.29 11.03 19.19
C ARG B 36 -36.41 12.04 20.32
N ALA B 37 -36.94 13.22 20.01
CA ALA B 37 -37.18 14.23 21.02
C ALA B 37 -38.35 13.82 21.90
N THR B 38 -38.32 14.29 23.14
CA THR B 38 -39.38 13.97 24.09
C THR B 38 -40.69 14.62 23.64
N GLN B 39 -41.80 13.95 23.96
CA GLN B 39 -43.11 14.48 23.62
C GLN B 39 -43.33 15.86 24.23
N SER B 40 -42.65 16.18 25.32
CA SER B 40 -42.70 17.53 25.87
C SER B 40 -41.89 18.52 25.02
N GLN B 41 -40.94 18.03 24.23
CA GLN B 41 -40.22 18.88 23.29
C GLN B 41 -40.91 18.96 21.94
N PHE B 42 -41.67 17.93 21.56
CA PHE B 42 -42.47 18.00 20.35
C PHE B 42 -43.64 18.96 20.53
N ASP B 43 -44.35 18.86 21.67
CA ASP B 43 -45.51 19.71 21.90
C ASP B 43 -45.11 21.19 21.89
N THR B 44 -43.98 21.52 22.50
CA THR B 44 -43.50 22.90 22.46
C THR B 44 -43.22 23.34 21.03
N TRP B 45 -42.60 22.45 20.24
CA TRP B 45 -42.28 22.80 18.86
C TRP B 45 -43.63 22.94 18.15
N TYR B 46 -44.39 21.85 18.07
CA TYR B 46 -45.67 21.89 17.39
C TYR B 46 -46.43 23.18 17.67
N GLU B 47 -46.63 23.52 18.94
CA GLU B 47 -47.39 24.72 19.27
C GLU B 47 -46.68 25.97 18.75
N ALA B 48 -45.35 25.98 18.77
CA ALA B 48 -44.62 27.16 18.31
C ALA B 48 -44.87 27.45 16.84
N VAL B 49 -44.88 26.41 16.00
CA VAL B 49 -45.11 26.61 14.58
C VAL B 49 -46.54 27.08 14.33
N GLN B 50 -47.50 26.60 15.12
CA GLN B 50 -48.86 27.12 15.04
C GLN B 50 -48.90 28.61 15.36
N LEU B 51 -48.07 29.07 16.29
CA LEU B 51 -48.04 30.49 16.62
C LEU B 51 -47.36 31.31 15.53
N ALA B 52 -46.23 30.81 15.01
CA ALA B 52 -45.50 31.55 13.99
C ALA B 52 -46.28 31.60 12.67
N TYR B 53 -46.88 30.49 12.27
CA TYR B 53 -47.58 30.40 10.99
C TYR B 53 -48.99 30.97 11.06
N ASP B 54 -49.52 31.25 12.24
CA ASP B 54 -50.89 31.71 12.44
C ASP B 54 -51.91 30.71 11.92
N ILE B 55 -51.50 29.48 11.63
CA ILE B 55 -52.45 28.44 11.23
C ILE B 55 -53.21 27.98 12.47
N GLY B 56 -54.51 27.72 12.30
CA GLY B 56 -55.35 27.34 13.41
C GLY B 56 -55.09 25.92 13.85
N GLU B 57 -55.76 25.54 14.94
CA GLU B 57 -55.67 24.16 15.42
C GLU B 57 -56.19 23.17 14.39
N THR B 58 -56.96 23.65 13.41
CA THR B 58 -57.28 22.89 12.22
C THR B 58 -56.40 23.37 11.07
N GLU B 59 -56.19 22.51 10.09
CA GLU B 59 -55.33 22.83 8.98
C GLU B 59 -53.86 22.69 9.33
N MET B 60 -53.49 22.50 10.60
CA MET B 60 -52.09 22.29 10.88
C MET B 60 -51.77 20.91 10.44
N PRO B 61 -52.67 19.98 10.61
CA PRO B 61 -52.24 18.67 10.12
C PRO B 61 -51.76 18.68 8.69
N THR B 62 -52.42 19.40 7.80
CA THR B 62 -52.06 19.48 6.38
C THR B 62 -50.77 20.24 6.19
N VAL B 63 -50.40 21.14 7.06
CA VAL B 63 -49.12 21.78 6.93
C VAL B 63 -48.05 20.81 7.38
N MET B 64 -48.30 19.98 8.40
CA MET B 64 -47.36 18.94 8.82
C MET B 64 -47.18 17.86 7.75
N ASN B 65 -48.18 17.67 6.90
CA ASN B 65 -48.03 16.72 5.79
C ASN B 65 -47.04 17.24 4.76
N GLY B 66 -47.08 18.53 4.45
CA GLY B 66 -46.10 19.09 3.54
C GLY B 66 -44.70 19.04 4.11
N LEU B 67 -44.56 19.34 5.40
CA LEU B 67 -43.23 19.32 6.02
C LEU B 67 -42.67 17.90 6.04
N MET B 68 -43.50 16.91 6.35
CA MET B 68 -43.04 15.52 6.37
C MET B 68 -42.52 15.09 5.01
N VAL B 69 -43.33 15.30 3.97
CA VAL B 69 -42.90 14.96 2.62
C VAL B 69 -41.73 15.84 2.19
N TRP B 70 -41.76 17.10 2.59
CA TRP B 70 -40.64 18.00 2.27
C TRP B 70 -39.37 17.54 2.96
N CYS B 71 -39.46 17.07 4.21
CA CYS B 71 -38.29 16.64 4.95
C CYS B 71 -37.79 15.27 4.53
N ILE B 72 -38.56 14.55 3.72
CA ILE B 72 -38.09 13.28 3.16
C ILE B 72 -37.24 13.52 1.93
N GLU B 73 -37.67 14.45 1.07
CA GLU B 73 -37.00 14.71 -0.20
C GLU B 73 -35.95 15.81 -0.12
N ASN B 74 -35.78 16.46 1.02
CA ASN B 74 -34.84 17.56 1.12
C ASN B 74 -33.83 17.36 2.24
N GLY B 75 -34.28 16.88 3.38
CA GLY B 75 -33.44 16.69 4.53
C GLY B 75 -34.01 17.35 5.76
N THR B 76 -33.44 17.08 6.93
CA THR B 76 -33.88 17.69 8.18
C THR B 76 -32.85 18.65 8.75
N SER B 77 -31.92 19.11 7.92
CA SER B 77 -30.93 20.12 8.31
C SER B 77 -30.89 21.20 7.24
N PRO B 78 -32.00 21.93 7.05
CA PRO B 78 -32.01 22.99 6.03
C PRO B 78 -31.45 24.30 6.54
N ASN B 79 -31.52 25.35 5.72
CA ASN B 79 -31.11 26.68 6.12
C ASN B 79 -32.22 27.33 6.92
N ILE B 80 -31.86 27.92 8.07
CA ILE B 80 -32.84 28.60 8.90
C ILE B 80 -33.48 29.78 8.21
N ASN B 81 -32.88 30.27 7.12
CA ASN B 81 -33.34 31.46 6.43
C ASN B 81 -34.06 31.15 5.12
N GLY B 82 -34.36 29.88 4.85
CA GLY B 82 -35.00 29.48 3.62
C GLY B 82 -36.50 29.38 3.75
N VAL B 83 -37.10 28.64 2.83
CA VAL B 83 -38.54 28.42 2.81
C VAL B 83 -38.80 27.05 2.24
N TRP B 84 -39.57 26.24 2.97
CA TRP B 84 -39.99 24.94 2.48
C TRP B 84 -41.35 25.06 1.81
N VAL B 85 -41.53 24.27 0.76
CA VAL B 85 -42.70 24.41 -0.11
C VAL B 85 -43.55 23.15 0.00
N MET B 86 -44.86 23.35 -0.07
CA MET B 86 -45.82 22.27 -0.21
C MET B 86 -46.77 22.59 -1.35
N MET B 87 -47.18 21.55 -2.07
CA MET B 87 -47.97 21.71 -3.28
C MET B 87 -49.45 21.78 -2.93
N ASP B 88 -50.07 22.93 -3.18
CA ASP B 88 -51.51 23.10 -2.99
C ASP B 88 -52.16 22.84 -4.34
N GLY B 89 -52.40 21.56 -4.63
CA GLY B 89 -52.86 21.18 -5.95
C GLY B 89 -51.73 21.26 -6.94
N ASP B 90 -51.75 22.28 -7.81
CA ASP B 90 -50.69 22.49 -8.78
C ASP B 90 -49.80 23.68 -8.45
N GLU B 91 -50.20 24.54 -7.52
CA GLU B 91 -49.41 25.72 -7.18
C GLU B 91 -48.33 25.34 -6.18
N GLN B 92 -47.66 26.34 -5.62
CA GLN B 92 -46.54 26.12 -4.70
C GLN B 92 -46.68 27.06 -3.52
N VAL B 93 -46.88 26.49 -2.33
CA VAL B 93 -47.10 27.26 -1.11
C VAL B 93 -45.81 27.22 -0.30
N GLU B 94 -45.15 28.37 -0.19
CA GLU B 94 -43.88 28.47 0.50
C GLU B 94 -44.09 28.93 1.93
N TYR B 95 -43.45 28.24 2.87
CA TYR B 95 -43.53 28.60 4.28
C TYR B 95 -42.12 28.87 4.82
N PRO B 96 -41.99 29.78 5.78
CA PRO B 96 -40.66 30.03 6.36
C PRO B 96 -40.21 28.90 7.27
N LEU B 97 -38.91 28.66 7.27
CA LEU B 97 -38.31 27.58 8.05
C LEU B 97 -37.85 28.03 9.44
N LYS B 98 -37.97 29.32 9.75
CA LYS B 98 -37.48 29.80 11.05
C LYS B 98 -38.17 29.11 12.21
N PRO B 99 -39.51 29.10 12.31
CA PRO B 99 -40.14 28.37 13.42
C PRO B 99 -39.84 26.88 13.41
N ILE B 100 -39.64 26.28 12.24
CA ILE B 100 -39.37 24.85 12.17
C ILE B 100 -38.06 24.52 12.87
N VAL B 101 -37.02 25.30 12.61
CA VAL B 101 -35.67 25.01 13.09
C VAL B 101 -35.37 25.72 14.40
N GLU B 102 -35.83 26.96 14.55
CA GLU B 102 -35.53 27.71 15.77
C GLU B 102 -36.12 27.03 17.00
N ASN B 103 -37.28 26.38 16.85
CA ASN B 103 -37.98 25.77 17.97
C ASN B 103 -37.86 24.25 17.97
N ALA B 104 -36.90 23.70 17.23
CA ALA B 104 -36.68 22.26 17.16
C ALA B 104 -35.55 21.91 18.13
N LYS B 105 -35.93 21.44 19.31
CA LYS B 105 -34.96 21.05 20.33
C LYS B 105 -34.98 19.54 20.50
N PRO B 106 -33.83 18.87 20.53
CA PRO B 106 -32.46 19.40 20.37
C PRO B 106 -32.18 19.76 18.93
N THR B 107 -32.75 19.01 17.99
CA THR B 107 -32.56 19.26 16.57
C THR B 107 -33.83 18.84 15.82
N LEU B 108 -33.95 19.32 14.59
CA LEU B 108 -35.13 18.99 13.79
C LEU B 108 -35.19 17.51 13.48
N ARG B 109 -34.04 16.87 13.30
CA ARG B 109 -34.05 15.43 13.01
C ARG B 109 -34.71 14.64 14.14
N GLN B 110 -34.37 14.97 15.38
CA GLN B 110 -35.01 14.30 16.51
C GLN B 110 -36.48 14.68 16.64
N ILE B 111 -36.82 15.93 16.30
CA ILE B 111 -38.23 16.32 16.28
C ILE B 111 -38.96 15.63 15.15
N MET B 112 -38.32 15.45 14.00
CA MET B 112 -38.93 14.79 12.86
C MET B 112 -38.91 13.27 12.97
N ALA B 113 -38.15 12.72 13.90
CA ALA B 113 -38.14 11.27 14.08
C ALA B 113 -39.49 10.74 14.57
N HIS B 114 -40.36 11.62 15.06
CA HIS B 114 -41.71 11.21 15.43
C HIS B 114 -42.53 10.79 14.22
N PHE B 115 -42.10 11.16 13.01
CA PHE B 115 -42.80 10.82 11.78
C PHE B 115 -42.19 9.62 11.07
N SER B 116 -41.22 8.95 11.69
CA SER B 116 -40.48 7.91 10.98
C SER B 116 -41.41 6.81 10.47
N ASP B 117 -42.29 6.30 11.35
CA ASP B 117 -43.17 5.21 10.95
C ASP B 117 -44.07 5.64 9.80
N VAL B 118 -44.62 6.84 9.86
CA VAL B 118 -45.45 7.34 8.77
C VAL B 118 -44.59 7.59 7.53
N ALA B 119 -43.36 8.06 7.73
CA ALA B 119 -42.51 8.40 6.58
C ALA B 119 -42.27 7.19 5.69
N GLU B 120 -41.91 6.05 6.29
CA GLU B 120 -41.72 4.85 5.47
C GLU B 120 -43.03 4.39 4.86
N ALA B 121 -44.14 4.54 5.58
CA ALA B 121 -45.44 4.19 5.02
C ALA B 121 -45.77 5.06 3.82
N TYR B 122 -45.48 6.36 3.91
CA TYR B 122 -45.75 7.26 2.79
C TYR B 122 -44.97 6.86 1.55
N ILE B 123 -43.69 6.51 1.73
CA ILE B 123 -42.86 6.14 0.58
C ILE B 123 -43.40 4.89 -0.10
N GLU B 124 -43.83 3.91 0.69
CA GLU B 124 -44.29 2.65 0.11
C GLU B 124 -45.48 2.88 -0.82
N MET B 125 -46.49 3.62 -0.35
CA MET B 125 -47.64 3.91 -1.20
C MET B 125 -47.22 4.72 -2.42
N ARG B 126 -46.33 5.70 -2.23
CA ARG B 126 -45.77 6.43 -3.35
C ARG B 126 -45.02 5.49 -4.29
N ASN B 127 -44.34 4.51 -3.73
CA ASN B 127 -43.60 3.54 -4.51
C ASN B 127 -44.52 2.48 -5.05
N CYS B 128 -45.74 2.44 -4.54
CA CYS B 128 -46.75 1.48 -5.00
C CYS B 128 -47.50 1.96 -6.23
N LYS B 129 -47.14 3.14 -6.76
CA LYS B 129 -47.67 3.63 -8.02
C LYS B 129 -46.60 3.72 -9.09
N GLU B 130 -45.47 4.34 -8.77
CA GLU B 130 -44.32 4.43 -9.65
C GLU B 130 -43.08 4.59 -8.80
N PRO B 131 -41.89 4.35 -9.36
CA PRO B 131 -40.68 4.44 -8.56
C PRO B 131 -40.56 5.80 -7.88
N TYR B 132 -40.20 5.76 -6.59
CA TYR B 132 -39.98 6.99 -5.80
C TYR B 132 -38.86 6.68 -4.81
N MET B 133 -37.65 7.06 -5.17
CA MET B 133 -36.53 7.03 -4.25
C MET B 133 -36.34 8.44 -3.69
N PRO B 134 -36.54 8.66 -2.39
CA PRO B 134 -36.38 10.02 -1.86
C PRO B 134 -34.99 10.57 -2.19
N ARG B 135 -34.96 11.87 -2.48
CA ARG B 135 -33.72 12.52 -2.87
C ARG B 135 -32.58 12.23 -1.92
N TYR B 136 -32.87 11.90 -0.67
CA TYR B 136 -31.80 11.60 0.27
C TYR B 136 -31.04 10.35 -0.14
N GLY B 137 -31.63 9.51 -0.98
CA GLY B 137 -30.97 8.33 -1.49
C GLY B 137 -30.44 8.49 -2.91
N LEU B 138 -31.02 9.43 -3.67
CA LEU B 138 -30.53 9.70 -5.02
C LEU B 138 -29.19 10.43 -4.98
N VAL B 139 -29.01 11.33 -4.02
CA VAL B 139 -27.76 12.09 -3.89
C VAL B 139 -26.77 11.31 -3.06
N ARG B 140 -27.11 10.05 -2.73
CA ARG B 140 -26.20 9.19 -1.97
C ARG B 140 -26.10 7.79 -2.60
N ASN B 141 -26.38 7.68 -3.88
CA ASN B 141 -26.18 6.41 -4.59
C ASN B 141 -26.87 5.23 -3.98
N LEU B 142 -28.06 5.44 -3.45
CA LEU B 142 -28.87 4.33 -2.96
C LEU B 142 -29.57 3.75 -4.17
N ARG B 143 -29.16 2.55 -4.58
CA ARG B 143 -29.57 1.99 -5.86
C ARG B 143 -30.66 0.93 -5.72
N ASP B 144 -30.60 0.09 -4.70
CA ASP B 144 -31.68 -0.86 -4.48
C ASP B 144 -32.97 -0.10 -4.20
N GLY B 145 -34.06 -0.55 -4.80
CA GLY B 145 -35.31 0.17 -4.69
C GLY B 145 -36.16 -0.28 -3.53
N SER B 146 -36.05 -1.55 -3.14
CA SER B 146 -36.81 -2.05 -2.00
C SER B 146 -36.46 -1.27 -0.73
N LEU B 147 -35.18 -0.98 -0.53
CA LEU B 147 -34.76 -0.17 0.62
C LEU B 147 -34.87 1.30 0.25
N ALA B 148 -36.06 1.72 -0.17
CA ALA B 148 -36.37 3.12 -0.42
C ALA B 148 -37.28 3.71 0.64
N ARG B 149 -37.83 2.88 1.53
CA ARG B 149 -38.61 3.32 2.68
C ARG B 149 -37.74 3.72 3.85
N TYR B 150 -36.41 3.59 3.73
CA TYR B 150 -35.48 3.95 4.77
C TYR B 150 -34.52 5.04 4.31
N ALA B 151 -34.78 5.65 3.15
CA ALA B 151 -33.93 6.67 2.56
C ALA B 151 -34.36 8.07 2.96
N PHE B 152 -34.50 8.34 4.26
CA PHE B 152 -34.85 9.65 4.76
C PHE B 152 -34.11 9.95 6.05
N ASP B 153 -33.73 11.23 6.21
CA ASP B 153 -32.72 11.58 7.21
C ASP B 153 -33.20 11.29 8.62
N PHE B 154 -34.49 11.37 8.87
CA PHE B 154 -35.03 11.24 10.20
C PHE B 154 -35.55 9.88 10.54
N TYR B 155 -34.90 8.85 10.07
CA TYR B 155 -35.31 7.49 10.30
C TYR B 155 -34.68 6.99 11.54
N GLU B 156 -35.44 6.23 12.32
CA GLU B 156 -34.98 5.74 13.61
C GLU B 156 -34.66 4.25 13.47
N VAL B 157 -33.38 3.91 13.55
CA VAL B 157 -32.96 2.51 13.53
C VAL B 157 -33.33 1.91 14.88
N THR B 158 -34.25 0.97 14.87
CA THR B 158 -34.74 0.30 16.06
C THR B 158 -34.40 -1.18 15.98
N SER B 159 -34.90 -1.94 16.95
CA SER B 159 -34.67 -3.38 16.96
C SER B 159 -35.44 -4.09 15.86
N ARG B 160 -36.47 -3.45 15.30
CA ARG B 160 -37.28 -4.03 14.24
C ARG B 160 -36.79 -3.67 12.85
N THR B 161 -35.75 -2.85 12.73
CA THR B 161 -35.29 -2.42 11.42
C THR B 161 -34.58 -3.56 10.70
N PRO B 162 -34.85 -3.78 9.42
CA PRO B 162 -34.07 -4.78 8.68
C PRO B 162 -32.57 -4.46 8.74
N VAL B 163 -31.77 -5.52 8.85
CA VAL B 163 -30.33 -5.32 8.99
C VAL B 163 -29.76 -4.67 7.75
N ARG B 164 -30.33 -4.96 6.60
CA ARG B 164 -29.85 -4.31 5.40
C ARG B 164 -30.04 -2.84 5.57
N ALA B 165 -31.27 -2.43 5.79
CA ALA B 165 -31.56 -1.01 5.98
C ALA B 165 -30.53 -0.36 6.89
N ARG B 166 -30.19 -1.06 7.99
CA ARG B 166 -29.20 -0.54 8.92
C ARG B 166 -27.86 -0.36 8.22
N GLU B 167 -27.42 -1.35 7.44
CA GLU B 167 -26.17 -1.21 6.71
C GLU B 167 -26.26 -0.11 5.67
N ALA B 168 -27.41 0.03 5.02
CA ALA B 168 -27.57 1.09 4.02
C ALA B 168 -27.39 2.46 4.65
N HIS B 169 -28.01 2.69 5.81
CA HIS B 169 -27.84 3.97 6.48
C HIS B 169 -26.38 4.25 6.79
N ILE B 170 -25.63 3.21 7.16
CA ILE B 170 -24.19 3.38 7.32
C ILE B 170 -23.55 3.80 6.00
N GLN B 171 -24.17 3.47 4.87
CA GLN B 171 -23.63 3.85 3.57
C GLN B 171 -24.03 5.28 3.21
N MET B 172 -25.30 5.63 3.37
CA MET B 172 -25.71 7.01 3.09
C MET B 172 -24.97 7.99 3.99
N LYS B 173 -24.88 7.68 5.28
CA LYS B 173 -24.08 8.49 6.19
C LYS B 173 -22.62 8.44 5.75
N ALA B 174 -22.11 9.56 5.26
CA ALA B 174 -20.75 9.62 4.74
C ALA B 174 -20.56 8.62 3.61
N ARG C 7 47.81 8.93 -8.90
CA ARG C 7 47.99 10.37 -8.84
C ARG C 7 48.19 10.81 -7.38
N MET C 8 49.44 10.96 -6.98
CA MET C 8 49.74 11.33 -5.61
C MET C 8 49.43 12.81 -5.39
N PRO C 9 48.88 13.18 -4.22
CA PRO C 9 48.65 14.60 -3.95
C PRO C 9 49.96 15.37 -3.95
N LYS C 10 49.88 16.63 -4.33
CA LYS C 10 51.06 17.45 -4.40
C LYS C 10 50.80 18.88 -4.32
N SER C 11 51.74 19.61 -3.77
CA SER C 11 51.64 21.03 -3.73
C SER C 11 53.02 21.53 -4.08
N LYS C 12 53.17 22.19 -5.24
CA LYS C 12 54.45 22.76 -5.68
C LYS C 12 55.49 21.73 -6.06
N GLY C 13 55.07 20.67 -6.70
CA GLY C 13 56.03 19.70 -7.19
C GLY C 13 56.72 18.97 -6.09
N ALA C 14 55.93 18.45 -5.17
CA ALA C 14 56.46 17.64 -4.12
C ALA C 14 55.23 17.00 -3.57
N THR C 15 55.27 15.73 -3.24
CA THR C 15 54.12 15.11 -2.63
C THR C 15 53.92 15.72 -1.28
N VAL C 16 52.70 15.64 -0.76
CA VAL C 16 52.42 16.14 0.56
C VAL C 16 52.14 14.88 1.40
N LEU C 17 52.83 13.79 1.09
CA LEU C 17 52.72 12.54 1.84
C LEU C 17 54.08 11.87 1.82
N ASN C 18 54.29 10.96 2.78
CA ASN C 18 55.49 10.14 2.82
C ASN C 18 55.05 8.69 2.71
N LEU C 19 55.31 8.08 1.57
CA LEU C 19 54.92 6.69 1.35
C LEU C 19 55.86 5.70 2.03
N GLU C 20 56.97 6.19 2.53
CA GLU C 20 57.83 5.33 3.29
C GLU C 20 57.12 5.11 4.57
N HIS C 21 56.82 6.19 5.26
CA HIS C 21 56.13 6.10 6.54
C HIS C 21 54.85 5.36 6.37
N LEU C 22 54.02 5.81 5.47
CA LEU C 22 52.73 5.20 5.30
C LEU C 22 52.75 3.71 5.15
N LEU C 23 53.70 3.16 4.46
CA LEU C 23 53.69 1.77 4.23
C LEU C 23 53.61 1.09 5.57
N GLU C 24 54.27 1.66 6.58
CA GLU C 24 54.33 1.05 7.90
C GLU C 24 53.54 1.80 8.96
N TYR C 25 52.62 2.65 8.55
CA TYR C 25 51.75 3.37 9.48
C TYR C 25 50.49 2.63 9.45
N ALA C 26 50.21 1.90 10.51
CA ALA C 26 49.02 1.11 10.58
C ALA C 26 48.46 1.22 11.96
N PRO C 27 47.64 2.23 12.20
CA PRO C 27 46.98 2.39 13.50
C PRO C 27 45.76 1.50 13.65
N GLN C 28 45.55 0.97 14.82
CA GLN C 28 44.39 0.17 15.01
C GLN C 28 43.21 1.06 14.92
N GLN C 29 42.10 0.49 14.51
CA GLN C 29 40.92 1.30 14.26
C GLN C 29 40.39 1.92 15.55
N ILE C 30 40.55 1.24 16.69
CA ILE C 30 40.01 1.74 17.95
C ILE C 30 40.90 2.77 18.61
N ASP C 31 42.02 3.13 17.99
CA ASP C 31 42.86 4.22 18.47
C ASP C 31 42.73 5.47 17.63
N ILE C 32 42.26 5.36 16.39
CA ILE C 32 42.06 6.51 15.51
C ILE C 32 40.58 6.85 15.47
N SER C 33 39.74 5.85 15.70
CA SER C 33 38.29 6.06 15.57
C SER C 33 37.79 7.04 16.63
N ASN C 34 36.75 7.76 16.28
CA ASN C 34 36.09 8.71 17.19
C ASN C 34 34.96 8.07 17.98
N THR C 35 34.66 6.79 17.76
CA THR C 35 33.68 6.05 18.54
C THR C 35 34.16 5.78 19.95
N ARG C 36 35.35 6.29 20.29
CA ARG C 36 35.98 6.01 21.56
C ARG C 36 36.82 7.22 21.94
N ALA C 37 36.72 7.62 23.21
CA ALA C 37 37.40 8.81 23.67
C ALA C 37 38.92 8.62 23.66
N THR C 38 39.63 9.73 23.53
CA THR C 38 41.08 9.68 23.50
C THR C 38 41.63 9.37 24.89
N GLN C 39 42.88 8.93 24.93
CA GLN C 39 43.50 8.59 26.20
C GLN C 39 43.57 9.80 27.13
N SER C 40 43.93 10.97 26.57
CA SER C 40 43.95 12.18 27.39
C SER C 40 42.58 12.49 27.96
N GLN C 41 41.52 12.16 27.21
CA GLN C 41 40.17 12.34 27.73
C GLN C 41 39.82 11.29 28.76
N PHE C 42 40.25 10.04 28.53
CA PHE C 42 40.00 8.99 29.52
C PHE C 42 40.71 9.28 30.83
N ASP C 43 41.96 9.73 30.76
CA ASP C 43 42.70 10.05 31.97
C ASP C 43 42.04 11.19 32.74
N THR C 44 41.57 12.22 32.01
CA THR C 44 40.89 13.32 32.67
C THR C 44 39.62 12.85 33.37
N TRP C 45 38.84 12.01 32.70
CA TRP C 45 37.62 11.47 33.33
C TRP C 45 37.97 10.60 34.52
N TYR C 46 38.95 9.71 34.36
CA TYR C 46 39.32 8.80 35.44
C TYR C 46 39.83 9.58 36.64
N GLU C 47 40.69 10.57 36.42
CA GLU C 47 41.26 11.34 37.50
C GLU C 47 40.28 12.33 38.11
N ALA C 48 39.16 12.59 37.44
CA ALA C 48 38.10 13.42 38.01
C ALA C 48 37.10 12.60 38.81
N VAL C 49 36.74 11.41 38.32
CA VAL C 49 35.88 10.52 39.08
C VAL C 49 36.59 10.04 40.34
N GLN C 50 37.90 9.83 40.25
CA GLN C 50 38.66 9.41 41.42
C GLN C 50 38.62 10.48 42.51
N LEU C 51 38.75 11.75 42.12
CA LEU C 51 38.73 12.83 43.11
C LEU C 51 37.32 13.08 43.63
N ALA C 52 36.33 13.01 42.74
CA ALA C 52 34.95 13.28 43.13
C ALA C 52 34.34 12.17 43.98
N TYR C 53 34.99 11.01 44.07
CA TYR C 53 34.48 9.90 44.87
C TYR C 53 35.25 9.69 46.16
N ASP C 54 36.27 10.51 46.44
CA ASP C 54 37.06 10.38 47.66
C ASP C 54 37.62 8.97 47.79
N ILE C 55 38.19 8.47 46.69
CA ILE C 55 38.74 7.13 46.62
C ILE C 55 40.13 7.20 46.01
N GLY C 56 41.05 6.38 46.51
CA GLY C 56 42.39 6.31 45.97
C GLY C 56 42.53 5.20 44.94
N GLU C 57 43.77 5.01 44.49
CA GLU C 57 44.07 3.95 43.54
C GLU C 57 43.89 2.56 44.14
N THR C 58 43.83 2.47 45.47
CA THR C 58 43.72 1.16 46.12
C THR C 58 42.42 0.47 45.74
N GLU C 59 41.30 1.21 45.75
CA GLU C 59 39.99 0.63 45.50
C GLU C 59 39.23 1.27 44.35
N MET C 60 39.82 2.26 43.67
CA MET C 60 39.16 2.81 42.48
C MET C 60 38.94 1.74 41.41
N PRO C 61 39.92 0.89 41.10
CA PRO C 61 39.64 -0.19 40.14
C PRO C 61 38.43 -1.04 40.51
N THR C 62 38.25 -1.32 41.80
CA THR C 62 37.09 -2.09 42.23
C THR C 62 35.79 -1.36 41.89
N VAL C 63 35.76 -0.04 42.11
CA VAL C 63 34.57 0.73 41.77
C VAL C 63 34.31 0.66 40.26
N MET C 64 35.37 0.69 39.46
CA MET C 64 35.21 0.63 38.02
C MET C 64 34.67 -0.73 37.56
N ASN C 65 34.90 -1.78 38.33
CA ASN C 65 34.30 -3.07 38.00
C ASN C 65 32.79 -2.99 38.08
N GLY C 66 32.27 -2.36 39.14
CA GLY C 66 30.83 -2.20 39.26
C GLY C 66 30.25 -1.30 38.19
N LEU C 67 30.92 -0.19 37.91
CA LEU C 67 30.40 0.75 36.92
C LEU C 67 30.34 0.11 35.55
N MET C 68 31.32 -0.64 35.17
CA MET C 68 31.24 -1.25 33.89
C MET C 68 30.05 -2.18 33.88
N VAL C 69 29.87 -2.97 34.93
CA VAL C 69 28.80 -3.96 34.98
C VAL C 69 27.44 -3.31 35.09
N TRP C 70 27.40 -2.07 35.47
CA TRP C 70 26.17 -1.32 35.54
C TRP C 70 25.89 -0.85 34.16
N CYS C 71 26.87 -0.28 33.51
CA CYS C 71 26.64 0.28 32.19
C CYS C 71 26.46 -0.79 31.12
N ILE C 72 26.60 -2.06 31.47
CA ILE C 72 26.29 -3.16 30.55
C ILE C 72 24.82 -3.51 30.71
N GLU C 73 24.29 -3.31 31.92
CA GLU C 73 22.92 -3.68 32.23
C GLU C 73 21.96 -2.51 32.17
N ASN C 74 22.47 -1.27 32.11
CA ASN C 74 21.60 -0.10 32.12
C ASN C 74 21.77 0.73 30.86
N GLY C 75 23.01 1.02 30.48
CA GLY C 75 23.32 1.82 29.32
C GLY C 75 24.26 2.95 29.65
N THR C 76 24.63 3.69 28.60
CA THR C 76 25.57 4.81 28.72
C THR C 76 24.88 6.15 28.52
N SER C 77 23.56 6.21 28.70
CA SER C 77 22.80 7.46 28.64
C SER C 77 21.89 7.53 29.86
N PRO C 78 22.48 7.64 31.06
CA PRO C 78 21.66 7.63 32.28
C PRO C 78 21.19 9.02 32.69
N ASN C 79 20.50 9.10 33.82
CA ASN C 79 20.03 10.37 34.38
C ASN C 79 21.17 10.97 35.20
N ILE C 80 21.66 12.12 34.78
CA ILE C 80 22.80 12.74 35.46
C ILE C 80 22.50 12.96 36.93
N ASN C 81 21.28 13.41 37.23
CA ASN C 81 20.84 13.58 38.62
C ASN C 81 20.25 12.26 39.12
N GLY C 82 21.12 11.28 39.27
CA GLY C 82 20.74 9.95 39.71
C GLY C 82 21.88 9.28 40.41
N VAL C 83 21.84 7.94 40.46
CA VAL C 83 22.84 7.16 41.18
C VAL C 83 22.97 5.80 40.49
N TRP C 84 24.21 5.30 40.45
CA TRP C 84 24.51 3.97 39.92
C TRP C 84 24.86 3.04 41.06
N VAL C 85 24.38 1.80 40.96
CA VAL C 85 24.36 0.87 42.08
C VAL C 85 25.49 -0.14 41.95
N MET C 86 26.10 -0.47 43.07
CA MET C 86 27.09 -1.53 43.16
C MET C 86 26.73 -2.43 44.33
N MET C 87 27.03 -3.72 44.19
CA MET C 87 26.65 -4.72 45.17
C MET C 87 27.90 -5.20 45.91
N ASP C 88 27.98 -4.88 47.20
CA ASP C 88 29.08 -5.34 48.06
C ASP C 88 28.65 -6.63 48.75
N GLY C 89 28.37 -7.64 47.93
CA GLY C 89 27.85 -8.89 48.45
C GLY C 89 26.34 -8.93 48.33
N ASP C 90 25.64 -8.97 49.46
CA ASP C 90 24.20 -8.80 49.48
C ASP C 90 23.79 -7.36 49.70
N GLU C 91 24.71 -6.51 50.13
CA GLU C 91 24.43 -5.10 50.39
C GLU C 91 24.48 -4.30 49.10
N GLN C 92 23.87 -3.11 49.15
CA GLN C 92 23.84 -2.18 48.03
C GLN C 92 24.77 -1.01 48.31
N VAL C 93 25.52 -0.61 47.30
CA VAL C 93 26.43 0.53 47.37
C VAL C 93 26.00 1.53 46.30
N GLU C 94 25.67 2.74 46.73
CA GLU C 94 25.13 3.77 45.85
C GLU C 94 26.19 4.85 45.62
N TYR C 95 26.40 5.22 44.36
CA TYR C 95 27.34 6.26 43.99
C TYR C 95 26.64 7.29 43.10
N PRO C 96 27.06 8.55 43.17
CA PRO C 96 26.47 9.57 42.29
C PRO C 96 26.88 9.39 40.84
N LEU C 97 26.10 9.94 39.92
CA LEU C 97 26.45 9.92 38.51
C LEU C 97 26.81 11.30 38.02
N LYS C 98 27.09 12.21 38.92
CA LYS C 98 27.50 13.53 38.47
C LYS C 98 28.91 13.48 37.91
N PRO C 99 29.92 13.03 38.67
CA PRO C 99 31.26 12.92 38.09
C PRO C 99 31.33 11.99 36.89
N ILE C 100 30.53 10.93 36.87
CA ILE C 100 30.59 9.97 35.77
C ILE C 100 30.21 10.65 34.47
N VAL C 101 29.11 11.39 34.46
CA VAL C 101 28.60 11.99 33.23
C VAL C 101 29.19 13.38 32.99
N GLU C 102 29.39 14.16 34.05
CA GLU C 102 29.86 15.53 33.87
C GLU C 102 31.25 15.56 33.25
N ASN C 103 32.15 14.69 33.69
CA ASN C 103 33.54 14.71 33.27
C ASN C 103 33.83 13.76 32.11
N ALA C 104 32.82 13.08 31.58
CA ALA C 104 33.02 12.12 30.50
C ALA C 104 32.86 12.84 29.17
N LYS C 105 33.97 13.33 28.65
CA LYS C 105 33.97 14.02 27.35
C LYS C 105 34.45 13.07 26.26
N PRO C 106 33.82 13.10 25.07
CA PRO C 106 32.67 13.91 24.66
C PRO C 106 31.36 13.34 25.20
N THR C 107 31.26 12.01 25.22
CA THR C 107 30.09 11.33 25.75
C THR C 107 30.55 10.14 26.58
N LEU C 108 29.73 9.75 27.56
CA LEU C 108 30.10 8.66 28.44
C LEU C 108 30.30 7.36 27.67
N ARG C 109 29.61 7.20 26.54
CA ARG C 109 29.81 6.01 25.72
C ARG C 109 31.23 5.97 25.14
N GLN C 110 31.72 7.10 24.65
CA GLN C 110 33.10 7.17 24.18
C GLN C 110 34.06 6.91 25.33
N ILE C 111 33.75 7.41 26.52
CA ILE C 111 34.57 7.15 27.69
C ILE C 111 34.42 5.72 28.18
N MET C 112 33.27 5.08 27.93
CA MET C 112 33.07 3.68 28.29
C MET C 112 33.42 2.72 27.17
N ALA C 113 33.72 3.23 25.97
CA ALA C 113 34.15 2.35 24.89
C ALA C 113 35.47 1.67 25.18
N HIS C 114 36.26 2.22 26.11
CA HIS C 114 37.51 1.59 26.51
C HIS C 114 37.29 0.27 27.23
N PHE C 115 36.06 0.00 27.68
CA PHE C 115 35.72 -1.25 28.34
C PHE C 115 35.06 -2.24 27.40
N SER C 116 35.06 -1.97 26.09
CA SER C 116 34.37 -2.85 25.16
C SER C 116 34.96 -4.25 25.19
N ASP C 117 36.30 -4.36 25.23
CA ASP C 117 36.93 -5.68 25.26
C ASP C 117 36.65 -6.38 26.58
N VAL C 118 36.77 -5.66 27.70
CA VAL C 118 36.52 -6.29 28.99
C VAL C 118 35.05 -6.58 29.17
N ALA C 119 34.19 -5.66 28.75
CA ALA C 119 32.75 -5.91 28.83
C ALA C 119 32.37 -7.14 28.01
N GLU C 120 32.97 -7.31 26.84
CA GLU C 120 32.74 -8.51 26.05
C GLU C 120 33.18 -9.75 26.81
N ALA C 121 34.31 -9.68 27.50
CA ALA C 121 34.79 -10.82 28.28
C ALA C 121 33.84 -11.13 29.43
N TYR C 122 33.39 -10.10 30.15
CA TYR C 122 32.56 -10.30 31.32
C TYR C 122 31.14 -10.71 30.96
N ILE C 123 30.67 -10.37 29.76
CA ILE C 123 29.33 -10.80 29.33
C ILE C 123 29.35 -12.19 28.76
N GLU C 124 30.53 -12.73 28.44
CA GLU C 124 30.69 -14.15 28.15
C GLU C 124 31.28 -14.91 29.33
N MET C 125 32.01 -14.24 30.21
CA MET C 125 32.54 -14.90 31.38
C MET C 125 31.44 -15.22 32.38
N ARG C 126 30.27 -14.57 32.25
CA ARG C 126 29.12 -14.84 33.09
C ARG C 126 28.05 -15.63 32.34
N ASN C 127 28.42 -16.07 31.16
CA ASN C 127 27.52 -16.86 30.39
C ASN C 127 27.97 -18.27 30.58
N CYS C 128 29.25 -18.48 30.80
CA CYS C 128 29.70 -19.81 31.11
C CYS C 128 28.90 -20.10 32.35
N LYS C 129 28.71 -21.39 32.65
CA LYS C 129 27.99 -21.80 33.87
C LYS C 129 26.48 -21.60 33.83
N GLU C 130 26.02 -20.38 33.56
CA GLU C 130 24.58 -20.10 33.49
C GLU C 130 24.29 -19.09 32.39
N PRO C 131 23.13 -19.24 31.72
CA PRO C 131 22.85 -18.20 30.72
C PRO C 131 22.73 -16.83 31.37
N TYR C 132 23.28 -15.83 30.69
CA TYR C 132 23.19 -14.45 31.15
C TYR C 132 23.02 -13.55 29.94
N MET C 133 22.18 -12.54 30.08
CA MET C 133 21.92 -11.60 29.00
C MET C 133 21.77 -10.20 29.55
N PRO C 134 22.60 -9.24 29.11
CA PRO C 134 22.42 -7.86 29.57
C PRO C 134 21.00 -7.36 29.35
N ARG C 135 20.64 -6.25 30.00
CA ARG C 135 19.31 -5.68 29.85
C ARG C 135 19.23 -4.69 28.71
N TYR C 136 20.32 -4.48 27.97
CA TYR C 136 20.28 -3.73 26.74
C TYR C 136 19.94 -4.64 25.55
N GLY C 137 19.75 -5.93 25.85
CA GLY C 137 19.31 -6.87 24.84
C GLY C 137 17.93 -7.38 25.26
N LEU C 138 17.69 -7.61 26.55
CA LEU C 138 16.38 -8.02 27.01
C LEU C 138 15.33 -6.93 26.82
N VAL C 139 15.71 -5.66 26.74
CA VAL C 139 14.75 -4.59 26.47
C VAL C 139 14.64 -4.31 24.99
N ARG C 140 15.69 -4.61 24.23
CA ARG C 140 15.71 -4.36 22.80
C ARG C 140 15.41 -5.63 21.99
N ASN C 141 14.68 -6.56 22.59
CA ASN C 141 14.22 -7.72 21.86
C ASN C 141 15.29 -8.47 21.13
N LEU C 142 16.15 -9.09 21.89
CA LEU C 142 17.17 -9.95 21.33
C LEU C 142 16.87 -11.31 21.91
N ARG C 143 16.81 -12.34 21.09
CA ARG C 143 16.45 -13.67 21.53
C ARG C 143 17.52 -14.74 21.31
N ASP C 144 18.74 -14.30 21.02
CA ASP C 144 19.83 -15.22 20.76
C ASP C 144 20.98 -15.07 21.73
N GLY C 145 21.23 -16.09 22.52
CA GLY C 145 22.25 -16.00 23.55
C GLY C 145 23.65 -15.91 22.99
N SER C 146 23.87 -16.42 21.78
CA SER C 146 25.19 -16.35 21.17
C SER C 146 25.64 -14.92 20.94
N LEU C 147 24.70 -13.98 20.83
CA LEU C 147 25.00 -12.58 20.63
C LEU C 147 24.93 -11.77 21.92
N ALA C 148 24.89 -12.45 23.07
CA ALA C 148 24.86 -11.73 24.34
C ALA C 148 26.16 -10.96 24.58
N ARG C 149 27.27 -11.46 24.03
CA ARG C 149 28.55 -10.77 24.19
C ARG C 149 28.47 -9.32 23.73
N TYR C 150 27.80 -9.10 22.61
CA TYR C 150 27.78 -7.80 21.95
C TYR C 150 26.62 -6.92 22.39
N ALA C 151 25.93 -7.29 23.47
CA ALA C 151 24.72 -6.60 23.89
C ALA C 151 25.05 -5.59 25.00
N PHE C 152 25.69 -4.49 24.58
CA PHE C 152 25.86 -3.35 25.46
C PHE C 152 26.08 -2.11 24.60
N ASP C 153 25.72 -0.95 25.16
CA ASP C 153 25.68 0.27 24.36
C ASP C 153 27.07 0.66 23.86
N PHE C 154 28.09 0.51 24.71
CA PHE C 154 29.42 1.04 24.42
C PHE C 154 30.32 0.03 23.71
N TYR C 155 29.74 -0.91 22.96
CA TYR C 155 30.55 -1.81 22.17
C TYR C 155 31.22 -1.04 21.02
N GLU C 156 32.43 -1.47 20.67
CA GLU C 156 33.21 -0.86 19.61
C GLU C 156 33.13 -1.75 18.38
N VAL C 157 32.41 -1.29 17.36
CA VAL C 157 32.28 -2.03 16.11
C VAL C 157 33.56 -1.82 15.31
N THR C 158 34.30 -2.90 15.10
CA THR C 158 35.57 -2.86 14.37
C THR C 158 35.50 -3.83 13.20
N SER C 159 36.61 -3.94 12.48
CA SER C 159 36.70 -4.88 11.36
C SER C 159 36.62 -6.33 11.82
N ARG C 160 36.88 -6.60 13.10
CA ARG C 160 36.84 -7.96 13.62
C ARG C 160 35.47 -8.35 14.16
N THR C 161 34.51 -7.44 14.17
CA THR C 161 33.18 -7.76 14.67
C THR C 161 32.51 -8.76 13.73
N PRO C 162 31.89 -9.83 14.24
CA PRO C 162 31.14 -10.73 13.36
C PRO C 162 30.01 -10.00 12.68
N VAL C 163 29.73 -10.40 11.44
CA VAL C 163 28.64 -9.78 10.69
C VAL C 163 27.32 -9.93 11.45
N ARG C 164 27.14 -11.07 12.10
CA ARG C 164 25.92 -11.29 12.84
C ARG C 164 25.87 -10.37 14.02
N ALA C 165 27.00 -10.19 14.68
CA ALA C 165 27.06 -9.23 15.78
C ALA C 165 26.81 -7.81 15.28
N ARG C 166 27.40 -7.45 14.15
CA ARG C 166 27.20 -6.12 13.58
C ARG C 166 25.78 -5.88 13.10
N GLU C 167 24.95 -6.92 13.04
CA GLU C 167 23.55 -6.79 12.67
C GLU C 167 22.62 -6.73 13.87
N ALA C 168 22.97 -7.42 14.95
CA ALA C 168 22.22 -7.26 16.19
C ALA C 168 22.23 -5.81 16.66
N HIS C 169 23.37 -5.13 16.53
CA HIS C 169 23.48 -3.76 17.00
C HIS C 169 22.54 -2.83 16.26
N ILE C 170 22.48 -2.94 14.92
CA ILE C 170 21.54 -2.12 14.17
C ILE C 170 20.10 -2.53 14.47
N GLN C 171 19.86 -3.80 14.83
CA GLN C 171 18.53 -4.19 15.28
C GLN C 171 18.22 -3.62 16.65
N MET C 172 19.16 -3.75 17.60
CA MET C 172 18.94 -3.23 18.93
C MET C 172 18.91 -1.71 18.95
N LYS C 173 19.68 -1.07 18.09
CA LYS C 173 19.74 0.38 18.01
C LYS C 173 18.53 0.98 17.30
N ALA C 174 17.54 0.15 16.95
CA ALA C 174 16.34 0.64 16.29
C ALA C 174 15.17 -0.31 16.53
N LYS D 5 45.37 -8.90 20.52
CA LYS D 5 45.04 -9.21 21.90
C LYS D 5 44.05 -8.20 22.47
N MET D 6 43.40 -8.55 23.57
CA MET D 6 42.51 -7.62 24.23
C MET D 6 43.30 -6.42 24.73
N ARG D 7 42.72 -5.23 24.58
CA ARG D 7 43.32 -3.99 25.05
C ARG D 7 42.57 -3.56 26.32
N MET D 8 43.09 -3.99 27.46
CA MET D 8 42.45 -3.65 28.73
C MET D 8 42.56 -2.15 28.97
N PRO D 9 41.53 -1.53 29.55
CA PRO D 9 41.60 -0.08 29.79
C PRO D 9 42.75 0.27 30.71
N LYS D 10 43.42 1.37 30.40
CA LYS D 10 44.56 1.84 31.17
C LYS D 10 44.54 3.36 31.20
N SER D 11 44.96 3.93 32.33
CA SER D 11 45.01 5.39 32.48
C SER D 11 46.41 5.93 32.26
N LYS D 12 47.37 5.46 33.06
CA LYS D 12 48.77 5.87 32.93
C LYS D 12 49.67 4.64 33.05
N GLY D 13 49.32 3.60 32.31
CA GLY D 13 50.04 2.35 32.39
C GLY D 13 49.58 1.41 33.48
N ALA D 14 48.39 1.65 34.05
CA ALA D 14 47.83 0.81 35.09
C ALA D 14 46.39 0.48 34.73
N THR D 15 46.05 -0.80 34.73
CA THR D 15 44.69 -1.20 34.46
C THR D 15 43.73 -0.53 35.43
N VAL D 16 42.63 0.01 34.92
CA VAL D 16 41.65 0.71 35.76
C VAL D 16 40.59 -0.24 36.29
N LEU D 17 40.82 -1.54 36.15
CA LEU D 17 39.89 -2.55 36.62
C LEU D 17 40.64 -3.55 37.48
N ASN D 18 39.96 -4.08 38.50
CA ASN D 18 40.50 -5.15 39.32
C ASN D 18 39.97 -6.47 38.78
N LEU D 19 40.88 -7.29 38.24
CA LEU D 19 40.47 -8.55 37.63
C LEU D 19 40.25 -9.66 38.65
N GLU D 20 40.88 -9.58 39.82
CA GLU D 20 40.59 -10.54 40.87
C GLU D 20 39.15 -10.42 41.34
N HIS D 21 38.58 -9.22 41.18
CA HIS D 21 37.23 -8.98 41.66
C HIS D 21 36.23 -9.02 40.57
N LEU D 22 36.57 -8.73 39.38
CA LEU D 22 35.63 -8.81 38.27
C LEU D 22 35.20 -10.26 38.01
N LEU D 23 36.14 -11.20 38.08
CA LEU D 23 35.80 -12.60 37.89
C LEU D 23 34.81 -13.07 38.95
N GLU D 24 34.89 -12.51 40.17
CA GLU D 24 34.03 -12.92 41.28
C GLU D 24 32.99 -11.85 41.60
N TYR D 25 32.58 -11.08 40.59
CA TYR D 25 31.58 -10.03 40.75
C TYR D 25 30.45 -10.32 39.77
N ALA D 26 29.50 -11.13 40.21
CA ALA D 26 28.35 -11.50 39.40
C ALA D 26 27.08 -10.97 40.05
N PRO D 27 26.85 -9.69 39.95
CA PRO D 27 25.62 -9.17 40.49
C PRO D 27 24.32 -9.73 39.90
N GLN D 28 23.30 -10.07 40.70
CA GLN D 28 22.00 -10.42 40.16
C GLN D 28 21.47 -9.21 39.41
N GLN D 29 20.87 -9.46 38.24
CA GLN D 29 20.54 -8.35 37.36
C GLN D 29 19.61 -7.36 38.05
N ILE D 30 18.73 -7.86 38.92
CA ILE D 30 17.74 -6.98 39.55
C ILE D 30 18.40 -6.01 40.51
N ASP D 31 19.48 -6.41 41.18
CA ASP D 31 20.07 -5.54 42.21
C ASP D 31 20.65 -4.26 41.62
N ILE D 32 21.26 -4.34 40.44
CA ILE D 32 21.82 -3.17 39.78
C ILE D 32 20.97 -2.68 38.62
N SER D 33 19.82 -3.30 38.38
CA SER D 33 18.95 -2.85 37.31
C SER D 33 18.35 -1.48 37.65
N ASN D 34 17.84 -0.81 36.62
CA ASN D 34 17.19 0.47 36.79
C ASN D 34 15.66 0.39 36.62
N THR D 35 15.12 -0.79 36.34
CA THR D 35 13.68 -0.98 36.40
C THR D 35 13.19 -1.12 37.83
N ARG D 36 14.09 -1.31 38.80
CA ARG D 36 13.76 -1.38 40.20
C ARG D 36 14.44 -0.23 40.94
N ALA D 37 13.71 0.39 41.86
CA ALA D 37 14.29 1.44 42.66
C ALA D 37 15.26 0.86 43.69
N THR D 38 16.24 1.66 44.07
CA THR D 38 17.24 1.21 45.04
C THR D 38 16.58 1.00 46.40
N GLN D 39 17.12 0.03 47.16
CA GLN D 39 16.59 -0.23 48.49
C GLN D 39 16.66 1.00 49.38
N SER D 40 17.57 1.93 49.09
CA SER D 40 17.58 3.20 49.81
C SER D 40 16.44 4.11 49.37
N GLN D 41 15.88 3.90 48.18
CA GLN D 41 14.70 4.62 47.74
C GLN D 41 13.41 3.93 48.16
N PHE D 42 13.43 2.61 48.33
CA PHE D 42 12.28 1.91 48.87
C PHE D 42 12.09 2.23 50.35
N ASP D 43 13.18 2.18 51.12
CA ASP D 43 13.07 2.43 52.56
C ASP D 43 12.54 3.83 52.84
N THR D 44 12.98 4.82 52.07
CA THR D 44 12.45 6.17 52.24
C THR D 44 10.95 6.20 51.93
N TRP D 45 10.55 5.50 50.87
CA TRP D 45 9.13 5.48 50.50
C TRP D 45 8.42 4.75 51.63
N TYR D 46 8.74 3.47 51.82
CA TYR D 46 8.09 2.70 52.86
C TYR D 46 7.87 3.50 54.15
N GLU D 47 8.93 4.10 54.68
CA GLU D 47 8.80 4.86 55.92
C GLU D 47 7.86 6.05 55.74
N ALA D 48 7.88 6.68 54.57
CA ALA D 48 7.02 7.84 54.34
C ALA D 48 5.55 7.48 54.44
N VAL D 49 5.15 6.35 53.86
CA VAL D 49 3.75 5.96 53.90
C VAL D 49 3.34 5.60 55.33
N GLN D 50 4.26 5.02 56.12
CA GLN D 50 3.98 4.79 57.53
C GLN D 50 3.73 6.12 58.26
N LEU D 51 4.44 7.18 57.87
CA LEU D 51 4.22 8.47 58.52
C LEU D 51 2.91 9.11 58.07
N ALA D 52 2.62 9.05 56.77
CA ALA D 52 1.39 9.67 56.26
C ALA D 52 0.15 8.92 56.74
N TYR D 53 0.19 7.59 56.74
CA TYR D 53 -0.97 6.80 57.11
C TYR D 53 -1.13 6.63 58.61
N ASP D 54 -0.13 7.01 59.41
CA ASP D 54 -0.12 6.82 60.85
C ASP D 54 -0.24 5.35 61.25
N ILE D 55 -0.06 4.43 60.30
CA ILE D 55 -0.06 3.02 60.63
C ILE D 55 1.26 2.67 61.32
N GLY D 56 1.19 1.82 62.33
CA GLY D 56 2.36 1.47 63.10
C GLY D 56 3.29 0.55 62.34
N GLU D 57 4.45 0.29 62.96
CA GLU D 57 5.39 -0.66 62.37
C GLU D 57 4.79 -2.05 62.24
N THR D 58 3.71 -2.33 62.96
CA THR D 58 2.87 -3.49 62.72
C THR D 58 1.64 -3.06 61.95
N GLU D 59 1.04 -3.99 61.23
CA GLU D 59 -0.11 -3.68 60.41
C GLU D 59 0.26 -3.02 59.09
N MET D 60 1.52 -2.59 58.90
CA MET D 60 1.86 -2.03 57.62
C MET D 60 1.96 -3.16 56.66
N PRO D 61 2.46 -4.29 57.10
CA PRO D 61 2.47 -5.33 56.07
C PRO D 61 1.14 -5.57 55.40
N THR D 62 0.04 -5.56 56.15
CA THR D 62 -1.29 -5.79 55.63
C THR D 62 -1.75 -4.63 54.78
N VAL D 63 -1.26 -3.43 54.99
CA VAL D 63 -1.61 -2.35 54.10
C VAL D 63 -0.83 -2.53 52.81
N MET D 64 0.42 -2.99 52.85
CA MET D 64 1.18 -3.28 51.63
C MET D 64 0.59 -4.43 50.85
N ASN D 65 -0.14 -5.34 51.50
CA ASN D 65 -0.83 -6.40 50.78
C ASN D 65 -1.98 -5.86 49.94
N GLY D 66 -2.74 -4.90 50.48
CA GLY D 66 -3.78 -4.28 49.68
C GLY D 66 -3.23 -3.51 48.51
N LEU D 67 -2.14 -2.77 48.73
CA LEU D 67 -1.55 -1.99 47.66
C LEU D 67 -1.01 -2.89 46.55
N MET D 68 -0.36 -3.99 46.92
CA MET D 68 0.17 -4.91 45.93
C MET D 68 -0.94 -5.47 45.06
N VAL D 69 -1.99 -6.00 45.68
CA VAL D 69 -3.11 -6.53 44.92
C VAL D 69 -3.84 -5.41 44.20
N TRP D 70 -3.94 -4.24 44.83
CA TRP D 70 -4.54 -3.09 44.16
C TRP D 70 -3.73 -2.67 42.95
N CYS D 71 -2.40 -2.68 43.05
CA CYS D 71 -1.55 -2.26 41.95
C CYS D 71 -1.44 -3.31 40.85
N ILE D 72 -1.92 -4.52 41.08
CA ILE D 72 -1.99 -5.53 40.03
C ILE D 72 -3.22 -5.34 39.16
N GLU D 73 -4.36 -5.04 39.79
CA GLU D 73 -5.64 -4.92 39.10
C GLU D 73 -5.96 -3.51 38.65
N ASN D 74 -5.13 -2.52 38.98
CA ASN D 74 -5.45 -1.14 38.62
C ASN D 74 -4.33 -0.49 37.82
N GLY D 75 -3.08 -0.74 38.22
CA GLY D 75 -1.95 -0.11 37.58
C GLY D 75 -1.04 0.55 38.59
N THR D 76 0.15 0.97 38.17
CA THR D 76 1.09 1.67 39.03
C THR D 76 1.27 3.12 38.62
N SER D 77 0.33 3.67 37.85
CA SER D 77 0.32 5.08 37.48
C SER D 77 -1.06 5.65 37.71
N PRO D 78 -1.51 5.68 38.98
CA PRO D 78 -2.85 6.22 39.27
C PRO D 78 -2.85 7.74 39.42
N ASN D 79 -3.99 8.29 39.79
CA ASN D 79 -4.11 9.72 40.06
C ASN D 79 -3.60 10.01 41.46
N ILE D 80 -2.75 11.02 41.59
CA ILE D 80 -2.22 11.41 42.89
C ILE D 80 -3.31 11.87 43.85
N ASN D 81 -4.50 12.19 43.34
CA ASN D 81 -5.58 12.75 44.13
C ASN D 81 -6.68 11.73 44.42
N GLY D 82 -6.47 10.47 44.11
CA GLY D 82 -7.47 9.45 44.28
C GLY D 82 -7.32 8.71 45.60
N VAL D 83 -7.91 7.52 45.65
CA VAL D 83 -7.86 6.68 46.84
C VAL D 83 -7.88 5.22 46.39
N TRP D 84 -6.91 4.44 46.84
CA TRP D 84 -6.88 3.02 46.58
C TRP D 84 -7.56 2.28 47.72
N VAL D 85 -8.25 1.20 47.38
CA VAL D 85 -9.10 0.49 48.31
C VAL D 85 -8.56 -0.90 48.55
N MET D 86 -8.70 -1.36 49.79
CA MET D 86 -8.43 -2.74 50.16
C MET D 86 -9.63 -3.28 50.94
N MET D 87 -9.90 -4.56 50.75
CA MET D 87 -11.09 -5.18 51.31
C MET D 87 -10.79 -5.71 52.71
N ASP D 88 -11.45 -5.12 53.70
CA ASP D 88 -11.35 -5.57 55.09
C ASP D 88 -12.50 -6.53 55.33
N GLY D 89 -12.31 -7.79 54.95
CA GLY D 89 -13.39 -8.74 54.97
C GLY D 89 -14.36 -8.48 53.82
N ASP D 90 -15.53 -7.93 54.13
CA ASP D 90 -16.51 -7.56 53.11
C ASP D 90 -16.62 -6.07 52.88
N GLU D 91 -16.08 -5.23 53.76
CA GLU D 91 -16.20 -3.79 53.63
C GLU D 91 -15.12 -3.28 52.68
N GLN D 92 -14.96 -1.97 52.60
CA GLN D 92 -14.03 -1.34 51.67
C GLN D 92 -13.26 -0.25 52.41
N VAL D 93 -11.95 -0.42 52.54
CA VAL D 93 -11.10 0.51 53.27
C VAL D 93 -10.33 1.33 52.25
N GLU D 94 -10.64 2.61 52.17
CA GLU D 94 -10.04 3.50 51.20
C GLU D 94 -8.86 4.25 51.84
N TYR D 95 -7.74 4.28 51.14
CA TYR D 95 -6.56 5.00 51.59
C TYR D 95 -6.15 6.05 50.56
N PRO D 96 -5.59 7.16 50.98
CA PRO D 96 -5.15 8.17 50.01
C PRO D 96 -3.88 7.73 49.29
N LEU D 97 -3.78 8.14 48.02
CA LEU D 97 -2.66 7.78 47.18
C LEU D 97 -1.54 8.81 47.19
N LYS D 98 -1.71 9.92 47.90
CA LYS D 98 -0.68 10.96 47.90
C LYS D 98 0.65 10.45 48.41
N PRO D 99 0.75 9.85 49.61
CA PRO D 99 2.04 9.32 50.05
C PRO D 99 2.59 8.22 49.14
N ILE D 100 1.70 7.44 48.51
CA ILE D 100 2.17 6.36 47.65
C ILE D 100 2.94 6.92 46.46
N VAL D 101 2.42 7.97 45.83
CA VAL D 101 2.97 8.49 44.59
C VAL D 101 3.94 9.64 44.84
N GLU D 102 3.62 10.50 45.81
CA GLU D 102 4.48 11.65 46.07
C GLU D 102 5.88 11.22 46.52
N ASN D 103 5.98 10.10 47.24
CA ASN D 103 7.24 9.63 47.80
C ASN D 103 7.79 8.43 47.04
N ALA D 104 7.30 8.18 45.82
CA ALA D 104 7.77 7.07 45.00
C ALA D 104 8.80 7.61 44.02
N LYS D 105 10.07 7.43 44.35
CA LYS D 105 11.17 7.89 43.50
C LYS D 105 11.88 6.69 42.91
N PRO D 106 12.15 6.67 41.60
CA PRO D 106 11.81 7.69 40.59
C PRO D 106 10.34 7.64 40.24
N THR D 107 9.74 6.46 40.27
CA THR D 107 8.33 6.28 39.96
C THR D 107 7.78 5.12 40.79
N LEU D 108 6.45 5.06 40.89
CA LEU D 108 5.82 4.00 41.64
C LEU D 108 6.08 2.64 41.02
N ARG D 109 6.15 2.58 39.69
CA ARG D 109 6.40 1.29 39.04
C ARG D 109 7.73 0.70 39.49
N GLN D 110 8.78 1.53 39.54
CA GLN D 110 10.08 1.04 40.01
C GLN D 110 10.05 0.72 41.49
N ILE D 111 9.28 1.49 42.28
CA ILE D 111 9.12 1.16 43.69
C ILE D 111 8.32 -0.12 43.85
N MET D 112 7.31 -0.34 43.01
CA MET D 112 6.49 -1.53 43.08
C MET D 112 7.14 -2.75 42.42
N ALA D 113 8.22 -2.55 41.67
CA ALA D 113 8.92 -3.69 41.08
C ALA D 113 9.55 -4.59 42.13
N HIS D 114 9.68 -4.10 43.37
CA HIS D 114 10.18 -4.94 44.45
C HIS D 114 9.20 -6.06 44.79
N PHE D 115 7.94 -5.95 44.36
CA PHE D 115 6.91 -6.95 44.63
C PHE D 115 6.69 -7.89 43.46
N SER D 116 7.52 -7.80 42.41
CA SER D 116 7.24 -8.55 41.19
C SER D 116 7.18 -10.04 41.45
N ASP D 117 8.17 -10.59 42.17
CA ASP D 117 8.19 -12.02 42.41
C ASP D 117 6.97 -12.46 43.20
N VAL D 118 6.58 -11.69 44.22
CA VAL D 118 5.38 -12.02 44.97
C VAL D 118 4.13 -11.82 44.11
N ALA D 119 4.15 -10.79 43.25
CA ALA D 119 2.97 -10.49 42.45
C ALA D 119 2.58 -11.67 41.57
N GLU D 120 3.55 -12.26 40.87
CA GLU D 120 3.23 -13.43 40.04
C GLU D 120 2.82 -14.61 40.90
N ALA D 121 3.44 -14.76 42.08
CA ALA D 121 3.05 -15.82 42.99
C ALA D 121 1.60 -15.65 43.44
N TYR D 122 1.21 -14.41 43.75
CA TYR D 122 -0.15 -14.15 44.20
C TYR D 122 -1.16 -14.51 43.11
N ILE D 123 -0.87 -14.17 41.86
CA ILE D 123 -1.80 -14.46 40.77
C ILE D 123 -1.98 -15.96 40.61
N GLU D 124 -0.88 -16.72 40.69
CA GLU D 124 -0.96 -18.16 40.47
C GLU D 124 -1.92 -18.82 41.46
N MET D 125 -1.76 -18.51 42.76
CA MET D 125 -2.66 -19.08 43.76
C MET D 125 -4.08 -18.61 43.52
N ARG D 126 -4.25 -17.34 43.18
CA ARG D 126 -5.57 -16.84 42.81
C ARG D 126 -6.10 -17.57 41.58
N ASN D 127 -5.22 -17.87 40.65
CA ASN D 127 -5.59 -18.60 39.45
C ASN D 127 -5.70 -20.08 39.73
N CYS D 128 -5.22 -20.51 40.88
CA CYS D 128 -5.29 -21.91 41.28
C CYS D 128 -6.63 -22.25 41.93
N LYS D 129 -7.54 -21.29 42.04
CA LYS D 129 -8.90 -21.53 42.51
C LYS D 129 -9.93 -21.30 41.41
N GLU D 130 -9.85 -20.17 40.72
CA GLU D 130 -10.71 -19.85 39.59
C GLU D 130 -9.96 -18.88 38.70
N PRO D 131 -10.39 -18.72 37.45
CA PRO D 131 -9.67 -17.81 36.54
C PRO D 131 -9.53 -16.42 37.14
N TYR D 132 -8.33 -15.86 37.02
CA TYR D 132 -8.03 -14.50 37.48
C TYR D 132 -7.00 -13.92 36.53
N MET D 133 -7.48 -13.16 35.56
CA MET D 133 -6.60 -12.37 34.71
C MET D 133 -6.59 -10.95 35.23
N PRO D 134 -5.47 -10.43 35.73
CA PRO D 134 -5.46 -9.06 36.25
C PRO D 134 -5.96 -8.08 35.21
N ARG D 135 -6.72 -7.08 35.68
CA ARG D 135 -7.31 -6.10 34.80
C ARG D 135 -6.32 -5.51 33.82
N TYR D 136 -5.03 -5.50 34.16
CA TYR D 136 -4.04 -4.96 33.24
C TYR D 136 -3.97 -5.78 31.95
N GLY D 137 -4.45 -7.02 31.98
CA GLY D 137 -4.49 -7.85 30.79
C GLY D 137 -5.87 -7.93 30.16
N LEU D 138 -6.91 -7.67 30.94
CA LEU D 138 -8.26 -7.65 30.39
C LEU D 138 -8.50 -6.42 29.52
N VAL D 139 -7.93 -5.28 29.91
CA VAL D 139 -8.09 -4.05 29.15
C VAL D 139 -7.02 -3.96 28.07
N ARG D 140 -6.26 -5.04 27.89
CA ARG D 140 -5.24 -5.10 26.85
C ARG D 140 -5.31 -6.40 26.05
N ASN D 141 -6.46 -7.05 26.03
CA ASN D 141 -6.66 -8.23 25.19
C ASN D 141 -5.65 -9.32 25.41
N LEU D 142 -5.25 -9.52 26.63
CA LEU D 142 -4.39 -10.66 26.96
C LEU D 142 -5.31 -11.86 27.14
N ARG D 143 -5.25 -12.80 26.19
CA ARG D 143 -6.23 -13.86 26.10
C ARG D 143 -5.73 -15.19 26.63
N ASP D 144 -4.46 -15.53 26.40
CA ASP D 144 -3.91 -16.74 26.98
C ASP D 144 -3.93 -16.61 28.51
N GLY D 145 -4.34 -17.68 29.18
CA GLY D 145 -4.50 -17.63 30.61
C GLY D 145 -3.26 -18.02 31.38
N SER D 146 -2.43 -18.89 30.80
CA SER D 146 -1.19 -19.27 31.46
C SER D 146 -0.30 -18.07 31.69
N LEU D 147 -0.21 -17.17 30.71
CA LEU D 147 0.56 -15.94 30.88
C LEU D 147 -0.32 -14.90 31.55
N ALA D 148 -0.86 -15.23 32.72
CA ALA D 148 -1.60 -14.29 33.55
C ALA D 148 -0.83 -13.89 34.79
N ARG D 149 0.29 -14.53 35.07
CA ARG D 149 1.19 -14.15 36.15
C ARG D 149 2.16 -13.05 35.74
N TYR D 150 2.08 -12.59 34.49
CA TYR D 150 2.93 -11.51 33.99
C TYR D 150 2.09 -10.33 33.53
N ALA D 151 0.81 -10.32 33.83
CA ALA D 151 -0.11 -9.26 33.41
C ALA D 151 -0.26 -8.18 34.46
N PHE D 152 0.86 -7.61 34.92
CA PHE D 152 0.83 -6.52 35.88
C PHE D 152 1.93 -5.52 35.55
N ASP D 153 1.61 -4.23 35.79
CA ASP D 153 2.41 -3.15 35.23
C ASP D 153 3.84 -3.16 35.77
N PHE D 154 4.03 -3.60 36.98
CA PHE D 154 5.32 -3.53 37.63
C PHE D 154 6.13 -4.78 37.57
N TYR D 155 6.07 -5.49 36.47
CA TYR D 155 6.78 -6.73 36.30
C TYR D 155 8.12 -6.45 35.74
N GLU D 156 9.13 -7.18 36.22
CA GLU D 156 10.51 -6.96 35.82
C GLU D 156 10.92 -8.08 34.88
N VAL D 157 11.12 -7.75 33.61
CA VAL D 157 11.61 -8.72 32.64
C VAL D 157 13.09 -8.95 32.94
N THR D 158 13.41 -10.17 33.35
CA THR D 158 14.77 -10.55 33.70
C THR D 158 15.24 -11.65 32.76
N SER D 159 16.42 -12.19 33.04
CA SER D 159 16.95 -13.27 32.23
C SER D 159 16.18 -14.57 32.42
N ARG D 160 15.43 -14.69 33.51
CA ARG D 160 14.65 -15.89 33.80
C ARG D 160 13.23 -15.81 33.28
N THR D 161 12.83 -14.70 32.69
CA THR D 161 11.44 -14.56 32.24
C THR D 161 11.20 -15.39 30.99
N PRO D 162 10.08 -16.12 30.92
CA PRO D 162 9.76 -16.82 29.68
C PRO D 162 9.70 -15.86 28.50
N VAL D 163 10.19 -16.32 27.35
CA VAL D 163 10.26 -15.45 26.18
C VAL D 163 8.86 -15.06 25.74
N ARG D 164 7.90 -15.94 25.93
CA ARG D 164 6.55 -15.56 25.58
C ARG D 164 6.17 -14.37 26.40
N ALA D 165 6.21 -14.53 27.71
CA ALA D 165 5.87 -13.43 28.59
C ALA D 165 6.50 -12.13 28.12
N ARG D 166 7.76 -12.19 27.71
CA ARG D 166 8.44 -11.01 27.21
C ARG D 166 7.74 -10.46 25.97
N GLU D 167 7.37 -11.33 25.03
CA GLU D 167 6.65 -10.88 23.86
C GLU D 167 5.27 -10.34 24.23
N ALA D 168 4.61 -10.97 25.20
CA ALA D 168 3.30 -10.49 25.62
C ALA D 168 3.39 -9.07 26.16
N HIS D 169 4.38 -8.79 27.00
CA HIS D 169 4.53 -7.44 27.52
C HIS D 169 4.73 -6.43 26.39
N ILE D 170 5.45 -6.83 25.34
CA ILE D 170 5.54 -5.98 24.16
C ILE D 170 4.17 -5.76 23.55
N GLN D 171 3.24 -6.69 23.77
CA GLN D 171 1.88 -6.54 23.23
C GLN D 171 1.03 -5.66 24.13
N MET D 172 1.04 -5.89 25.45
CA MET D 172 0.27 -5.04 26.35
C MET D 172 0.76 -3.60 26.26
N LYS D 173 2.07 -3.40 26.27
CA LYS D 173 2.63 -2.06 26.06
C LYS D 173 2.24 -1.57 24.67
N ALA D 174 1.37 -0.57 24.61
CA ALA D 174 0.87 -0.06 23.34
C ALA D 174 0.18 -1.17 22.55
N ARG E 7 -68.53 -22.37 6.01
CA ARG E 7 -69.79 -22.83 6.57
C ARG E 7 -69.85 -22.55 8.06
N MET E 8 -70.48 -21.44 8.42
CA MET E 8 -70.55 -21.05 9.83
C MET E 8 -71.56 -21.93 10.56
N PRO E 9 -71.28 -22.33 11.79
CA PRO E 9 -72.27 -23.09 12.56
C PRO E 9 -73.55 -22.29 12.73
N LYS E 10 -74.66 -23.01 12.83
CA LYS E 10 -75.94 -22.36 12.98
C LYS E 10 -76.97 -23.20 13.56
N SER E 11 -77.89 -22.58 14.27
CA SER E 11 -79.01 -23.28 14.80
C SER E 11 -80.20 -22.38 14.56
N LYS E 12 -81.13 -22.79 13.70
CA LYS E 12 -82.34 -22.02 13.42
C LYS E 12 -82.10 -20.75 12.65
N GLY E 13 -81.19 -20.77 11.71
CA GLY E 13 -80.99 -19.61 10.87
C GLY E 13 -80.42 -18.46 11.61
N ALA E 14 -79.35 -18.71 12.34
CA ALA E 14 -78.65 -17.68 13.02
C ALA E 14 -77.36 -18.36 13.38
N THR E 15 -76.25 -17.67 13.25
CA THR E 15 -75.00 -18.27 13.68
C THR E 15 -75.04 -18.44 15.16
N VAL E 16 -74.24 -19.35 15.68
CA VAL E 16 -74.14 -19.53 17.12
C VAL E 16 -72.74 -19.05 17.48
N LEU E 17 -72.26 -18.03 16.79
CA LEU E 17 -70.97 -17.41 17.06
C LEU E 17 -71.08 -15.93 16.75
N ASN E 18 -70.16 -15.16 17.32
CA ASN E 18 -70.05 -13.73 17.02
C ASN E 18 -68.66 -13.49 16.44
N LEU E 19 -68.60 -13.24 15.14
CA LEU E 19 -67.32 -13.01 14.48
C LEU E 19 -66.78 -11.61 14.73
N GLU E 20 -67.58 -10.75 15.31
CA GLU E 20 -67.08 -9.46 15.68
C GLU E 20 -66.21 -9.70 16.85
N HIS E 21 -66.77 -10.31 17.88
CA HIS E 21 -66.00 -10.59 19.09
C HIS E 21 -64.81 -11.42 18.74
N LEU E 22 -65.03 -12.52 18.09
CA LEU E 22 -63.94 -13.42 17.79
C LEU E 22 -62.75 -12.78 17.14
N LEU E 23 -62.96 -11.85 16.26
CA LEU E 23 -61.86 -11.30 15.57
C LEU E 23 -60.89 -10.77 16.59
N GLU E 24 -61.41 -10.24 17.70
CA GLU E 24 -60.56 -9.64 18.72
C GLU E 24 -60.51 -10.42 20.01
N TYR E 25 -60.88 -11.70 19.98
CA TYR E 25 -60.79 -12.58 21.14
C TYR E 25 -59.58 -13.36 20.93
N ALA E 26 -58.55 -13.06 21.69
CA ALA E 26 -57.29 -13.71 21.55
C ALA E 26 -56.72 -13.97 22.91
N PRO E 27 -57.10 -15.07 23.52
CA PRO E 27 -56.56 -15.45 24.83
C PRO E 27 -55.19 -16.09 24.73
N GLN E 28 -54.32 -15.78 25.66
CA GLN E 28 -53.03 -16.40 25.63
C GLN E 28 -53.22 -17.84 25.90
N GLN E 29 -52.33 -18.64 25.40
CA GLN E 29 -52.49 -20.08 25.52
C GLN E 29 -52.39 -20.55 26.96
N ILE E 30 -51.59 -19.87 27.78
CA ILE E 30 -51.39 -20.29 29.16
C ILE E 30 -52.50 -19.83 30.09
N ASP E 31 -53.51 -19.15 29.57
CA ASP E 31 -54.69 -18.79 30.35
C ASP E 31 -55.90 -19.64 29.99
N ILE E 32 -55.92 -20.26 28.81
CA ILE E 32 -57.02 -21.13 28.40
C ILE E 32 -56.59 -22.58 28.56
N SER E 33 -55.29 -22.83 28.47
CA SER E 33 -54.80 -24.20 28.50
C SER E 33 -55.07 -24.85 29.86
N ASN E 34 -55.25 -26.17 29.83
CA ASN E 34 -55.46 -26.95 31.04
C ASN E 34 -54.16 -27.49 31.62
N THR E 35 -53.02 -27.22 30.99
CA THR E 35 -51.72 -27.59 31.54
C THR E 35 -51.34 -26.75 32.73
N ARG E 36 -52.24 -25.87 33.15
CA ARG E 36 -51.97 -24.93 34.22
C ARG E 36 -53.28 -24.65 34.95
N ALA E 37 -53.21 -24.65 36.28
CA ALA E 37 -54.42 -24.49 37.09
C ALA E 37 -54.99 -23.08 36.93
N THR E 38 -56.29 -22.98 37.14
CA THR E 38 -56.97 -21.70 37.03
C THR E 38 -56.60 -20.80 38.20
N GLN E 39 -56.84 -19.50 38.01
CA GLN E 39 -56.51 -18.53 39.06
C GLN E 39 -57.29 -18.81 40.34
N SER E 40 -58.58 -19.13 40.20
CA SER E 40 -59.38 -19.48 41.38
C SER E 40 -58.81 -20.69 42.09
N GLN E 41 -58.22 -21.64 41.34
CA GLN E 41 -57.58 -22.78 41.95
C GLN E 41 -56.24 -22.39 42.58
N PHE E 42 -55.48 -21.52 41.92
CA PHE E 42 -54.21 -21.06 42.49
C PHE E 42 -54.44 -20.29 43.79
N ASP E 43 -55.45 -19.42 43.80
CA ASP E 43 -55.74 -18.66 45.02
C ASP E 43 -56.17 -19.58 46.16
N THR E 44 -56.98 -20.59 45.86
CA THR E 44 -57.38 -21.53 46.89
C THR E 44 -56.18 -22.28 47.45
N TRP E 45 -55.28 -22.75 46.58
CA TRP E 45 -54.07 -23.42 47.05
C TRP E 45 -53.19 -22.48 47.85
N TYR E 46 -52.97 -21.27 47.33
CA TYR E 46 -52.11 -20.33 48.03
C TYR E 46 -52.67 -19.96 49.39
N GLU E 47 -53.97 -19.70 49.47
CA GLU E 47 -54.59 -19.31 50.73
C GLU E 47 -54.76 -20.48 51.69
N ALA E 48 -54.62 -21.71 51.20
CA ALA E 48 -54.64 -22.88 52.08
C ALA E 48 -53.25 -23.22 52.60
N VAL E 49 -52.23 -23.11 51.75
CA VAL E 49 -50.86 -23.31 52.21
C VAL E 49 -50.46 -22.21 53.18
N GLN E 50 -50.94 -21.00 52.96
CA GLN E 50 -50.65 -19.90 53.88
C GLN E 50 -51.21 -20.18 55.27
N LEU E 51 -52.44 -20.70 55.34
CA LEU E 51 -53.05 -20.99 56.63
C LEU E 51 -52.44 -22.22 57.27
N ALA E 52 -52.13 -23.25 56.47
CA ALA E 52 -51.58 -24.48 57.01
C ALA E 52 -50.13 -24.34 57.46
N TYR E 53 -49.45 -23.24 57.11
CA TYR E 53 -48.07 -23.02 57.50
C TYR E 53 -47.92 -21.99 58.61
N ASP E 54 -49.02 -21.40 59.09
CA ASP E 54 -48.96 -20.39 60.14
C ASP E 54 -48.03 -19.25 59.75
N ILE E 55 -48.20 -18.78 58.53
CA ILE E 55 -47.37 -17.71 57.97
C ILE E 55 -48.28 -16.67 57.33
N GLY E 56 -47.91 -15.39 57.48
CA GLY E 56 -48.64 -14.31 56.88
C GLY E 56 -48.09 -13.91 55.52
N GLU E 57 -48.66 -12.84 54.97
CA GLU E 57 -48.19 -12.32 53.70
C GLU E 57 -46.79 -11.72 53.81
N THR E 58 -46.31 -11.45 55.02
CA THR E 58 -45.00 -10.84 55.18
C THR E 58 -43.89 -11.75 54.67
N GLU E 59 -43.96 -13.05 54.99
CA GLU E 59 -42.91 -13.99 54.62
C GLU E 59 -43.38 -15.17 53.81
N MET E 60 -44.68 -15.24 53.48
CA MET E 60 -45.13 -16.31 52.59
C MET E 60 -44.44 -16.25 51.23
N PRO E 61 -44.29 -15.09 50.58
CA PRO E 61 -43.52 -15.06 49.33
C PRO E 61 -42.13 -15.66 49.46
N THR E 62 -41.45 -15.43 50.59
CA THR E 62 -40.13 -16.01 50.78
C THR E 62 -40.19 -17.53 50.79
N VAL E 63 -41.21 -18.09 51.44
CA VAL E 63 -41.37 -19.54 51.45
C VAL E 63 -41.59 -20.06 50.03
N MET E 64 -42.36 -19.31 49.23
CA MET E 64 -42.62 -19.73 47.86
C MET E 64 -41.37 -19.71 47.00
N ASN E 65 -40.38 -18.86 47.34
CA ASN E 65 -39.12 -18.89 46.63
C ASN E 65 -38.42 -20.23 46.81
N GLY E 66 -38.40 -20.73 48.05
CA GLY E 66 -37.80 -22.03 48.30
C GLY E 66 -38.55 -23.16 47.64
N LEU E 67 -39.89 -23.13 47.72
CA LEU E 67 -40.68 -24.21 47.14
C LEU E 67 -40.50 -24.28 45.64
N MET E 68 -40.47 -23.16 44.96
CA MET E 68 -40.27 -23.23 43.56
C MET E 68 -38.92 -23.85 43.30
N VAL E 69 -37.88 -23.45 44.02
CA VAL E 69 -36.52 -23.93 43.78
C VAL E 69 -36.37 -25.38 44.19
N TRP E 70 -37.28 -25.88 44.97
CA TRP E 70 -37.28 -27.27 45.36
C TRP E 70 -37.91 -28.02 44.25
N CYS E 71 -39.05 -27.55 43.77
CA CYS E 71 -39.76 -28.28 42.73
C CYS E 71 -39.08 -28.18 41.37
N ILE E 72 -37.99 -27.43 41.26
CA ILE E 72 -37.18 -27.41 40.04
C ILE E 72 -36.13 -28.50 40.16
N GLU E 73 -35.70 -28.80 41.38
CA GLU E 73 -34.64 -29.76 41.62
C GLU E 73 -35.16 -31.13 42.01
N ASN E 74 -36.44 -31.24 42.36
CA ASN E 74 -36.99 -32.51 42.82
C ASN E 74 -38.11 -33.00 41.90
N GLY E 75 -39.06 -32.13 41.60
CA GLY E 75 -40.19 -32.46 40.74
C GLY E 75 -41.50 -32.07 41.40
N THR E 76 -42.58 -32.29 40.65
CA THR E 76 -43.93 -31.96 41.09
C THR E 76 -44.76 -33.19 41.40
N SER E 77 -44.12 -34.33 41.65
CA SER E 77 -44.80 -35.56 42.07
C SER E 77 -44.08 -36.11 43.29
N PRO E 78 -44.13 -35.40 44.42
CA PRO E 78 -43.39 -35.85 45.61
C PRO E 78 -44.20 -36.79 46.49
N ASN E 79 -43.62 -37.19 47.61
CA ASN E 79 -44.29 -38.03 48.59
C ASN E 79 -45.11 -37.15 49.52
N ILE E 80 -46.43 -37.31 49.49
CA ILE E 80 -47.31 -36.45 50.28
C ILE E 80 -46.93 -36.50 51.75
N ASN E 81 -46.63 -37.69 52.25
CA ASN E 81 -46.18 -37.86 53.63
C ASN E 81 -44.66 -37.69 53.69
N GLY E 82 -44.24 -36.46 53.44
CA GLY E 82 -42.82 -36.12 53.41
C GLY E 82 -42.63 -34.66 53.79
N VAL E 83 -41.49 -34.10 53.38
CA VAL E 83 -41.13 -32.74 53.72
C VAL E 83 -40.27 -32.16 52.61
N TRP E 84 -40.46 -30.87 52.34
CA TRP E 84 -39.66 -30.14 51.37
C TRP E 84 -38.73 -29.17 52.10
N VAL E 85 -37.50 -29.06 51.61
CA VAL E 85 -36.41 -28.43 52.34
C VAL E 85 -36.17 -27.03 51.81
N MET E 86 -35.88 -26.11 52.72
CA MET E 86 -35.46 -24.76 52.38
C MET E 86 -34.21 -24.42 53.19
N MET E 87 -33.33 -23.62 52.60
CA MET E 87 -32.06 -23.30 53.21
C MET E 87 -32.06 -21.85 53.67
N ASP E 88 -32.01 -21.64 54.98
CA ASP E 88 -31.93 -20.31 55.57
C ASP E 88 -30.47 -19.96 55.80
N GLY E 89 -29.72 -19.93 54.70
CA GLY E 89 -28.29 -19.73 54.79
C GLY E 89 -27.55 -21.06 54.75
N ASP E 90 -26.86 -21.39 55.83
CA ASP E 90 -26.29 -22.72 55.98
C ASP E 90 -27.23 -23.67 56.71
N GLU E 91 -28.27 -23.15 57.35
CA GLU E 91 -29.22 -23.97 58.10
C GLU E 91 -30.27 -24.56 57.15
N GLN E 92 -30.94 -25.60 57.63
CA GLN E 92 -32.00 -26.28 56.92
C GLN E 92 -33.35 -25.93 57.53
N VAL E 93 -34.33 -25.66 56.67
CA VAL E 93 -35.70 -25.36 57.08
C VAL E 93 -36.61 -26.40 56.44
N GLU E 94 -37.34 -27.13 57.27
CA GLU E 94 -38.17 -28.25 56.83
C GLU E 94 -39.64 -27.85 56.92
N TYR E 95 -40.38 -28.10 55.85
CA TYR E 95 -41.81 -27.83 55.82
C TYR E 95 -42.57 -29.07 55.37
N PRO E 96 -43.80 -29.26 55.85
CA PRO E 96 -44.60 -30.41 55.40
C PRO E 96 -45.05 -30.27 53.96
N LEU E 97 -45.38 -31.39 53.33
CA LEU E 97 -45.91 -31.38 51.98
C LEU E 97 -47.36 -31.78 51.97
N LYS E 98 -48.01 -31.75 53.11
CA LYS E 98 -49.43 -32.08 53.12
C LYS E 98 -50.23 -30.93 52.50
N PRO E 99 -50.14 -29.70 53.00
CA PRO E 99 -50.87 -28.61 52.35
C PRO E 99 -50.46 -28.39 50.90
N ILE E 100 -49.18 -28.61 50.57
CA ILE E 100 -48.72 -28.38 49.20
C ILE E 100 -49.47 -29.28 48.23
N VAL E 101 -49.54 -30.57 48.53
CA VAL E 101 -50.13 -31.54 47.61
C VAL E 101 -51.63 -31.68 47.83
N GLU E 102 -52.08 -31.63 49.08
CA GLU E 102 -53.50 -31.86 49.36
C GLU E 102 -54.37 -30.80 48.71
N ASN E 103 -53.97 -29.54 48.79
CA ASN E 103 -54.78 -28.43 48.33
C ASN E 103 -54.46 -28.00 46.89
N ALA E 104 -53.54 -28.69 46.21
CA ALA E 104 -53.14 -28.33 44.87
C ALA E 104 -54.03 -29.06 43.87
N LYS E 105 -55.12 -28.42 43.49
CA LYS E 105 -56.04 -28.99 42.51
C LYS E 105 -55.80 -28.40 41.13
N PRO E 106 -55.84 -29.21 40.06
CA PRO E 106 -56.05 -30.66 40.01
C PRO E 106 -54.80 -31.42 40.40
N THR E 107 -53.64 -30.93 39.97
CA THR E 107 -52.36 -31.53 40.30
C THR E 107 -51.37 -30.42 40.65
N LEU E 108 -50.38 -30.77 41.47
CA LEU E 108 -49.41 -29.77 41.90
C LEU E 108 -48.65 -29.17 40.72
N ARG E 109 -48.49 -29.95 39.64
CA ARG E 109 -47.83 -29.42 38.45
C ARG E 109 -48.64 -28.29 37.84
N GLN E 110 -49.95 -28.47 37.72
CA GLN E 110 -50.81 -27.40 37.24
C GLN E 110 -50.74 -26.20 38.17
N ILE E 111 -50.69 -26.44 39.47
CA ILE E 111 -50.55 -25.36 40.43
C ILE E 111 -49.15 -24.75 40.41
N MET E 112 -48.14 -25.52 40.03
CA MET E 112 -46.78 -25.00 39.90
C MET E 112 -46.46 -24.52 38.50
N ALA E 113 -47.35 -24.73 37.53
CA ALA E 113 -47.13 -24.20 36.19
C ALA E 113 -47.13 -22.68 36.17
N HIS E 114 -47.73 -22.05 37.19
CA HIS E 114 -47.70 -20.59 37.28
C HIS E 114 -46.30 -20.05 37.51
N PHE E 115 -45.35 -20.90 37.90
CA PHE E 115 -43.97 -20.50 38.11
C PHE E 115 -43.08 -20.84 36.93
N SER E 116 -43.66 -21.24 35.80
CA SER E 116 -42.86 -21.64 34.65
C SER E 116 -41.98 -20.50 34.17
N ASP E 117 -42.53 -19.29 34.10
CA ASP E 117 -41.74 -18.14 33.64
C ASP E 117 -40.66 -17.79 34.65
N VAL E 118 -41.00 -17.76 35.94
CA VAL E 118 -40.01 -17.43 36.96
C VAL E 118 -39.00 -18.56 37.10
N ALA E 119 -39.46 -19.81 37.07
CA ALA E 119 -38.53 -20.93 37.13
C ALA E 119 -37.55 -20.89 35.98
N GLU E 120 -38.02 -20.54 34.78
CA GLU E 120 -37.14 -20.37 33.64
C GLU E 120 -36.11 -19.28 33.89
N ALA E 121 -36.53 -18.18 34.53
CA ALA E 121 -35.61 -17.09 34.83
C ALA E 121 -34.57 -17.53 35.86
N TYR E 122 -35.01 -18.23 36.90
CA TYR E 122 -34.11 -18.62 37.99
C TYR E 122 -33.17 -19.75 37.59
N ILE E 123 -33.55 -20.56 36.59
CA ILE E 123 -32.68 -21.63 36.13
C ILE E 123 -31.69 -21.12 35.09
N GLU E 124 -31.89 -19.92 34.56
CA GLU E 124 -30.88 -19.21 33.79
C GLU E 124 -30.21 -18.11 34.60
N MET E 125 -30.89 -17.59 35.62
CA MET E 125 -30.26 -16.58 36.47
C MET E 125 -29.20 -17.19 37.36
N ARG E 126 -29.20 -18.52 37.52
CA ARG E 126 -28.19 -19.23 38.27
C ARG E 126 -27.21 -19.97 37.37
N ASN E 127 -27.35 -19.70 36.09
CA ASN E 127 -26.47 -20.31 35.14
C ASN E 127 -25.48 -19.25 34.81
N CYS E 128 -25.86 -17.99 34.87
CA CYS E 128 -24.89 -16.94 34.69
C CYS E 128 -23.92 -17.24 35.79
N LYS E 129 -22.67 -16.78 35.64
CA LYS E 129 -21.65 -16.96 36.68
C LYS E 129 -21.09 -18.39 36.79
N GLU E 130 -21.96 -19.38 36.98
CA GLU E 130 -21.51 -20.77 37.10
C GLU E 130 -22.49 -21.71 36.43
N PRO E 131 -22.00 -22.78 35.81
CA PRO E 131 -22.99 -23.71 35.24
C PRO E 131 -23.89 -24.27 36.32
N TYR E 132 -25.17 -24.38 36.00
CA TYR E 132 -26.16 -24.97 36.91
C TYR E 132 -27.15 -25.77 36.09
N MET E 133 -27.53 -26.94 36.62
CA MET E 133 -28.48 -27.80 35.93
C MET E 133 -29.42 -28.45 36.93
N PRO E 134 -30.74 -28.24 36.81
CA PRO E 134 -31.67 -28.91 37.72
C PRO E 134 -31.45 -30.40 37.77
N ARG E 135 -32.02 -31.08 38.77
CA ARG E 135 -31.88 -32.52 38.90
C ARG E 135 -32.98 -33.27 38.17
N TYR E 136 -33.88 -32.57 37.49
CA TYR E 136 -34.82 -33.20 36.59
C TYR E 136 -34.23 -33.34 35.20
N GLY E 137 -32.99 -32.87 35.04
CA GLY E 137 -32.27 -33.06 33.79
C GLY E 137 -31.05 -33.94 34.08
N LEU E 138 -30.40 -33.77 35.23
CA LEU E 138 -29.30 -34.64 35.59
C LEU E 138 -29.73 -36.07 35.84
N VAL E 139 -30.99 -36.32 36.18
CA VAL E 139 -31.49 -37.68 36.35
C VAL E 139 -32.07 -38.23 35.06
N ARG E 140 -32.54 -37.34 34.20
CA ARG E 140 -33.14 -37.73 32.93
C ARG E 140 -32.18 -37.60 31.76
N ASN E 141 -30.88 -37.70 32.03
CA ASN E 141 -29.89 -37.74 30.97
C ASN E 141 -30.00 -36.64 29.99
N LEU E 142 -29.69 -35.45 30.43
CA LEU E 142 -29.64 -34.30 29.56
C LEU E 142 -28.20 -33.83 29.66
N ARG E 143 -27.55 -33.61 28.53
CA ARG E 143 -26.14 -33.22 28.52
C ARG E 143 -25.85 -31.88 27.89
N ASP E 144 -26.89 -31.06 27.70
CA ASP E 144 -26.72 -29.77 27.08
C ASP E 144 -27.14 -28.63 27.98
N GLY E 145 -26.20 -27.78 28.36
CA GLY E 145 -26.49 -26.72 29.29
C GLY E 145 -27.40 -25.65 28.72
N SER E 146 -27.42 -25.50 27.40
CA SER E 146 -28.28 -24.50 26.79
C SER E 146 -29.76 -24.81 27.03
N LEU E 147 -30.10 -26.06 27.31
CA LEU E 147 -31.48 -26.46 27.58
C LEU E 147 -31.75 -26.60 29.08
N ALA E 148 -30.85 -26.09 29.92
CA ALA E 148 -31.09 -26.17 31.36
C ALA E 148 -32.29 -25.32 31.78
N ARG E 149 -32.57 -24.25 31.03
CA ARG E 149 -33.72 -23.41 31.35
C ARG E 149 -35.00 -24.22 31.43
N TYR E 150 -35.18 -25.14 30.49
CA TYR E 150 -36.42 -25.87 30.30
C TYR E 150 -36.46 -27.18 31.07
N ALA E 151 -35.53 -27.38 32.00
CA ALA E 151 -35.39 -28.66 32.71
C ALA E 151 -36.09 -28.59 34.07
N PHE E 152 -37.42 -28.61 34.02
CA PHE E 152 -38.21 -28.78 35.23
C PHE E 152 -39.58 -29.31 34.84
N ASP E 153 -40.21 -30.02 35.76
CA ASP E 153 -41.43 -30.76 35.44
C ASP E 153 -42.56 -29.83 35.04
N PHE E 154 -42.70 -28.70 35.73
CA PHE E 154 -43.87 -27.83 35.56
C PHE E 154 -43.66 -26.76 34.50
N TYR E 155 -42.81 -27.00 33.51
CA TYR E 155 -42.68 -26.07 32.41
C TYR E 155 -43.95 -26.07 31.57
N GLU E 156 -44.28 -24.90 31.02
CA GLU E 156 -45.46 -24.71 30.20
C GLU E 156 -45.03 -24.65 28.75
N VAL E 157 -45.34 -25.70 27.99
CA VAL E 157 -45.00 -25.75 26.56
C VAL E 157 -46.02 -24.89 25.82
N THR E 158 -45.55 -23.81 25.20
CA THR E 158 -46.40 -22.88 24.47
C THR E 158 -45.87 -22.75 23.04
N SER E 159 -46.53 -21.88 22.26
CA SER E 159 -46.11 -21.64 20.90
C SER E 159 -44.73 -20.97 20.83
N ARG E 160 -44.28 -20.34 21.92
CA ARG E 160 -43.00 -19.68 21.95
C ARG E 160 -41.86 -20.57 22.41
N THR E 161 -42.14 -21.81 22.77
CA THR E 161 -41.09 -22.73 23.20
C THR E 161 -40.19 -23.07 22.01
N PRO E 162 -38.87 -23.02 22.16
CA PRO E 162 -38.00 -23.46 21.06
C PRO E 162 -38.23 -24.93 20.74
N VAL E 163 -38.10 -25.25 19.45
CA VAL E 163 -38.29 -26.64 19.02
C VAL E 163 -37.32 -27.55 19.75
N ARG E 164 -36.10 -27.07 19.98
CA ARG E 164 -35.12 -27.88 20.66
C ARG E 164 -35.54 -28.07 22.09
N ALA E 165 -36.06 -27.03 22.72
CA ALA E 165 -36.58 -27.17 24.07
C ALA E 165 -37.77 -28.12 24.10
N ARG E 166 -38.67 -28.01 23.12
CA ARG E 166 -39.83 -28.89 23.07
C ARG E 166 -39.47 -30.34 22.78
N GLU E 167 -38.22 -30.61 22.40
CA GLU E 167 -37.75 -31.98 22.17
C GLU E 167 -37.00 -32.55 23.36
N ALA E 168 -36.31 -31.71 24.13
CA ALA E 168 -35.73 -32.18 25.39
C ALA E 168 -36.81 -32.72 26.31
N HIS E 169 -37.97 -32.04 26.37
CA HIS E 169 -39.03 -32.45 27.28
C HIS E 169 -39.55 -33.84 26.94
N ILE E 170 -39.79 -34.13 25.66
CA ILE E 170 -40.22 -35.47 25.29
C ILE E 170 -39.10 -36.48 25.51
N GLN E 171 -37.83 -36.05 25.42
CA GLN E 171 -36.73 -36.94 25.78
C GLN E 171 -36.68 -37.17 27.28
N MET E 172 -36.77 -36.10 28.07
CA MET E 172 -36.72 -36.24 29.52
C MET E 172 -37.96 -36.94 30.06
N LYS E 173 -39.11 -36.73 29.42
CA LYS E 173 -40.36 -37.34 29.84
C LYS E 173 -40.46 -38.81 29.45
N ALA E 174 -39.39 -39.38 28.89
CA ALA E 174 -39.39 -40.79 28.51
C ALA E 174 -37.96 -41.32 28.47
N LYS F 5 -44.49 -10.36 27.64
CA LYS F 5 -43.69 -10.22 28.85
C LYS F 5 -43.89 -11.41 29.78
N MET F 6 -42.98 -11.59 30.73
CA MET F 6 -43.14 -12.63 31.72
C MET F 6 -44.38 -12.38 32.56
N ARG F 7 -45.12 -13.44 32.86
CA ARG F 7 -46.31 -13.37 33.69
C ARG F 7 -45.94 -13.94 35.05
N MET F 8 -45.53 -13.06 35.96
CA MET F 8 -45.16 -13.49 37.29
C MET F 8 -46.39 -14.01 38.02
N PRO F 9 -46.24 -15.06 38.84
CA PRO F 9 -47.41 -15.60 39.56
C PRO F 9 -48.01 -14.54 40.48
N LYS F 10 -49.34 -14.52 40.53
CA LYS F 10 -50.06 -13.57 41.36
C LYS F 10 -51.31 -14.25 41.90
N SER F 11 -51.68 -13.91 43.13
CA SER F 11 -52.85 -14.48 43.77
C SER F 11 -54.06 -13.55 43.68
N LYS F 12 -53.92 -12.33 44.21
CA LYS F 12 -54.98 -11.32 44.15
C LYS F 12 -54.38 -9.97 43.80
N GLY F 13 -53.53 -9.96 42.77
CA GLY F 13 -52.82 -8.76 42.38
C GLY F 13 -51.53 -8.53 43.11
N ALA F 14 -50.99 -9.54 43.78
CA ALA F 14 -49.73 -9.43 44.49
C ALA F 14 -48.87 -10.62 44.12
N THR F 15 -47.63 -10.35 43.71
CA THR F 15 -46.71 -11.42 43.38
C THR F 15 -46.52 -12.34 44.59
N VAL F 16 -46.57 -13.65 44.34
CA VAL F 16 -46.46 -14.64 45.42
C VAL F 16 -45.00 -15.03 45.65
N LEU F 17 -44.08 -14.29 45.07
CA LEU F 17 -42.66 -14.55 45.22
C LEU F 17 -41.96 -13.26 45.63
N ASN F 18 -40.91 -13.41 46.44
CA ASN F 18 -40.06 -12.29 46.83
C ASN F 18 -38.85 -12.28 45.90
N LEU F 19 -38.76 -11.24 45.06
CA LEU F 19 -37.69 -11.17 44.08
C LEU F 19 -36.39 -10.65 44.66
N GLU F 20 -36.44 -9.89 45.76
CA GLU F 20 -35.21 -9.49 46.42
C GLU F 20 -34.48 -10.69 46.99
N HIS F 21 -35.23 -11.77 47.29
CA HIS F 21 -34.64 -12.94 47.88
C HIS F 21 -34.43 -14.03 46.90
N LEU F 22 -35.15 -14.11 45.86
CA LEU F 22 -34.93 -15.13 44.85
C LEU F 22 -33.61 -14.92 44.13
N LEU F 23 -33.27 -13.67 43.82
CA LEU F 23 -31.98 -13.39 43.19
C LEU F 23 -30.82 -13.81 44.07
N GLU F 24 -30.98 -13.73 45.39
CA GLU F 24 -29.93 -14.07 46.34
C GLU F 24 -30.22 -15.38 47.07
N TYR F 25 -30.94 -16.30 46.41
CA TYR F 25 -31.27 -17.60 46.97
C TYR F 25 -30.75 -18.65 46.01
N ALA F 26 -29.50 -19.03 46.20
CA ALA F 26 -28.86 -20.05 45.38
C ALA F 26 -28.49 -21.25 46.24
N PRO F 27 -29.46 -22.04 46.60
CA PRO F 27 -29.14 -23.22 47.34
C PRO F 27 -28.20 -24.24 46.67
N GLN F 28 -27.21 -24.80 47.36
CA GLN F 28 -26.43 -25.90 46.80
C GLN F 28 -27.39 -27.05 46.54
N GLN F 29 -27.20 -27.71 45.39
CA GLN F 29 -28.20 -28.67 44.96
C GLN F 29 -28.38 -29.77 46.00
N ILE F 30 -27.30 -30.14 46.69
CA ILE F 30 -27.37 -31.26 47.64
C ILE F 30 -28.24 -30.91 48.84
N ASP F 31 -28.25 -29.65 49.27
CA ASP F 31 -28.97 -29.31 50.49
C ASP F 31 -30.47 -29.49 50.36
N ILE F 32 -31.04 -29.17 49.18
CA ILE F 32 -32.46 -29.34 48.93
C ILE F 32 -32.76 -30.54 48.06
N SER F 33 -31.76 -31.32 47.68
CA SER F 33 -32.01 -32.51 46.89
C SER F 33 -32.74 -33.56 47.70
N ASN F 34 -33.33 -34.53 47.00
CA ASN F 34 -34.03 -35.63 47.63
C ASN F 34 -33.27 -36.95 47.52
N THR F 35 -32.11 -36.97 46.88
CA THR F 35 -31.23 -38.12 46.95
C THR F 35 -30.48 -38.19 48.28
N ARG F 36 -30.50 -37.11 49.06
CA ARG F 36 -29.90 -37.06 50.38
C ARG F 36 -30.98 -36.83 51.42
N ALA F 37 -30.88 -37.54 52.54
CA ALA F 37 -31.82 -37.33 53.63
C ALA F 37 -31.52 -36.01 54.34
N THR F 38 -32.56 -35.43 54.92
CA THR F 38 -32.40 -34.17 55.62
C THR F 38 -31.54 -34.35 56.85
N GLN F 39 -30.80 -33.29 57.20
CA GLN F 39 -29.95 -33.35 58.39
C GLN F 39 -30.75 -33.65 59.65
N SER F 40 -32.05 -33.33 59.65
CA SER F 40 -32.91 -33.74 60.75
C SER F 40 -33.24 -35.22 60.71
N GLN F 41 -33.10 -35.87 59.56
CA GLN F 41 -33.26 -37.31 59.46
C GLN F 41 -31.94 -38.04 59.68
N PHE F 42 -30.81 -37.40 59.39
CA PHE F 42 -29.52 -37.98 59.72
C PHE F 42 -29.28 -37.97 61.23
N ASP F 43 -29.56 -36.84 61.88
CA ASP F 43 -29.33 -36.73 63.31
C ASP F 43 -30.15 -37.76 64.08
N THR F 44 -31.39 -37.97 63.68
CA THR F 44 -32.21 -39.01 64.33
C THR F 44 -31.60 -40.38 64.12
N TRP F 45 -31.10 -40.66 62.91
CA TRP F 45 -30.50 -41.96 62.63
C TRP F 45 -29.23 -42.02 63.48
N TYR F 46 -28.28 -41.13 63.22
CA TYR F 46 -27.03 -41.14 63.96
C TYR F 46 -27.25 -41.41 65.44
N GLU F 47 -28.11 -40.64 66.09
CA GLU F 47 -28.33 -40.83 67.52
C GLU F 47 -28.90 -42.20 67.82
N ALA F 48 -29.76 -42.72 66.93
CA ALA F 48 -30.37 -44.02 67.16
C ALA F 48 -29.32 -45.13 67.21
N VAL F 49 -28.36 -45.11 66.30
CA VAL F 49 -27.32 -46.14 66.28
C VAL F 49 -26.44 -46.04 67.52
N GLN F 50 -26.20 -44.82 68.00
CA GLN F 50 -25.49 -44.66 69.28
C GLN F 50 -26.26 -45.30 70.42
N LEU F 51 -27.58 -45.24 70.39
CA LEU F 51 -28.38 -45.86 71.45
C LEU F 51 -28.39 -47.39 71.31
N ALA F 52 -28.55 -47.89 70.10
CA ALA F 52 -28.61 -49.34 69.90
C ALA F 52 -27.25 -49.99 70.16
N TYR F 53 -26.17 -49.37 69.69
CA TYR F 53 -24.84 -49.95 69.83
C TYR F 53 -24.22 -49.69 71.19
N ASP F 54 -24.79 -48.82 72.01
CA ASP F 54 -24.25 -48.43 73.30
C ASP F 54 -22.87 -47.80 73.18
N ILE F 55 -22.45 -47.43 71.96
CA ILE F 55 -21.19 -46.73 71.79
C ILE F 55 -21.36 -45.29 72.25
N GLY F 56 -20.33 -44.75 72.91
CA GLY F 56 -20.41 -43.41 73.46
C GLY F 56 -20.31 -42.36 72.37
N GLU F 57 -20.48 -41.10 72.80
CA GLU F 57 -20.32 -39.99 71.88
C GLU F 57 -18.91 -39.93 71.31
N THR F 58 -17.96 -40.58 71.94
CA THR F 58 -16.65 -40.85 71.36
C THR F 58 -16.62 -42.28 70.85
N GLU F 59 -15.76 -42.54 69.89
CA GLU F 59 -15.67 -43.85 69.29
C GLU F 59 -16.77 -44.09 68.27
N MET F 60 -17.78 -43.24 68.16
CA MET F 60 -18.77 -43.47 67.14
C MET F 60 -18.14 -43.07 65.86
N PRO F 61 -17.32 -42.05 65.85
CA PRO F 61 -16.76 -41.79 64.52
C PRO F 61 -16.09 -42.99 63.89
N THR F 62 -15.37 -43.78 64.65
CA THR F 62 -14.66 -44.96 64.15
C THR F 62 -15.63 -46.06 63.78
N VAL F 63 -16.80 -46.12 64.35
CA VAL F 63 -17.77 -47.09 63.90
C VAL F 63 -18.36 -46.61 62.60
N MET F 64 -18.57 -45.30 62.41
CA MET F 64 -19.05 -44.77 61.13
C MET F 64 -18.01 -44.93 60.02
N ASN F 65 -16.73 -45.03 60.37
CA ASN F 65 -15.71 -45.31 59.36
C ASN F 65 -15.83 -46.73 58.83
N GLY F 66 -16.10 -47.70 59.70
CA GLY F 66 -16.33 -49.05 59.23
C GLY F 66 -17.56 -49.16 58.36
N LEU F 67 -18.64 -48.50 58.76
CA LEU F 67 -19.87 -48.56 57.99
C LEU F 67 -19.69 -47.93 56.62
N MET F 68 -19.00 -46.80 56.55
CA MET F 68 -18.78 -46.13 55.27
C MET F 68 -18.00 -47.04 54.32
N VAL F 69 -16.88 -47.59 54.78
CA VAL F 69 -16.10 -48.49 53.94
C VAL F 69 -16.87 -49.77 53.69
N TRP F 70 -17.63 -50.24 54.70
CA TRP F 70 -18.46 -51.42 54.49
C TRP F 70 -19.54 -51.16 53.45
N CYS F 71 -20.15 -49.97 53.48
CA CYS F 71 -21.22 -49.65 52.54
C CYS F 71 -20.70 -49.32 51.14
N ILE F 72 -19.39 -49.15 50.97
CA ILE F 72 -18.82 -48.98 49.65
C ILE F 72 -18.61 -50.33 48.96
N GLU F 73 -18.13 -51.32 49.71
CA GLU F 73 -17.80 -52.63 49.17
C GLU F 73 -18.93 -53.63 49.25
N ASN F 74 -20.07 -53.28 49.85
CA ASN F 74 -21.15 -54.24 50.01
C ASN F 74 -22.46 -53.72 49.43
N GLY F 75 -22.75 -52.44 49.65
CA GLY F 75 -23.99 -51.86 49.20
C GLY F 75 -24.71 -51.16 50.33
N THR F 76 -25.76 -50.40 50.01
CA THR F 76 -26.56 -49.71 51.02
C THR F 76 -27.96 -50.28 51.11
N SER F 77 -28.18 -51.50 50.63
CA SER F 77 -29.44 -52.21 50.76
C SER F 77 -29.17 -53.63 51.25
N PRO F 78 -28.63 -53.76 52.47
CA PRO F 78 -28.34 -55.10 53.00
C PRO F 78 -29.55 -55.74 53.66
N ASN F 79 -29.36 -56.91 54.26
CA ASN F 79 -30.41 -57.58 55.01
C ASN F 79 -30.51 -56.96 56.39
N ILE F 80 -31.74 -56.64 56.82
CA ILE F 80 -31.96 -56.09 58.14
C ILE F 80 -31.54 -57.04 59.26
N ASN F 81 -31.37 -58.32 58.95
CA ASN F 81 -31.09 -59.35 59.95
C ASN F 81 -29.63 -59.80 59.93
N GLY F 82 -28.76 -59.11 59.19
CA GLY F 82 -27.38 -59.49 59.05
C GLY F 82 -26.49 -58.75 60.03
N VAL F 83 -25.20 -58.74 59.70
CA VAL F 83 -24.20 -58.06 60.53
C VAL F 83 -23.11 -57.54 59.61
N TRP F 84 -22.81 -56.25 59.73
CA TRP F 84 -21.72 -55.65 58.98
C TRP F 84 -20.46 -55.67 59.83
N VAL F 85 -19.32 -55.87 59.18
CA VAL F 85 -18.06 -56.11 59.86
C VAL F 85 -17.11 -54.96 59.58
N MET F 86 -16.32 -54.62 60.58
CA MET F 86 -15.21 -53.69 60.46
C MET F 86 -13.97 -54.32 61.06
N MET F 87 -12.82 -54.05 60.46
CA MET F 87 -11.57 -54.68 60.83
C MET F 87 -10.90 -53.90 61.95
N ASP F 88 -10.79 -54.51 63.12
CA ASP F 88 -10.09 -53.93 64.26
C ASP F 88 -8.66 -54.47 64.22
N GLY F 89 -7.82 -53.82 63.42
CA GLY F 89 -6.49 -54.35 63.18
C GLY F 89 -6.55 -55.54 62.24
N ASP F 90 -6.35 -56.74 62.78
CA ASP F 90 -6.45 -57.96 62.01
C ASP F 90 -7.70 -58.78 62.31
N GLU F 91 -8.41 -58.48 63.39
CA GLU F 91 -9.60 -59.25 63.77
C GLU F 91 -10.80 -58.74 62.99
N GLN F 92 -12.00 -59.21 63.36
CA GLN F 92 -13.22 -58.87 62.65
C GLN F 92 -14.29 -58.53 63.67
N VAL F 93 -14.75 -57.29 63.67
CA VAL F 93 -15.74 -56.80 64.62
C VAL F 93 -17.07 -56.70 63.90
N GLU F 94 -18.01 -57.56 64.29
CA GLU F 94 -19.32 -57.63 63.65
C GLU F 94 -20.33 -56.81 64.44
N TYR F 95 -21.10 -55.98 63.73
CA TYR F 95 -22.14 -55.19 64.33
C TYR F 95 -23.48 -55.52 63.71
N PRO F 96 -24.58 -55.42 64.46
CA PRO F 96 -25.89 -55.69 63.87
C PRO F 96 -26.34 -54.55 62.97
N LEU F 97 -27.07 -54.91 61.93
CA LEU F 97 -27.55 -53.95 60.94
C LEU F 97 -28.96 -53.42 61.24
N LYS F 98 -29.60 -53.92 62.30
CA LYS F 98 -30.96 -53.48 62.60
C LYS F 98 -31.05 -51.98 62.84
N PRO F 99 -30.27 -51.39 63.74
CA PRO F 99 -30.34 -49.93 63.90
C PRO F 99 -29.94 -49.17 62.66
N ILE F 100 -29.05 -49.72 61.84
CA ILE F 100 -28.61 -49.02 60.63
C ILE F 100 -29.78 -48.84 59.68
N VAL F 101 -30.56 -49.90 59.46
CA VAL F 101 -31.61 -49.92 58.45
C VAL F 101 -32.95 -49.53 59.03
N GLU F 102 -33.26 -49.98 60.25
CA GLU F 102 -34.56 -49.68 60.85
C GLU F 102 -34.76 -48.18 61.04
N ASN F 103 -33.68 -47.45 61.33
CA ASN F 103 -33.76 -46.02 61.62
C ASN F 103 -33.23 -45.17 60.48
N ALA F 104 -33.12 -45.74 59.27
CA ALA F 104 -32.66 -45.01 58.09
C ALA F 104 -33.87 -44.57 57.31
N LYS F 105 -34.27 -43.31 57.48
CA LYS F 105 -35.40 -42.74 56.78
C LYS F 105 -34.92 -41.71 55.78
N PRO F 106 -35.40 -41.74 54.53
CA PRO F 106 -36.35 -42.70 53.94
C PRO F 106 -35.69 -44.04 53.68
N THR F 107 -34.40 -44.03 53.33
CA THR F 107 -33.66 -45.25 53.07
C THR F 107 -32.21 -45.03 53.47
N LEU F 108 -31.49 -46.14 53.62
CA LEU F 108 -30.08 -46.06 54.01
C LEU F 108 -29.25 -45.37 52.94
N ARG F 109 -29.60 -45.55 51.66
CA ARG F 109 -28.84 -44.90 50.60
C ARG F 109 -28.87 -43.39 50.74
N GLN F 110 -30.06 -42.83 51.02
CA GLN F 110 -30.16 -41.39 51.22
C GLN F 110 -29.47 -40.96 52.51
N ILE F 111 -29.51 -41.80 53.54
CA ILE F 111 -28.78 -41.51 54.77
C ILE F 111 -27.27 -41.60 54.53
N MET F 112 -26.85 -42.56 53.71
CA MET F 112 -25.43 -42.73 53.42
C MET F 112 -24.93 -41.76 52.36
N ALA F 113 -25.82 -41.07 51.65
CA ALA F 113 -25.38 -40.09 50.67
C ALA F 113 -24.66 -38.91 51.32
N HIS F 114 -24.78 -38.75 52.64
CA HIS F 114 -24.03 -37.72 53.34
C HIS F 114 -22.53 -38.00 53.33
N PHE F 115 -22.13 -39.23 53.03
CA PHE F 115 -20.73 -39.63 53.00
C PHE F 115 -20.17 -39.65 51.58
N SER F 116 -20.93 -39.19 50.59
CA SER F 116 -20.50 -39.37 49.20
C SER F 116 -19.16 -38.70 48.94
N ASP F 117 -19.00 -37.45 49.37
CA ASP F 117 -17.76 -36.73 49.11
C ASP F 117 -16.58 -37.44 49.76
N VAL F 118 -16.74 -37.91 51.00
CA VAL F 118 -15.68 -38.65 51.66
C VAL F 118 -15.48 -40.00 50.99
N ALA F 119 -16.56 -40.63 50.53
CA ALA F 119 -16.47 -41.96 49.95
C ALA F 119 -15.53 -41.96 48.74
N GLU F 120 -15.72 -41.01 47.83
CA GLU F 120 -14.82 -40.94 46.67
C GLU F 120 -13.41 -40.59 47.10
N ALA F 121 -13.26 -39.74 48.11
CA ALA F 121 -11.94 -39.42 48.62
C ALA F 121 -11.25 -40.65 49.19
N TYR F 122 -12.01 -41.48 49.92
CA TYR F 122 -11.43 -42.69 50.50
C TYR F 122 -10.92 -43.63 49.41
N ILE F 123 -11.70 -43.79 48.34
CA ILE F 123 -11.31 -44.70 47.27
C ILE F 123 -10.02 -44.24 46.61
N GLU F 124 -9.90 -42.93 46.38
CA GLU F 124 -8.73 -42.41 45.68
C GLU F 124 -7.45 -42.73 46.44
N MET F 125 -7.43 -42.45 47.74
CA MET F 125 -6.24 -42.78 48.54
C MET F 125 -6.00 -44.27 48.56
N ARG F 126 -7.06 -45.07 48.68
CA ARG F 126 -6.94 -46.51 48.57
C ARG F 126 -6.41 -46.91 47.20
N ASN F 127 -6.84 -46.21 46.17
CA ASN F 127 -6.38 -46.46 44.82
C ASN F 127 -5.04 -45.84 44.58
N CYS F 128 -4.60 -44.99 45.48
CA CYS F 128 -3.29 -44.35 45.38
C CYS F 128 -2.17 -45.21 45.96
N LYS F 129 -2.50 -46.42 46.43
CA LYS F 129 -1.51 -47.40 46.86
C LYS F 129 -1.49 -48.62 45.96
N GLU F 130 -2.66 -49.21 45.71
CA GLU F 130 -2.82 -50.34 44.80
C GLU F 130 -4.23 -50.31 44.26
N PRO F 131 -4.50 -51.02 43.17
CA PRO F 131 -5.85 -50.98 42.59
C PRO F 131 -6.90 -51.36 43.61
N TYR F 132 -7.99 -50.58 43.63
CA TYR F 132 -9.13 -50.83 44.52
C TYR F 132 -10.38 -50.37 43.76
N MET F 133 -11.05 -51.34 43.13
CA MET F 133 -12.35 -51.09 42.57
C MET F 133 -13.40 -51.61 43.54
N PRO F 134 -14.25 -50.76 44.12
CA PRO F 134 -15.24 -51.26 45.08
C PRO F 134 -16.09 -52.35 44.46
N ARG F 135 -16.42 -53.34 45.29
CA ARG F 135 -17.19 -54.49 44.83
C ARG F 135 -18.43 -54.08 44.05
N TYR F 136 -18.98 -52.89 44.31
CA TYR F 136 -20.15 -52.47 43.58
C TYR F 136 -19.87 -52.31 42.10
N GLY F 137 -18.60 -52.18 41.72
CA GLY F 137 -18.21 -52.09 40.32
C GLY F 137 -17.64 -53.39 39.77
N LEU F 138 -17.14 -54.25 40.66
CA LEU F 138 -16.64 -55.55 40.21
C LEU F 138 -17.78 -56.49 39.83
N VAL F 139 -18.90 -56.42 40.56
CA VAL F 139 -20.06 -57.27 40.27
C VAL F 139 -20.95 -56.59 39.24
N ARG F 140 -20.46 -55.49 38.65
CA ARG F 140 -21.20 -54.80 37.60
C ARG F 140 -20.31 -54.45 36.41
N ASN F 141 -19.22 -55.17 36.23
CA ASN F 141 -18.37 -55.00 35.05
C ASN F 141 -17.90 -53.60 34.83
N LEU F 142 -17.59 -52.89 35.89
CA LEU F 142 -16.99 -51.57 35.77
C LEU F 142 -15.49 -51.80 35.56
N ARG F 143 -15.01 -51.54 34.36
CA ARG F 143 -13.67 -51.94 33.96
C ARG F 143 -12.67 -50.81 33.98
N ASP F 144 -13.06 -49.60 33.56
CA ASP F 144 -12.17 -48.46 33.68
C ASP F 144 -11.85 -48.20 35.14
N GLY F 145 -10.58 -47.95 35.43
CA GLY F 145 -10.15 -47.81 36.80
C GLY F 145 -10.22 -46.38 37.33
N SER F 146 -10.06 -45.41 36.43
CA SER F 146 -10.17 -44.01 36.86
C SER F 146 -11.54 -43.72 37.44
N LEU F 147 -12.60 -44.25 36.82
CA LEU F 147 -13.94 -44.09 37.36
C LEU F 147 -14.20 -45.18 38.39
N ALA F 148 -13.33 -45.25 39.41
CA ALA F 148 -13.52 -46.14 40.54
C ALA F 148 -13.90 -45.39 41.81
N ARG F 149 -13.83 -44.06 41.79
CA ARG F 149 -14.29 -43.21 42.88
C ARG F 149 -15.78 -42.96 42.83
N TYR F 150 -16.47 -43.49 41.82
CA TYR F 150 -17.91 -43.33 41.67
C TYR F 150 -18.62 -44.68 41.69
N ALA F 151 -17.91 -45.74 42.04
CA ALA F 151 -18.45 -47.10 42.05
C ALA F 151 -18.99 -47.48 43.42
N PHE F 152 -19.89 -46.67 43.98
CA PHE F 152 -20.51 -46.97 45.26
C PHE F 152 -21.97 -46.54 45.25
N ASP F 153 -22.82 -47.32 45.92
CA ASP F 153 -24.25 -47.22 45.72
C ASP F 153 -24.79 -45.86 46.14
N PHE F 154 -24.18 -45.24 47.12
CA PHE F 154 -24.69 -44.01 47.69
C PHE F 154 -24.08 -42.76 47.15
N TYR F 155 -23.76 -42.74 45.89
CA TYR F 155 -23.13 -41.61 45.26
C TYR F 155 -24.17 -40.67 44.76
N GLU F 156 -23.92 -39.39 44.91
CA GLU F 156 -24.89 -38.36 44.54
C GLU F 156 -24.41 -37.70 43.24
N VAL F 157 -25.13 -37.94 42.16
CA VAL F 157 -24.84 -37.29 40.90
C VAL F 157 -25.28 -35.83 41.01
N THR F 158 -24.33 -34.92 40.96
CA THR F 158 -24.57 -33.50 41.09
C THR F 158 -24.15 -32.81 39.81
N SER F 159 -24.20 -31.48 39.82
CA SER F 159 -23.78 -30.71 38.66
C SER F 159 -22.29 -30.76 38.43
N ARG F 160 -21.51 -31.14 39.45
CA ARG F 160 -20.06 -31.22 39.37
C ARG F 160 -19.57 -32.61 38.97
N THR F 161 -20.46 -33.58 38.82
CA THR F 161 -20.03 -34.93 38.53
C THR F 161 -19.55 -35.04 37.08
N PRO F 162 -18.43 -35.71 36.83
CA PRO F 162 -18.03 -35.94 35.44
C PRO F 162 -19.13 -36.66 34.67
N VAL F 163 -19.29 -36.27 33.40
CA VAL F 163 -20.37 -36.85 32.60
C VAL F 163 -20.14 -38.34 32.39
N ARG F 164 -18.90 -38.74 32.32
CA ARG F 164 -18.64 -40.16 32.19
C ARG F 164 -19.22 -40.85 33.40
N ALA F 165 -18.75 -40.46 34.57
CA ALA F 165 -19.25 -41.06 35.79
C ALA F 165 -20.75 -41.20 35.76
N ARG F 166 -21.43 -40.14 35.29
CA ARG F 166 -22.89 -40.19 35.18
C ARG F 166 -23.33 -41.31 34.25
N GLU F 167 -22.69 -41.44 33.09
CA GLU F 167 -23.04 -42.52 32.17
C GLU F 167 -22.71 -43.87 32.79
N ALA F 168 -21.60 -43.97 33.52
CA ALA F 168 -21.24 -45.23 34.14
C ALA F 168 -22.31 -45.67 35.13
N HIS F 169 -22.80 -44.76 35.96
CA HIS F 169 -23.85 -45.11 36.91
C HIS F 169 -25.09 -45.63 36.17
N ILE F 170 -25.39 -45.04 35.02
CA ILE F 170 -26.48 -45.59 34.20
C ILE F 170 -26.15 -47.02 33.78
N GLN F 171 -24.87 -47.37 33.72
CA GLN F 171 -24.48 -48.73 33.34
C GLN F 171 -24.55 -49.67 34.52
N MET F 172 -24.00 -49.27 35.68
CA MET F 172 -24.09 -50.13 36.85
C MET F 172 -25.53 -50.36 37.24
N LYS F 173 -26.35 -49.31 37.24
CA LYS F 173 -27.78 -49.47 37.49
C LYS F 173 -28.38 -50.31 36.37
N ALA F 174 -28.80 -51.52 36.70
CA ALA F 174 -29.32 -52.45 35.70
C ALA F 174 -28.28 -52.72 34.63
N ARG G 7 13.59 -48.09 52.32
CA ARG G 7 14.27 -48.88 53.34
C ARG G 7 15.55 -48.19 53.77
N MET G 8 15.49 -47.44 54.87
CA MET G 8 16.65 -46.71 55.33
C MET G 8 17.65 -47.66 55.98
N PRO G 9 18.95 -47.46 55.77
CA PRO G 9 19.94 -48.31 56.45
C PRO G 9 19.82 -48.17 57.96
N LYS G 10 20.16 -49.25 58.66
CA LYS G 10 20.05 -49.24 60.09
C LYS G 10 20.89 -50.24 60.75
N SER G 11 21.34 -49.91 61.94
CA SER G 11 22.08 -50.84 62.72
C SER G 11 21.53 -50.72 64.13
N LYS G 12 20.87 -51.77 64.63
CA LYS G 12 20.33 -51.77 65.99
C LYS G 12 19.14 -50.86 66.19
N GLY G 13 18.28 -50.78 65.22
CA GLY G 13 17.08 -49.99 65.39
C GLY G 13 17.35 -48.53 65.49
N ALA G 14 18.11 -48.02 64.57
CA ALA G 14 18.38 -46.61 64.51
C ALA G 14 18.96 -46.46 63.14
N THR G 15 18.60 -45.43 62.42
CA THR G 15 19.21 -45.22 61.13
C THR G 15 20.65 -44.89 61.35
N VAL G 16 21.48 -45.11 60.33
CA VAL G 16 22.88 -44.75 60.40
C VAL G 16 23.04 -43.59 59.43
N LEU G 17 22.03 -42.75 59.33
CA LEU G 17 22.06 -41.56 58.49
C LEU G 17 21.22 -40.48 59.17
N ASN G 18 21.47 -39.23 58.79
CA ASN G 18 20.67 -38.09 59.25
C ASN G 18 20.06 -37.46 58.02
N LEU G 19 18.75 -37.63 57.85
CA LEU G 19 18.06 -37.07 56.71
C LEU G 19 17.78 -35.58 56.86
N GLU G 20 18.00 -35.06 58.03
CA GLU G 20 17.87 -33.64 58.20
C GLU G 20 19.05 -33.06 57.52
N HIS G 21 20.23 -33.48 57.94
CA HIS G 21 21.46 -32.97 57.34
C HIS G 21 21.44 -33.22 55.87
N LEU G 22 21.25 -34.45 55.48
CA LEU G 22 21.30 -34.78 54.08
C LEU G 22 20.45 -33.91 53.19
N LEU G 23 19.29 -33.52 53.62
CA LEU G 23 18.45 -32.78 52.77
C LEU G 23 19.22 -31.58 52.30
N GLU G 24 20.05 -31.01 53.18
CA GLU G 24 20.79 -29.79 52.86
C GLU G 24 22.29 -30.01 52.70
N TYR G 25 22.71 -31.25 52.48
CA TYR G 25 24.12 -31.55 52.22
C TYR G 25 24.21 -31.71 50.77
N ALA G 26 24.81 -30.74 50.11
CA ALA G 26 24.92 -30.75 48.69
C ALA G 26 26.27 -30.26 48.31
N PRO G 27 27.25 -31.14 48.27
CA PRO G 27 28.61 -30.78 47.86
C PRO G 27 28.75 -30.71 46.36
N GLN G 28 29.51 -29.77 45.87
CA GLN G 28 29.71 -29.69 44.46
C GLN G 28 30.50 -30.88 44.06
N GLN G 29 30.31 -31.28 42.84
CA GLN G 29 30.94 -32.52 42.39
C GLN G 29 32.46 -32.40 42.33
N ILE G 30 32.98 -31.19 42.06
CA ILE G 30 34.42 -31.01 41.94
C ILE G 30 35.12 -30.83 43.28
N ASP G 31 34.38 -30.91 44.38
CA ASP G 31 34.97 -30.91 45.71
C ASP G 31 34.95 -32.28 46.37
N ILE G 32 34.08 -33.18 45.92
CA ILE G 32 34.00 -34.54 46.44
C ILE G 32 34.68 -35.49 45.47
N SER G 33 34.69 -35.13 44.19
CA SER G 33 35.22 -36.03 43.17
C SER G 33 36.72 -36.24 43.36
N ASN G 34 37.18 -37.42 42.96
CA ASN G 34 38.59 -37.78 43.02
C ASN G 34 39.34 -37.44 41.74
N THR G 35 38.65 -36.90 40.74
CA THR G 35 39.30 -36.42 39.51
C THR G 35 40.10 -35.18 39.74
N ARG G 36 40.17 -34.72 40.98
CA ARG G 36 40.83 -33.48 41.34
C ARG G 36 41.40 -33.61 42.73
N ALA G 37 42.64 -33.15 42.90
CA ALA G 37 43.32 -33.31 44.18
C ALA G 37 42.66 -32.46 45.26
N THR G 38 42.83 -32.90 46.50
CA THR G 38 42.25 -32.20 47.63
C THR G 38 43.00 -30.90 47.88
N GLN G 39 42.36 -30.00 48.61
CA GLN G 39 42.98 -28.71 48.92
C GLN G 39 44.26 -28.89 49.71
N SER G 40 44.25 -29.80 50.69
CA SER G 40 45.47 -30.06 51.45
C SER G 40 46.58 -30.58 50.54
N GLN G 41 46.22 -31.32 49.50
CA GLN G 41 47.22 -31.77 48.54
C GLN G 41 47.67 -30.64 47.63
N PHE G 42 46.74 -29.78 47.21
CA PHE G 42 47.10 -28.63 46.38
C PHE G 42 48.03 -27.69 47.14
N ASP G 43 47.73 -27.42 48.41
CA ASP G 43 48.57 -26.54 49.20
C ASP G 43 49.97 -27.13 49.37
N THR G 44 50.06 -28.43 49.61
CA THR G 44 51.36 -29.07 49.74
C THR G 44 52.17 -28.94 48.44
N TRP G 45 51.52 -29.19 47.30
CA TRP G 45 52.20 -29.06 46.02
C TRP G 45 52.62 -27.60 45.78
N TYR G 46 51.70 -26.67 46.01
CA TYR G 46 51.99 -25.27 45.77
C TYR G 46 53.12 -24.78 46.66
N GLU G 47 53.10 -25.14 47.94
CA GLU G 47 54.12 -24.70 48.87
C GLU G 47 55.44 -25.44 48.68
N ALA G 48 55.45 -26.54 47.94
CA ALA G 48 56.69 -27.23 47.61
C ALA G 48 57.31 -26.71 46.32
N VAL G 49 56.48 -26.42 45.32
CA VAL G 49 56.98 -25.81 44.09
C VAL G 49 57.49 -24.40 44.37
N GLN G 50 56.83 -23.69 45.29
CA GLN G 50 57.28 -22.35 45.65
C GLN G 50 58.68 -22.39 46.27
N LEU G 51 58.93 -23.36 47.14
CA LEU G 51 60.23 -23.46 47.78
C LEU G 51 61.29 -24.00 46.82
N ALA G 52 60.92 -24.96 45.98
CA ALA G 52 61.86 -25.56 45.04
C ALA G 52 62.24 -24.63 43.90
N TYR G 53 61.52 -23.52 43.72
CA TYR G 53 61.80 -22.57 42.65
C TYR G 53 62.46 -21.30 43.14
N ASP G 54 62.69 -21.15 44.44
CA ASP G 54 63.30 -19.96 45.01
C ASP G 54 62.53 -18.71 44.60
N ILE G 55 61.20 -18.79 44.75
CA ILE G 55 60.30 -17.71 44.37
C ILE G 55 59.33 -17.47 45.52
N GLY G 56 59.00 -16.20 45.75
CA GLY G 56 58.03 -15.84 46.78
C GLY G 56 56.64 -15.68 46.22
N GLU G 57 55.73 -15.25 47.09
CA GLU G 57 54.36 -15.00 46.68
C GLU G 57 54.24 -13.84 45.70
N THR G 58 55.28 -13.00 45.60
CA THR G 58 55.21 -11.84 44.73
C THR G 58 55.06 -12.24 43.27
N GLU G 59 55.83 -13.24 42.84
CA GLU G 59 55.84 -13.65 41.44
C GLU G 59 55.51 -15.12 41.22
N MET G 60 55.22 -15.89 42.27
CA MET G 60 54.79 -17.27 42.07
C MET G 60 53.50 -17.33 41.25
N PRO G 61 52.48 -16.51 41.49
CA PRO G 61 51.30 -16.53 40.63
C PRO G 61 51.64 -16.35 39.15
N THR G 62 52.61 -15.48 38.84
CA THR G 62 53.01 -15.29 37.45
C THR G 62 53.57 -16.57 36.86
N VAL G 63 54.38 -17.30 37.63
CA VAL G 63 54.92 -18.57 37.15
C VAL G 63 53.78 -19.56 36.89
N MET G 64 52.77 -19.55 37.76
CA MET G 64 51.64 -20.46 37.58
C MET G 64 50.83 -20.14 36.32
N ASN G 65 50.85 -18.88 35.87
CA ASN G 65 50.19 -18.55 34.62
C ASN G 65 50.86 -19.28 33.45
N GLY G 66 52.19 -19.29 33.43
CA GLY G 66 52.89 -20.00 32.38
C GLY G 66 52.70 -21.50 32.46
N LEU G 67 52.76 -22.06 33.67
CA LEU G 67 52.61 -23.50 33.81
C LEU G 67 51.24 -23.97 33.37
N MET G 68 50.20 -23.25 33.70
CA MET G 68 48.92 -23.67 33.26
C MET G 68 48.92 -23.64 31.75
N VAL G 69 49.43 -22.59 31.12
CA VAL G 69 49.40 -22.45 29.67
C VAL G 69 50.30 -23.44 28.98
N TRP G 70 51.21 -24.02 29.70
CA TRP G 70 52.08 -25.04 29.18
C TRP G 70 51.31 -26.31 29.24
N CYS G 71 50.70 -26.60 30.36
CA CYS G 71 50.00 -27.86 30.50
C CYS G 71 48.70 -27.91 29.71
N ILE G 72 48.32 -26.83 29.04
CA ILE G 72 47.19 -26.83 28.13
C ILE G 72 47.68 -27.22 26.75
N GLU G 73 48.93 -26.87 26.46
CA GLU G 73 49.52 -27.10 25.14
C GLU G 73 50.39 -28.34 25.09
N ASN G 74 50.74 -28.91 26.23
CA ASN G 74 51.63 -30.08 26.25
C ASN G 74 50.96 -31.29 26.88
N GLY G 75 50.34 -31.10 28.04
CA GLY G 75 49.68 -32.17 28.76
C GLY G 75 50.14 -32.24 30.19
N THR G 76 49.52 -33.16 30.93
CA THR G 76 49.81 -33.36 32.35
C THR G 76 50.54 -34.66 32.62
N SER G 77 51.19 -35.23 31.60
CA SER G 77 52.03 -36.42 31.75
C SER G 77 53.37 -36.15 31.09
N PRO G 78 54.16 -35.23 31.62
CA PRO G 78 55.43 -34.88 30.98
C PRO G 78 56.60 -35.74 31.44
N ASN G 79 57.79 -35.43 30.95
CA ASN G 79 59.01 -36.12 31.34
C ASN G 79 59.54 -35.46 32.61
N ILE G 80 59.57 -36.23 33.71
CA ILE G 80 59.99 -35.65 34.99
C ILE G 80 61.38 -35.05 34.89
N ASN G 81 62.28 -35.74 34.19
CA ASN G 81 63.64 -35.22 33.96
C ASN G 81 63.62 -34.37 32.69
N GLY G 82 62.95 -33.23 32.79
CA GLY G 82 62.80 -32.30 31.69
C GLY G 82 62.61 -30.90 32.20
N VAL G 83 62.03 -30.04 31.36
CA VAL G 83 61.86 -28.63 31.68
C VAL G 83 60.61 -28.11 30.97
N TRP G 84 59.89 -27.23 31.65
CA TRP G 84 58.71 -26.57 31.08
C TRP G 84 59.05 -25.11 30.81
N VAL G 85 58.56 -24.61 29.68
CA VAL G 85 59.01 -23.36 29.10
C VAL G 85 58.00 -22.25 29.39
N MET G 86 58.51 -21.07 29.69
CA MET G 86 57.71 -19.86 29.84
C MET G 86 58.34 -18.76 29.01
N MET G 87 57.50 -17.87 28.47
CA MET G 87 57.95 -16.82 27.58
C MET G 87 57.85 -15.47 28.28
N ASP G 88 58.99 -14.86 28.54
CA ASP G 88 59.05 -13.52 29.14
C ASP G 88 59.14 -12.48 28.03
N GLY G 89 58.11 -12.47 27.19
CA GLY G 89 58.12 -11.61 26.02
C GLY G 89 58.56 -12.39 24.80
N ASP G 90 59.70 -12.01 24.23
CA ASP G 90 60.33 -12.79 23.18
C ASP G 90 61.36 -13.77 23.73
N GLU G 91 61.76 -13.62 24.99
CA GLU G 91 62.75 -14.49 25.60
C GLU G 91 62.08 -15.75 26.12
N GLN G 92 62.91 -16.78 26.35
CA GLN G 92 62.49 -18.05 26.89
C GLN G 92 62.92 -18.18 28.34
N VAL G 93 62.02 -18.70 29.17
CA VAL G 93 62.30 -18.95 30.58
C VAL G 93 62.08 -20.43 30.84
N GLU G 94 63.12 -21.11 31.31
CA GLU G 94 63.11 -22.55 31.50
C GLU G 94 63.06 -22.87 32.99
N TYR G 95 62.14 -23.77 33.37
CA TYR G 95 62.02 -24.21 34.74
C TYR G 95 62.05 -25.73 34.81
N PRO G 96 62.56 -26.29 35.90
CA PRO G 96 62.56 -27.76 36.04
C PRO G 96 61.16 -28.32 36.26
N LEU G 97 60.99 -29.61 35.96
CA LEU G 97 59.72 -30.27 36.21
C LEU G 97 59.86 -31.27 37.33
N LYS G 98 60.91 -31.19 38.11
CA LYS G 98 61.03 -32.10 39.24
C LYS G 98 60.03 -31.72 40.33
N PRO G 99 60.06 -30.50 40.86
CA PRO G 99 59.04 -30.14 41.86
C PRO G 99 57.61 -30.24 41.34
N ILE G 100 57.39 -29.95 40.06
CA ILE G 100 56.03 -29.99 39.52
C ILE G 100 55.45 -31.39 39.63
N VAL G 101 56.22 -32.39 39.20
CA VAL G 101 55.71 -33.76 39.15
C VAL G 101 55.96 -34.50 40.45
N GLU G 102 57.11 -34.27 41.09
CA GLU G 102 57.45 -35.01 42.30
C GLU G 102 56.45 -34.75 43.42
N ASN G 103 56.06 -33.49 43.61
CA ASN G 103 55.22 -33.11 44.73
C ASN G 103 53.74 -33.06 44.37
N ALA G 104 53.36 -33.43 43.15
CA ALA G 104 51.97 -33.37 42.72
C ALA G 104 51.32 -34.72 43.02
N LYS G 105 50.72 -34.81 44.21
CA LYS G 105 50.02 -36.03 44.61
C LYS G 105 48.52 -35.87 44.41
N PRO G 106 47.82 -36.90 43.92
CA PRO G 106 48.31 -38.22 43.49
C PRO G 106 48.94 -38.14 42.11
N THR G 107 48.37 -37.34 41.22
CA THR G 107 48.89 -37.14 39.87
C THR G 107 48.81 -35.66 39.54
N LEU G 108 49.71 -35.22 38.65
CA LEU G 108 49.75 -33.81 38.29
C LEU G 108 48.43 -33.36 37.67
N ARG G 109 47.71 -34.27 37.02
CA ARG G 109 46.41 -33.91 36.45
C ARG G 109 45.43 -33.55 37.54
N GLN G 110 45.38 -34.34 38.61
CA GLN G 110 44.53 -34.01 39.75
C GLN G 110 44.97 -32.69 40.37
N ILE G 111 46.28 -32.44 40.44
CA ILE G 111 46.77 -31.16 40.94
C ILE G 111 46.53 -30.02 39.96
N MET G 112 46.45 -30.32 38.66
CA MET G 112 46.15 -29.31 37.66
C MET G 112 44.66 -29.21 37.34
N ALA G 113 43.84 -30.11 37.88
CA ALA G 113 42.41 -30.01 37.68
C ALA G 113 41.83 -28.76 38.32
N HIS G 114 42.54 -28.18 39.30
CA HIS G 114 42.09 -26.93 39.91
C HIS G 114 42.11 -25.77 38.94
N PHE G 115 42.79 -25.90 37.80
CA PHE G 115 42.85 -24.87 36.78
C PHE G 115 41.87 -25.12 35.64
N SER G 116 40.97 -26.09 35.81
CA SER G 116 40.04 -26.43 34.72
C SER G 116 39.17 -25.23 34.34
N ASP G 117 38.66 -24.51 35.34
CA ASP G 117 37.83 -23.34 35.06
C ASP G 117 38.64 -22.22 34.41
N VAL G 118 39.83 -21.94 34.95
CA VAL G 118 40.66 -20.89 34.38
C VAL G 118 41.21 -21.30 33.02
N ALA G 119 41.64 -22.55 32.89
CA ALA G 119 42.10 -23.04 31.60
C ALA G 119 41.01 -22.93 30.55
N GLU G 120 39.77 -23.24 30.93
CA GLU G 120 38.66 -23.06 30.01
C GLU G 120 38.49 -21.61 29.61
N ALA G 121 38.68 -20.69 30.56
CA ALA G 121 38.57 -19.26 30.25
C ALA G 121 39.68 -18.82 29.32
N TYR G 122 40.92 -19.25 29.59
CA TYR G 122 42.06 -18.81 28.82
C TYR G 122 42.10 -19.45 27.43
N ILE G 123 41.48 -20.62 27.25
CA ILE G 123 41.44 -21.24 25.94
C ILE G 123 40.30 -20.71 25.09
N GLU G 124 39.35 -19.98 25.71
CA GLU G 124 38.39 -19.18 24.97
C GLU G 124 38.74 -17.70 24.99
N MET G 125 39.49 -17.25 25.99
CA MET G 125 39.91 -15.85 26.01
C MET G 125 40.97 -15.58 24.96
N ARG G 126 41.60 -16.63 24.42
CA ARG G 126 42.57 -16.51 23.34
C ARG G 126 41.99 -16.96 22.00
N ASN G 127 40.70 -17.21 22.02
CA ASN G 127 40.04 -17.62 20.83
C ASN G 127 39.36 -16.39 20.34
N CYS G 128 38.95 -15.51 21.23
CA CYS G 128 38.41 -14.25 20.78
C CYS G 128 39.54 -13.70 19.98
N LYS G 129 39.23 -12.80 19.05
CA LYS G 129 40.27 -12.14 18.24
C LYS G 129 40.89 -13.02 17.15
N GLU G 130 41.44 -14.17 17.53
CA GLU G 130 42.05 -15.08 16.55
C GLU G 130 41.77 -16.53 16.92
N PRO G 131 41.59 -17.39 15.91
CA PRO G 131 41.39 -18.80 16.29
C PRO G 131 42.61 -19.32 17.04
N TYR G 132 42.35 -20.11 18.07
CA TYR G 132 43.39 -20.75 18.85
C TYR G 132 42.93 -22.14 19.24
N MET G 133 43.84 -23.11 19.18
CA MET G 133 43.51 -24.48 19.54
C MET G 133 44.68 -25.12 20.27
N PRO G 134 44.49 -25.60 21.50
CA PRO G 134 45.58 -26.29 22.21
C PRO G 134 46.18 -27.40 21.37
N ARG G 135 47.36 -27.90 21.76
CA ARG G 135 47.99 -28.98 21.04
C ARG G 135 47.59 -30.36 21.57
N TYR G 136 46.70 -30.40 22.56
CA TYR G 136 46.09 -31.65 22.97
C TYR G 136 44.85 -31.94 22.14
N GLY G 137 44.53 -31.04 21.22
CA GLY G 137 43.44 -31.26 20.28
C GLY G 137 44.03 -31.34 18.88
N LEU G 138 45.04 -30.53 18.56
CA LEU G 138 45.70 -30.62 17.27
C LEU G 138 46.46 -31.92 17.10
N VAL G 139 46.86 -32.59 18.16
CA VAL G 139 47.52 -33.90 18.05
C VAL G 139 46.51 -35.04 18.11
N ARG G 140 45.38 -34.80 18.77
CA ARG G 140 44.34 -35.81 18.92
C ARG G 140 43.21 -35.63 17.91
N ASN G 141 43.50 -35.04 16.78
CA ASN G 141 42.53 -34.95 15.70
C ASN G 141 41.22 -34.40 16.10
N LEU G 142 41.19 -33.14 16.41
CA LEU G 142 39.96 -32.45 16.70
C LEU G 142 39.89 -31.37 15.65
N ARG G 143 38.76 -31.25 14.97
CA ARG G 143 38.60 -30.28 13.87
C ARG G 143 37.51 -29.24 14.08
N ASP G 144 37.06 -29.11 15.33
CA ASP G 144 35.99 -28.16 15.64
C ASP G 144 36.43 -27.13 16.64
N GLY G 145 36.46 -25.86 16.23
CA GLY G 145 36.95 -24.81 17.11
C GLY G 145 36.03 -24.53 18.27
N SER G 146 34.74 -24.84 18.13
CA SER G 146 33.80 -24.62 19.22
C SER G 146 34.14 -25.46 20.44
N LEU G 147 34.85 -26.57 20.25
CA LEU G 147 35.25 -27.45 21.35
C LEU G 147 36.69 -27.21 21.79
N ALA G 148 37.29 -26.10 21.35
CA ALA G 148 38.66 -25.81 21.77
C ALA G 148 38.73 -25.53 23.27
N ARG G 149 37.65 -25.01 23.86
CA ARG G 149 37.64 -24.74 25.29
C ARG G 149 38.00 -25.98 26.10
N TYR G 150 37.46 -27.13 25.69
CA TYR G 150 37.56 -28.36 26.46
C TYR G 150 38.76 -29.22 26.06
N ALA G 151 39.70 -28.65 25.30
CA ALA G 151 40.81 -29.42 24.76
C ALA G 151 42.05 -29.24 25.64
N PHE G 152 42.01 -29.88 26.80
CA PHE G 152 43.20 -30.00 27.64
C PHE G 152 43.02 -31.19 28.56
N ASP G 153 44.15 -31.77 28.97
CA ASP G 153 44.12 -33.05 29.68
C ASP G 153 43.40 -32.93 31.02
N PHE G 154 43.62 -31.84 31.75
CA PHE G 154 43.15 -31.71 33.12
C PHE G 154 41.77 -31.07 33.22
N TYR G 155 40.94 -31.20 32.19
CA TYR G 155 39.57 -30.73 32.29
C TYR G 155 38.78 -31.58 33.27
N GLU G 156 37.86 -30.94 33.97
CA GLU G 156 37.02 -31.60 34.97
C GLU G 156 35.63 -31.82 34.36
N VAL G 157 35.31 -33.08 34.05
CA VAL G 157 34.01 -33.42 33.48
C VAL G 157 33.00 -33.42 34.63
N THR G 158 32.04 -32.51 34.57
CA THR G 158 31.01 -32.36 35.59
C THR G 158 29.64 -32.49 34.94
N SER G 159 28.59 -32.32 35.77
CA SER G 159 27.23 -32.36 35.26
C SER G 159 26.93 -31.20 34.31
N ARG G 160 27.72 -30.13 34.37
CA ARG G 160 27.50 -28.97 33.52
C ARG G 160 28.26 -29.04 32.21
N THR G 161 29.06 -30.08 31.99
CA THR G 161 29.78 -30.21 30.74
C THR G 161 28.80 -30.47 29.59
N PRO G 162 28.92 -29.77 28.46
CA PRO G 162 28.07 -30.09 27.32
C PRO G 162 28.30 -31.51 26.84
N VAL G 163 27.22 -32.14 26.37
CA VAL G 163 27.33 -33.50 25.87
C VAL G 163 28.35 -33.57 24.73
N ARG G 164 28.39 -32.55 23.91
CA ARG G 164 29.32 -32.54 22.81
C ARG G 164 30.72 -32.43 23.33
N ALA G 165 30.92 -31.61 24.34
CA ALA G 165 32.23 -31.53 24.98
C ALA G 165 32.60 -32.85 25.64
N ARG G 166 31.66 -33.49 26.31
CA ARG G 166 31.92 -34.77 26.96
C ARG G 166 32.17 -35.89 25.97
N GLU G 167 31.93 -35.66 24.68
CA GLU G 167 32.21 -36.65 23.63
C GLU G 167 33.54 -36.40 22.94
N ALA G 168 33.95 -35.13 22.81
CA ALA G 168 35.28 -34.85 22.31
C ALA G 168 36.35 -35.49 23.19
N HIS G 169 36.15 -35.45 24.52
CA HIS G 169 37.15 -35.98 25.44
C HIS G 169 37.34 -37.48 25.25
N ILE G 170 36.25 -38.24 25.12
CA ILE G 170 36.39 -39.67 24.87
C ILE G 170 36.96 -39.92 23.48
N GLN G 171 36.73 -39.01 22.52
CA GLN G 171 37.39 -39.12 21.22
C GLN G 171 38.87 -38.80 21.34
N MET G 172 39.22 -37.70 22.01
CA MET G 172 40.62 -37.32 22.15
C MET G 172 41.37 -38.30 23.04
N LYS G 173 40.70 -38.86 24.05
CA LYS G 173 41.31 -39.81 24.96
C LYS G 173 41.47 -41.19 24.36
N ALA G 174 41.18 -41.35 23.07
CA ALA G 174 41.33 -42.64 22.40
C ALA G 174 41.49 -42.44 20.91
N LYS H 5 29.39 -20.11 39.80
CA LYS H 5 30.47 -19.24 39.35
C LYS H 5 31.77 -20.01 39.18
N MET H 6 32.72 -19.43 38.45
CA MET H 6 34.02 -20.05 38.32
C MET H 6 34.71 -20.14 39.67
N ARG H 7 35.37 -21.26 39.92
CA ARG H 7 36.12 -21.48 41.16
C ARG H 7 37.60 -21.35 40.82
N MET H 8 38.12 -20.13 40.98
CA MET H 8 39.52 -19.88 40.70
C MET H 8 40.38 -20.65 41.69
N PRO H 9 41.53 -21.19 41.25
CA PRO H 9 42.39 -21.93 42.18
C PRO H 9 42.86 -21.04 43.33
N LYS H 10 42.91 -21.61 44.51
CA LYS H 10 43.32 -20.90 45.71
C LYS H 10 44.07 -21.86 46.62
N SER H 11 45.09 -21.35 47.31
CA SER H 11 45.89 -22.16 48.22
C SER H 11 45.46 -21.96 49.66
N LYS H 12 45.51 -20.73 50.16
CA LYS H 12 45.10 -20.40 51.51
C LYS H 12 44.26 -19.12 51.49
N GLY H 13 43.31 -19.05 50.57
CA GLY H 13 42.50 -17.86 50.40
C GLY H 13 43.10 -16.83 49.46
N ALA H 14 44.10 -17.21 48.67
CA ALA H 14 44.73 -16.31 47.72
C ALA H 14 44.83 -17.01 46.37
N THR H 15 44.35 -16.36 45.33
CA THR H 15 44.43 -16.92 43.99
C THR H 15 45.88 -17.21 43.64
N VAL H 16 46.14 -18.40 43.08
CA VAL H 16 47.51 -18.80 42.73
C VAL H 16 47.86 -18.39 41.32
N LEU H 17 47.05 -17.53 40.73
CA LEU H 17 47.29 -17.05 39.38
C LEU H 17 47.20 -15.53 39.37
N ASN H 18 48.02 -14.90 38.52
CA ASN H 18 47.96 -13.46 38.31
C ASN H 18 47.10 -13.20 37.08
N LEU H 19 45.94 -12.57 37.30
CA LEU H 19 45.00 -12.34 36.22
C LEU H 19 45.36 -11.12 35.38
N GLU H 20 46.10 -10.16 35.94
CA GLU H 20 46.58 -9.05 35.13
C GLU H 20 47.55 -9.52 34.06
N HIS H 21 48.21 -10.67 34.33
CA HIS H 21 49.20 -11.17 33.40
C HIS H 21 48.68 -12.28 32.57
N LEU H 22 47.75 -13.02 33.01
CA LEU H 22 47.17 -14.09 32.21
C LEU H 22 46.44 -13.54 30.99
N LEU H 23 45.69 -12.45 31.18
CA LEU H 23 45.00 -11.83 30.05
C LEU H 23 45.98 -11.36 28.98
N GLU H 24 47.18 -10.94 29.39
CA GLU H 24 48.19 -10.43 28.47
C GLU H 24 49.34 -11.42 28.30
N TYR H 25 49.06 -12.71 28.42
CA TYR H 25 50.07 -13.76 28.26
C TYR H 25 49.56 -14.71 27.18
N ALA H 26 49.88 -14.38 25.94
CA ALA H 26 49.48 -15.19 24.80
C ALA H 26 50.71 -15.73 24.10
N PRO H 27 51.34 -16.72 24.70
CA PRO H 27 52.47 -17.31 24.03
C PRO H 27 52.22 -17.93 22.65
N GLN H 28 53.07 -17.71 21.64
CA GLN H 28 52.95 -18.45 20.39
C GLN H 28 53.13 -19.92 20.69
N GLN H 29 52.29 -20.76 20.06
CA GLN H 29 52.25 -22.16 20.45
C GLN H 29 53.61 -22.81 20.33
N ILE H 30 54.39 -22.39 19.33
CA ILE H 30 55.68 -23.04 19.06
C ILE H 30 56.66 -22.77 20.19
N ASP H 31 56.60 -21.59 20.81
CA ASP H 31 57.63 -21.24 21.81
C ASP H 31 57.55 -22.13 23.03
N ILE H 32 56.35 -22.51 23.47
CA ILE H 32 56.18 -23.39 24.63
C ILE H 32 55.80 -24.80 24.23
N SER H 33 55.74 -25.10 22.94
CA SER H 33 55.42 -26.45 22.52
C SER H 33 56.57 -27.40 22.86
N ASN H 34 56.27 -28.69 22.85
CA ASN H 34 57.25 -29.73 23.12
C ASN H 34 57.65 -30.50 21.86
N THR H 35 57.05 -30.19 20.71
CA THR H 35 57.54 -30.71 19.44
C THR H 35 58.81 -29.99 18.97
N ARG H 36 59.13 -28.86 19.58
CA ARG H 36 60.35 -28.12 19.29
C ARG H 36 61.23 -28.08 20.53
N ALA H 37 62.53 -28.27 20.33
CA ALA H 37 63.47 -28.17 21.44
C ALA H 37 63.65 -26.72 21.85
N THR H 38 63.97 -26.52 23.13
CA THR H 38 64.16 -25.18 23.65
C THR H 38 65.38 -24.53 23.01
N GLN H 39 65.32 -23.21 22.86
CA GLN H 39 66.45 -22.48 22.29
C GLN H 39 67.73 -22.70 23.09
N SER H 40 67.61 -23.04 24.38
CA SER H 40 68.78 -23.40 25.16
C SER H 40 69.29 -24.79 24.80
N GLN H 41 68.45 -25.63 24.21
CA GLN H 41 68.88 -26.94 23.71
C GLN H 41 69.36 -26.86 22.27
N PHE H 42 68.86 -25.90 21.50
CA PHE H 42 69.38 -25.68 20.15
C PHE H 42 70.78 -25.08 20.20
N ASP H 43 70.97 -24.07 21.05
CA ASP H 43 72.27 -23.40 21.13
C ASP H 43 73.36 -24.38 21.54
N THR H 44 73.06 -25.26 22.49
CA THR H 44 74.04 -26.27 22.88
C THR H 44 74.34 -27.20 21.71
N TRP H 45 73.33 -27.59 20.95
CA TRP H 45 73.54 -28.48 19.82
C TRP H 45 74.36 -27.68 18.81
N TYR H 46 73.79 -26.59 18.31
CA TYR H 46 74.49 -25.77 17.31
C TYR H 46 75.97 -25.62 17.64
N GLU H 47 76.29 -25.17 18.86
CA GLU H 47 77.69 -24.96 19.22
C GLU H 47 78.46 -26.27 19.17
N ALA H 48 77.83 -27.38 19.56
CA ALA H 48 78.52 -28.67 19.59
C ALA H 48 78.97 -29.08 18.20
N VAL H 49 78.11 -28.90 17.19
CA VAL H 49 78.48 -29.30 15.83
C VAL H 49 79.60 -28.41 15.30
N GLN H 50 79.60 -27.12 15.68
CA GLN H 50 80.72 -26.26 15.34
C GLN H 50 82.02 -26.77 15.94
N LEU H 51 81.97 -27.35 17.15
CA LEU H 51 83.18 -27.88 17.76
C LEU H 51 83.61 -29.18 17.10
N ALA H 52 82.66 -30.07 16.81
CA ALA H 52 83.01 -31.36 16.21
C ALA H 52 83.49 -31.19 14.79
N TYR H 53 82.83 -30.33 14.01
CA TYR H 53 83.18 -30.16 12.60
C TYR H 53 84.35 -29.21 12.38
N ASP H 54 84.79 -28.49 13.41
CA ASP H 54 85.85 -27.50 13.31
C ASP H 54 85.51 -26.38 12.34
N ILE H 55 84.25 -26.27 11.92
CA ILE H 55 83.83 -25.17 11.07
C ILE H 55 83.73 -23.91 11.92
N GLY H 56 84.15 -22.78 11.34
CA GLY H 56 84.17 -21.54 12.08
C GLY H 56 82.78 -20.96 12.26
N GLU H 57 82.72 -19.88 13.03
CA GLU H 57 81.44 -19.18 13.20
C GLU H 57 80.90 -18.66 11.89
N THR H 58 81.73 -18.56 10.85
CA THR H 58 81.29 -18.36 9.48
C THR H 58 81.35 -19.69 8.75
N GLU H 59 80.54 -19.83 7.72
CA GLU H 59 80.47 -21.07 6.97
C GLU H 59 79.60 -22.11 7.67
N MET H 60 79.19 -21.89 8.92
CA MET H 60 78.31 -22.86 9.53
C MET H 60 76.97 -22.67 8.91
N PRO H 61 76.60 -21.45 8.63
CA PRO H 61 75.27 -21.40 8.01
C PRO H 61 75.12 -22.30 6.79
N THR H 62 76.12 -22.37 5.94
CA THR H 62 76.09 -23.17 4.73
C THR H 62 76.14 -24.66 5.06
N VAL H 63 76.70 -25.06 6.18
CA VAL H 63 76.63 -26.45 6.54
C VAL H 63 75.24 -26.74 7.04
N MET H 64 74.58 -25.82 7.76
CA MET H 64 73.20 -26.01 8.19
C MET H 64 72.24 -26.04 7.01
N ASN H 65 72.59 -25.42 5.89
CA ASN H 65 71.76 -25.50 4.70
C ASN H 65 71.78 -26.90 4.11
N GLY H 66 72.94 -27.55 4.08
CA GLY H 66 72.99 -28.93 3.62
C GLY H 66 72.23 -29.87 4.52
N LEU H 67 72.36 -29.68 5.84
CA LEU H 67 71.66 -30.55 6.78
C LEU H 67 70.15 -30.38 6.65
N MET H 68 69.67 -29.14 6.50
CA MET H 68 68.24 -28.91 6.36
C MET H 68 67.70 -29.61 5.14
N VAL H 69 68.32 -29.39 3.98
CA VAL H 69 67.87 -30.06 2.76
C VAL H 69 68.10 -31.56 2.86
N TRP H 70 69.21 -31.96 3.49
CA TRP H 70 69.45 -33.39 3.70
C TRP H 70 68.39 -34.01 4.59
N CYS H 71 67.97 -33.30 5.64
CA CYS H 71 66.98 -33.83 6.57
C CYS H 71 65.56 -33.77 6.02
N ILE H 72 65.34 -33.09 4.90
CA ILE H 72 64.05 -33.11 4.23
C ILE H 72 63.91 -34.35 3.36
N GLU H 73 64.97 -34.71 2.64
CA GLU H 73 64.94 -35.81 1.69
C GLU H 73 65.38 -37.14 2.28
N ASN H 74 65.81 -37.16 3.53
CA ASN H 74 66.30 -38.41 4.11
C ASN H 74 65.56 -38.77 5.40
N GLY H 75 65.31 -37.77 6.25
CA GLY H 75 64.67 -38.02 7.52
C GLY H 75 65.47 -37.40 8.65
N THR H 76 64.89 -37.35 9.85
CA THR H 76 65.57 -36.83 11.03
C THR H 76 65.87 -37.92 12.04
N SER H 77 65.86 -39.18 11.62
CA SER H 77 66.23 -40.31 12.47
C SER H 77 67.22 -41.19 11.71
N PRO H 78 68.40 -40.67 11.37
CA PRO H 78 69.39 -41.47 10.64
C PRO H 78 70.23 -42.34 11.56
N ASN H 79 71.22 -43.02 10.98
CA ASN H 79 72.15 -43.82 11.77
C ASN H 79 73.22 -42.91 12.35
N ILE H 80 73.49 -43.07 13.64
CA ILE H 80 74.52 -42.28 14.30
C ILE H 80 75.91 -42.52 13.72
N ASN H 81 76.09 -43.60 12.96
CA ASN H 81 77.39 -43.99 12.45
C ASN H 81 77.54 -43.70 10.96
N GLY H 82 76.60 -42.98 10.36
CA GLY H 82 76.62 -42.70 8.94
C GLY H 82 77.27 -41.36 8.62
N VAL H 83 76.96 -40.86 7.44
CA VAL H 83 77.48 -39.57 6.98
C VAL H 83 76.43 -38.94 6.07
N TRP H 84 76.07 -37.70 6.39
CA TRP H 84 75.16 -36.94 5.54
C TRP H 84 75.97 -36.10 4.56
N VAL H 85 75.43 -35.95 3.36
CA VAL H 85 76.16 -35.34 2.26
C VAL H 85 75.48 -34.05 1.85
N MET H 86 76.30 -33.08 1.46
CA MET H 86 75.84 -31.85 0.85
C MET H 86 76.63 -31.60 -0.42
N MET H 87 75.98 -31.03 -1.42
CA MET H 87 76.56 -30.87 -2.74
C MET H 87 77.32 -29.55 -2.81
N ASP H 88 78.63 -29.63 -2.96
CA ASP H 88 79.48 -28.46 -3.15
C ASP H 88 79.64 -28.25 -4.66
N GLY H 89 78.66 -27.58 -5.26
CA GLY H 89 78.63 -27.50 -6.70
C GLY H 89 78.19 -28.81 -7.31
N ASP H 90 79.14 -29.54 -7.92
CA ASP H 90 78.86 -30.85 -8.48
C ASP H 90 79.44 -32.00 -7.67
N GLU H 91 80.33 -31.73 -6.73
CA GLU H 91 80.96 -32.79 -5.95
C GLU H 91 80.05 -33.17 -4.78
N GLN H 92 80.56 -33.98 -3.87
CA GLN H 92 79.78 -34.50 -2.76
C GLN H 92 80.60 -34.38 -1.48
N VAL H 93 80.14 -33.57 -0.54
CA VAL H 93 80.85 -33.30 0.71
C VAL H 93 80.14 -34.08 1.81
N GLU H 94 80.82 -35.09 2.33
CA GLU H 94 80.24 -35.96 3.36
C GLU H 94 80.68 -35.50 4.74
N TYR H 95 79.72 -35.39 5.66
CA TYR H 95 79.98 -35.01 7.03
C TYR H 95 79.50 -36.12 7.97
N PRO H 96 80.18 -36.30 9.11
CA PRO H 96 79.72 -37.31 10.07
C PRO H 96 78.47 -36.87 10.80
N LEU H 97 77.62 -37.84 11.11
CA LEU H 97 76.35 -37.58 11.79
C LEU H 97 76.44 -37.70 13.30
N LYS H 98 77.61 -38.07 13.84
CA LYS H 98 77.72 -38.24 15.29
C LYS H 98 77.40 -36.96 16.05
N PRO H 99 78.03 -35.82 15.77
CA PRO H 99 77.64 -34.58 16.48
C PRO H 99 76.20 -34.18 16.24
N ILE H 100 75.64 -34.48 15.07
CA ILE H 100 74.27 -34.09 14.79
C ILE H 100 73.30 -34.80 15.73
N VAL H 101 73.49 -36.10 15.93
CA VAL H 101 72.55 -36.91 16.69
C VAL H 101 72.95 -37.03 18.15
N GLU H 102 74.25 -37.15 18.43
CA GLU H 102 74.69 -37.31 19.81
C GLU H 102 74.32 -36.09 20.66
N ASN H 103 74.33 -34.90 20.07
CA ASN H 103 74.07 -33.67 20.80
C ASN H 103 72.70 -33.09 20.49
N ALA H 104 71.79 -33.90 19.96
CA ALA H 104 70.43 -33.47 19.65
C ALA H 104 69.52 -33.91 20.80
N LYS H 105 69.23 -32.99 21.71
CA LYS H 105 68.37 -33.27 22.84
C LYS H 105 67.06 -32.53 22.68
N PRO H 106 65.91 -33.18 22.88
CA PRO H 106 65.71 -34.59 23.22
C PRO H 106 65.96 -35.49 22.01
N THR H 107 65.64 -35.00 20.82
CA THR H 107 65.83 -35.75 19.59
C THR H 107 66.14 -34.78 18.46
N LEU H 108 66.68 -35.31 17.37
CA LEU H 108 67.01 -34.47 16.22
C LEU H 108 65.76 -33.86 15.60
N ARG H 109 64.64 -34.58 15.62
CA ARG H 109 63.42 -34.04 15.03
C ARG H 109 63.01 -32.76 15.74
N GLN H 110 63.06 -32.75 17.07
CA GLN H 110 62.71 -31.54 17.81
C GLN H 110 63.76 -30.45 17.61
N ILE H 111 65.03 -30.83 17.46
CA ILE H 111 66.06 -29.86 17.15
C ILE H 111 65.87 -29.31 15.73
N MET H 112 65.46 -30.18 14.81
CA MET H 112 65.26 -29.76 13.42
C MET H 112 63.92 -29.08 13.20
N ALA H 113 63.00 -29.15 14.18
CA ALA H 113 61.73 -28.44 14.04
C ALA H 113 61.91 -26.93 14.01
N HIS H 114 63.07 -26.42 14.42
CA HIS H 114 63.36 -25.00 14.31
C HIS H 114 63.45 -24.55 12.86
N PHE H 115 63.63 -25.47 11.92
CA PHE H 115 63.74 -25.17 10.50
C PHE H 115 62.44 -25.38 9.74
N SER H 116 61.34 -25.69 10.45
CA SER H 116 60.11 -26.08 9.77
C SER H 116 59.64 -24.99 8.82
N ASP H 117 59.58 -23.75 9.28
CA ASP H 117 59.08 -22.67 8.43
C ASP H 117 59.94 -22.50 7.20
N VAL H 118 61.26 -22.56 7.36
CA VAL H 118 62.16 -22.47 6.21
C VAL H 118 62.03 -23.71 5.34
N ALA H 119 61.83 -24.87 5.96
CA ALA H 119 61.77 -26.12 5.20
C ALA H 119 60.65 -26.08 4.17
N GLU H 120 59.45 -25.67 4.58
CA GLU H 120 58.35 -25.58 3.62
C GLU H 120 58.62 -24.50 2.59
N ALA H 121 59.25 -23.40 3.00
CA ALA H 121 59.61 -22.36 2.04
C ALA H 121 60.60 -22.88 1.01
N TYR H 122 61.57 -23.67 1.44
CA TYR H 122 62.56 -24.22 0.50
C TYR H 122 61.89 -25.13 -0.52
N ILE H 123 60.95 -25.96 -0.08
CA ILE H 123 60.29 -26.89 -1.01
C ILE H 123 59.51 -26.12 -2.06
N GLU H 124 58.81 -25.06 -1.65
CA GLU H 124 57.98 -24.31 -2.59
C GLU H 124 58.81 -23.74 -3.73
N MET H 125 59.92 -23.08 -3.41
CA MET H 125 60.78 -22.55 -4.46
C MET H 125 61.35 -23.67 -5.32
N ARG H 126 61.75 -24.77 -4.69
CA ARG H 126 62.17 -25.94 -5.44
C ARG H 126 61.04 -26.47 -6.31
N ASN H 127 59.83 -26.42 -5.80
CA ASN H 127 58.66 -26.86 -6.54
C ASN H 127 58.22 -25.81 -7.52
N CYS H 128 58.75 -24.60 -7.40
CA CYS H 128 58.43 -23.51 -8.29
C CYS H 128 59.28 -23.53 -9.56
N LYS H 129 60.15 -24.51 -9.71
CA LYS H 129 60.91 -24.73 -10.93
C LYS H 129 60.53 -26.02 -11.61
N GLU H 130 60.50 -27.13 -10.88
CA GLU H 130 60.07 -28.43 -11.38
C GLU H 130 59.55 -29.23 -10.20
N PRO H 131 58.79 -30.29 -10.45
CA PRO H 131 58.24 -31.07 -9.34
C PRO H 131 59.33 -31.54 -8.38
N TYR H 132 59.05 -31.39 -7.08
CA TYR H 132 59.96 -31.83 -6.03
C TYR H 132 59.10 -32.28 -4.85
N MET H 133 58.87 -33.58 -4.79
CA MET H 133 58.24 -34.18 -3.61
C MET H 133 59.33 -34.76 -2.73
N PRO H 134 59.56 -34.25 -1.53
CA PRO H 134 60.62 -34.81 -0.70
C PRO H 134 60.46 -36.31 -0.51
N ARG H 135 61.60 -37.02 -0.50
CA ARG H 135 61.58 -38.47 -0.40
C ARG H 135 60.71 -38.96 0.76
N TYR H 136 60.51 -38.14 1.79
CA TYR H 136 59.67 -38.57 2.90
C TYR H 136 58.23 -38.78 2.45
N GLY H 137 57.83 -38.21 1.31
CA GLY H 137 56.51 -38.42 0.78
C GLY H 137 56.47 -39.41 -0.38
N LEU H 138 57.61 -39.61 -1.05
CA LEU H 138 57.67 -40.60 -2.12
C LEU H 138 57.65 -42.01 -1.56
N VAL H 139 58.30 -42.24 -0.42
CA VAL H 139 58.34 -43.56 0.19
C VAL H 139 57.13 -43.75 1.10
N ARG H 140 56.19 -42.81 1.04
CA ARG H 140 54.95 -42.91 1.81
C ARG H 140 53.73 -42.60 0.97
N ASN H 141 53.83 -42.75 -0.34
CA ASN H 141 52.66 -42.60 -1.22
C ASN H 141 51.94 -41.29 -1.08
N LEU H 142 52.67 -40.23 -0.88
CA LEU H 142 52.08 -38.89 -0.86
C LEU H 142 51.98 -38.46 -2.32
N ARG H 143 50.75 -38.41 -2.84
CA ARG H 143 50.54 -38.26 -4.27
C ARG H 143 50.13 -36.85 -4.68
N ASP H 144 49.32 -36.16 -3.88
CA ASP H 144 49.00 -34.78 -4.16
C ASP H 144 50.28 -33.95 -4.10
N GLY H 145 50.46 -33.05 -5.06
CA GLY H 145 51.69 -32.30 -5.15
C GLY H 145 51.65 -30.99 -4.38
N SER H 146 50.46 -30.39 -4.26
CA SER H 146 50.35 -29.15 -3.50
C SER H 146 50.78 -29.35 -2.06
N LEU H 147 50.39 -30.48 -1.45
CA LEU H 147 50.84 -30.79 -0.09
C LEU H 147 52.19 -31.48 -0.16
N ALA H 148 53.17 -30.81 -0.78
CA ALA H 148 54.55 -31.26 -0.80
C ALA H 148 55.45 -30.41 0.07
N ARG H 149 54.94 -29.28 0.58
CA ARG H 149 55.66 -28.45 1.53
C ARG H 149 55.51 -28.93 2.95
N TYR H 150 54.75 -30.02 3.17
CA TYR H 150 54.56 -30.60 4.49
C TYR H 150 55.07 -32.04 4.54
N ALA H 151 55.79 -32.47 3.52
CA ALA H 151 56.28 -33.84 3.42
C ALA H 151 57.70 -33.96 3.97
N PHE H 152 57.92 -33.51 5.20
CA PHE H 152 59.22 -33.65 5.84
C PHE H 152 59.05 -33.96 7.32
N ASP H 153 59.96 -34.78 7.85
CA ASP H 153 59.73 -35.43 9.14
C ASP H 153 59.63 -34.41 10.28
N PHE H 154 60.32 -33.30 10.17
CA PHE H 154 60.39 -32.34 11.24
C PHE H 154 59.45 -31.19 11.13
N TYR H 155 58.25 -31.44 10.65
CA TYR H 155 57.26 -30.41 10.47
C TYR H 155 56.45 -30.28 11.71
N GLU H 156 56.12 -29.06 12.07
CA GLU H 156 55.40 -28.77 13.30
C GLU H 156 53.96 -28.43 12.94
N VAL H 157 53.03 -29.32 13.29
CA VAL H 157 51.61 -29.05 13.09
C VAL H 157 51.19 -28.01 14.13
N THR H 158 50.82 -26.83 13.65
CA THR H 158 50.42 -25.73 14.51
C THR H 158 48.97 -25.37 14.20
N SER H 159 48.49 -24.29 14.82
CA SER H 159 47.13 -23.84 14.59
C SER H 159 46.94 -23.27 13.19
N ARG H 160 48.03 -22.90 12.53
CA ARG H 160 47.98 -22.32 11.18
C ARG H 160 48.12 -23.37 10.09
N THR H 161 48.34 -24.63 10.44
CA THR H 161 48.56 -25.65 9.43
C THR H 161 47.26 -25.98 8.71
N PRO H 162 47.27 -26.11 7.38
CA PRO H 162 46.05 -26.56 6.70
C PRO H 162 45.61 -27.91 7.23
N VAL H 163 44.29 -28.08 7.33
CA VAL H 163 43.74 -29.30 7.90
C VAL H 163 44.10 -30.50 7.02
N ARG H 164 44.18 -30.28 5.73
CA ARG H 164 44.58 -31.38 4.87
C ARG H 164 45.95 -31.82 5.30
N ALA H 165 46.90 -30.91 5.24
CA ALA H 165 48.26 -31.23 5.64
C ALA H 165 48.27 -32.06 6.92
N ARG H 166 47.44 -31.65 7.89
CA ARG H 166 47.35 -32.39 9.15
C ARG H 166 46.90 -33.83 8.91
N GLU H 167 45.87 -34.01 8.08
CA GLU H 167 45.41 -35.36 7.77
C GLU H 167 46.48 -36.13 7.00
N ALA H 168 47.19 -35.46 6.10
CA ALA H 168 48.25 -36.14 5.35
C ALA H 168 49.32 -36.68 6.29
N HIS H 169 49.76 -35.87 7.24
CA HIS H 169 50.76 -36.34 8.19
C HIS H 169 50.26 -37.57 8.94
N ILE H 170 48.98 -37.61 9.27
CA ILE H 170 48.41 -38.82 9.85
C ILE H 170 48.54 -39.99 8.88
N GLN H 171 48.61 -39.71 7.59
CA GLN H 171 48.76 -40.78 6.59
C GLN H 171 50.21 -41.20 6.45
N MET H 172 51.14 -40.25 6.33
CA MET H 172 52.54 -40.62 6.24
C MET H 172 52.99 -41.35 7.49
N LYS H 173 52.61 -40.85 8.67
CA LYS H 173 52.88 -41.56 9.91
C LYS H 173 52.15 -42.90 9.89
N ALA H 174 52.90 -43.99 9.81
CA ALA H 174 52.31 -45.32 9.71
C ALA H 174 51.41 -45.42 8.48
N ARG I 7 -11.42 26.51 -40.11
CA ARG I 7 -11.89 27.81 -39.64
C ARG I 7 -10.70 28.73 -39.38
N MET I 8 -10.38 29.56 -40.37
CA MET I 8 -9.23 30.44 -40.23
C MET I 8 -9.56 31.59 -39.29
N PRO I 9 -8.62 32.03 -38.44
CA PRO I 9 -8.89 33.18 -37.59
C PRO I 9 -9.17 34.42 -38.42
N LYS I 10 -9.98 35.31 -37.87
CA LYS I 10 -10.34 36.50 -38.59
C LYS I 10 -10.79 37.60 -37.73
N SER I 11 -10.54 38.81 -38.16
CA SER I 11 -11.02 39.96 -37.46
C SER I 11 -11.54 40.89 -38.53
N LYS I 12 -12.86 41.13 -38.58
CA LYS I 12 -13.46 42.04 -39.54
C LYS I 12 -13.44 41.55 -40.97
N GLY I 13 -13.65 40.27 -41.16
CA GLY I 13 -13.75 39.75 -42.51
C GLY I 13 -12.45 39.81 -43.24
N ALA I 14 -11.41 39.32 -42.61
CA ALA I 14 -10.14 39.24 -43.25
C ALA I 14 -9.39 38.32 -42.33
N THR I 15 -8.62 37.40 -42.87
CA THR I 15 -7.83 36.55 -41.99
C THR I 15 -6.80 37.40 -41.33
N VAL I 16 -6.29 36.95 -40.20
CA VAL I 16 -5.23 37.65 -39.50
C VAL I 16 -4.01 36.75 -39.65
N LEU I 17 -3.88 36.07 -40.79
CA LEU I 17 -2.74 35.22 -41.09
C LEU I 17 -2.50 35.30 -42.60
N ASN I 18 -1.28 34.95 -43.00
CA ASN I 18 -0.93 34.83 -44.41
C ASN I 18 -0.50 33.39 -44.66
N LEU I 19 -1.34 32.64 -45.35
CA LEU I 19 -1.05 31.24 -45.64
C LEU I 19 -0.05 31.08 -46.77
N GLU I 20 0.24 32.15 -47.47
CA GLU I 20 1.27 32.09 -48.47
C GLU I 20 2.53 31.99 -47.72
N HIS I 21 2.78 32.98 -46.87
CA HIS I 21 4.01 32.99 -46.08
C HIS I 21 4.11 31.74 -45.28
N LEU I 22 3.11 31.44 -44.51
CA LEU I 22 3.17 30.28 -43.65
C LEU I 22 3.57 29.00 -44.34
N LEU I 23 3.13 28.78 -45.53
CA LEU I 23 3.43 27.54 -46.14
C LEU I 23 4.92 27.38 -46.14
N GLU I 24 5.66 28.48 -46.32
CA GLU I 24 7.11 28.43 -46.41
C GLU I 24 7.82 29.03 -45.21
N TYR I 25 7.13 29.18 -44.09
CA TYR I 25 7.73 29.67 -42.85
C TYR I 25 7.97 28.47 -42.05
N ALA I 26 9.21 28.08 -41.94
CA ALA I 26 9.58 26.90 -41.22
C ALA I 26 10.81 27.17 -40.43
N PRO I 27 10.67 27.72 -39.24
CA PRO I 27 11.81 27.97 -38.35
C PRO I 27 12.27 26.72 -37.62
N GLN I 28 13.56 26.56 -37.47
CA GLN I 28 14.03 25.43 -36.75
C GLN I 28 13.60 25.58 -35.34
N GLN I 29 13.44 24.48 -34.67
CA GLN I 29 12.91 24.52 -33.31
C GLN I 29 13.88 25.21 -32.34
N ILE I 30 15.18 25.09 -32.59
CA ILE I 30 16.18 25.66 -31.69
C ILE I 30 16.42 27.13 -31.92
N ASP I 31 15.72 27.75 -32.87
CA ASP I 31 15.77 29.19 -33.07
C ASP I 31 14.53 29.90 -32.56
N ILE I 32 13.41 29.19 -32.41
CA ILE I 32 12.18 29.76 -31.89
C ILE I 32 12.01 29.35 -30.44
N SER I 33 12.57 28.21 -30.07
CA SER I 33 12.38 27.67 -28.72
C SER I 33 13.00 28.59 -27.67
N ASN I 34 12.41 28.59 -26.49
CA ASN I 34 12.91 29.37 -25.36
C ASN I 34 13.88 28.58 -24.49
N THR I 35 14.13 27.31 -24.81
CA THR I 35 15.14 26.50 -24.12
C THR I 35 16.55 26.96 -24.42
N ARG I 36 16.67 28.03 -25.20
CA ARG I 36 17.96 28.50 -25.67
C ARG I 36 17.89 30.02 -25.84
N ALA I 37 18.91 30.71 -25.35
CA ALA I 37 18.91 32.16 -25.37
C ALA I 37 18.97 32.68 -26.80
N THR I 38 18.45 33.90 -26.99
CA THR I 38 18.44 34.51 -28.29
C THR I 38 19.86 34.96 -28.68
N GLN I 39 20.05 35.18 -29.97
CA GLN I 39 21.37 35.60 -30.45
C GLN I 39 21.77 36.92 -29.84
N SER I 40 20.84 37.88 -29.75
CA SER I 40 21.16 39.15 -29.13
C SER I 40 21.57 38.96 -27.67
N GLN I 41 20.99 37.96 -26.99
CA GLN I 41 21.40 37.66 -25.63
C GLN I 41 22.75 36.96 -25.60
N PHE I 42 23.00 36.05 -26.55
CA PHE I 42 24.30 35.38 -26.61
C PHE I 42 25.41 36.38 -26.89
N ASP I 43 25.18 37.31 -27.82
CA ASP I 43 26.20 38.30 -28.13
C ASP I 43 26.49 39.19 -26.93
N THR I 44 25.44 39.59 -26.20
CA THR I 44 25.65 40.40 -25.01
C THR I 44 26.47 39.65 -23.97
N TRP I 45 26.16 38.38 -23.74
CA TRP I 45 26.93 37.59 -22.79
C TRP I 45 28.36 37.40 -23.26
N TYR I 46 28.53 37.06 -24.54
CA TYR I 46 29.87 36.84 -25.07
C TYR I 46 30.72 38.10 -24.99
N GLU I 47 30.14 39.24 -25.37
CA GLU I 47 30.88 40.49 -25.36
C GLU I 47 31.07 41.06 -23.96
N ALA I 48 30.35 40.54 -22.97
CA ALA I 48 30.58 40.93 -21.58
C ALA I 48 31.61 40.04 -20.91
N VAL I 49 31.59 38.74 -21.19
CA VAL I 49 32.62 37.85 -20.66
C VAL I 49 33.98 38.19 -21.28
N GLN I 50 33.98 38.58 -22.56
CA GLN I 50 35.21 38.97 -23.21
C GLN I 50 35.84 40.19 -22.53
N LEU I 51 35.02 41.17 -22.17
CA LEU I 51 35.54 42.37 -21.53
C LEU I 51 35.92 42.11 -20.08
N ALA I 52 35.13 41.30 -19.38
CA ALA I 52 35.39 41.02 -17.97
C ALA I 52 36.58 40.09 -17.76
N TYR I 53 37.09 39.47 -18.82
CA TYR I 53 38.23 38.57 -18.71
C TYR I 53 39.52 39.17 -19.25
N ASP I 54 39.48 40.40 -19.76
CA ASP I 54 40.66 41.05 -20.32
C ASP I 54 41.30 40.18 -21.39
N ILE I 55 40.46 39.69 -22.30
CA ILE I 55 40.89 38.80 -23.37
C ILE I 55 40.29 39.31 -24.68
N GLY I 56 41.06 39.20 -25.77
CA GLY I 56 40.60 39.58 -27.08
C GLY I 56 40.04 38.41 -27.86
N GLU I 57 39.69 38.68 -29.12
CA GLU I 57 39.20 37.62 -30.00
C GLU I 57 40.27 36.60 -30.32
N THR I 58 41.54 36.92 -30.08
CA THR I 58 42.62 36.00 -30.43
C THR I 58 42.52 34.70 -29.63
N GLU I 59 42.25 34.81 -28.33
CA GLU I 59 42.23 33.64 -27.45
C GLU I 59 40.92 33.46 -26.70
N MET I 60 39.92 34.32 -26.91
CA MET I 60 38.63 34.08 -26.29
C MET I 60 38.01 32.76 -26.74
N PRO I 61 38.04 32.40 -28.03
CA PRO I 61 37.54 31.06 -28.41
C PRO I 61 38.19 29.93 -27.64
N THR I 62 39.50 30.03 -27.36
CA THR I 62 40.17 28.99 -26.59
C THR I 62 39.59 28.90 -25.19
N VAL I 63 39.31 30.03 -24.56
CA VAL I 63 38.70 30.02 -23.24
C VAL I 63 37.33 29.36 -23.28
N MET I 64 36.58 29.61 -24.35
CA MET I 64 35.24 29.02 -24.49
C MET I 64 35.32 27.50 -24.65
N ASN I 65 36.42 26.98 -25.20
CA ASN I 65 36.58 25.54 -25.26
C ASN I 65 36.62 24.93 -23.86
N GLY I 66 37.38 25.56 -22.96
CA GLY I 66 37.43 25.07 -21.60
C GLY I 66 36.11 25.20 -20.87
N LEU I 67 35.44 26.34 -21.04
CA LEU I 67 34.18 26.56 -20.35
C LEU I 67 33.12 25.55 -20.79
N MET I 68 33.05 25.27 -22.06
CA MET I 68 32.08 24.31 -22.46
C MET I 68 32.41 22.99 -21.82
N VAL I 69 33.68 22.59 -21.81
CA VAL I 69 34.08 21.28 -21.27
C VAL I 69 33.94 21.24 -19.77
N TRP I 70 33.84 22.37 -19.13
CA TRP I 70 33.63 22.45 -17.72
C TRP I 70 32.18 22.27 -17.50
N CYS I 71 31.36 22.98 -18.24
CA CYS I 71 29.93 22.91 -18.02
C CYS I 71 29.32 21.60 -18.50
N ILE I 72 30.11 20.71 -19.10
CA ILE I 72 29.66 19.37 -19.45
C ILE I 72 29.93 18.46 -18.27
N GLU I 73 30.99 18.77 -17.51
CA GLU I 73 31.41 17.93 -16.40
C GLU I 73 30.92 18.43 -15.05
N ASN I 74 30.42 19.67 -14.99
CA ASN I 74 29.99 20.24 -13.71
C ASN I 74 28.51 20.60 -13.73
N GLY I 75 28.06 21.29 -14.77
CA GLY I 75 26.69 21.72 -14.90
C GLY I 75 26.58 23.19 -15.20
N THR I 76 25.34 23.64 -15.39
CA THR I 76 25.05 25.03 -15.72
C THR I 76 24.36 25.76 -14.57
N SER I 77 24.50 25.26 -13.33
CA SER I 77 23.99 25.92 -12.14
C SER I 77 25.10 25.96 -11.10
N PRO I 78 26.18 26.71 -11.37
CA PRO I 78 27.31 26.72 -10.44
C PRO I 78 27.18 27.78 -9.36
N ASN I 79 28.21 27.89 -8.52
CA ASN I 79 28.27 28.91 -7.47
C ASN I 79 28.82 30.20 -8.08
N ILE I 80 28.00 31.24 -8.09
CA ILE I 80 28.41 32.50 -8.73
C ILE I 80 29.70 33.01 -8.11
N ASN I 81 29.82 32.92 -6.78
CA ASN I 81 31.04 33.30 -6.09
C ASN I 81 31.99 32.11 -6.04
N GLY I 82 32.48 31.75 -7.21
CA GLY I 82 33.38 30.61 -7.36
C GLY I 82 34.29 30.81 -8.55
N VAL I 83 34.82 29.70 -9.07
CA VAL I 83 35.78 29.75 -10.16
C VAL I 83 35.63 28.47 -10.99
N TRP I 84 35.78 28.61 -12.30
CA TRP I 84 35.77 27.48 -13.22
C TRP I 84 37.17 27.24 -13.75
N VAL I 85 37.53 25.96 -13.86
CA VAL I 85 38.91 25.54 -14.05
C VAL I 85 39.16 25.18 -15.51
N MET I 86 40.33 25.55 -16.01
CA MET I 86 40.80 25.17 -17.33
C MET I 86 42.22 24.63 -17.20
N MET I 87 42.56 23.65 -18.03
CA MET I 87 43.84 22.98 -17.95
C MET I 87 44.71 23.39 -19.14
N ASP I 88 45.79 24.10 -18.86
CA ASP I 88 46.76 24.51 -19.88
C ASP I 88 47.88 23.47 -19.93
N GLY I 89 47.49 22.24 -20.26
CA GLY I 89 48.43 21.14 -20.24
C GLY I 89 48.32 20.38 -18.94
N ASP I 90 49.38 20.39 -18.15
CA ASP I 90 49.34 19.87 -16.78
C ASP I 90 49.02 20.94 -15.76
N GLU I 91 49.11 22.21 -16.15
CA GLU I 91 48.84 23.32 -15.25
C GLU I 91 47.34 23.59 -15.17
N GLN I 92 46.95 24.30 -14.12
CA GLN I 92 45.57 24.70 -13.88
C GLN I 92 45.41 26.19 -14.16
N VAL I 93 44.31 26.54 -14.84
CA VAL I 93 43.97 27.93 -15.13
C VAL I 93 42.61 28.21 -14.51
N GLU I 94 42.56 29.20 -13.63
CA GLU I 94 41.36 29.52 -12.86
C GLU I 94 40.76 30.82 -13.37
N TYR I 95 39.45 30.81 -13.61
CA TYR I 95 38.73 31.99 -14.06
C TYR I 95 37.53 32.23 -13.16
N PRO I 96 37.13 33.49 -12.98
CA PRO I 96 35.94 33.77 -12.17
C PRO I 96 34.65 33.35 -12.86
N LEU I 97 33.59 33.14 -12.09
CA LEU I 97 32.29 32.84 -12.65
C LEU I 97 31.33 33.98 -12.46
N LYS I 98 31.84 35.15 -12.16
CA LYS I 98 30.94 36.29 -12.04
C LYS I 98 30.43 36.71 -13.42
N PRO I 99 31.31 37.05 -14.37
CA PRO I 99 30.81 37.39 -15.71
C PRO I 99 30.04 36.26 -16.37
N ILE I 100 30.41 35.00 -16.12
CA ILE I 100 29.73 33.88 -16.77
C ILE I 100 28.26 33.86 -16.37
N VAL I 101 27.99 33.96 -15.07
CA VAL I 101 26.62 33.83 -14.57
C VAL I 101 25.89 35.17 -14.55
N GLU I 102 26.60 36.25 -14.21
CA GLU I 102 25.94 37.54 -14.07
C GLU I 102 25.34 37.99 -15.40
N ASN I 103 26.08 37.84 -16.49
CA ASN I 103 25.69 38.35 -17.79
C ASN I 103 24.95 37.34 -18.65
N ALA I 104 24.71 36.13 -18.13
CA ALA I 104 24.05 35.08 -18.90
C ALA I 104 22.54 35.18 -18.68
N LYS I 105 21.87 35.93 -19.55
CA LYS I 105 20.43 36.08 -19.48
C LYS I 105 19.74 35.15 -20.48
N PRO I 106 18.63 34.50 -20.12
CA PRO I 106 17.96 34.51 -18.82
C PRO I 106 18.66 33.61 -17.82
N THR I 107 19.17 32.47 -18.29
CA THR I 107 19.91 31.54 -17.45
C THR I 107 21.12 31.05 -18.23
N LEU I 108 22.16 30.66 -17.49
CA LEU I 108 23.39 30.21 -18.15
C LEU I 108 23.14 28.98 -19.01
N ARG I 109 22.15 28.16 -18.66
CA ARG I 109 21.82 27.01 -19.49
C ARG I 109 21.31 27.44 -20.86
N GLN I 110 20.42 28.44 -20.89
CA GLN I 110 19.98 28.98 -22.17
C GLN I 110 21.14 29.58 -22.94
N ILE I 111 22.06 30.23 -22.24
CA ILE I 111 23.25 30.78 -22.89
C ILE I 111 24.23 29.68 -23.28
N MET I 112 24.23 28.55 -22.58
CA MET I 112 25.08 27.42 -22.93
C MET I 112 24.38 26.41 -23.85
N ALA I 113 23.08 26.59 -24.10
CA ALA I 113 22.39 25.70 -25.04
C ALA I 113 22.93 25.85 -26.45
N HIS I 114 23.58 26.97 -26.76
CA HIS I 114 24.19 27.15 -28.07
C HIS I 114 25.34 26.20 -28.32
N PHE I 115 25.86 25.55 -27.28
CA PHE I 115 26.92 24.57 -27.39
C PHE I 115 26.41 23.14 -27.38
N SER I 116 25.10 22.94 -27.49
CA SER I 116 24.55 21.60 -27.42
C SER I 116 25.09 20.73 -28.54
N ASP I 117 25.17 21.26 -29.76
CA ASP I 117 25.68 20.47 -30.87
C ASP I 117 27.17 20.18 -30.71
N VAL I 118 27.95 21.19 -30.32
CA VAL I 118 29.39 20.99 -30.15
C VAL I 118 29.65 20.12 -28.93
N ALA I 119 28.91 20.35 -27.84
CA ALA I 119 29.08 19.51 -26.65
C ALA I 119 28.77 18.06 -26.98
N GLU I 120 27.73 17.81 -27.79
CA GLU I 120 27.44 16.46 -28.23
C GLU I 120 28.60 15.87 -29.03
N ALA I 121 29.22 16.69 -29.88
CA ALA I 121 30.36 16.21 -30.65
C ALA I 121 31.55 15.89 -29.76
N TYR I 122 31.84 16.77 -28.79
CA TYR I 122 33.01 16.60 -27.94
C TYR I 122 32.82 15.49 -26.92
N ILE I 123 31.57 15.17 -26.56
CA ILE I 123 31.33 14.06 -25.63
C ILE I 123 31.29 12.73 -26.34
N GLU I 124 31.21 12.72 -27.67
CA GLU I 124 31.46 11.53 -28.47
C GLU I 124 32.83 11.55 -29.11
N MET I 125 33.40 12.73 -29.33
CA MET I 125 34.74 12.81 -29.88
C MET I 125 35.79 12.36 -28.87
N ARG I 126 35.43 12.32 -27.59
CA ARG I 126 36.29 11.83 -26.53
C ARG I 126 35.90 10.45 -26.04
N ASN I 127 34.96 9.87 -26.76
CA ASN I 127 34.52 8.55 -26.44
C ASN I 127 35.22 7.66 -27.40
N CYS I 128 35.50 8.14 -28.59
CA CYS I 128 36.28 7.36 -29.50
C CYS I 128 37.54 7.14 -28.72
N LYS I 129 38.28 6.09 -29.04
CA LYS I 129 39.57 5.81 -28.37
C LYS I 129 39.45 5.26 -26.94
N GLU I 130 38.76 5.97 -26.07
CA GLU I 130 38.59 5.53 -24.69
C GLU I 130 37.20 5.87 -24.17
N PRO I 131 36.62 5.01 -23.33
CA PRO I 131 35.31 5.39 -22.81
C PRO I 131 35.41 6.69 -22.00
N TYR I 132 34.42 7.55 -22.17
CA TYR I 132 34.34 8.81 -21.43
C TYR I 132 32.88 9.08 -21.11
N MET I 133 32.65 9.57 -19.89
CA MET I 133 31.29 9.87 -19.45
C MET I 133 31.29 11.14 -18.62
N PRO I 134 30.53 12.17 -19.02
CA PRO I 134 30.45 13.39 -18.20
C PRO I 134 30.07 13.08 -16.76
N ARG I 135 30.27 14.04 -15.85
CA ARG I 135 29.92 13.84 -14.46
C ARG I 135 28.49 14.26 -14.15
N TYR I 136 27.73 14.69 -15.16
CA TYR I 136 26.30 14.90 -15.01
C TYR I 136 25.53 13.61 -15.30
N GLY I 137 26.28 12.55 -15.63
CA GLY I 137 25.69 11.24 -15.82
C GLY I 137 26.26 10.32 -14.74
N LEU I 138 27.54 10.44 -14.40
CA LEU I 138 28.12 9.64 -13.34
C LEU I 138 27.54 10.00 -11.97
N VAL I 139 27.00 11.20 -11.78
CA VAL I 139 26.36 11.56 -10.52
C VAL I 139 24.87 11.26 -10.55
N ARG I 140 24.29 11.25 -11.73
CA ARG I 140 22.86 10.99 -11.90
C ARG I 140 22.57 9.55 -12.31
N ASN I 141 23.45 8.64 -11.96
CA ASN I 141 23.20 7.22 -12.16
C ASN I 141 22.81 6.87 -13.55
N LEU I 142 23.74 7.00 -14.46
CA LEU I 142 23.53 6.58 -15.82
C LEU I 142 24.57 5.50 -16.05
N ARG I 143 24.18 4.36 -16.56
CA ARG I 143 25.09 3.23 -16.75
C ARG I 143 25.26 2.77 -18.19
N ASP I 144 24.85 3.61 -19.13
CA ASP I 144 24.93 3.26 -20.55
C ASP I 144 25.79 4.22 -21.33
N GLY I 145 26.91 3.75 -21.86
CA GLY I 145 27.83 4.63 -22.55
C GLY I 145 27.28 5.16 -23.86
N SER I 146 26.34 4.45 -24.47
CA SER I 146 25.75 4.92 -25.72
C SER I 146 25.00 6.24 -25.54
N LEU I 147 24.56 6.54 -24.32
CA LEU I 147 23.87 7.78 -24.02
C LEU I 147 24.78 8.83 -23.41
N ALA I 148 26.09 8.63 -23.46
CA ALA I 148 27.00 9.62 -22.90
C ALA I 148 26.95 10.93 -23.69
N ARG I 149 26.64 10.85 -24.99
CA ARG I 149 26.53 12.05 -25.81
C ARG I 149 25.58 13.07 -25.19
N TYR I 150 24.44 12.59 -24.68
CA TYR I 150 23.36 13.44 -24.23
C TYR I 150 23.44 13.77 -22.75
N ALA I 151 24.58 13.50 -22.11
CA ALA I 151 24.72 13.66 -20.67
C ALA I 151 25.38 14.99 -20.34
N PHE I 152 24.59 16.06 -20.50
CA PHE I 152 24.99 17.37 -20.02
C PHE I 152 23.74 18.22 -19.84
N ASP I 153 23.83 19.19 -18.92
CA ASP I 153 22.65 19.92 -18.50
C ASP I 153 22.05 20.72 -19.66
N PHE I 154 22.89 21.35 -20.48
CA PHE I 154 22.43 22.30 -21.48
C PHE I 154 22.14 21.65 -22.84
N TYR I 155 21.79 20.36 -22.85
CA TYR I 155 21.37 19.74 -24.08
C TYR I 155 20.03 20.30 -24.54
N GLU I 156 19.87 20.39 -25.86
CA GLU I 156 18.65 20.92 -26.48
C GLU I 156 17.83 19.75 -27.00
N VAL I 157 16.71 19.46 -26.33
CA VAL I 157 15.83 18.39 -26.74
C VAL I 157 15.01 18.89 -27.93
N THR I 158 15.20 18.27 -29.09
CA THR I 158 14.51 18.65 -30.32
C THR I 158 13.78 17.44 -30.87
N SER I 159 13.16 17.63 -32.04
CA SER I 159 12.46 16.53 -32.71
C SER I 159 13.41 15.44 -33.16
N ARG I 160 14.70 15.75 -33.30
CA ARG I 160 15.68 14.78 -33.76
C ARG I 160 16.33 14.00 -32.62
N THR I 161 16.00 14.31 -31.37
CA THR I 161 16.57 13.60 -30.25
C THR I 161 16.06 12.15 -30.23
N PRO I 162 16.93 11.16 -30.06
CA PRO I 162 16.44 9.79 -29.93
C PRO I 162 15.53 9.65 -28.71
N VAL I 163 14.52 8.78 -28.85
CA VAL I 163 13.60 8.55 -27.75
C VAL I 163 14.36 8.07 -26.52
N ARG I 164 15.37 7.25 -26.73
CA ARG I 164 16.14 6.74 -25.62
C ARG I 164 16.91 7.88 -24.98
N ALA I 165 17.47 8.75 -25.79
CA ALA I 165 18.14 9.94 -25.25
C ALA I 165 17.16 10.83 -24.51
N ARG I 166 15.96 11.03 -25.07
CA ARG I 166 14.95 11.86 -24.42
C ARG I 166 14.41 11.24 -23.14
N GLU I 167 14.73 9.98 -22.86
CA GLU I 167 14.33 9.32 -21.62
C GLU I 167 15.42 9.33 -20.57
N ALA I 168 16.70 9.27 -20.98
CA ALA I 168 17.79 9.46 -20.04
C ALA I 168 17.68 10.81 -19.34
N HIS I 169 17.32 11.86 -20.10
CA HIS I 169 17.27 13.20 -19.53
C HIS I 169 16.22 13.29 -18.41
N ILE I 170 15.03 12.74 -18.64
CA ILE I 170 14.03 12.74 -17.59
C ILE I 170 14.44 11.84 -16.44
N GLN I 171 15.24 10.81 -16.70
CA GLN I 171 15.80 10.00 -15.61
C GLN I 171 16.87 10.78 -14.86
N MET I 172 17.79 11.41 -15.59
CA MET I 172 18.86 12.17 -14.93
C MET I 172 18.32 13.41 -14.25
N LYS I 173 17.28 14.03 -14.82
CA LYS I 173 16.67 15.23 -14.26
C LYS I 173 15.79 14.93 -13.05
N ALA I 174 15.76 13.69 -12.58
CA ALA I 174 14.98 13.32 -11.42
C ALA I 174 15.54 12.08 -10.74
N LYS J 5 22.47 20.15 -40.56
CA LYS J 5 23.88 20.20 -40.16
C LYS J 5 24.02 20.76 -38.75
N MET J 6 25.17 20.53 -38.14
CA MET J 6 25.45 21.11 -36.84
C MET J 6 25.47 22.63 -36.94
N ARG J 7 24.90 23.28 -35.94
CA ARG J 7 24.90 24.74 -35.86
C ARG J 7 25.91 25.15 -34.81
N MET J 8 27.13 25.40 -35.25
CA MET J 8 28.18 25.81 -34.33
C MET J 8 27.86 27.18 -33.73
N PRO J 9 28.18 27.41 -32.46
CA PRO J 9 27.87 28.71 -31.86
C PRO J 9 28.60 29.83 -32.58
N LYS J 10 27.91 30.95 -32.74
CA LYS J 10 28.47 32.11 -33.43
C LYS J 10 27.93 33.37 -32.77
N SER J 11 28.76 34.40 -32.69
CA SER J 11 28.39 35.66 -32.09
C SER J 11 27.99 36.69 -33.14
N LYS J 12 28.89 37.01 -34.06
CA LYS J 12 28.63 37.95 -35.14
C LYS J 12 29.19 37.39 -36.45
N GLY J 13 28.90 36.12 -36.71
CA GLY J 13 29.43 35.45 -37.87
C GLY J 13 30.78 34.82 -37.67
N ALA J 14 31.21 34.65 -36.42
CA ALA J 14 32.49 34.02 -36.11
C ALA J 14 32.26 32.99 -35.03
N THR J 15 32.74 31.77 -35.28
CA THR J 15 32.62 30.71 -34.28
C THR J 15 33.30 31.15 -32.98
N VAL J 16 32.62 30.92 -31.86
CA VAL J 16 33.14 31.32 -30.55
C VAL J 16 33.96 30.21 -29.92
N LEU J 17 34.31 29.21 -30.71
CA LEU J 17 35.13 28.10 -30.23
C LEU J 17 36.29 27.88 -31.19
N ASN J 18 37.42 27.47 -30.64
CA ASN J 18 38.58 27.10 -31.42
C ASN J 18 38.57 25.58 -31.62
N LEU J 19 38.37 25.15 -32.86
CA LEU J 19 38.25 23.73 -33.14
C LEU J 19 39.60 23.04 -33.25
N GLU J 20 40.67 23.78 -33.58
CA GLU J 20 42.00 23.18 -33.56
C GLU J 20 42.39 22.77 -32.15
N HIS J 21 41.81 23.45 -31.14
CA HIS J 21 42.16 23.19 -29.77
C HIS J 21 41.16 22.34 -29.08
N LEU J 22 39.95 22.34 -29.47
CA LEU J 22 38.94 21.48 -28.85
C LEU J 22 39.23 20.02 -29.13
N LEU J 23 39.63 19.70 -30.36
CA LEU J 23 39.97 18.31 -30.68
C LEU J 23 41.13 17.81 -29.83
N GLU J 24 42.06 18.69 -29.45
CA GLU J 24 43.22 18.34 -28.67
C GLU J 24 43.13 18.84 -27.23
N TYR J 25 41.91 18.96 -26.71
CA TYR J 25 41.68 19.42 -25.35
C TYR J 25 40.87 18.34 -24.65
N ALA J 26 41.57 17.38 -24.06
CA ALA J 26 40.95 16.29 -23.34
C ALA J 26 41.36 16.35 -21.88
N PRO J 27 40.80 17.27 -21.14
CA PRO J 27 41.11 17.30 -19.74
C PRO J 27 40.77 16.05 -18.92
N GLN J 28 41.63 15.56 -18.03
CA GLN J 28 41.24 14.50 -17.12
C GLN J 28 40.11 15.01 -16.25
N GLN J 29 39.11 14.15 -16.03
CA GLN J 29 37.88 14.63 -15.41
C GLN J 29 38.16 15.25 -14.04
N ILE J 30 39.14 14.72 -13.33
CA ILE J 30 39.41 15.18 -11.97
C ILE J 30 39.95 16.61 -11.97
N ASP J 31 40.73 16.99 -12.99
CA ASP J 31 41.37 18.30 -12.96
C ASP J 31 40.35 19.44 -13.03
N ILE J 32 39.28 19.28 -13.81
CA ILE J 32 38.24 20.30 -13.93
C ILE J 32 36.98 19.93 -13.15
N SER J 33 36.98 18.81 -12.43
CA SER J 33 35.82 18.43 -11.65
C SER J 33 35.64 19.40 -10.48
N ASN J 34 34.43 19.38 -9.91
CA ASN J 34 34.11 20.20 -8.76
C ASN J 34 33.98 19.38 -7.48
N THR J 35 34.15 18.06 -7.54
CA THR J 35 34.27 17.26 -6.33
C THR J 35 35.66 17.38 -5.71
N ARG J 36 36.63 17.95 -6.43
CA ARG J 36 37.97 18.20 -5.93
C ARG J 36 38.23 19.69 -5.91
N ALA J 37 38.85 20.17 -4.85
CA ALA J 37 39.23 21.57 -4.78
C ALA J 37 40.39 21.86 -5.71
N THR J 38 40.47 23.10 -6.17
CA THR J 38 41.53 23.50 -7.08
C THR J 38 42.88 23.47 -6.36
N GLN J 39 43.93 23.16 -7.13
CA GLN J 39 45.26 23.13 -6.54
C GLN J 39 45.65 24.46 -5.92
N SER J 40 45.04 25.56 -6.37
CA SER J 40 45.24 26.84 -5.73
C SER J 40 44.50 26.94 -4.40
N GLN J 41 43.47 26.11 -4.20
CA GLN J 41 42.79 26.03 -2.92
C GLN J 41 43.43 25.00 -1.98
N PHE J 42 44.08 23.97 -2.54
CA PHE J 42 44.83 23.03 -1.73
C PHE J 42 46.09 23.69 -1.17
N ASP J 43 46.82 24.41 -2.03
CA ASP J 43 48.07 25.03 -1.59
C ASP J 43 47.82 26.03 -0.46
N THR J 44 46.75 26.80 -0.56
CA THR J 44 46.41 27.72 0.52
C THR J 44 46.10 26.97 1.80
N TRP J 45 45.37 25.85 1.68
CA TRP J 45 45.03 25.07 2.87
C TRP J 45 46.34 24.50 3.38
N TYR J 46 46.99 23.66 2.59
CA TYR J 46 48.24 23.05 3.01
C TYR J 46 49.13 24.03 3.76
N GLU J 47 49.41 25.19 3.17
CA GLU J 47 50.30 26.15 3.82
C GLU J 47 49.70 26.64 5.13
N ALA J 48 48.37 26.79 5.19
CA ALA J 48 47.74 27.29 6.40
C ALA J 48 47.96 26.35 7.58
N VAL J 49 47.83 25.04 7.34
CA VAL J 49 48.01 24.09 8.44
C VAL J 49 49.47 24.06 8.89
N GLN J 50 50.41 24.25 7.96
CA GLN J 50 51.81 24.40 8.35
C GLN J 50 52.01 25.62 9.26
N LEU J 51 51.26 26.69 9.02
CA LEU J 51 51.39 27.87 9.87
C LEU J 51 50.73 27.66 11.22
N ALA J 52 49.54 27.04 11.25
CA ALA J 52 48.85 26.84 12.52
C ALA J 52 49.56 25.80 13.38
N TYR J 53 50.04 24.72 12.77
CA TYR J 53 50.67 23.64 13.53
C TYR J 53 52.14 23.92 13.86
N ASP J 54 52.73 24.94 13.26
CA ASP J 54 54.15 25.26 13.43
C ASP J 54 55.06 24.12 12.97
N ILE J 55 54.52 23.14 12.25
CA ILE J 55 55.33 22.08 11.69
C ILE J 55 56.10 22.62 10.50
N GLY J 56 57.36 22.21 10.37
CA GLY J 56 58.21 22.71 9.31
C GLY J 56 57.84 22.13 7.96
N GLU J 57 58.52 22.65 6.92
CA GLU J 57 58.32 22.11 5.58
C GLU J 57 58.69 20.64 5.50
N THR J 58 59.47 20.14 6.47
CA THR J 58 59.67 18.72 6.66
C THR J 58 58.79 18.26 7.82
N GLU J 59 58.46 16.98 7.83
CA GLU J 59 57.58 16.44 8.85
C GLU J 59 56.11 16.74 8.57
N MET J 60 55.79 17.60 7.61
CA MET J 60 54.38 17.81 7.33
C MET J 60 53.91 16.61 6.59
N PRO J 61 54.73 16.05 5.74
CA PRO J 61 54.16 14.87 5.10
C PRO J 61 53.62 13.84 6.07
N THR J 62 54.30 13.59 7.17
CA THR J 62 53.90 12.61 8.18
C THR J 62 52.68 13.08 8.94
N VAL J 63 52.44 14.37 9.05
CA VAL J 63 51.20 14.81 9.67
C VAL J 63 50.09 14.60 8.69
N MET J 64 50.30 14.81 7.38
CA MET J 64 49.27 14.53 6.38
C MET J 64 48.96 13.05 6.27
N ASN J 65 49.89 12.17 6.65
CA ASN J 65 49.61 10.75 6.68
C ASN J 65 48.63 10.40 7.79
N GLY J 66 48.77 11.01 8.96
CA GLY J 66 47.81 10.79 10.02
C GLY J 66 46.43 11.30 9.66
N LEU J 67 46.38 12.49 9.04
CA LEU J 67 45.08 13.06 8.68
C LEU J 67 44.39 12.20 7.62
N MET J 68 45.14 11.72 6.64
CA MET J 68 44.55 10.88 5.61
C MET J 68 43.94 9.62 6.21
N VAL J 69 44.71 8.90 7.02
CA VAL J 69 44.19 7.69 7.66
C VAL J 69 43.10 8.06 8.65
N TRP J 70 43.27 9.18 9.35
CA TRP J 70 42.22 9.63 10.26
C TRP J 70 40.94 9.96 9.52
N CYS J 71 41.05 10.60 8.36
CA CYS J 71 39.87 10.98 7.58
C CYS J 71 39.23 9.81 6.85
N ILE J 72 39.89 8.66 6.80
CA ILE J 72 39.27 7.47 6.25
C ILE J 72 38.40 6.77 7.28
N GLU J 73 38.87 6.70 8.52
CA GLU J 73 38.18 5.98 9.59
C GLU J 73 37.24 6.85 10.41
N ASN J 74 37.19 8.16 10.15
CA ASN J 74 36.36 9.04 10.96
C ASN J 74 35.38 9.84 10.10
N GLY J 75 35.85 10.34 8.96
CA GLY J 75 35.03 11.17 8.11
C GLY J 75 35.72 12.47 7.77
N THR J 76 35.17 13.22 6.82
CA THR J 76 35.73 14.51 6.42
C THR J 76 34.81 15.66 6.83
N SER J 77 33.90 15.44 7.76
CA SER J 77 33.03 16.47 8.30
C SER J 77 33.04 16.39 9.82
N PRO J 78 34.20 16.61 10.44
CA PRO J 78 34.28 16.53 11.91
C PRO J 78 33.87 17.83 12.58
N ASN J 79 34.00 17.89 13.91
CA ASN J 79 33.73 19.11 14.66
C ASN J 79 34.93 20.03 14.56
N ILE J 80 34.69 21.31 14.27
CA ILE J 80 35.76 22.29 14.19
C ILE J 80 36.47 22.48 15.52
N ASN J 81 35.88 22.03 16.62
CA ASN J 81 36.41 22.25 17.95
C ASN J 81 37.04 21.00 18.55
N GLY J 82 37.22 19.94 17.76
CA GLY J 82 37.75 18.69 18.24
C GLY J 82 39.24 18.58 18.03
N VAL J 83 39.73 17.35 18.05
CA VAL J 83 41.14 17.05 17.84
C VAL J 83 41.25 15.69 17.16
N TRP J 84 41.97 15.65 16.05
CA TRP J 84 42.24 14.39 15.37
C TRP J 84 43.57 13.84 15.85
N VAL J 85 43.65 12.52 15.94
CA VAL J 85 44.77 11.85 16.56
C VAL J 85 45.50 11.02 15.51
N MET J 86 46.82 10.98 15.66
CA MET J 86 47.68 10.08 14.89
C MET J 86 48.59 9.34 15.84
N MET J 87 48.88 8.08 15.52
CA MET J 87 49.62 7.20 16.40
C MET J 87 51.12 7.36 16.15
N ASP J 88 51.83 7.87 17.16
CA ASP J 88 53.29 7.99 17.11
C ASP J 88 53.85 6.73 17.77
N GLY J 89 53.96 5.67 16.99
CA GLY J 89 54.32 4.38 17.55
C GLY J 89 53.17 3.79 18.32
N ASP J 90 53.25 3.81 19.65
CA ASP J 90 52.17 3.32 20.50
C ASP J 90 51.41 4.43 21.20
N GLU J 91 51.92 5.66 21.23
CA GLU J 91 51.27 6.76 21.93
C GLU J 91 50.20 7.37 21.02
N GLN J 92 49.65 8.51 21.43
CA GLN J 92 48.55 9.15 20.71
C GLN J 92 48.84 10.64 20.63
N VAL J 93 49.03 11.14 19.41
CA VAL J 93 49.38 12.54 19.18
C VAL J 93 48.13 13.24 18.66
N GLU J 94 47.58 14.14 19.48
CA GLU J 94 46.35 14.85 19.16
C GLU J 94 46.67 16.20 18.55
N TYR J 95 46.02 16.51 17.44
CA TYR J 95 46.18 17.80 16.77
C TYR J 95 44.83 18.52 16.69
N PRO J 96 44.82 19.84 16.73
CA PRO J 96 43.56 20.56 16.61
C PRO J 96 43.05 20.56 15.18
N LEU J 97 41.72 20.52 15.04
CA LEU J 97 41.07 20.46 13.75
C LEU J 97 40.70 21.83 13.20
N LYS J 98 40.95 22.91 13.95
CA LYS J 98 40.58 24.24 13.48
C LYS J 98 41.25 24.60 12.17
N PRO J 99 42.57 24.53 12.03
CA PRO J 99 43.19 24.83 10.73
C PRO J 99 42.74 23.88 9.62
N ILE J 100 42.44 22.63 9.95
CA ILE J 100 42.03 21.67 8.94
C ILE J 100 40.72 22.11 8.29
N VAL J 101 39.75 22.52 9.10
CA VAL J 101 38.41 22.80 8.62
C VAL J 101 38.22 24.29 8.30
N GLU J 102 38.81 25.16 9.11
CA GLU J 102 38.64 26.60 8.88
C GLU J 102 39.22 27.03 7.54
N ASN J 103 40.30 26.38 7.09
CA ASN J 103 40.98 26.76 5.86
C ASN J 103 40.73 25.76 4.74
N ALA J 104 39.69 24.95 4.85
CA ALA J 104 39.33 23.97 3.82
C ALA J 104 38.21 24.57 2.98
N LYS J 105 38.58 25.13 1.82
CA LYS J 105 37.64 25.73 0.90
C LYS J 105 37.52 24.87 -0.35
N PRO J 106 36.31 24.56 -0.82
CA PRO J 106 35.00 24.92 -0.25
C PRO J 106 34.69 24.09 0.98
N THR J 107 35.15 22.84 1.01
CA THR J 107 34.92 21.96 2.14
C THR J 107 36.11 21.01 2.26
N LEU J 108 36.22 20.39 3.44
CA LEU J 108 37.33 19.46 3.67
C LEU J 108 37.23 18.24 2.75
N ARG J 109 36.02 17.80 2.43
CA ARG J 109 35.89 16.65 1.55
C ARG J 109 36.51 16.91 0.19
N GLN J 110 36.27 18.09 -0.38
CA GLN J 110 36.88 18.44 -1.65
C GLN J 110 38.38 18.64 -1.51
N ILE J 111 38.83 19.17 -0.36
CA ILE J 111 40.26 19.29 -0.12
C ILE J 111 40.89 17.91 0.07
N MET J 112 40.17 17.00 0.72
CA MET J 112 40.68 15.65 0.95
C MET J 112 40.52 14.75 -0.25
N ALA J 113 39.74 15.15 -1.26
CA ALA J 113 39.61 14.34 -2.46
C ALA J 113 40.91 14.23 -3.23
N HIS J 114 41.89 15.09 -2.93
CA HIS J 114 43.21 14.98 -3.54
C HIS J 114 43.93 13.71 -3.10
N PHE J 115 43.49 13.09 -2.01
CA PHE J 115 44.10 11.88 -1.48
C PHE J 115 43.35 10.62 -1.88
N SER J 116 42.35 10.73 -2.75
CA SER J 116 41.48 9.59 -3.04
C SER J 116 42.27 8.41 -3.57
N ASP J 117 43.14 8.65 -4.57
CA ASP J 117 43.89 7.55 -5.15
C ASP J 117 44.79 6.88 -4.12
N VAL J 118 45.45 7.66 -3.27
CA VAL J 118 46.27 7.09 -2.22
C VAL J 118 45.39 6.40 -1.18
N ALA J 119 44.22 6.97 -0.90
CA ALA J 119 43.35 6.42 0.14
C ALA J 119 42.97 4.98 -0.17
N GLU J 120 42.53 4.71 -1.40
CA GLU J 120 42.19 3.34 -1.76
C GLU J 120 43.42 2.45 -1.76
N ALA J 121 44.57 2.99 -2.16
CA ALA J 121 45.80 2.23 -2.12
C ALA J 121 46.17 1.85 -0.69
N TYR J 122 46.00 2.79 0.24
CA TYR J 122 46.31 2.52 1.64
C TYR J 122 45.43 1.41 2.20
N ILE J 123 44.15 1.42 1.87
CA ILE J 123 43.23 0.41 2.39
C ILE J 123 43.63 -0.97 1.88
N GLU J 124 43.99 -1.07 0.60
CA GLU J 124 44.30 -2.37 0.02
C GLU J 124 45.47 -3.03 0.75
N MET J 125 46.56 -2.28 0.96
CA MET J 125 47.70 -2.85 1.69
C MET J 125 47.31 -3.18 3.11
N ARG J 126 46.52 -2.32 3.75
CA ARG J 126 45.98 -2.64 5.07
C ARG J 126 45.11 -3.89 5.02
N ASN J 127 44.36 -4.03 3.95
CA ASN J 127 43.51 -5.20 3.76
C ASN J 127 44.30 -6.38 3.28
N CYS J 128 45.53 -6.14 2.86
CA CYS J 128 46.42 -7.20 2.40
C CYS J 128 47.15 -7.89 3.54
N LYS J 129 46.89 -7.48 4.78
CA LYS J 129 47.41 -8.15 5.97
C LYS J 129 46.31 -8.79 6.79
N GLU J 130 45.25 -8.04 7.09
CA GLU J 130 44.08 -8.54 7.80
C GLU J 130 42.90 -7.67 7.39
N PRO J 131 41.68 -8.14 7.64
CA PRO J 131 40.51 -7.36 7.22
C PRO J 131 40.55 -5.95 7.80
N TYR J 132 40.24 -4.97 6.95
CA TYR J 132 40.18 -3.57 7.36
C TYR J 132 39.07 -2.92 6.52
N MET J 133 37.89 -2.82 7.10
CA MET J 133 36.82 -2.04 6.52
C MET J 133 36.78 -0.69 7.20
N PRO J 134 37.06 0.42 6.52
CA PRO J 134 37.04 1.72 7.18
C PRO J 134 35.71 1.97 7.87
N ARG J 135 35.79 2.60 9.06
CA ARG J 135 34.60 2.84 9.85
C ARG J 135 33.47 3.47 9.04
N TYR J 136 33.79 4.19 7.97
CA TYR J 136 32.74 4.80 7.17
C TYR J 136 31.85 3.74 6.53
N GLY J 137 32.32 2.49 6.43
CA GLY J 137 31.53 1.40 5.91
C GLY J 137 30.96 0.49 6.99
N LEU J 138 31.59 0.48 8.16
CA LEU J 138 31.07 -0.30 9.28
C LEU J 138 29.80 0.33 9.86
N VAL J 139 29.75 1.66 9.91
CA VAL J 139 28.59 2.36 10.45
C VAL J 139 27.56 2.58 9.35
N ARG J 140 27.79 1.97 8.18
CA ARG J 140 26.85 2.06 7.08
C ARG J 140 26.58 0.69 6.45
N ASN J 141 26.79 -0.37 7.19
CA ASN J 141 26.44 -1.72 6.71
C ASN J 141 27.05 -2.09 5.39
N LEU J 142 28.26 -1.68 5.16
CA LEU J 142 28.98 -2.10 3.97
C LEU J 142 29.59 -3.47 4.29
N ARG J 143 29.04 -4.52 3.68
CA ARG J 143 29.35 -5.89 4.09
C ARG J 143 30.33 -6.59 3.16
N ASP J 144 30.24 -6.35 1.85
CA ASP J 144 31.23 -6.91 0.95
C ASP J 144 32.60 -6.32 1.28
N GLY J 145 33.61 -7.18 1.29
CA GLY J 145 34.93 -6.75 1.71
C GLY J 145 35.79 -6.25 0.56
N SER J 146 35.56 -6.78 -0.64
CA SER J 146 36.33 -6.31 -1.79
C SER J 146 36.10 -4.82 -2.03
N LEU J 147 34.86 -4.36 -1.90
CA LEU J 147 34.57 -2.94 -2.02
C LEU J 147 34.81 -2.25 -0.67
N ALA J 148 36.02 -2.41 -0.15
CA ALA J 148 36.45 -1.70 1.06
C ALA J 148 37.46 -0.60 0.76
N ARG J 149 37.97 -0.54 -0.47
CA ARG J 149 38.83 0.54 -0.92
C ARG J 149 38.05 1.76 -1.37
N TYR J 150 36.72 1.70 -1.32
CA TYR J 150 35.87 2.83 -1.70
C TYR J 150 34.99 3.27 -0.53
N ALA J 151 35.27 2.78 0.68
CA ALA J 151 34.48 3.09 1.86
C ALA J 151 35.06 4.27 2.63
N PHE J 152 35.29 5.40 1.96
CA PHE J 152 35.79 6.60 2.62
C PHE J 152 35.12 7.83 2.03
N ASP J 153 34.87 8.82 2.88
CA ASP J 153 33.95 9.90 2.55
C ASP J 153 34.46 10.72 1.36
N PHE J 154 35.77 10.83 1.22
CA PHE J 154 36.34 11.70 0.21
C PHE J 154 36.74 11.02 -1.06
N TYR J 155 35.98 10.05 -1.49
CA TYR J 155 36.27 9.30 -2.68
C TYR J 155 35.65 9.96 -3.85
N GLU J 156 36.36 9.98 -4.97
CA GLU J 156 35.91 10.67 -6.17
C GLU J 156 35.45 9.62 -7.18
N VAL J 157 34.15 9.58 -7.43
CA VAL J 157 33.61 8.69 -8.44
C VAL J 157 33.97 9.28 -9.81
N THR J 158 34.80 8.56 -10.54
CA THR J 158 35.27 8.97 -11.85
C THR J 158 34.79 7.98 -12.89
N SER J 159 35.26 8.16 -14.13
CA SER J 159 34.89 7.25 -15.20
C SER J 159 35.54 5.89 -15.04
N ARG J 160 36.59 5.79 -14.24
CA ARG J 160 37.31 4.54 -14.01
C ARG J 160 36.79 3.78 -12.80
N THR J 161 35.83 4.32 -12.06
CA THR J 161 35.36 3.66 -10.86
C THR J 161 34.51 2.45 -11.22
N PRO J 162 34.70 1.31 -10.54
CA PRO J 162 33.80 0.18 -10.76
C PRO J 162 32.35 0.57 -10.51
N VAL J 163 31.45 0.04 -11.34
CA VAL J 163 30.05 0.41 -11.23
C VAL J 163 29.48 -0.04 -9.88
N ARG J 164 29.98 -1.15 -9.37
CA ARG J 164 29.52 -1.58 -8.08
C ARG J 164 29.85 -0.50 -7.09
N ALA J 165 31.12 -0.19 -6.97
CA ALA J 165 31.54 0.85 -6.05
C ALA J 165 30.63 2.06 -6.13
N ARG J 166 30.27 2.46 -7.35
CA ARG J 166 29.37 3.58 -7.54
C ARG J 166 28.02 3.32 -6.88
N GLU J 167 27.46 2.12 -7.10
CA GLU J 167 26.20 1.78 -6.46
C GLU J 167 26.35 1.72 -4.94
N ALA J 168 27.48 1.20 -4.46
CA ALA J 168 27.70 1.13 -3.02
C ALA J 168 27.67 2.52 -2.40
N HIS J 169 28.36 3.48 -3.01
CA HIS J 169 28.35 4.84 -2.48
C HIS J 169 26.93 5.39 -2.42
N ILE J 170 26.10 5.05 -3.41
CA ILE J 170 24.69 5.42 -3.32
C ILE J 170 24.03 4.78 -2.12
N GLN J 171 24.58 3.65 -1.65
CA GLN J 171 24.02 2.98 -0.48
C GLN J 171 24.54 3.61 0.82
N MET J 172 25.84 3.84 0.92
CA MET J 172 26.36 4.48 2.12
C MET J 172 25.77 5.87 2.30
N LYS J 173 25.69 6.65 1.22
CA LYS J 173 25.02 7.94 1.27
C LYS J 173 23.55 7.72 1.57
N ALA J 174 23.12 8.13 2.76
CA ALA J 174 21.75 7.90 3.20
C ALA J 174 21.42 6.41 3.21
N ARG K 7 -47.06 3.71 14.64
CA ARG K 7 -47.10 4.72 15.69
C ARG K 7 -47.19 6.12 15.07
N MET K 8 -48.41 6.63 14.97
CA MET K 8 -48.60 7.93 14.35
C MET K 8 -48.15 9.04 15.30
N PRO K 9 -47.52 10.09 14.79
CA PRO K 9 -47.14 11.21 15.67
C PRO K 9 -48.38 11.83 16.30
N LYS K 10 -48.18 12.37 17.50
CA LYS K 10 -49.29 12.96 18.21
C LYS K 10 -48.90 13.93 19.22
N SER K 11 -49.74 14.91 19.45
CA SER K 11 -49.51 15.87 20.48
C SER K 11 -50.85 16.05 21.16
N LYS K 12 -50.97 15.63 22.42
CA LYS K 12 -52.21 15.79 23.18
C LYS K 12 -53.35 14.94 22.71
N GLY K 13 -53.07 13.72 22.32
CA GLY K 13 -54.14 12.81 21.95
C GLY K 13 -54.84 13.22 20.70
N ALA K 14 -54.07 13.49 19.68
CA ALA K 14 -54.63 13.82 18.40
C ALA K 14 -53.44 13.68 17.50
N THR K 15 -53.60 13.11 16.34
CA THR K 15 -52.47 13.06 15.42
C THR K 15 -52.16 14.44 14.97
N VAL K 16 -50.94 14.67 14.52
CA VAL K 16 -50.55 15.96 14.01
C VAL K 16 -50.36 15.73 12.51
N LEU K 17 -51.16 14.87 11.91
CA LEU K 17 -51.14 14.59 10.49
C LEU K 17 -52.56 14.28 10.05
N ASN K 18 -52.81 14.41 8.74
CA ASN K 18 -54.08 14.02 8.15
C ASN K 18 -53.78 12.95 7.12
N LEU K 19 -54.15 11.72 7.42
CA LEU K 19 -53.91 10.61 6.51
C LEU K 19 -54.90 10.56 5.35
N GLU K 20 -55.94 11.36 5.44
CA GLU K 20 -56.84 11.44 4.34
C GLU K 20 -56.11 12.20 3.29
N HIS K 21 -55.67 13.40 3.64
CA HIS K 21 -54.94 14.24 2.69
C HIS K 21 -53.74 13.50 2.20
N LEU K 22 -52.93 13.04 3.09
CA LEU K 22 -51.70 12.39 2.69
C LEU K 22 -51.86 11.30 1.67
N LEU K 23 -52.89 10.53 1.76
CA LEU K 23 -53.02 9.44 0.86
C LEU K 23 -52.95 9.99 -0.54
N GLU K 24 -53.51 11.19 -0.74
CA GLU K 24 -53.57 11.78 -2.07
C GLU K 24 -52.67 12.99 -2.24
N TYR K 25 -51.69 13.16 -1.37
CA TYR K 25 -50.71 14.24 -1.49
C TYR K 25 -49.53 13.62 -2.07
N ALA K 26 -49.28 13.91 -3.33
CA ALA K 26 -48.17 13.33 -4.03
C ALA K 26 -47.54 14.38 -4.88
N PRO K 27 -46.63 15.14 -4.32
CA PRO K 27 -45.90 16.17 -5.07
C PRO K 27 -44.77 15.58 -5.88
N GLN K 28 -44.56 16.10 -7.07
CA GLN K 28 -43.47 15.61 -7.85
C GLN K 28 -42.21 16.00 -7.17
N GLN K 29 -41.19 15.23 -7.38
CA GLN K 29 -39.94 15.46 -6.66
C GLN K 29 -39.30 16.78 -7.06
N ILE K 30 -39.47 17.21 -8.31
CA ILE K 30 -38.83 18.42 -8.80
C ILE K 30 -39.59 19.68 -8.43
N ASP K 31 -40.70 19.56 -7.70
CA ASP K 31 -41.42 20.71 -7.16
C ASP K 31 -41.20 20.89 -5.67
N ILE K 32 -40.81 19.84 -4.95
CA ILE K 32 -40.54 19.91 -3.52
C ILE K 32 -39.03 19.96 -3.30
N SER K 33 -38.27 19.40 -4.23
CA SER K 33 -36.82 19.30 -4.06
C SER K 33 -36.18 20.68 -4.06
N ASN K 34 -35.09 20.79 -3.31
CA ASN K 34 -34.31 22.03 -3.24
C ASN K 34 -33.22 22.10 -4.29
N THR K 35 -33.05 21.07 -5.11
CA THR K 35 -32.10 21.09 -6.22
C THR K 35 -32.55 22.02 -7.33
N ARG K 36 -33.66 22.70 -7.12
CA ARG K 36 -34.27 23.54 -8.14
C ARG K 36 -34.98 24.70 -7.46
N ALA K 37 -34.78 25.90 -8.00
CA ALA K 37 -35.32 27.10 -7.37
C ALA K 37 -36.85 27.10 -7.45
N THR K 38 -37.47 27.79 -6.49
CA THR K 38 -38.91 27.89 -6.45
C THR K 38 -39.42 28.78 -7.58
N GLN K 39 -40.71 28.64 -7.88
CA GLN K 39 -41.31 29.43 -8.95
C GLN K 39 -41.22 30.92 -8.64
N SER K 40 -41.49 31.30 -7.40
CA SER K 40 -41.37 32.71 -7.02
C SER K 40 -39.95 33.20 -7.22
N GLN K 41 -38.95 32.34 -7.02
CA GLN K 41 -37.57 32.71 -7.28
C GLN K 41 -37.29 32.76 -8.77
N PHE K 42 -37.84 31.81 -9.54
CA PHE K 42 -37.64 31.84 -10.98
C PHE K 42 -38.27 33.09 -11.60
N ASP K 43 -39.48 33.45 -11.16
CA ASP K 43 -40.12 34.64 -11.70
C ASP K 43 -39.33 35.89 -11.36
N THR K 44 -38.80 35.98 -10.14
CA THR K 44 -37.99 37.13 -9.78
C THR K 44 -36.74 37.23 -10.64
N TRP K 45 -36.07 36.10 -10.87
CA TRP K 45 -34.89 36.10 -11.73
C TRP K 45 -35.27 36.46 -13.17
N TYR K 46 -36.32 35.85 -13.68
CA TYR K 46 -36.73 36.10 -15.06
C TYR K 46 -37.12 37.57 -15.25
N GLU K 47 -37.89 38.12 -14.32
CA GLU K 47 -38.33 39.50 -14.44
C GLU K 47 -37.23 40.51 -14.13
N ALA K 48 -36.13 40.07 -13.54
CA ALA K 48 -34.98 40.94 -13.34
C ALA K 48 -34.02 40.91 -14.52
N VAL K 49 -33.81 39.73 -15.11
CA VAL K 49 -32.99 39.64 -16.31
C VAL K 49 -33.68 40.33 -17.47
N GLN K 50 -35.01 40.25 -17.52
CA GLN K 50 -35.76 40.93 -18.57
C GLN K 50 -35.57 42.44 -18.50
N LEU K 51 -35.60 43.00 -17.28
CA LEU K 51 -35.44 44.44 -17.12
C LEU K 51 -34.00 44.86 -17.32
N ALA K 52 -33.04 44.05 -16.84
CA ALA K 52 -31.64 44.39 -16.96
C ALA K 52 -31.10 44.25 -18.38
N TYR K 53 -31.85 43.62 -19.28
CA TYR K 53 -31.42 43.43 -20.66
C TYR K 53 -32.14 44.36 -21.63
N ASP K 54 -33.07 45.19 -21.16
CA ASP K 54 -33.82 46.09 -22.02
C ASP K 54 -34.50 45.32 -23.15
N ILE K 55 -35.17 44.23 -22.77
CA ILE K 55 -35.84 43.35 -23.72
C ILE K 55 -37.24 43.06 -23.19
N GLY K 56 -38.21 42.99 -24.10
CA GLY K 56 -39.57 42.66 -23.75
C GLY K 56 -39.87 41.18 -23.88
N GLU K 57 -41.14 40.84 -23.67
CA GLU K 57 -41.57 39.45 -23.83
C GLU K 57 -41.50 39.00 -25.28
N THR K 58 -41.39 39.92 -26.24
CA THR K 58 -41.37 39.53 -27.64
C THR K 58 -40.16 38.69 -27.98
N GLU K 59 -38.99 39.06 -27.47
CA GLU K 59 -37.75 38.37 -27.80
C GLU K 59 -36.98 37.85 -26.58
N MET K 60 -37.50 38.05 -25.38
CA MET K 60 -36.84 37.45 -24.21
C MET K 60 -36.78 35.93 -24.32
N PRO K 61 -37.84 35.23 -24.71
CA PRO K 61 -37.70 33.78 -24.90
C PRO K 61 -36.57 33.40 -25.83
N THR K 62 -36.36 34.17 -26.90
CA THR K 62 -35.26 33.87 -27.81
C THR K 62 -33.91 33.97 -27.09
N VAL K 63 -33.74 34.99 -26.25
CA VAL K 63 -32.51 35.12 -25.50
C VAL K 63 -32.31 33.93 -24.58
N MET K 64 -33.41 33.45 -23.96
CA MET K 64 -33.32 32.30 -23.07
C MET K 64 -32.92 31.03 -23.81
N ASN K 65 -33.22 30.93 -25.10
CA ASN K 65 -32.76 29.78 -25.88
C ASN K 65 -31.24 29.75 -25.94
N GLY K 66 -30.62 30.91 -26.19
CA GLY K 66 -29.17 30.97 -26.21
C GLY K 66 -28.55 30.71 -24.86
N LEU K 67 -29.13 31.29 -23.80
CA LEU K 67 -28.56 31.12 -22.47
C LEU K 67 -28.61 29.66 -22.04
N MET K 68 -29.69 28.97 -22.30
CA MET K 68 -29.72 27.60 -21.92
C MET K 68 -28.63 26.88 -22.68
N VAL K 69 -28.47 27.13 -23.97
CA VAL K 69 -27.49 26.41 -24.79
C VAL K 69 -26.08 26.79 -24.43
N TRP K 70 -25.91 27.89 -23.76
CA TRP K 70 -24.61 28.31 -23.28
C TRP K 70 -24.35 27.57 -22.05
N CYS K 71 -25.31 27.54 -21.14
CA CYS K 71 -25.07 26.89 -19.86
C CYS K 71 -25.04 25.37 -19.96
N ILE K 72 -25.28 24.82 -21.14
CA ILE K 72 -25.12 23.38 -21.37
C ILE K 72 -23.68 23.13 -21.81
N GLU K 73 -23.08 24.12 -22.48
CA GLU K 73 -21.74 23.98 -23.02
C GLU K 73 -20.68 24.61 -22.14
N ASN K 74 -21.07 25.43 -21.16
CA ASN K 74 -20.10 26.11 -20.32
C ASN K 74 -20.23 25.72 -18.86
N GLY K 75 -21.46 25.75 -18.34
CA GLY K 75 -21.74 25.43 -16.96
C GLY K 75 -22.56 26.50 -16.29
N THR K 76 -22.91 26.24 -15.03
CA THR K 76 -23.72 27.15 -14.22
C THR K 76 -22.92 27.80 -13.11
N SER K 77 -21.59 27.85 -13.24
CA SER K 77 -20.72 28.56 -12.29
C SER K 77 -19.76 29.43 -13.09
N PRO K 78 -20.28 30.46 -13.77
CA PRO K 78 -19.42 31.29 -14.62
C PRO K 78 -18.80 32.47 -13.86
N ASN K 79 -18.06 33.30 -14.59
CA ASN K 79 -17.45 34.50 -14.02
C ASN K 79 -18.48 35.63 -14.06
N ILE K 80 -18.89 36.11 -12.89
CA ILE K 80 -19.94 37.13 -12.83
C ILE K 80 -19.54 38.35 -13.65
N ASN K 81 -18.28 38.76 -13.57
CA ASN K 81 -17.76 39.86 -14.37
C ASN K 81 -17.28 39.32 -15.71
N GLY K 82 -18.24 38.88 -16.50
CA GLY K 82 -17.96 38.30 -17.81
C GLY K 82 -19.14 38.49 -18.74
N VAL K 83 -19.21 37.66 -19.77
CA VAL K 83 -20.25 37.77 -20.79
C VAL K 83 -20.55 36.39 -21.34
N TRP K 84 -21.82 36.15 -21.64
CA TRP K 84 -22.26 34.91 -22.27
C TRP K 84 -22.66 35.19 -23.71
N VAL K 85 -22.30 34.27 -24.60
CA VAL K 85 -22.32 34.49 -26.04
C VAL K 85 -23.55 33.83 -26.65
N MET K 86 -24.15 34.52 -27.62
CA MET K 86 -25.22 33.98 -28.43
C MET K 86 -24.90 34.23 -29.90
N MET K 87 -25.33 33.32 -30.76
CA MET K 87 -25.00 33.37 -32.17
C MET K 87 -26.25 33.73 -32.97
N ASP K 88 -26.25 34.92 -33.57
CA ASP K 88 -27.35 35.36 -34.43
C ASP K 88 -27.02 35.00 -35.88
N GLY K 89 -26.87 33.70 -36.12
CA GLY K 89 -26.44 33.22 -37.41
C GLY K 89 -24.95 32.96 -37.42
N ASP K 90 -24.22 33.72 -38.24
CA ASP K 90 -22.77 33.71 -38.18
C ASP K 90 -22.21 34.78 -37.26
N GLU K 91 -23.03 35.74 -36.86
CA GLU K 91 -22.59 36.83 -36.00
C GLU K 91 -22.63 36.39 -34.53
N GLN K 92 -21.92 37.15 -33.71
CA GLN K 92 -21.84 36.91 -32.27
C GLN K 92 -22.65 37.98 -31.54
N VAL K 93 -23.40 37.54 -30.54
CA VAL K 93 -24.18 38.43 -29.69
C VAL K 93 -23.71 38.24 -28.26
N GLU K 94 -23.26 39.33 -27.64
CA GLU K 94 -22.66 39.29 -26.31
C GLU K 94 -23.61 39.92 -25.30
N TYR K 95 -23.84 39.23 -24.19
CA TYR K 95 -24.69 39.73 -23.12
C TYR K 95 -23.94 39.67 -21.79
N PRO K 96 -24.23 40.59 -20.87
CA PRO K 96 -23.58 40.54 -19.55
C PRO K 96 -24.08 39.37 -18.71
N LEU K 97 -23.28 38.96 -17.72
CA LEU K 97 -23.70 37.93 -16.80
C LEU K 97 -23.94 38.49 -15.43
N LYS K 98 -24.09 39.79 -15.32
CA LYS K 98 -24.40 40.36 -14.02
C LYS K 98 -25.83 40.03 -13.63
N PRO K 99 -26.84 40.40 -14.42
CA PRO K 99 -28.22 40.02 -14.05
C PRO K 99 -28.42 38.52 -13.96
N ILE K 100 -27.73 37.73 -14.79
CA ILE K 100 -27.92 36.29 -14.78
C ILE K 100 -27.54 35.72 -13.41
N VAL K 101 -26.38 36.10 -12.91
CA VAL K 101 -25.87 35.51 -11.67
C VAL K 101 -26.34 36.29 -10.44
N GLU K 102 -26.41 37.62 -10.55
CA GLU K 102 -26.76 38.43 -9.38
C GLU K 102 -28.16 38.11 -8.89
N ASN K 103 -29.12 37.96 -9.80
CA ASN K 103 -30.52 37.79 -9.44
C ASN K 103 -30.95 36.34 -9.37
N ALA K 104 -30.03 35.39 -9.59
CA ALA K 104 -30.37 33.97 -9.59
C ALA K 104 -30.19 33.43 -8.17
N LYS K 105 -31.28 33.46 -7.41
CA LYS K 105 -31.27 32.94 -6.05
C LYS K 105 -31.87 31.55 -6.00
N PRO K 106 -31.30 30.61 -5.23
CA PRO K 106 -30.10 30.73 -4.40
C PRO K 106 -28.83 30.63 -5.25
N THR K 107 -28.85 29.77 -6.26
CA THR K 107 -27.72 29.61 -7.17
C THR K 107 -28.26 29.50 -8.59
N LEU K 108 -27.44 29.91 -9.56
CA LEU K 108 -27.88 29.88 -10.95
C LEU K 108 -28.24 28.47 -11.40
N ARG K 109 -27.61 27.45 -10.81
CA ARG K 109 -27.97 26.08 -11.16
C ARG K 109 -29.40 25.76 -10.75
N GLN K 110 -29.79 26.17 -9.54
CA GLN K 110 -31.18 26.00 -9.13
C GLN K 110 -32.11 26.77 -10.04
N ILE K 111 -31.71 27.97 -10.46
CA ILE K 111 -32.50 28.75 -11.40
C ILE K 111 -32.47 28.17 -12.80
N MET K 112 -31.40 27.46 -13.17
CA MET K 112 -31.31 26.80 -14.45
C MET K 112 -31.79 25.36 -14.43
N ALA K 113 -32.10 24.82 -13.25
CA ALA K 113 -32.65 23.47 -13.17
C ALA K 113 -34.01 23.38 -13.82
N HIS K 114 -34.71 24.51 -13.98
CA HIS K 114 -36.00 24.52 -14.66
C HIS K 114 -35.87 24.17 -16.13
N PHE K 115 -34.66 24.21 -16.69
CA PHE K 115 -34.41 23.86 -18.08
C PHE K 115 -33.88 22.45 -18.24
N SER K 116 -33.92 21.64 -17.17
CA SER K 116 -33.36 20.30 -17.24
C SER K 116 -34.08 19.46 -18.29
N ASP K 117 -35.40 19.54 -18.33
CA ASP K 117 -36.17 18.77 -19.31
C ASP K 117 -35.90 19.27 -20.72
N VAL K 118 -35.90 20.58 -20.92
CA VAL K 118 -35.66 21.13 -22.26
C VAL K 118 -34.20 20.93 -22.66
N ALA K 119 -33.28 21.14 -21.73
CA ALA K 119 -31.87 20.89 -22.02
C ALA K 119 -31.64 19.45 -22.43
N GLU K 120 -32.31 18.52 -21.75
CA GLU K 120 -32.22 17.11 -22.14
C GLU K 120 -32.75 16.90 -23.56
N ALA K 121 -33.84 17.59 -23.91
CA ALA K 121 -34.38 17.46 -25.26
C ALA K 121 -33.43 18.04 -26.29
N TYR K 122 -32.85 19.21 -26.01
CA TYR K 122 -31.99 19.88 -26.98
C TYR K 122 -30.64 19.21 -27.11
N ILE K 123 -30.19 18.49 -26.08
CA ILE K 123 -28.93 17.76 -26.17
C ILE K 123 -29.09 16.41 -26.83
N GLU K 124 -30.33 15.94 -26.99
CA GLU K 124 -30.64 14.81 -27.85
C GLU K 124 -31.24 15.24 -29.17
N MET K 125 -31.88 16.42 -29.21
CA MET K 125 -32.41 16.91 -30.47
C MET K 125 -31.30 17.36 -31.41
N ARG K 126 -30.09 17.57 -30.89
CA ARG K 126 -28.93 17.91 -31.69
C ARG K 126 -27.98 16.74 -31.84
N ASN K 127 -28.44 15.60 -31.38
CA ASN K 127 -27.64 14.41 -31.50
C ASN K 127 -28.22 13.69 -32.67
N CYS K 128 -29.50 13.83 -32.91
CA CYS K 128 -30.06 13.23 -34.10
C CYS K 128 -29.25 13.89 -35.17
N LYS K 129 -29.16 13.26 -36.34
CA LYS K 129 -28.43 13.84 -37.48
C LYS K 129 -26.91 13.79 -37.37
N GLU K 130 -26.35 14.35 -36.30
CA GLU K 130 -24.90 14.34 -36.10
C GLU K 130 -24.56 14.16 -34.64
N PRO K 131 -23.45 13.44 -34.36
CA PRO K 131 -23.12 13.34 -32.94
C PRO K 131 -22.84 14.71 -32.34
N TYR K 132 -23.32 14.92 -31.11
CA TYR K 132 -23.09 16.15 -30.38
C TYR K 132 -22.88 15.81 -28.92
N MET K 133 -21.94 16.51 -28.29
CA MET K 133 -21.63 16.28 -26.88
C MET K 133 -21.33 17.60 -26.19
N PRO K 134 -22.09 17.97 -25.15
CA PRO K 134 -21.76 19.21 -24.42
C PRO K 134 -20.30 19.24 -23.97
N ARG K 135 -19.82 20.41 -23.57
CA ARG K 135 -18.45 20.54 -23.11
C ARG K 135 -18.32 20.33 -21.61
N TYR K 136 -19.41 20.02 -20.93
CA TYR K 136 -19.36 19.57 -19.55
C TYR K 136 -19.15 18.06 -19.47
N GLY K 137 -19.08 17.42 -20.63
CA GLY K 137 -18.77 16.00 -20.70
C GLY K 137 -17.42 15.86 -21.42
N LEU K 138 -17.16 16.65 -22.46
CA LEU K 138 -15.87 16.61 -23.12
C LEU K 138 -14.73 17.08 -22.22
N VAL K 139 -15.00 17.89 -21.21
CA VAL K 139 -13.95 18.30 -20.26
C VAL K 139 -13.87 17.35 -19.07
N ARG K 140 -14.98 16.69 -18.75
CA ARG K 140 -15.03 15.77 -17.63
C ARG K 140 -14.89 14.32 -18.06
N ASN K 141 -14.23 14.08 -19.18
CA ASN K 141 -13.92 12.73 -19.60
C ASN K 141 -15.08 11.81 -19.63
N LEU K 142 -15.96 12.04 -20.56
CA LEU K 142 -17.07 11.16 -20.78
C LEU K 142 -16.89 10.67 -22.20
N ARG K 143 -16.95 9.38 -22.43
CA ARG K 143 -16.72 8.80 -23.75
C ARG K 143 -17.89 8.04 -24.35
N ASP K 144 -19.08 8.24 -23.78
CA ASP K 144 -20.25 7.53 -24.25
C ASP K 144 -21.34 8.47 -24.73
N GLY K 145 -21.66 8.42 -26.01
CA GLY K 145 -22.62 9.34 -26.57
C GLY K 145 -24.03 9.11 -26.08
N SER K 146 -24.35 7.89 -25.65
CA SER K 146 -25.68 7.61 -25.15
C SER K 146 -26.00 8.41 -23.89
N LEU K 147 -24.97 8.85 -23.16
CA LEU K 147 -25.15 9.65 -21.97
C LEU K 147 -24.95 11.14 -22.22
N ALA K 148 -24.93 11.56 -23.48
CA ALA K 148 -24.78 12.98 -23.77
C ALA K 148 -25.99 13.78 -23.30
N ARG K 149 -27.16 13.15 -23.27
CA ARG K 149 -28.36 13.85 -22.81
C ARG K 149 -28.16 14.44 -21.42
N TYR K 150 -27.52 13.68 -20.53
CA TYR K 150 -27.41 14.03 -19.12
C TYR K 150 -26.15 14.82 -18.81
N ALA K 151 -25.46 15.33 -19.82
CA ALA K 151 -24.17 15.99 -19.63
C ALA K 151 -24.35 17.50 -19.59
N PHE K 152 -24.90 17.97 -18.47
CA PHE K 152 -24.92 19.40 -18.18
C PHE K 152 -25.06 19.58 -16.67
N ASP K 153 -24.57 20.72 -16.19
CA ASP K 153 -24.45 20.93 -14.75
C ASP K 153 -25.82 20.93 -14.07
N PHE K 154 -26.81 21.57 -14.69
CA PHE K 154 -28.09 21.82 -14.05
C PHE K 154 -29.11 20.72 -14.30
N TYR K 155 -28.66 19.49 -14.53
CA TYR K 155 -29.59 18.37 -14.65
C TYR K 155 -30.22 18.07 -13.29
N GLU K 156 -31.48 17.64 -13.34
CA GLU K 156 -32.24 17.33 -12.14
C GLU K 156 -32.31 15.82 -12.00
N VAL K 157 -31.59 15.28 -11.01
CA VAL K 157 -31.59 13.85 -10.75
C VAL K 157 -32.88 13.51 -10.01
N THR K 158 -33.72 12.71 -10.64
CA THR K 158 -35.00 12.30 -10.09
C THR K 158 -35.08 10.78 -10.04
N SER K 159 -36.24 10.28 -9.60
CA SER K 159 -36.45 8.84 -9.57
C SER K 159 -36.49 8.22 -10.96
N ARG K 160 -36.72 9.02 -12.00
CA ARG K 160 -36.78 8.53 -13.36
C ARG K 160 -35.44 8.56 -14.08
N THR K 161 -34.40 9.06 -13.43
CA THR K 161 -33.08 9.10 -14.06
C THR K 161 -32.55 7.68 -14.22
N PRO K 162 -32.02 7.31 -15.38
CA PRO K 162 -31.40 5.99 -15.50
C PRO K 162 -30.22 5.84 -14.56
N VAL K 163 -30.04 4.63 -14.06
CA VAL K 163 -28.92 4.37 -13.15
C VAL K 163 -27.60 4.71 -13.82
N ARG K 164 -27.50 4.44 -15.10
CA ARG K 164 -26.28 4.73 -15.81
C ARG K 164 -26.09 6.22 -15.91
N ALA K 165 -27.17 6.95 -16.16
CA ALA K 165 -27.08 8.40 -16.16
C ALA K 165 -26.73 8.93 -14.78
N ARG K 166 -27.32 8.36 -13.73
CA ARG K 166 -27.03 8.80 -12.37
C ARG K 166 -25.61 8.46 -11.94
N GLU K 167 -24.89 7.65 -12.70
CA GLU K 167 -23.50 7.32 -12.42
C GLU K 167 -22.52 8.17 -13.22
N ALA K 168 -22.89 8.58 -14.43
CA ALA K 168 -22.07 9.53 -15.17
C ALA K 168 -21.91 10.83 -14.38
N HIS K 169 -23.00 11.28 -13.74
CA HIS K 169 -22.96 12.55 -13.02
C HIS K 169 -21.97 12.50 -11.86
N ILE K 170 -21.97 11.43 -11.08
CA ILE K 170 -20.99 11.32 -10.01
C ILE K 170 -19.59 11.13 -10.57
N GLN K 171 -19.46 10.56 -11.77
CA GLN K 171 -18.16 10.50 -12.42
C GLN K 171 -17.73 11.89 -12.90
N MET K 172 -18.64 12.60 -13.59
CA MET K 172 -18.31 13.92 -14.09
C MET K 172 -18.13 14.93 -12.96
N LYS K 173 -18.88 14.76 -11.88
CA LYS K 173 -18.80 15.67 -10.73
C LYS K 173 -17.57 15.40 -9.87
N ALA K 174 -16.68 14.51 -10.30
CA ALA K 174 -15.47 14.23 -9.55
C ALA K 174 -14.37 13.67 -10.47
N LYS L 5 -45.07 13.90 -18.25
CA LYS L 5 -44.71 14.71 -19.41
C LYS L 5 -43.61 15.69 -19.06
N MET L 6 -42.94 16.23 -20.08
CA MET L 6 -41.94 17.26 -19.86
C MET L 6 -42.59 18.49 -19.25
N ARG L 7 -41.91 19.10 -18.29
CA ARG L 7 -42.37 20.32 -17.64
C ARG L 7 -41.53 21.48 -18.19
N MET L 8 -42.03 22.11 -19.25
CA MET L 8 -41.32 23.21 -19.85
C MET L 8 -41.27 24.39 -18.87
N PRO L 9 -40.17 25.14 -18.83
CA PRO L 9 -40.08 26.27 -17.91
C PRO L 9 -41.16 27.29 -18.20
N LYS L 10 -41.73 27.85 -17.13
CA LYS L 10 -42.78 28.84 -17.25
C LYS L 10 -42.63 29.85 -16.12
N SER L 11 -42.93 31.12 -16.42
CA SER L 11 -42.84 32.18 -15.43
C SER L 11 -44.19 32.50 -14.82
N LYS L 12 -45.16 32.89 -15.64
CA LYS L 12 -46.51 33.19 -15.19
C LYS L 12 -47.53 32.57 -16.15
N GLY L 13 -47.30 31.29 -16.48
CA GLY L 13 -48.14 30.61 -17.43
C GLY L 13 -47.72 30.78 -18.87
N ALA L 14 -46.49 31.25 -19.11
CA ALA L 14 -45.97 31.41 -20.46
C ALA L 14 -44.58 30.80 -20.52
N THR L 15 -44.37 29.94 -21.51
CA THR L 15 -43.05 29.32 -21.68
C THR L 15 -42.01 30.41 -21.87
N VAL L 16 -40.87 30.28 -21.18
CA VAL L 16 -39.80 31.27 -21.25
C VAL L 16 -38.81 30.95 -22.35
N LEU L 17 -39.18 30.02 -23.22
CA LEU L 17 -38.33 29.63 -24.33
C LEU L 17 -39.13 29.68 -25.62
N ASN L 18 -38.47 30.04 -26.72
CA ASN L 18 -39.07 30.00 -28.04
C ASN L 18 -38.69 28.69 -28.70
N LEU L 19 -39.68 27.83 -28.92
CA LEU L 19 -39.44 26.51 -29.48
C LEU L 19 -39.27 26.53 -30.99
N GLU L 20 -39.84 27.52 -31.67
CA GLU L 20 -39.60 27.65 -33.10
C GLU L 20 -38.14 27.95 -33.39
N HIS L 21 -37.45 28.56 -32.41
CA HIS L 21 -36.08 28.94 -32.60
C HIS L 21 -35.12 28.00 -31.96
N LEU L 22 -35.49 27.33 -30.94
CA LEU L 22 -34.62 26.36 -30.31
C LEU L 22 -34.34 25.18 -31.24
N LEU L 23 -35.36 24.71 -31.95
CA LEU L 23 -35.15 23.62 -32.90
C LEU L 23 -34.17 24.01 -33.99
N GLU L 24 -34.15 25.29 -34.37
CA GLU L 24 -33.28 25.78 -35.44
C GLU L 24 -32.14 26.62 -34.89
N TYR L 25 -31.70 26.33 -33.67
CA TYR L 25 -30.59 27.05 -33.02
C TYR L 25 -29.55 26.01 -32.65
N ALA L 26 -28.65 25.72 -33.58
CA ALA L 26 -27.58 24.77 -33.38
C ALA L 26 -26.23 25.48 -33.47
N PRO L 27 -25.89 26.22 -32.44
CA PRO L 27 -24.60 26.85 -32.48
C PRO L 27 -23.37 25.91 -32.57
N GLN L 28 -22.36 26.20 -33.40
CA GLN L 28 -21.13 25.44 -33.35
C GLN L 28 -20.51 25.62 -31.97
N GLN L 29 -20.00 24.52 -31.41
CA GLN L 29 -19.59 24.55 -30.01
C GLN L 29 -18.56 25.63 -29.77
N ILE L 30 -17.69 25.88 -30.75
CA ILE L 30 -16.59 26.82 -30.56
C ILE L 30 -17.12 28.25 -30.42
N ASP L 31 -18.21 28.59 -31.12
CA ASP L 31 -18.66 29.98 -31.13
C ASP L 31 -19.13 30.43 -29.75
N ILE L 32 -19.80 29.55 -29.00
CA ILE L 32 -20.28 29.88 -27.65
C ILE L 32 -19.44 29.24 -26.57
N SER L 33 -18.36 28.55 -26.92
CA SER L 33 -17.50 27.96 -25.91
C SER L 33 -16.75 29.05 -25.15
N ASN L 34 -16.23 28.67 -23.98
CA ASN L 34 -15.45 29.57 -23.15
C ASN L 34 -13.96 29.26 -23.17
N THR L 35 -13.54 28.22 -23.90
CA THR L 35 -12.12 28.00 -24.15
C THR L 35 -11.58 28.95 -25.21
N ARG L 36 -12.45 29.62 -25.95
CA ARG L 36 -12.08 30.60 -26.95
C ARG L 36 -12.61 31.97 -26.54
N ALA L 37 -11.79 32.99 -26.71
CA ALA L 37 -12.23 34.35 -26.43
C ALA L 37 -13.20 34.83 -27.50
N THR L 38 -14.10 35.73 -27.11
CA THR L 38 -15.08 36.25 -28.05
C THR L 38 -14.40 37.08 -29.12
N GLN L 39 -14.99 37.06 -30.33
CA GLN L 39 -14.43 37.84 -31.43
C GLN L 39 -14.35 39.32 -31.09
N SER L 40 -15.16 39.80 -30.16
CA SER L 40 -15.03 41.17 -29.67
C SER L 40 -13.83 41.33 -28.76
N GLN L 41 -13.35 40.24 -28.16
CA GLN L 41 -12.12 40.28 -27.37
C GLN L 41 -10.88 40.02 -28.22
N PHE L 42 -11.03 39.29 -29.32
CA PHE L 42 -9.92 39.13 -30.26
C PHE L 42 -9.64 40.42 -31.01
N ASP L 43 -10.69 41.08 -31.50
CA ASP L 43 -10.51 42.30 -32.26
C ASP L 43 -9.82 43.38 -31.43
N THR L 44 -10.21 43.50 -30.16
CA THR L 44 -9.54 44.46 -29.28
C THR L 44 -8.07 44.10 -29.11
N TRP L 45 -7.77 42.80 -28.96
CA TRP L 45 -6.38 42.38 -28.79
C TRP L 45 -5.69 42.69 -30.10
N TYR L 46 -6.12 42.03 -31.17
CA TYR L 46 -5.51 42.24 -32.48
C TYR L 46 -5.16 43.70 -32.72
N GLU L 47 -6.14 44.59 -32.57
CA GLU L 47 -5.88 46.01 -32.83
C GLU L 47 -4.84 46.57 -31.88
N ALA L 48 -4.85 46.10 -30.62
CA ALA L 48 -3.90 46.62 -29.63
C ALA L 48 -2.46 46.31 -30.04
N VAL L 49 -2.20 45.09 -30.52
CA VAL L 49 -0.83 44.74 -30.90
C VAL L 49 -0.40 45.54 -32.13
N GLN L 50 -1.33 45.83 -33.05
CA GLN L 50 -1.02 46.72 -34.15
C GLN L 50 -0.62 48.11 -33.66
N LEU L 51 -1.23 48.58 -32.57
CA LEU L 51 -0.87 49.89 -32.04
C LEU L 51 0.46 49.85 -31.32
N ALA L 52 0.71 48.80 -30.53
CA ALA L 52 1.96 48.72 -29.77
C ALA L 52 3.14 48.48 -30.71
N TYR L 53 2.98 47.60 -31.70
CA TYR L 53 4.07 47.25 -32.59
C TYR L 53 4.29 48.25 -33.71
N ASP L 54 3.35 49.19 -33.91
CA ASP L 54 3.39 50.15 -35.01
C ASP L 54 3.39 49.48 -36.37
N ILE L 55 3.08 48.18 -36.44
CA ILE L 55 2.95 47.50 -37.71
C ILE L 55 1.64 47.92 -38.36
N GLY L 56 1.68 48.12 -39.68
CA GLY L 56 0.51 48.58 -40.40
C GLY L 56 -0.53 47.50 -40.55
N GLU L 57 -1.69 47.89 -41.11
CA GLU L 57 -2.74 46.93 -41.38
C GLU L 57 -2.27 45.86 -42.36
N THR L 58 -1.21 46.11 -43.10
CA THR L 58 -0.49 45.10 -43.85
C THR L 58 0.75 44.68 -43.06
N GLU L 59 1.22 43.48 -43.32
CA GLU L 59 2.37 42.95 -42.60
C GLU L 59 2.00 42.44 -41.21
N MET L 60 0.79 42.69 -40.72
CA MET L 60 0.45 42.13 -39.43
C MET L 60 0.20 40.68 -39.65
N PRO L 61 -0.38 40.32 -40.76
CA PRO L 61 -0.55 38.87 -40.87
C PRO L 61 0.73 38.08 -40.66
N THR L 62 1.85 38.55 -41.19
CA THR L 62 3.13 37.87 -41.08
C THR L 62 3.67 37.95 -39.67
N VAL L 63 3.31 38.94 -38.89
CA VAL L 63 3.71 38.94 -37.50
C VAL L 63 2.87 37.94 -36.76
N MET L 64 1.58 37.78 -37.08
CA MET L 64 0.75 36.76 -36.46
C MET L 64 1.20 35.35 -36.83
N ASN L 65 1.86 35.18 -37.97
CA ASN L 65 2.41 33.88 -38.32
C ASN L 65 3.57 33.50 -37.41
N GLY L 66 4.44 34.45 -37.08
CA GLY L 66 5.50 34.16 -36.14
C GLY L 66 4.98 33.84 -34.76
N LEU L 67 3.97 34.59 -34.31
CA LEU L 67 3.42 34.35 -32.98
C LEU L 67 2.75 32.99 -32.90
N MET L 68 2.01 32.61 -33.94
CA MET L 68 1.35 31.31 -33.96
C MET L 68 2.36 30.18 -33.85
N VAL L 69 3.39 30.20 -34.71
CA VAL L 69 4.43 29.18 -34.65
C VAL L 69 5.22 29.30 -33.36
N TRP L 70 5.46 30.53 -32.91
CA TRP L 70 6.14 30.72 -31.63
C TRP L 70 5.32 30.17 -30.48
N CYS L 71 4.00 30.36 -30.50
CA CYS L 71 3.14 29.89 -29.42
C CYS L 71 2.89 28.39 -29.47
N ILE L 72 3.27 27.72 -30.56
CA ILE L 72 3.18 26.27 -30.63
C ILE L 72 4.40 25.63 -29.96
N GLU L 73 5.59 26.18 -30.20
CA GLU L 73 6.84 25.63 -29.72
C GLU L 73 7.27 26.18 -28.37
N ASN L 74 6.55 27.15 -27.81
CA ASN L 74 6.98 27.76 -26.56
C ASN L 74 5.89 27.69 -25.50
N GLY L 75 4.65 27.95 -25.88
CA GLY L 75 3.55 27.98 -24.95
C GLY L 75 2.76 29.26 -25.07
N THR L 76 1.60 29.32 -24.43
CA THR L 76 0.77 30.52 -24.43
C THR L 76 0.71 31.18 -23.06
N SER L 77 1.66 30.87 -22.19
CA SER L 77 1.79 31.51 -20.88
C SER L 77 3.23 31.94 -20.66
N PRO L 78 3.74 32.86 -21.50
CA PRO L 78 5.12 33.31 -21.35
C PRO L 78 5.27 34.41 -20.31
N ASN L 79 6.49 34.94 -20.18
CA ASN L 79 6.74 36.06 -19.29
C ASN L 79 6.32 37.36 -19.98
N ILE L 80 5.58 38.20 -19.27
CA ILE L 80 5.14 39.48 -19.81
C ILE L 80 6.32 40.39 -20.14
N ASN L 81 7.51 40.10 -19.62
CA ASN L 81 8.67 40.96 -19.77
C ASN L 81 9.68 40.41 -20.77
N GLY L 82 9.33 39.36 -21.51
CA GLY L 82 10.25 38.74 -22.43
C GLY L 82 10.08 39.26 -23.84
N VAL L 83 10.55 38.46 -24.79
CA VAL L 83 10.47 38.80 -26.21
C VAL L 83 10.34 37.52 -27.00
N TRP L 84 9.32 37.45 -27.85
CA TRP L 84 9.15 36.32 -28.74
C TRP L 84 9.80 36.63 -30.08
N VAL L 85 10.37 35.59 -30.70
CA VAL L 85 11.19 35.76 -31.87
C VAL L 85 10.52 35.07 -33.06
N MET L 86 10.68 35.69 -34.22
CA MET L 86 10.29 35.09 -35.50
C MET L 86 11.45 35.21 -36.46
N MET L 87 11.61 34.20 -37.31
CA MET L 87 12.76 34.10 -38.19
C MET L 87 12.47 34.84 -39.50
N ASP L 88 13.22 35.92 -39.74
CA ASP L 88 13.13 36.67 -40.99
C ASP L 88 14.21 36.10 -41.92
N GLY L 89 13.87 35.01 -42.60
CA GLY L 89 14.87 34.31 -43.38
C GLY L 89 15.79 33.53 -42.47
N ASP L 90 17.03 34.01 -42.31
CA ASP L 90 18.00 33.39 -41.41
C ASP L 90 18.24 34.18 -40.14
N GLU L 91 17.82 35.44 -40.07
CA GLU L 91 18.07 36.27 -38.91
C GLU L 91 16.99 36.00 -37.85
N GLN L 92 16.96 36.82 -36.80
CA GLN L 92 16.06 36.61 -35.68
C GLN L 92 15.43 37.95 -35.32
N VAL L 93 14.12 38.06 -35.47
CA VAL L 93 13.39 39.30 -35.22
C VAL L 93 12.65 39.14 -33.90
N GLU L 94 13.08 39.90 -32.90
CA GLU L 94 12.52 39.81 -31.55
C GLU L 94 11.46 40.88 -31.37
N TYR L 95 10.31 40.49 -30.84
CA TYR L 95 9.23 41.40 -30.54
C TYR L 95 8.88 41.35 -29.06
N PRO L 96 8.43 42.45 -28.47
CA PRO L 96 8.05 42.43 -27.06
C PRO L 96 6.72 41.72 -26.86
N LEU L 97 6.60 41.05 -25.72
CA LEU L 97 5.42 40.27 -25.39
C LEU L 97 4.41 41.07 -24.56
N LYS L 98 4.72 42.30 -24.20
CA LYS L 98 3.78 43.08 -23.38
C LYS L 98 2.43 43.26 -24.04
N PRO L 99 2.33 43.78 -25.28
CA PRO L 99 1.02 43.88 -25.91
C PRO L 99 0.34 42.54 -26.11
N ILE L 100 1.11 41.47 -26.32
CA ILE L 100 0.51 40.15 -26.54
C ILE L 100 -0.26 39.70 -25.31
N VAL L 101 0.33 39.86 -24.13
CA VAL L 101 -0.22 39.33 -22.89
C VAL L 101 -1.06 40.36 -22.15
N GLU L 102 -0.63 41.63 -22.16
CA GLU L 102 -1.36 42.66 -21.43
C GLU L 102 -2.77 42.84 -22.00
N ASN L 103 -2.95 42.65 -23.31
CA ASN L 103 -4.21 42.88 -23.97
C ASN L 103 -4.91 41.58 -24.36
N ALA L 104 -4.51 40.46 -23.76
CA ALA L 104 -5.11 39.16 -24.03
C ALA L 104 -6.12 38.88 -22.92
N LYS L 105 -7.40 39.13 -23.22
CA LYS L 105 -8.48 38.90 -22.28
C LYS L 105 -9.33 37.73 -22.76
N PRO L 106 -9.65 36.76 -21.89
CA PRO L 106 -9.26 36.63 -20.48
C PRO L 106 -7.81 36.20 -20.35
N THR L 107 -7.33 35.39 -21.28
CA THR L 107 -5.95 34.92 -21.27
C THR L 107 -5.48 34.73 -22.71
N LEU L 108 -4.16 34.64 -22.87
CA LEU L 108 -3.61 34.46 -24.21
C LEU L 108 -4.02 33.12 -24.80
N ARG L 109 -4.16 32.08 -23.97
CA ARG L 109 -4.56 30.78 -24.50
C ARG L 109 -5.92 30.86 -25.17
N GLN L 110 -6.88 31.53 -24.55
CA GLN L 110 -8.19 31.70 -25.16
C GLN L 110 -8.13 32.60 -26.38
N ILE L 111 -7.25 33.61 -26.36
CA ILE L 111 -7.06 34.45 -27.53
C ILE L 111 -6.39 33.65 -28.65
N MET L 112 -5.44 32.79 -28.29
CA MET L 112 -4.73 31.98 -29.27
C MET L 112 -5.53 30.76 -29.72
N ALA L 113 -6.62 30.42 -29.03
CA ALA L 113 -7.44 29.29 -29.47
C ALA L 113 -8.11 29.56 -30.80
N HIS L 114 -8.15 30.82 -31.25
CA HIS L 114 -8.66 31.12 -32.58
C HIS L 114 -7.79 30.56 -33.68
N PHE L 115 -6.54 30.19 -33.37
CA PHE L 115 -5.61 29.64 -34.34
C PHE L 115 -5.53 28.12 -34.27
N SER L 116 -6.38 27.47 -33.49
CA SER L 116 -6.23 26.04 -33.25
C SER L 116 -6.29 25.26 -34.56
N ASP L 117 -7.30 25.53 -35.39
CA ASP L 117 -7.45 24.78 -36.63
C ASP L 117 -6.24 24.96 -37.53
N VAL L 118 -5.74 26.20 -37.64
CA VAL L 118 -4.54 26.43 -38.44
C VAL L 118 -3.33 25.81 -37.77
N ALA L 119 -3.28 25.83 -36.44
CA ALA L 119 -2.11 25.31 -35.74
C ALA L 119 -1.88 23.85 -36.06
N GLU L 120 -2.93 23.02 -35.99
CA GLU L 120 -2.75 21.61 -36.33
C GLU L 120 -2.42 21.44 -37.81
N ALA L 121 -3.00 22.29 -38.66
CA ALA L 121 -2.67 22.23 -40.08
C ALA L 121 -1.20 22.56 -40.32
N TYR L 122 -0.68 23.56 -39.61
CA TYR L 122 0.73 23.93 -39.76
C TYR L 122 1.65 22.79 -39.37
N ILE L 123 1.33 22.09 -38.27
CA ILE L 123 2.18 21.01 -37.80
C ILE L 123 2.21 19.88 -38.83
N GLU L 124 1.06 19.56 -39.41
CA GLU L 124 1.00 18.44 -40.35
C GLU L 124 1.91 18.67 -41.55
N MET L 125 1.84 19.85 -42.16
CA MET L 125 2.72 20.15 -43.28
C MET L 125 4.19 20.15 -42.84
N ARG L 126 4.46 20.71 -41.67
CA ARG L 126 5.80 20.62 -41.09
C ARG L 126 6.20 19.18 -40.86
N ASN L 127 5.26 18.36 -40.44
CA ASN L 127 5.52 16.94 -40.22
C ASN L 127 5.50 16.19 -41.50
N CYS L 128 5.03 16.81 -42.57
CA CYS L 128 4.98 16.19 -43.88
C CYS L 128 6.29 16.33 -44.64
N LYS L 129 7.31 16.94 -44.02
CA LYS L 129 8.65 17.01 -44.56
C LYS L 129 9.64 16.24 -43.72
N GLU L 130 9.65 16.47 -42.42
CA GLU L 130 10.49 15.75 -41.47
C GLU L 130 9.80 15.79 -40.12
N PRO L 131 10.19 14.92 -39.19
CA PRO L 131 9.52 14.90 -37.88
C PRO L 131 9.54 16.27 -37.21
N TYR L 132 8.39 16.66 -36.67
CA TYR L 132 8.24 17.93 -35.95
C TYR L 132 7.22 17.69 -34.83
N MET L 133 7.74 17.40 -33.64
CA MET L 133 6.90 17.38 -32.46
C MET L 133 7.05 18.70 -31.72
N PRO L 134 6.00 19.51 -31.61
CA PRO L 134 6.15 20.80 -30.93
C PRO L 134 6.69 20.61 -29.53
N ARG L 135 7.56 21.55 -29.13
CA ARG L 135 8.21 21.47 -27.83
C ARG L 135 7.23 21.21 -26.70
N TYR L 136 5.97 21.60 -26.87
CA TYR L 136 5.00 21.35 -25.80
C TYR L 136 4.79 19.86 -25.58
N GLY L 137 5.15 19.02 -26.54
CA GLY L 137 5.06 17.58 -26.38
C GLY L 137 6.40 16.92 -26.10
N LEU L 138 7.50 17.58 -26.45
CA LEU L 138 8.82 17.05 -26.13
C LEU L 138 9.13 17.19 -24.65
N VAL L 139 8.69 18.27 -24.02
CA VAL L 139 8.93 18.50 -22.60
C VAL L 139 7.83 17.84 -21.79
N ARG L 140 6.97 17.07 -22.44
CA ARG L 140 5.90 16.35 -21.75
C ARG L 140 5.81 14.90 -22.21
N ASN L 141 6.89 14.36 -22.73
CA ASN L 141 6.94 12.92 -23.07
C ASN L 141 5.85 12.47 -23.99
N LEU L 142 5.48 13.30 -24.94
CA LEU L 142 4.53 12.89 -25.97
C LEU L 142 5.33 12.14 -27.02
N ARG L 143 5.15 10.83 -27.09
CA ARG L 143 6.03 9.97 -27.88
C ARG L 143 5.42 9.54 -29.21
N ASP L 144 4.12 9.26 -29.26
CA ASP L 144 3.48 8.98 -30.53
C ASP L 144 3.58 10.19 -31.43
N GLY L 145 3.91 9.95 -32.69
CA GLY L 145 4.15 11.05 -33.61
C GLY L 145 2.89 11.49 -34.35
N SER L 146 1.96 10.57 -34.59
CA SER L 146 0.72 10.92 -35.27
C SER L 146 -0.05 11.98 -34.47
N LEU L 147 -0.09 11.83 -33.14
CA LEU L 147 -0.72 12.84 -32.30
C LEU L 147 0.27 13.94 -32.00
N ALA L 148 0.84 14.55 -33.04
CA ALA L 148 1.70 15.70 -32.92
C ALA L 148 1.02 16.98 -33.39
N ARG L 149 -0.15 16.87 -34.02
CA ARG L 149 -0.95 18.02 -34.41
C ARG L 149 -1.82 18.53 -33.26
N TYR L 150 -1.76 17.88 -32.10
CA TYR L 150 -2.52 18.29 -30.93
C TYR L 150 -1.61 18.64 -29.76
N ALA L 151 -0.31 18.75 -30.02
CA ALA L 151 0.69 19.03 -28.98
C ALA L 151 0.98 20.52 -28.87
N PHE L 152 -0.06 21.35 -28.70
CA PHE L 152 0.11 22.78 -28.51
C PHE L 152 -0.89 23.29 -27.50
N ASP L 153 -0.45 24.28 -26.70
CA ASP L 153 -1.16 24.65 -25.49
C ASP L 153 -2.56 25.17 -25.79
N PHE L 154 -2.74 25.81 -26.91
CA PHE L 154 -3.99 26.47 -27.23
C PHE L 154 -4.92 25.67 -28.10
N TYR L 155 -4.97 24.38 -27.91
CA TYR L 155 -5.81 23.52 -28.68
C TYR L 155 -7.14 23.41 -28.06
N GLU L 156 -8.18 23.38 -28.87
CA GLU L 156 -9.55 23.36 -28.38
C GLU L 156 -10.11 21.96 -28.59
N VAL L 157 -10.33 21.24 -27.49
CA VAL L 157 -10.96 19.93 -27.56
C VAL L 157 -12.43 20.13 -27.87
N THR L 158 -12.86 19.69 -29.05
CA THR L 158 -14.23 19.83 -29.50
C THR L 158 -14.84 18.44 -29.69
N SER L 159 -16.04 18.41 -30.22
CA SER L 159 -16.72 17.15 -30.47
C SER L 159 -16.07 16.36 -31.61
N ARG L 160 -15.28 17.03 -32.45
CA ARG L 160 -14.61 16.40 -33.57
C ARG L 160 -13.20 15.92 -33.24
N THR L 161 -12.72 16.16 -32.03
CA THR L 161 -11.36 15.79 -31.68
C THR L 161 -11.25 14.28 -31.51
N PRO L 162 -10.21 13.65 -32.04
CA PRO L 162 -10.01 12.23 -31.77
C PRO L 162 -9.91 11.97 -30.28
N VAL L 163 -10.49 10.85 -29.85
CA VAL L 163 -10.52 10.55 -28.42
C VAL L 163 -9.11 10.33 -27.88
N ARG L 164 -8.24 9.81 -28.71
CA ARG L 164 -6.87 9.67 -28.26
C ARG L 164 -6.34 11.03 -27.93
N ALA L 165 -6.35 11.91 -28.90
CA ALA L 165 -5.87 13.27 -28.68
C ALA L 165 -6.38 13.82 -27.36
N ARG L 166 -7.66 13.59 -27.08
CA ARG L 166 -8.26 14.05 -25.83
C ARG L 166 -7.55 13.42 -24.64
N GLU L 167 -7.31 12.10 -24.69
CA GLU L 167 -6.60 11.44 -23.60
C GLU L 167 -5.16 11.96 -23.51
N ALA L 168 -4.53 12.21 -24.64
CA ALA L 168 -3.16 12.71 -24.62
C ALA L 168 -3.08 14.05 -23.90
N HIS L 169 -4.00 14.96 -24.21
CA HIS L 169 -4.02 16.25 -23.53
C HIS L 169 -4.16 16.07 -22.02
N ILE L 170 -4.96 15.09 -21.60
CA ILE L 170 -5.02 14.78 -20.17
C ILE L 170 -3.66 14.34 -19.66
N GLN L 171 -2.81 13.80 -20.55
CA GLN L 171 -1.47 13.37 -20.14
C GLN L 171 -0.50 14.54 -20.10
N MET L 172 -0.48 15.37 -21.15
CA MET L 172 0.40 16.54 -21.14
C MET L 172 0.05 17.46 -19.99
N LYS L 173 -1.23 17.72 -19.77
CA LYS L 173 -1.66 18.50 -18.61
C LYS L 173 -1.30 17.74 -17.35
N ALA L 174 -0.34 18.26 -16.59
CA ALA L 174 0.15 17.59 -15.39
C ALA L 174 0.69 16.20 -15.75
N ARG M 7 66.28 -16.60 -23.72
CA ARG M 7 67.52 -16.61 -24.48
C ARG M 7 67.67 -15.31 -25.26
N MET M 8 68.42 -14.37 -24.69
CA MET M 8 68.58 -13.07 -25.33
C MET M 8 69.54 -13.20 -26.51
N PRO M 9 69.27 -12.50 -27.62
CA PRO M 9 70.22 -12.53 -28.73
C PRO M 9 71.58 -11.99 -28.31
N LYS M 10 72.61 -12.49 -28.95
CA LYS M 10 73.95 -12.07 -28.62
C LYS M 10 74.93 -12.29 -29.67
N SER M 11 75.93 -11.43 -29.72
CA SER M 11 77.00 -11.60 -30.65
C SER M 11 78.26 -11.30 -29.87
N LYS M 12 79.10 -12.31 -29.64
CA LYS M 12 80.37 -12.13 -28.94
C LYS M 12 80.22 -11.86 -27.46
N GLY M 13 79.27 -12.50 -26.81
CA GLY M 13 79.15 -12.34 -25.39
C GLY M 13 78.72 -10.97 -24.98
N ALA M 14 77.67 -10.50 -25.60
CA ALA M 14 77.11 -9.23 -25.25
C ALA M 14 75.77 -9.29 -25.93
N THR M 15 74.73 -8.83 -25.30
CA THR M 15 73.45 -8.79 -25.98
C THR M 15 73.53 -7.79 -27.08
N VAL M 16 72.67 -7.92 -28.07
CA VAL M 16 72.61 -6.95 -29.15
C VAL M 16 71.29 -6.23 -28.96
N LEU M 17 70.88 -6.04 -27.72
CA LEU M 17 69.66 -5.31 -27.38
C LEU M 17 69.91 -4.59 -26.07
N ASN M 18 69.09 -3.56 -25.81
CA ASN M 18 69.11 -2.84 -24.54
C ASN M 18 67.72 -2.99 -23.93
N LEU M 19 67.62 -3.79 -22.87
CA LEU M 19 66.35 -4.01 -22.21
C LEU M 19 65.95 -2.86 -21.30
N GLU M 20 66.86 -1.95 -21.08
CA GLU M 20 66.49 -0.78 -20.34
C GLU M 20 65.64 0.02 -21.25
N HIS M 21 66.20 0.35 -22.41
CA HIS M 21 65.46 1.14 -23.38
C HIS M 21 64.17 0.46 -23.72
N LEU M 22 64.26 -0.77 -24.13
CA LEU M 22 63.09 -1.48 -24.57
C LEU M 22 61.93 -1.44 -23.59
N LEU M 23 62.19 -1.51 -22.33
CA LEU M 23 61.11 -1.56 -21.41
C LEU M 23 60.25 -0.35 -21.65
N GLU M 24 60.86 0.77 -22.01
CA GLU M 24 60.12 2.02 -22.19
C GLU M 24 60.05 2.47 -23.64
N TYR M 25 60.30 1.58 -24.59
CA TYR M 25 60.17 1.89 -26.00
C TYR M 25 58.88 1.33 -26.40
N ALA M 26 57.92 2.19 -26.62
CA ALA M 26 56.59 1.78 -26.98
C ALA M 26 56.07 2.69 -28.04
N PRO M 27 56.36 2.39 -29.29
CA PRO M 27 55.85 3.18 -30.41
C PRO M 27 54.42 2.82 -30.76
N GLN M 28 53.63 3.79 -31.11
CA GLN M 28 52.30 3.49 -31.49
C GLN M 28 52.35 2.74 -32.77
N GLN M 29 51.36 1.93 -32.99
CA GLN M 29 51.39 1.05 -34.15
C GLN M 29 51.31 1.83 -35.46
N ILE M 30 50.62 2.98 -35.45
CA ILE M 30 50.44 3.76 -36.68
C ILE M 30 51.62 4.65 -36.99
N ASP M 31 52.68 4.61 -36.18
CA ASP M 31 53.91 5.31 -36.48
C ASP M 31 55.03 4.38 -36.94
N ILE M 32 54.93 3.09 -36.62
CA ILE M 32 55.92 2.10 -37.04
C ILE M 32 55.36 1.31 -38.22
N SER M 33 54.04 1.20 -38.29
CA SER M 33 53.42 0.38 -39.32
C SER M 33 53.68 0.95 -40.71
N ASN M 34 53.75 0.06 -41.69
CA ASN M 34 53.94 0.43 -43.08
C ASN M 34 52.61 0.65 -43.82
N THR M 35 51.48 0.45 -43.16
CA THR M 35 50.17 0.74 -43.74
C THR M 35 49.93 2.22 -43.88
N ARG M 36 50.92 3.02 -43.54
CA ARG M 36 50.80 4.47 -43.52
C ARG M 36 52.15 5.08 -43.85
N ALA M 37 52.15 6.08 -44.72
CA ALA M 37 53.39 6.68 -45.18
C ALA M 37 54.08 7.42 -44.05
N THR M 38 55.41 7.53 -44.17
CA THR M 38 56.20 8.22 -43.16
C THR M 38 55.96 9.72 -43.24
N GLN M 39 56.31 10.41 -42.14
CA GLN M 39 56.12 11.85 -42.10
C GLN M 39 56.92 12.55 -43.19
N SER M 40 58.17 12.12 -43.39
CA SER M 40 58.98 12.70 -44.45
C SER M 40 58.33 12.49 -45.82
N GLN M 41 57.63 11.37 -46.00
CA GLN M 41 56.90 11.15 -47.24
C GLN M 41 55.64 12.00 -47.30
N PHE M 42 54.93 12.15 -46.18
CA PHE M 42 53.75 13.00 -46.16
C PHE M 42 54.11 14.44 -46.45
N ASP M 43 55.19 14.94 -45.85
CA ASP M 43 55.61 16.31 -46.09
C ASP M 43 55.98 16.52 -47.55
N THR M 44 56.68 15.57 -48.14
CA THR M 44 57.05 15.68 -49.55
C THR M 44 55.80 15.73 -50.44
N TRP M 45 54.83 14.86 -50.16
CA TRP M 45 53.58 14.88 -50.94
C TRP M 45 52.82 16.18 -50.71
N TYR M 46 52.70 16.61 -49.46
CA TYR M 46 51.96 17.83 -49.16
C TYR M 46 52.61 19.04 -49.81
N GLU M 47 53.93 19.14 -49.72
CA GLU M 47 54.65 20.28 -50.29
C GLU M 47 54.74 20.22 -51.81
N ALA M 48 54.46 19.07 -52.41
CA ALA M 48 54.40 18.96 -53.86
C ALA M 48 53.01 19.26 -54.40
N VAL M 49 51.98 18.80 -53.72
CA VAL M 49 50.61 19.14 -54.11
C VAL M 49 50.36 20.63 -53.91
N GLN M 50 50.95 21.21 -52.87
CA GLN M 50 50.81 22.64 -52.64
C GLN M 50 51.40 23.45 -53.79
N LEU M 51 52.56 23.03 -54.29
CA LEU M 51 53.20 23.77 -55.37
C LEU M 51 52.50 23.49 -56.69
N ALA M 52 52.07 22.26 -56.92
CA ALA M 52 51.42 21.90 -58.19
C ALA M 52 50.02 22.47 -58.31
N TYR M 53 49.44 23.00 -57.23
CA TYR M 53 48.10 23.56 -57.26
C TYR M 53 48.09 25.08 -57.21
N ASP M 54 49.26 25.73 -57.13
CA ASP M 54 49.35 27.18 -57.07
C ASP M 54 48.51 27.72 -55.91
N ILE M 55 48.67 27.10 -54.75
CA ILE M 55 47.92 27.45 -53.55
C ILE M 55 48.90 27.57 -52.39
N GLY M 56 48.66 28.54 -51.51
CA GLY M 56 49.47 28.73 -50.34
C GLY M 56 48.89 28.03 -49.11
N GLU M 57 49.54 28.26 -47.98
CA GLU M 57 49.06 27.70 -46.72
C GLU M 57 47.73 28.30 -46.29
N THR M 58 47.33 29.43 -46.87
CA THR M 58 46.10 30.08 -46.46
C THR M 58 44.89 29.21 -46.76
N GLU M 59 44.85 28.59 -47.94
CA GLU M 59 43.70 27.80 -48.36
C GLU M 59 44.02 26.37 -48.73
N MET M 60 45.29 25.95 -48.62
CA MET M 60 45.60 24.54 -48.85
C MET M 60 44.85 23.63 -47.89
N PRO M 61 44.79 23.91 -46.59
CA PRO M 61 43.97 23.07 -45.70
C PRO M 61 42.54 22.90 -46.17
N THR M 62 41.94 23.96 -46.71
CA THR M 62 40.57 23.86 -47.23
C THR M 62 40.49 22.86 -48.36
N VAL M 63 41.47 22.89 -49.27
CA VAL M 63 41.50 21.93 -50.36
C VAL M 63 41.61 20.52 -49.83
N MET M 64 42.41 20.32 -48.78
CA MET M 64 42.58 18.99 -48.20
C MET M 64 41.29 18.49 -47.56
N ASN M 65 40.41 19.39 -47.12
CA ASN M 65 39.11 18.95 -46.60
C ASN M 65 38.30 18.28 -47.71
N GLY M 66 38.29 18.88 -48.89
CA GLY M 66 37.57 18.28 -50.00
C GLY M 66 38.19 16.97 -50.46
N LEU M 67 39.52 16.92 -50.54
CA LEU M 67 40.18 15.71 -51.01
C LEU M 67 39.93 14.54 -50.05
N MET M 68 39.98 14.78 -48.77
CA MET M 68 39.71 13.70 -47.89
C MET M 68 38.30 13.22 -48.12
N VAL M 69 37.34 14.13 -48.26
CA VAL M 69 35.94 13.76 -48.41
C VAL M 69 35.66 13.13 -49.75
N TRP M 70 36.55 13.31 -50.68
CA TRP M 70 36.44 12.69 -51.98
C TRP M 70 36.94 11.31 -51.83
N CYS M 71 38.10 11.15 -51.22
CA CYS M 71 38.70 9.83 -51.12
C CYS M 71 37.96 8.94 -50.12
N ILE M 72 36.95 9.44 -49.44
CA ILE M 72 36.10 8.63 -48.58
C ILE M 72 34.95 8.09 -49.42
N GLU M 73 34.55 8.85 -50.43
CA GLU M 73 33.41 8.52 -51.27
C GLU M 73 33.82 7.86 -52.59
N ASN M 74 35.11 7.92 -52.95
CA ASN M 74 35.55 7.39 -54.23
C ASN M 74 36.57 6.28 -54.04
N GLY M 75 37.59 6.52 -53.22
CA GLY M 75 38.64 5.56 -52.97
C GLY M 75 40.00 6.18 -53.15
N THR M 76 41.03 5.37 -52.87
CA THR M 76 42.41 5.80 -52.98
C THR M 76 43.14 5.14 -54.14
N SER M 77 42.41 4.65 -55.14
CA SER M 77 42.98 4.09 -56.37
C SER M 77 42.27 4.72 -57.55
N PRO M 78 42.44 6.03 -57.77
CA PRO M 78 41.71 6.69 -58.85
C PRO M 78 42.46 6.65 -60.17
N ASN M 79 41.89 7.30 -61.19
CA ASN M 79 42.52 7.42 -62.50
C ASN M 79 43.46 8.62 -62.48
N ILE M 80 44.76 8.37 -62.64
CA ILE M 80 45.75 9.44 -62.54
C ILE M 80 45.43 10.54 -63.54
N ASN M 81 45.04 10.16 -64.76
CA ASN M 81 44.64 11.14 -65.77
C ASN M 81 43.14 11.44 -65.61
N GLY M 82 42.83 12.10 -64.51
CA GLY M 82 41.46 12.43 -64.17
C GLY M 82 41.41 13.68 -63.32
N VAL M 83 40.32 13.85 -62.58
CA VAL M 83 40.11 15.04 -61.77
C VAL M 83 39.25 14.66 -60.57
N TRP M 84 39.56 15.28 -59.42
CA TRP M 84 38.78 15.10 -58.20
C TRP M 84 38.00 16.37 -57.92
N VAL M 85 36.77 16.20 -57.46
CA VAL M 85 35.76 17.26 -57.41
C VAL M 85 35.64 17.80 -56.00
N MET M 86 35.47 19.12 -55.90
CA MET M 86 35.17 19.79 -54.65
C MET M 86 34.00 20.72 -54.87
N MET M 87 33.17 20.89 -53.85
CA MET M 87 31.95 21.68 -53.95
C MET M 87 32.12 22.97 -53.16
N ASP M 88 32.14 24.09 -53.87
CA ASP M 88 32.22 25.41 -53.25
C ASP M 88 30.80 25.96 -53.08
N GLY M 89 30.01 25.23 -52.30
CA GLY M 89 28.61 25.56 -52.15
C GLY M 89 27.76 24.73 -53.07
N ASP M 90 27.09 25.39 -54.02
CA ASP M 90 26.40 24.68 -55.10
C ASP M 90 27.27 24.52 -56.33
N GLU M 91 28.39 25.24 -56.41
CA GLU M 91 29.28 25.18 -57.54
C GLU M 91 30.23 23.99 -57.42
N GLN M 92 30.82 23.61 -58.55
CA GLN M 92 31.78 22.52 -58.62
C GLN M 92 33.18 23.09 -58.81
N VAL M 93 34.14 22.52 -58.09
CA VAL M 93 35.55 22.90 -58.20
C VAL M 93 36.33 21.64 -58.60
N GLU M 94 37.01 21.72 -59.74
CA GLU M 94 37.72 20.58 -60.31
C GLU M 94 39.23 20.77 -60.14
N TYR M 95 39.90 19.73 -59.66
CA TYR M 95 41.34 19.75 -59.50
C TYR M 95 41.95 18.54 -60.16
N PRO M 96 43.18 18.65 -60.67
CA PRO M 96 43.85 17.49 -61.27
C PRO M 96 44.25 16.45 -60.24
N LEU M 97 44.44 15.21 -60.68
CA LEU M 97 44.92 14.16 -59.80
C LEU M 97 46.32 13.76 -60.16
N LYS M 98 47.02 14.56 -60.91
CA LYS M 98 48.40 14.23 -61.22
C LYS M 98 49.27 14.42 -59.99
N PRO M 99 49.32 15.62 -59.40
CA PRO M 99 50.13 15.78 -58.17
C PRO M 99 49.68 14.87 -57.04
N ILE M 100 48.37 14.60 -56.94
CA ILE M 100 47.87 13.77 -55.84
C ILE M 100 48.49 12.38 -55.91
N VAL M 101 48.46 11.76 -57.08
CA VAL M 101 48.91 10.38 -57.22
C VAL M 101 50.40 10.30 -57.55
N GLU M 102 50.91 11.23 -58.36
CA GLU M 102 52.31 11.16 -58.77
C GLU M 102 53.24 11.28 -57.57
N ASN M 103 52.96 12.21 -56.67
CA ASN M 103 53.86 12.50 -55.56
C ASN M 103 53.51 11.74 -54.28
N ALA M 104 52.51 10.87 -54.32
CA ALA M 104 52.09 10.13 -53.13
C ALA M 104 52.85 8.82 -53.07
N LYS M 105 53.99 8.84 -52.38
CA LYS M 105 54.81 7.65 -52.21
C LYS M 105 54.56 7.03 -50.84
N PRO M 106 54.47 5.69 -50.74
CA PRO M 106 54.56 4.69 -51.82
C PRO M 106 53.25 4.59 -52.59
N THR M 107 52.12 4.70 -51.88
CA THR M 107 50.81 4.68 -52.49
C THR M 107 49.95 5.76 -51.85
N LEU M 108 48.97 6.24 -52.61
CA LEU M 108 48.12 7.31 -52.09
C LEU M 108 47.36 6.89 -50.84
N ARG M 109 47.08 5.59 -50.71
CA ARG M 109 46.42 5.11 -49.50
C ARG M 109 47.31 5.30 -48.28
N GLN M 110 48.59 4.97 -48.40
CA GLN M 110 49.53 5.23 -47.31
C GLN M 110 49.63 6.72 -47.02
N ILE M 111 49.60 7.54 -48.06
CA ILE M 111 49.60 8.99 -47.87
C ILE M 111 48.27 9.50 -47.35
N MET M 112 47.17 8.80 -47.62
CA MET M 112 45.87 9.18 -47.09
C MET M 112 45.53 8.47 -45.78
N ALA M 113 46.36 7.52 -45.34
CA ALA M 113 46.13 6.88 -44.06
C ALA M 113 46.28 7.86 -42.91
N HIS M 114 46.97 8.98 -43.12
CA HIS M 114 47.09 10.00 -42.09
C HIS M 114 45.76 10.67 -41.77
N PHE M 115 44.76 10.49 -42.63
CA PHE M 115 43.43 11.04 -42.42
C PHE M 115 42.46 10.01 -41.85
N SER M 116 42.95 8.85 -41.43
CA SER M 116 42.06 7.81 -40.94
C SER M 116 41.28 8.27 -39.72
N ASP M 117 41.93 8.96 -38.79
CA ASP M 117 41.24 9.44 -37.60
C ASP M 117 40.24 10.53 -37.96
N VAL M 118 40.64 11.48 -38.80
CA VAL M 118 39.73 12.57 -39.18
C VAL M 118 38.61 12.03 -40.07
N ALA M 119 38.95 11.14 -41.00
CA ALA M 119 37.93 10.55 -41.85
C ALA M 119 36.90 9.80 -41.01
N GLU M 120 37.36 9.09 -39.99
CA GLU M 120 36.44 8.42 -39.08
C GLU M 120 35.54 9.43 -38.38
N ALA M 121 36.09 10.58 -37.98
CA ALA M 121 35.28 11.60 -37.33
C ALA M 121 34.26 12.18 -38.29
N TYR M 122 34.68 12.47 -39.53
CA TYR M 122 33.79 13.11 -40.48
C TYR M 122 32.74 12.17 -41.03
N ILE M 123 32.99 10.86 -41.01
CA ILE M 123 32.00 9.89 -41.46
C ILE M 123 31.01 9.54 -40.36
N GLU M 124 31.32 9.91 -39.11
CA GLU M 124 30.34 9.89 -38.03
C GLU M 124 29.81 11.27 -37.72
N MET M 125 30.58 12.32 -38.02
CA MET M 125 30.10 13.66 -37.80
C MET M 125 29.02 14.04 -38.80
N ARG M 126 28.90 13.30 -39.89
CA ARG M 126 27.85 13.49 -40.88
C ARG M 126 26.78 12.42 -40.79
N ASN M 127 26.88 11.62 -39.76
CA ASN M 127 25.91 10.60 -39.54
C ASN M 127 25.01 11.14 -38.49
N CYS M 128 25.51 11.97 -37.60
CA CYS M 128 24.64 12.62 -36.66
C CYS M 128 23.69 13.33 -37.56
N LYS M 129 22.49 13.64 -37.07
CA LYS M 129 21.50 14.40 -37.85
C LYS M 129 20.80 13.61 -38.96
N GLU M 130 21.58 13.02 -39.87
CA GLU M 130 21.01 12.24 -40.97
C GLU M 130 21.88 11.03 -41.28
N PRO M 131 21.25 9.91 -41.65
CA PRO M 131 22.12 8.78 -42.01
C PRO M 131 23.01 9.14 -43.19
N TYR M 132 24.27 8.70 -43.13
CA TYR M 132 25.22 8.90 -44.21
C TYR M 132 26.10 7.67 -44.31
N MET M 133 26.39 7.28 -45.54
CA MET M 133 27.22 6.11 -45.78
C MET M 133 28.15 6.35 -46.98
N PRO M 134 29.47 6.27 -46.79
CA PRO M 134 30.38 6.42 -47.93
C PRO M 134 30.01 5.50 -49.08
N ARG M 135 30.56 5.77 -50.27
CA ARG M 135 30.29 4.93 -51.43
C ARG M 135 31.28 3.78 -51.55
N TYR M 136 32.21 3.65 -50.63
CA TYR M 136 33.05 2.47 -50.54
C TYR M 136 32.39 1.38 -49.71
N GLY M 137 31.19 1.69 -49.20
CA GLY M 137 30.40 0.71 -48.48
C GLY M 137 29.12 0.46 -49.28
N LEU M 138 28.54 1.49 -49.88
CA LEU M 138 27.37 1.31 -50.73
C LEU M 138 27.69 0.51 -52.00
N VAL M 139 28.92 0.50 -52.46
CA VAL M 139 29.30 -0.33 -53.62
C VAL M 139 29.77 -1.70 -53.19
N ARG M 140 30.29 -1.82 -51.98
CA ARG M 140 30.80 -3.09 -51.46
C ARG M 140 29.79 -3.78 -50.56
N ASN M 141 28.51 -3.52 -50.75
CA ASN M 141 27.47 -4.25 -50.04
C ASN M 141 27.64 -4.28 -48.57
N LEU M 142 27.48 -3.14 -47.95
CA LEU M 142 27.49 -3.04 -46.52
C LEU M 142 26.11 -2.52 -46.16
N ARG M 143 25.43 -3.15 -45.24
CA ARG M 143 24.07 -2.78 -44.86
C ARG M 143 23.88 -2.35 -43.42
N ASP M 144 24.98 -2.05 -42.74
CA ASP M 144 24.92 -1.66 -41.34
C ASP M 144 25.48 -0.28 -41.11
N GLY M 145 24.63 0.64 -40.68
CA GLY M 145 25.06 2.02 -40.51
C GLY M 145 26.05 2.20 -39.38
N SER M 146 26.02 1.31 -38.38
CA SER M 146 26.95 1.41 -37.27
C SER M 146 28.40 1.26 -37.72
N LEU M 147 28.63 0.62 -38.86
CA LEU M 147 29.97 0.43 -39.41
C LEU M 147 30.30 1.43 -40.50
N ALA M 148 29.50 2.49 -40.65
CA ALA M 148 29.79 3.49 -41.66
C ALA M 148 31.07 4.24 -41.35
N ARG M 149 31.42 4.36 -40.07
CA ARG M 149 32.66 5.04 -39.69
C ARG M 149 33.86 4.44 -40.40
N TYR M 150 33.91 3.11 -40.49
CA TYR M 150 35.07 2.39 -40.98
C TYR M 150 35.01 2.11 -42.47
N ALA M 151 34.10 2.76 -43.19
CA ALA M 151 33.89 2.46 -44.60
C ALA M 151 34.64 3.47 -45.47
N PHE M 152 35.96 3.30 -45.52
CA PHE M 152 36.78 4.01 -46.47
C PHE M 152 38.08 3.24 -46.67
N ASP M 153 38.67 3.41 -47.85
CA ASP M 153 39.80 2.58 -48.25
C ASP M 153 41.00 2.78 -47.33
N PHE M 154 41.28 4.01 -46.94
CA PHE M 154 42.51 4.35 -46.23
C PHE M 154 42.37 4.27 -44.72
N TYR M 155 41.46 3.44 -44.21
CA TYR M 155 41.36 3.25 -42.77
C TYR M 155 42.59 2.49 -42.27
N GLU M 156 43.01 2.83 -41.06
CA GLU M 156 44.17 2.21 -40.42
C GLU M 156 43.68 1.20 -39.39
N VAL M 157 43.86 -0.09 -39.69
CA VAL M 157 43.45 -1.15 -38.78
C VAL M 157 44.51 -1.25 -37.69
N THR M 158 44.13 -0.96 -36.45
CA THR M 158 45.02 -0.99 -35.31
C THR M 158 44.46 -1.93 -34.25
N SER M 159 45.16 -2.00 -33.12
CA SER M 159 44.69 -2.82 -32.01
C SER M 159 43.40 -2.32 -31.40
N ARG M 160 43.05 -1.05 -31.64
CA ARG M 160 41.84 -0.46 -31.09
C ARG M 160 40.64 -0.60 -32.02
N THR M 161 40.82 -1.16 -33.21
CA THR M 161 39.71 -1.34 -34.12
C THR M 161 38.73 -2.37 -33.56
N PRO M 162 37.42 -2.09 -33.56
CA PRO M 162 36.47 -3.13 -33.13
C PRO M 162 36.55 -4.35 -34.03
N VAL M 163 36.34 -5.52 -33.42
CA VAL M 163 36.37 -6.76 -34.19
C VAL M 163 35.34 -6.72 -35.32
N ARG M 164 34.19 -6.12 -35.05
CA ARG M 164 33.18 -6.04 -36.06
C ARG M 164 33.63 -5.14 -37.18
N ALA M 165 34.27 -4.03 -36.82
CA ALA M 165 34.83 -3.16 -37.85
C ALA M 165 35.93 -3.87 -38.63
N ARG M 166 36.79 -4.62 -37.95
CA ARG M 166 37.86 -5.35 -38.62
C ARG M 166 37.35 -6.48 -39.49
N GLU M 167 36.07 -6.82 -39.40
CA GLU M 167 35.46 -7.83 -40.25
C GLU M 167 34.71 -7.24 -41.43
N ALA M 168 34.14 -6.05 -41.29
CA ALA M 168 33.57 -5.35 -42.44
C ALA M 168 34.63 -5.12 -43.50
N HIS M 169 35.85 -4.75 -43.08
CA HIS M 169 36.90 -4.43 -44.04
C HIS M 169 37.27 -5.65 -44.88
N ILE M 170 37.43 -6.82 -44.26
CA ILE M 170 37.72 -8.01 -45.04
C ILE M 170 36.52 -8.40 -45.89
N GLN M 171 35.30 -8.06 -45.46
CA GLN M 171 34.13 -8.28 -46.31
C GLN M 171 34.12 -7.29 -47.47
N MET M 172 34.35 -6.01 -47.19
CA MET M 172 34.34 -5.00 -48.25
C MET M 172 35.54 -5.17 -49.19
N LYS M 173 36.67 -5.62 -48.66
CA LYS M 173 37.87 -5.83 -49.45
C LYS M 173 37.82 -7.10 -50.29
N ALA M 174 36.68 -7.78 -50.32
CA ALA M 174 36.52 -8.99 -51.10
C ALA M 174 35.06 -9.24 -51.43
N LYS N 5 44.45 9.76 -27.92
CA LYS N 5 43.72 10.84 -28.57
C LYS N 5 43.84 10.73 -30.09
N MET N 6 42.96 11.41 -30.80
CA MET N 6 43.06 11.46 -32.26
C MET N 6 44.36 12.14 -32.66
N ARG N 7 45.01 11.59 -33.69
CA ARG N 7 46.24 12.17 -34.24
C ARG N 7 45.88 12.85 -35.55
N MET N 8 45.59 14.14 -35.47
CA MET N 8 45.24 14.90 -36.66
C MET N 8 46.44 14.99 -37.59
N PRO N 9 46.23 14.93 -38.90
CA PRO N 9 47.37 15.02 -39.83
C PRO N 9 48.11 16.33 -39.67
N LYS N 10 49.44 16.26 -39.75
CA LYS N 10 50.28 17.43 -39.61
C LYS N 10 51.48 17.28 -40.52
N SER N 11 51.93 18.39 -41.10
CA SER N 11 53.08 18.38 -42.00
C SER N 11 54.35 18.81 -41.29
N LYS N 12 54.36 20.02 -40.73
CA LYS N 12 55.50 20.54 -39.98
C LYS N 12 55.02 21.21 -38.71
N GLY N 13 54.14 20.52 -37.98
CA GLY N 13 53.53 21.08 -36.78
C GLY N 13 52.29 21.91 -37.04
N ALA N 14 51.69 21.79 -38.22
CA ALA N 14 50.48 22.52 -38.56
C ALA N 14 49.49 21.55 -39.17
N THR N 15 48.27 21.53 -38.64
CA THR N 15 47.24 20.67 -39.19
C THR N 15 47.02 20.99 -40.66
N VAL N 16 46.93 19.95 -41.49
CA VAL N 16 46.76 20.14 -42.93
C VAL N 16 45.29 20.19 -43.32
N LEU N 17 44.42 20.31 -42.33
CA LEU N 17 42.99 20.39 -42.56
C LEU N 17 42.43 21.62 -41.85
N ASN N 18 41.41 22.23 -42.44
CA ASN N 18 40.69 23.32 -41.82
C ASN N 18 39.45 22.75 -41.14
N LEU N 19 39.42 22.80 -39.82
CA LEU N 19 38.33 22.21 -39.06
C LEU N 19 37.10 23.12 -39.00
N GLU N 20 37.27 24.43 -39.15
CA GLU N 20 36.12 25.32 -39.24
C GLU N 20 35.30 25.02 -40.49
N HIS N 21 35.96 24.47 -41.52
CA HIS N 21 35.29 24.21 -42.77
C HIS N 21 34.92 22.78 -42.93
N LEU N 22 35.59 21.88 -42.34
CA LEU N 22 35.23 20.46 -42.42
C LEU N 22 33.90 20.20 -41.74
N LEU N 23 33.67 20.82 -40.58
CA LEU N 23 32.39 20.64 -39.90
C LEU N 23 31.24 21.14 -40.75
N GLU N 24 31.46 22.16 -41.57
CA GLU N 24 30.43 22.76 -42.41
C GLU N 24 30.63 22.41 -43.88
N TYR N 25 31.21 21.26 -44.16
CA TYR N 25 31.45 20.81 -45.53
C TYR N 25 30.78 19.44 -45.66
N ALA N 26 29.52 19.45 -46.02
CA ALA N 26 28.74 18.23 -46.20
C ALA N 26 28.30 18.13 -47.66
N PRO N 27 29.22 17.78 -48.53
CA PRO N 27 28.82 17.61 -49.90
C PRO N 27 27.76 16.53 -50.18
N GLN N 28 26.74 16.77 -51.01
CA GLN N 28 25.84 15.70 -51.43
C GLN N 28 26.66 14.66 -52.17
N GLN N 29 26.38 13.38 -51.89
CA GLN N 29 27.26 12.34 -52.39
C GLN N 29 27.39 12.38 -53.90
N ILE N 30 26.31 12.76 -54.58
CA ILE N 30 26.30 12.74 -56.04
C ILE N 30 27.25 13.78 -56.61
N ASP N 31 27.40 14.94 -55.95
CA ASP N 31 28.21 16.01 -56.53
C ASP N 31 29.67 15.64 -56.64
N ILE N 32 30.21 14.91 -55.66
CA ILE N 32 31.60 14.49 -55.68
C ILE N 32 31.76 13.02 -56.03
N SER N 33 30.67 12.31 -56.32
CA SER N 33 30.76 10.91 -56.69
C SER N 33 31.43 10.77 -58.05
N ASN N 34 31.89 9.55 -58.33
CA ASN N 34 32.51 9.24 -59.61
C ASN N 34 31.62 8.37 -60.51
N THR N 35 30.44 8.00 -60.03
CA THR N 35 29.46 7.38 -60.92
C THR N 35 28.77 8.39 -61.81
N ARG N 36 28.92 9.68 -61.52
CA ARG N 36 28.38 10.77 -62.33
C ARG N 36 29.52 11.60 -62.88
N ALA N 37 29.41 11.98 -64.15
CA ALA N 37 30.41 12.85 -64.75
C ALA N 37 30.26 14.27 -64.22
N THR N 38 31.38 14.99 -64.20
CA THR N 38 31.38 16.35 -63.71
C THR N 38 30.55 17.25 -64.63
N GLN N 39 29.92 18.26 -64.03
CA GLN N 39 29.13 19.20 -64.82
C GLN N 39 29.96 19.87 -65.90
N SER N 40 31.28 19.96 -65.73
CA SER N 40 32.14 20.44 -66.79
C SER N 40 32.32 19.41 -67.90
N GLN N 41 32.09 18.13 -67.61
CA GLN N 41 32.09 17.10 -68.63
C GLN N 41 30.72 16.92 -69.28
N PHE N 42 29.65 17.23 -68.56
CA PHE N 42 28.32 17.21 -69.15
C PHE N 42 28.15 18.37 -70.12
N ASP N 43 28.57 19.57 -69.72
CA ASP N 43 28.41 20.74 -70.58
C ASP N 43 29.15 20.57 -71.89
N THR N 44 30.36 20.01 -71.85
CA THR N 44 31.09 19.75 -73.08
C THR N 44 30.34 18.74 -73.95
N TRP N 45 29.77 17.71 -73.34
CA TRP N 45 29.04 16.71 -74.10
C TRP N 45 27.81 17.42 -74.65
N TYR N 46 26.94 17.89 -73.77
CA TYR N 46 25.73 18.56 -74.21
C TYR N 46 25.98 19.49 -75.40
N GLU N 47 26.95 20.39 -75.29
CA GLU N 47 27.20 21.33 -76.38
C GLU N 47 27.65 20.58 -77.64
N ALA N 48 28.42 19.50 -77.48
CA ALA N 48 28.91 18.77 -78.64
C ALA N 48 27.77 18.18 -79.46
N VAL N 49 26.77 17.60 -78.79
CA VAL N 49 25.64 17.02 -79.51
C VAL N 49 24.83 18.10 -80.21
N GLN N 50 24.72 19.28 -79.61
CA GLN N 50 24.09 20.41 -80.29
C GLN N 50 24.84 20.77 -81.57
N LEU N 51 26.16 20.66 -81.56
CA LEU N 51 26.94 20.97 -82.74
C LEU N 51 26.81 19.88 -83.80
N ALA N 52 26.86 18.61 -83.39
CA ALA N 52 26.77 17.52 -84.34
C ALA N 52 25.37 17.41 -84.95
N TYR N 53 24.34 17.58 -84.14
CA TYR N 53 22.96 17.42 -84.60
C TYR N 53 22.43 18.67 -85.28
N ASP N 54 23.12 19.79 -85.19
CA ASP N 54 22.67 21.08 -85.71
C ASP N 54 21.34 21.53 -85.11
N ILE N 55 20.92 20.91 -84.01
CA ILE N 55 19.73 21.35 -83.31
C ILE N 55 20.04 22.62 -82.54
N GLY N 56 19.11 23.56 -82.53
CA GLY N 56 19.34 24.84 -81.89
C GLY N 56 19.29 24.73 -80.38
N GLU N 57 19.61 25.85 -79.73
CA GLU N 57 19.51 25.90 -78.27
C GLU N 57 18.09 25.64 -77.79
N THR N 58 17.10 25.79 -78.66
CA THR N 58 15.75 25.31 -78.42
C THR N 58 15.56 23.98 -79.17
N GLU N 59 14.64 23.17 -78.68
CA GLU N 59 14.40 21.87 -79.28
C GLU N 59 15.43 20.85 -78.83
N MET N 60 16.51 21.23 -78.16
CA MET N 60 17.43 20.22 -77.70
C MET N 60 16.78 19.57 -76.53
N PRO N 61 16.07 20.31 -75.71
CA PRO N 61 15.47 19.54 -74.63
C PRO N 61 14.67 18.34 -75.08
N THR N 62 13.90 18.46 -76.15
CA THR N 62 13.07 17.38 -76.67
C THR N 62 13.92 16.30 -77.29
N VAL N 63 15.10 16.58 -77.76
CA VAL N 63 15.95 15.51 -78.24
C VAL N 63 16.53 14.79 -77.05
N MET N 64 16.85 15.49 -75.95
CA MET N 64 17.32 14.83 -74.73
C MET N 64 16.22 13.99 -74.08
N ASN N 65 14.96 14.31 -74.32
CA ASN N 65 13.87 13.46 -73.83
C ASN N 65 13.84 12.12 -74.54
N GLY N 66 14.05 12.12 -75.86
CA GLY N 66 14.12 10.86 -76.58
C GLY N 66 15.31 10.02 -76.14
N LEU N 67 16.47 10.66 -75.95
CA LEU N 67 17.65 9.91 -75.54
C LEU N 67 17.47 9.31 -74.15
N MET N 68 16.89 10.08 -73.22
CA MET N 68 16.66 9.57 -71.88
C MET N 68 15.77 8.33 -71.90
N VAL N 69 14.62 8.43 -72.57
CA VAL N 69 13.72 7.29 -72.66
C VAL N 69 14.37 6.17 -73.48
N TRP N 70 15.11 6.55 -74.53
CA TRP N 70 15.82 5.55 -75.32
C TRP N 70 16.87 4.84 -74.49
N CYS N 71 17.59 5.57 -73.63
CA CYS N 71 18.64 4.98 -72.82
C CYS N 71 18.11 4.19 -71.63
N ILE N 72 16.82 4.30 -71.34
CA ILE N 72 16.20 3.47 -70.31
C ILE N 72 15.84 2.10 -70.87
N GLU N 73 15.30 2.06 -72.08
CA GLU N 73 14.82 0.83 -72.69
C GLU N 73 15.85 0.13 -73.55
N ASN N 74 17.04 0.70 -73.73
CA ASN N 74 18.03 0.09 -74.59
C ASN N 74 19.36 -0.14 -73.88
N GLY N 75 19.78 0.84 -73.08
CA GLY N 75 21.06 0.77 -72.40
C GLY N 75 21.89 2.00 -72.65
N THR N 76 22.98 2.16 -71.92
CA THR N 76 23.88 3.29 -72.09
C THR N 76 25.23 2.86 -72.65
N SER N 77 25.30 1.68 -73.25
CA SER N 77 26.51 1.19 -73.92
C SER N 77 26.12 0.66 -75.31
N PRO N 78 25.63 1.54 -76.18
CA PRO N 78 25.24 1.09 -77.52
C PRO N 78 26.41 1.05 -78.50
N ASN N 79 26.13 0.76 -79.75
CA ASN N 79 27.14 0.78 -80.80
C ASN N 79 27.36 2.22 -81.26
N ILE N 80 28.62 2.62 -81.35
CA ILE N 80 28.96 3.96 -81.82
C ILE N 80 28.50 4.22 -83.24
N ASN N 81 28.19 3.16 -84.00
CA ASN N 81 27.86 3.27 -85.41
C ASN N 81 26.37 3.10 -85.67
N GLY N 82 25.55 3.07 -84.63
CA GLY N 82 24.13 2.85 -84.77
C GLY N 82 23.35 4.15 -84.83
N VAL N 83 22.05 4.04 -84.54
CA VAL N 83 21.15 5.19 -84.53
C VAL N 83 20.09 4.95 -83.49
N TRP N 84 19.91 5.91 -82.58
CA TRP N 84 18.85 5.85 -81.60
C TRP N 84 17.63 6.60 -82.12
N VAL N 85 16.46 6.08 -81.78
CA VAL N 85 15.21 6.56 -82.36
C VAL N 85 14.36 7.19 -81.27
N MET N 86 13.64 8.25 -81.64
CA MET N 86 12.62 8.85 -80.81
C MET N 86 11.36 9.01 -81.63
N MET N 87 10.22 8.85 -80.97
CA MET N 87 8.93 8.83 -81.65
C MET N 87 8.39 10.26 -81.77
N ASP N 88 8.27 10.75 -83.00
CA ASP N 88 7.67 12.04 -83.28
C ASP N 88 6.20 11.79 -83.59
N GLY N 89 5.39 11.70 -82.54
CA GLY N 89 4.02 11.29 -82.72
C GLY N 89 3.93 9.81 -83.01
N ASP N 90 3.64 9.45 -84.26
CA ASP N 90 3.58 8.05 -84.66
C ASP N 90 4.76 7.63 -85.53
N GLU N 91 5.54 8.57 -86.06
CA GLU N 91 6.66 8.23 -86.93
C GLU N 91 7.87 7.87 -86.08
N GLN N 92 9.03 7.74 -86.72
CA GLN N 92 10.26 7.30 -86.06
C GLN N 92 11.40 8.19 -86.53
N VAL N 93 11.97 8.96 -85.61
CA VAL N 93 13.04 9.90 -85.92
C VAL N 93 14.34 9.30 -85.43
N GLU N 94 15.21 8.94 -86.37
CA GLU N 94 16.47 8.29 -86.05
C GLU N 94 17.59 9.32 -86.00
N TYR N 95 18.40 9.26 -84.95
CA TYR N 95 19.55 10.13 -84.80
C TYR N 95 20.83 9.32 -84.68
N PRO N 96 21.95 9.83 -85.16
CA PRO N 96 23.21 9.09 -85.03
C PRO N 96 23.73 9.13 -83.60
N LEU N 97 24.38 8.04 -83.21
CA LEU N 97 24.91 7.88 -81.86
C LEU N 97 26.35 8.32 -81.73
N LYS N 98 27.00 8.72 -82.82
CA LYS N 98 28.40 9.10 -82.75
C LYS N 98 28.65 10.26 -81.79
N PRO N 99 27.97 11.40 -81.91
CA PRO N 99 28.18 12.47 -80.92
C PRO N 99 27.81 12.06 -79.50
N ILE N 100 26.83 11.18 -79.34
CA ILE N 100 26.41 10.77 -78.01
C ILE N 100 27.54 10.05 -77.29
N VAL N 101 28.21 9.13 -77.97
CA VAL N 101 29.20 8.26 -77.36
C VAL N 101 30.61 8.82 -77.51
N GLU N 102 30.92 9.42 -78.67
CA GLU N 102 32.27 9.93 -78.89
C GLU N 102 32.62 11.04 -77.91
N ASN N 103 31.63 11.84 -77.51
CA ASN N 103 31.85 12.98 -76.63
C ASN N 103 31.36 12.72 -75.21
N ALA N 104 31.15 11.47 -74.84
CA ALA N 104 30.70 11.10 -73.49
C ALA N 104 31.93 10.68 -72.69
N LYS N 105 32.43 11.60 -71.88
CA LYS N 105 33.59 11.34 -71.04
C LYS N 105 33.17 11.31 -69.58
N PRO N 106 33.59 10.30 -68.81
CA PRO N 106 34.42 9.14 -69.19
C PRO N 106 33.63 8.13 -69.99
N THR N 107 32.32 8.00 -69.70
CA THR N 107 31.46 7.07 -70.41
C THR N 107 30.06 7.65 -70.44
N LEU N 108 29.24 7.11 -71.35
CA LEU N 108 27.87 7.59 -71.48
C LEU N 108 27.06 7.32 -70.22
N ARG N 109 27.34 6.21 -69.53
CA ARG N 109 26.59 5.90 -68.31
C ARG N 109 26.78 7.00 -67.26
N GLN N 110 28.02 7.45 -67.08
CA GLN N 110 28.26 8.54 -66.14
C GLN N 110 27.68 9.86 -66.64
N ILE N 111 27.68 10.08 -67.95
CA ILE N 111 27.04 11.27 -68.51
C ILE N 111 25.52 11.16 -68.35
N MET N 112 24.97 9.96 -68.51
CA MET N 112 23.53 9.77 -68.39
C MET N 112 23.07 9.65 -66.94
N ALA N 113 24.00 9.49 -65.99
CA ALA N 113 23.61 9.43 -64.59
C ALA N 113 23.03 10.75 -64.10
N HIS N 114 23.23 11.84 -64.85
CA HIS N 114 22.61 13.12 -64.51
C HIS N 114 21.10 13.07 -64.65
N PHE N 115 20.56 12.07 -65.36
CA PHE N 115 19.13 11.92 -65.57
C PHE N 115 18.51 10.90 -64.65
N SER N 116 19.27 10.38 -63.67
CA SER N 116 18.77 9.27 -62.87
C SER N 116 17.49 9.63 -62.15
N ASP N 117 17.46 10.79 -61.48
CA ASP N 117 16.28 11.18 -60.72
C ASP N 117 15.07 11.32 -61.63
N VAL N 118 15.25 11.92 -62.79
CA VAL N 118 14.15 12.03 -63.75
C VAL N 118 13.79 10.67 -64.31
N ALA N 119 14.78 9.82 -64.53
CA ALA N 119 14.53 8.52 -65.13
C ALA N 119 13.56 7.69 -64.31
N GLU N 120 13.80 7.62 -62.99
CA GLU N 120 12.86 6.87 -62.14
C GLU N 120 11.50 7.55 -62.10
N ALA N 121 11.48 8.89 -62.12
CA ALA N 121 10.22 9.61 -62.16
C ALA N 121 9.45 9.30 -63.43
N TYR N 122 10.14 9.24 -64.56
CA TYR N 122 9.48 8.93 -65.82
C TYR N 122 8.85 7.54 -65.80
N ILE N 123 9.56 6.56 -65.25
CA ILE N 123 9.03 5.20 -65.22
C ILE N 123 7.77 5.14 -64.37
N GLU N 124 7.77 5.82 -63.23
CA GLU N 124 6.62 5.75 -62.32
C GLU N 124 5.35 6.22 -63.01
N MET N 125 5.40 7.40 -63.67
CA MET N 125 4.23 7.90 -64.38
C MET N 125 3.85 6.95 -65.50
N ARG N 126 4.84 6.43 -66.23
CA ARG N 126 4.58 5.40 -67.23
C ARG N 126 3.95 4.17 -66.60
N ASN N 127 4.40 3.82 -65.42
CA ASN N 127 3.87 2.68 -64.70
C ASN N 127 2.57 3.02 -64.02
N CYS N 128 2.25 4.31 -63.95
CA CYS N 128 1.01 4.78 -63.36
C CYS N 128 -0.16 4.74 -64.33
N LYS N 129 0.07 4.28 -65.56
CA LYS N 129 -0.99 4.06 -66.54
C LYS N 129 -1.15 2.59 -66.86
N GLU N 130 -0.06 1.91 -67.19
CA GLU N 130 -0.05 0.47 -67.44
C GLU N 130 1.33 -0.05 -67.12
N PRO N 131 1.49 -1.36 -66.95
CA PRO N 131 2.80 -1.90 -66.60
C PRO N 131 3.87 -1.47 -67.60
N TYR N 132 5.02 -1.05 -67.07
CA TYR N 132 6.16 -0.66 -67.89
C TYR N 132 7.42 -1.05 -67.12
N MET N 133 7.97 -2.22 -67.45
CA MET N 133 9.27 -2.62 -66.95
C MET N 133 10.30 -2.32 -68.03
N PRO N 134 11.24 -1.40 -67.80
CA PRO N 134 12.22 -1.10 -68.85
C PRO N 134 12.95 -2.35 -69.30
N ARG N 135 13.20 -2.42 -70.61
CA ARG N 135 13.84 -3.59 -71.20
C ARG N 135 15.09 -4.02 -70.44
N TYR N 136 15.75 -3.11 -69.74
CA TYR N 136 16.93 -3.49 -68.98
C TYR N 136 16.60 -4.48 -67.88
N GLY N 137 15.33 -4.55 -67.47
CA GLY N 137 14.90 -5.51 -66.48
C GLY N 137 14.18 -6.71 -67.06
N LEU N 138 13.64 -6.57 -68.27
CA LEU N 138 13.00 -7.71 -68.93
C LEU N 138 14.04 -8.70 -69.44
N VAL N 139 15.18 -8.22 -69.90
CA VAL N 139 16.24 -9.09 -70.40
C VAL N 139 17.14 -9.52 -69.26
N ARG N 140 16.75 -9.19 -68.02
CA ARG N 140 17.51 -9.60 -66.84
C ARG N 140 16.59 -10.17 -65.76
N ASN N 141 15.44 -10.67 -66.14
CA ASN N 141 14.56 -11.38 -65.19
C ASN N 141 14.21 -10.58 -63.97
N LEU N 142 14.02 -9.30 -64.13
CA LEU N 142 13.53 -8.47 -63.03
C LEU N 142 12.01 -8.63 -63.00
N ARG N 143 11.50 -9.32 -61.99
CA ARG N 143 10.12 -9.76 -61.97
C ARG N 143 9.23 -8.90 -61.08
N ASP N 144 9.73 -8.46 -59.93
CA ASP N 144 8.95 -7.54 -59.10
C ASP N 144 8.72 -6.25 -59.87
N GLY N 145 7.49 -5.74 -59.80
CA GLY N 145 7.13 -4.58 -60.60
C GLY N 145 7.37 -3.26 -59.87
N SER N 146 7.27 -3.28 -58.54
CA SER N 146 7.52 -2.06 -57.78
C SER N 146 8.94 -1.56 -58.00
N LEU N 147 9.91 -2.47 -58.04
CA LEU N 147 11.29 -2.09 -58.34
C LEU N 147 11.48 -2.05 -59.84
N ALA N 148 10.66 -1.25 -60.52
CA ALA N 148 10.81 -1.00 -61.96
C ALA N 148 11.31 0.40 -62.23
N ARG N 149 11.37 1.27 -61.22
CA ARG N 149 11.95 2.60 -61.33
C ARG N 149 13.46 2.58 -61.16
N TYR N 150 14.05 1.41 -60.92
CA TYR N 150 15.50 1.27 -60.77
C TYR N 150 16.07 0.33 -61.82
N ALA N 151 15.27 -0.03 -62.83
CA ALA N 151 15.69 -0.96 -63.87
C ALA N 151 16.25 -0.23 -65.09
N PHE N 152 17.23 0.64 -64.89
CA PHE N 152 17.88 1.33 -65.99
C PHE N 152 19.37 1.47 -65.70
N ASP N 153 20.17 1.38 -66.77
CA ASP N 153 21.60 1.16 -66.63
C ASP N 153 22.28 2.32 -65.92
N PHE N 154 21.78 3.52 -66.08
CA PHE N 154 22.43 4.70 -65.54
C PHE N 154 21.91 5.17 -64.23
N TYR N 155 21.54 4.26 -63.35
CA TYR N 155 21.00 4.59 -62.07
C TYR N 155 22.10 4.73 -61.08
N GLU N 156 21.98 5.71 -60.20
CA GLU N 156 23.03 6.00 -59.23
C GLU N 156 22.56 5.52 -57.87
N VAL N 157 23.21 4.47 -57.36
CA VAL N 157 22.92 3.97 -56.02
C VAL N 157 23.50 4.96 -55.02
N THR N 158 22.64 5.63 -54.27
CA THR N 158 23.02 6.63 -53.29
C THR N 158 22.61 6.15 -51.91
N SER N 159 22.79 7.02 -50.92
CA SER N 159 22.40 6.69 -49.56
C SER N 159 20.89 6.63 -49.40
N ARG N 160 20.13 7.23 -50.31
CA ARG N 160 18.68 7.24 -50.25
C ARG N 160 18.04 6.10 -51.02
N THR N 161 18.83 5.26 -51.68
CA THR N 161 18.26 4.19 -52.50
C THR N 161 17.71 3.09 -51.59
N PRO N 162 16.53 2.56 -51.88
CA PRO N 162 16.04 1.40 -51.12
C PRO N 162 17.03 0.25 -51.21
N VAL N 163 17.18 -0.46 -50.08
CA VAL N 163 18.16 -1.54 -50.03
C VAL N 163 17.77 -2.65 -51.01
N ARG N 164 16.50 -2.85 -51.22
CA ARG N 164 16.10 -3.85 -52.17
C ARG N 164 16.66 -3.45 -53.51
N ALA N 165 16.28 -2.27 -53.97
CA ALA N 165 16.78 -1.79 -55.26
C ALA N 165 18.27 -2.05 -55.39
N ARG N 166 19.02 -1.78 -54.33
CA ARG N 166 20.46 -2.03 -54.34
C ARG N 166 20.76 -3.50 -54.59
N GLU N 167 20.06 -4.39 -53.89
CA GLU N 167 20.25 -5.82 -54.12
C GLU N 167 19.83 -6.22 -55.53
N ALA N 168 18.75 -5.62 -56.03
CA ALA N 168 18.30 -5.94 -57.38
C ALA N 168 19.37 -5.60 -58.41
N HIS N 169 19.97 -4.41 -58.29
CA HIS N 169 21.03 -4.03 -59.22
C HIS N 169 22.17 -5.04 -59.19
N ILE N 170 22.49 -5.56 -58.00
CA ILE N 170 23.48 -6.63 -57.91
C ILE N 170 23.00 -7.85 -58.69
N GLN N 171 21.68 -8.00 -58.86
CA GLN N 171 21.16 -9.14 -59.61
C GLN N 171 21.18 -8.87 -61.11
N MET N 172 20.72 -7.70 -61.54
CA MET N 172 20.77 -7.37 -62.96
C MET N 172 22.22 -7.37 -63.46
N LYS N 173 23.12 -6.77 -62.71
CA LYS N 173 24.54 -6.82 -63.04
C LYS N 173 25.01 -8.27 -62.96
N ALA N 174 25.32 -8.86 -64.11
CA ALA N 174 25.72 -10.26 -64.18
C ALA N 174 24.61 -11.15 -63.62
N ARG O 7 -15.83 9.09 -70.00
CA ARG O 7 -16.54 9.41 -71.24
C ARG O 7 -17.73 10.30 -70.95
N MET O 8 -17.55 11.61 -71.11
CA MET O 8 -18.62 12.55 -70.81
C MET O 8 -19.67 12.50 -71.92
N PRO O 9 -20.95 12.60 -71.57
CA PRO O 9 -21.99 12.66 -72.61
C PRO O 9 -21.78 13.87 -73.52
N LYS O 10 -22.20 13.72 -74.75
CA LYS O 10 -22.03 14.79 -75.71
C LYS O 10 -22.93 14.71 -76.85
N SER O 11 -23.29 15.87 -77.38
CA SER O 11 -24.08 15.92 -78.56
C SER O 11 -23.46 17.00 -79.42
N LYS O 12 -22.88 16.62 -80.56
CA LYS O 12 -22.28 17.59 -81.49
C LYS O 12 -21.01 18.22 -80.99
N GLY O 13 -20.19 17.47 -80.31
CA GLY O 13 -18.91 18.00 -79.89
C GLY O 13 -19.03 19.06 -78.85
N ALA O 14 -19.79 18.77 -77.83
CA ALA O 14 -19.92 19.67 -76.73
C ALA O 14 -20.55 18.80 -75.69
N THR O 15 -20.12 18.89 -74.45
CA THR O 15 -20.77 18.12 -73.41
C THR O 15 -22.16 18.64 -73.24
N VAL O 16 -23.04 17.81 -72.70
CA VAL O 16 -24.40 18.23 -72.43
C VAL O 16 -24.49 18.28 -70.91
N LEU O 17 -23.41 18.65 -70.24
CA LEU O 17 -23.36 18.81 -68.79
C LEU O 17 -22.40 19.94 -68.48
N ASN O 18 -22.54 20.50 -67.28
CA ASN O 18 -21.62 21.50 -66.77
C ASN O 18 -21.00 20.95 -65.49
N LEU O 19 -19.72 20.59 -65.57
CA LEU O 19 -19.03 20.03 -64.42
C LEU O 19 -18.61 21.08 -63.42
N GLU O 20 -18.73 22.33 -63.80
CA GLU O 20 -18.46 23.37 -62.85
C GLU O 20 -19.60 23.35 -61.91
N HIS O 21 -20.81 23.50 -62.46
CA HIS O 21 -22.01 23.50 -61.62
C HIS O 21 -22.08 22.24 -60.85
N LEU O 22 -22.00 21.13 -61.51
CA LEU O 22 -22.15 19.86 -60.85
C LEU O 22 -21.27 19.67 -59.63
N LEU O 23 -20.06 20.14 -59.68
CA LEU O 23 -19.19 19.90 -58.59
C LEU O 23 -19.86 20.42 -57.35
N GLU O 24 -20.60 21.52 -57.47
CA GLU O 24 -21.23 22.16 -56.31
C GLU O 24 -22.74 22.03 -56.31
N TYR O 25 -23.29 21.10 -57.06
CA TYR O 25 -24.73 20.84 -57.06
C TYR O 25 -24.89 19.66 -56.22
N ALA O 26 -25.43 19.86 -55.03
CA ALA O 26 -25.60 18.79 -54.10
C ALA O 26 -26.92 18.96 -53.43
N PRO O 27 -27.98 18.45 -54.02
CA PRO O 27 -29.32 18.50 -53.42
C PRO O 27 -29.51 17.43 -52.37
N GLN O 28 -30.20 17.76 -51.31
CA GLN O 28 -30.44 16.77 -50.31
C GLN O 28 -31.35 15.76 -50.90
N GLN O 29 -31.27 14.57 -50.41
CA GLN O 29 -32.04 13.47 -51.01
C GLN O 29 -33.54 13.66 -50.83
N ILE O 30 -33.95 14.29 -49.72
CA ILE O 30 -35.37 14.45 -49.43
C ILE O 30 -35.98 15.64 -50.15
N ASP O 31 -35.21 16.36 -50.97
CA ASP O 31 -35.74 17.41 -51.82
C ASP O 31 -35.83 17.01 -53.29
N ILE O 32 -35.06 16.00 -53.70
CA ILE O 32 -35.09 15.50 -55.07
C ILE O 32 -35.90 14.20 -55.11
N SER O 33 -35.94 13.49 -54.00
CA SER O 33 -36.59 12.19 -53.98
C SER O 33 -38.09 12.33 -54.20
N ASN O 34 -38.68 11.30 -54.81
CA ASN O 34 -40.11 11.24 -55.05
C ASN O 34 -40.88 10.58 -53.92
N THR O 35 -40.19 10.10 -52.88
CA THR O 35 -40.83 9.56 -51.68
C THR O 35 -41.52 10.62 -50.86
N ARG O 36 -41.48 11.87 -51.35
CA ARG O 36 -42.00 13.00 -50.61
C ARG O 36 -42.53 14.03 -51.61
N ALA O 37 -43.70 14.57 -51.32
CA ALA O 37 -44.34 15.49 -52.25
C ALA O 37 -43.56 16.79 -52.36
N THR O 38 -43.70 17.44 -53.51
CA THR O 38 -43.02 18.70 -53.74
C THR O 38 -43.63 19.81 -52.90
N GLN O 39 -42.88 20.89 -52.74
CA GLN O 39 -43.36 22.02 -51.95
C GLN O 39 -44.63 22.61 -52.55
N SER O 40 -44.65 22.76 -53.87
CA SER O 40 -45.86 23.27 -54.52
C SER O 40 -47.05 22.36 -54.26
N GLN O 41 -46.82 21.05 -54.15
CA GLN O 41 -47.89 20.13 -53.81
C GLN O 41 -48.26 20.24 -52.33
N PHE O 42 -47.27 20.40 -51.46
CA PHE O 42 -47.56 20.56 -50.03
C PHE O 42 -48.37 21.84 -49.79
N ASP O 43 -47.98 22.93 -50.44
CA ASP O 43 -48.71 24.18 -50.25
C ASP O 43 -50.14 24.06 -50.75
N THR O 44 -50.34 23.40 -51.88
CA THR O 44 -51.70 23.20 -52.39
C THR O 44 -52.54 22.38 -51.41
N TRP O 45 -51.97 21.30 -50.87
CA TRP O 45 -52.70 20.50 -49.89
C TRP O 45 -52.97 21.30 -48.63
N TYR O 46 -51.96 22.00 -48.12
CA TYR O 46 -52.13 22.77 -46.88
C TYR O 46 -53.17 23.86 -47.07
N GLU O 47 -53.12 24.58 -48.18
CA GLU O 47 -54.06 25.66 -48.42
C GLU O 47 -55.46 25.17 -48.79
N ALA O 48 -55.60 23.89 -49.13
CA ALA O 48 -56.91 23.31 -49.39
C ALA O 48 -57.53 22.74 -48.11
N VAL O 49 -56.72 22.10 -47.26
CA VAL O 49 -57.22 21.63 -45.98
C VAL O 49 -57.57 22.81 -45.08
N GLN O 50 -56.81 23.90 -45.18
CA GLN O 50 -57.12 25.09 -44.40
C GLN O 50 -58.49 25.65 -44.78
N LEU O 51 -58.79 25.70 -46.08
CA LEU O 51 -60.07 26.25 -46.52
C LEU O 51 -61.21 25.27 -46.24
N ALA O 52 -60.97 23.98 -46.42
CA ALA O 52 -62.01 22.98 -46.22
C ALA O 52 -62.34 22.75 -44.74
N TYR O 53 -61.53 23.28 -43.82
CA TYR O 53 -61.77 23.12 -42.39
C TYR O 53 -62.28 24.38 -41.73
N ASP O 54 -62.44 25.48 -42.48
CA ASP O 54 -62.91 26.74 -41.92
C ASP O 54 -62.04 27.18 -40.74
N ILE O 55 -60.72 27.11 -40.96
CA ILE O 55 -59.73 27.45 -39.95
C ILE O 55 -58.70 28.38 -40.56
N GLY O 56 -58.24 29.35 -39.77
CA GLY O 56 -57.21 30.26 -40.23
C GLY O 56 -55.82 29.82 -39.80
N GLU O 57 -54.84 30.67 -40.09
CA GLU O 57 -53.46 30.39 -39.68
C GLU O 57 -53.28 30.40 -38.18
N THR O 58 -54.24 30.97 -37.44
CA THR O 58 -54.09 31.07 -35.99
C THR O 58 -54.06 29.70 -35.34
N GLU O 59 -54.93 28.79 -35.77
CA GLU O 59 -55.04 27.47 -35.15
C GLU O 59 -54.86 26.32 -36.12
N MET O 60 -54.60 26.59 -37.40
CA MET O 60 -54.31 25.49 -38.32
C MET O 60 -53.07 24.71 -37.89
N PRO O 61 -51.97 25.33 -37.48
CA PRO O 61 -50.83 24.55 -36.98
C PRO O 61 -51.23 23.60 -35.86
N THR O 62 -52.12 24.03 -34.96
CA THR O 62 -52.55 23.16 -33.88
C THR O 62 -53.26 21.92 -34.43
N VAL O 63 -54.10 22.10 -35.45
CA VAL O 63 -54.78 20.96 -36.06
C VAL O 63 -53.76 20.01 -36.67
N MET O 64 -52.70 20.56 -37.29
CA MET O 64 -51.68 19.73 -37.90
C MET O 64 -50.90 18.92 -36.86
N ASN O 65 -50.81 19.40 -35.62
CA ASN O 65 -50.18 18.62 -34.58
C ASN O 65 -50.97 17.33 -34.32
N GLY O 66 -52.29 17.44 -34.26
CA GLY O 66 -53.11 16.25 -34.06
C GLY O 66 -53.06 15.31 -35.26
N LEU O 67 -53.11 15.85 -36.48
CA LEU O 67 -53.10 15.00 -37.66
C LEU O 67 -51.79 14.23 -37.78
N MET O 68 -50.69 14.86 -37.50
CA MET O 68 -49.47 14.13 -37.57
C MET O 68 -49.51 13.01 -36.55
N VAL O 69 -49.97 13.28 -35.34
CA VAL O 69 -49.99 12.28 -34.27
C VAL O 69 -50.99 11.20 -34.53
N TRP O 70 -51.93 11.45 -35.40
CA TRP O 70 -52.91 10.47 -35.78
C TRP O 70 -52.27 9.62 -36.80
N CYS O 71 -51.64 10.21 -37.79
CA CYS O 71 -51.06 9.42 -38.87
C CYS O 71 -49.81 8.67 -38.44
N ILE O 72 -49.36 8.84 -37.20
CA ILE O 72 -48.26 8.05 -36.65
C ILE O 72 -48.86 6.81 -36.01
N GLU O 73 -50.07 6.94 -35.48
CA GLU O 73 -50.73 5.86 -34.76
C GLU O 73 -51.72 5.07 -35.63
N ASN O 74 -52.08 5.59 -36.80
CA ASN O 74 -53.08 4.94 -37.64
C ASN O 74 -52.49 4.56 -39.00
N GLY O 75 -51.82 5.50 -39.65
CA GLY O 75 -51.23 5.26 -40.96
C GLY O 75 -51.62 6.35 -41.93
N THR O 76 -51.07 6.24 -43.14
CA THR O 76 -51.30 7.20 -44.21
C THR O 76 -52.15 6.61 -45.33
N SER O 77 -52.90 5.55 -45.07
CA SER O 77 -53.83 4.95 -46.02
C SER O 77 -55.18 4.75 -45.32
N PRO O 78 -55.86 5.85 -44.94
CA PRO O 78 -57.11 5.71 -44.20
C PRO O 78 -58.32 5.61 -45.10
N ASN O 79 -59.51 5.54 -44.50
CA ASN O 79 -60.77 5.51 -45.23
C ASN O 79 -61.18 6.94 -45.55
N ILE O 80 -61.23 7.28 -46.83
CA ILE O 80 -61.54 8.64 -47.24
C ILE O 80 -62.87 9.09 -46.66
N ASN O 81 -63.87 8.21 -46.67
CA ASN O 81 -65.17 8.50 -46.07
C ASN O 81 -65.12 8.11 -44.59
N GLY O 82 -64.35 8.87 -43.84
CA GLY O 82 -64.16 8.63 -42.43
C GLY O 82 -63.82 9.91 -41.71
N VAL O 83 -63.19 9.79 -40.54
CA VAL O 83 -62.87 10.94 -39.70
C VAL O 83 -61.62 10.62 -38.90
N TRP O 84 -60.78 11.64 -38.72
CA TRP O 84 -59.58 11.53 -37.89
C TRP O 84 -59.78 12.31 -36.61
N VAL O 85 -59.29 11.74 -35.51
CA VAL O 85 -59.65 12.18 -34.17
C VAL O 85 -58.52 13.02 -33.58
N MET O 86 -58.91 14.07 -32.86
CA MET O 86 -57.99 14.89 -32.09
C MET O 86 -58.55 15.05 -30.68
N MET O 87 -57.65 15.15 -29.70
CA MET O 87 -58.04 15.20 -28.29
C MET O 87 -57.77 16.60 -27.75
N ASP O 88 -58.85 17.32 -27.42
CA ASP O 88 -58.76 18.64 -26.82
C ASP O 88 -58.79 18.50 -25.29
N GLY O 89 -57.80 17.78 -24.77
CA GLY O 89 -57.79 17.46 -23.37
C GLY O 89 -58.36 16.08 -23.12
N ASP O 90 -59.47 16.01 -22.40
CA ASP O 90 -60.21 14.76 -22.28
C ASP O 90 -61.30 14.63 -23.33
N GLU O 91 -61.64 15.71 -24.03
CA GLU O 91 -62.68 15.70 -25.04
C GLU O 91 -62.12 15.20 -26.37
N GLN O 92 -63.03 14.79 -27.24
CA GLN O 92 -62.69 14.31 -28.57
C GLN O 92 -63.08 15.35 -29.61
N VAL O 93 -62.20 15.56 -30.59
CA VAL O 93 -62.44 16.48 -31.69
C VAL O 93 -62.34 15.69 -32.98
N GLU O 94 -63.43 15.69 -33.76
CA GLU O 94 -63.55 14.90 -34.97
C GLU O 94 -63.46 15.80 -36.19
N TYR O 95 -62.63 15.41 -37.15
CA TYR O 95 -62.48 16.14 -38.40
C TYR O 95 -62.65 15.19 -39.58
N PRO O 96 -63.16 15.70 -40.70
CA PRO O 96 -63.30 14.84 -41.89
C PRO O 96 -61.95 14.51 -42.52
N LEU O 97 -61.91 13.42 -43.30
CA LEU O 97 -60.71 13.06 -44.01
C LEU O 97 -60.89 13.25 -45.50
N LYS O 98 -61.89 14.00 -45.89
CA LYS O 98 -62.05 14.25 -47.32
C LYS O 98 -60.98 15.22 -47.80
N PRO O 99 -60.86 16.42 -47.23
CA PRO O 99 -59.77 17.32 -47.67
C PRO O 99 -58.39 16.73 -47.47
N ILE O 100 -58.20 15.94 -46.41
CA ILE O 100 -56.87 15.38 -46.14
C ILE O 100 -56.42 14.49 -47.29
N VAL O 101 -57.30 13.58 -47.72
CA VAL O 101 -56.92 12.59 -48.74
C VAL O 101 -57.19 13.11 -50.15
N GLU O 102 -58.28 13.86 -50.34
CA GLU O 102 -58.64 14.30 -51.69
C GLU O 102 -57.57 15.22 -52.26
N ASN O 103 -57.06 16.15 -51.46
CA ASN O 103 -56.13 17.17 -51.94
C ASN O 103 -54.67 16.80 -51.75
N ALA O 104 -54.38 15.60 -51.23
CA ALA O 104 -53.01 15.17 -50.97
C ALA O 104 -52.48 14.46 -52.20
N LYS O 105 -51.84 15.23 -53.08
CA LYS O 105 -51.25 14.68 -54.29
C LYS O 105 -49.74 14.48 -54.10
N PRO O 106 -49.17 13.37 -54.59
CA PRO O 106 -49.80 12.23 -55.27
C PRO O 106 -50.48 11.30 -54.27
N THR O 107 -49.87 11.11 -53.11
CA THR O 107 -50.43 10.28 -52.06
C THR O 107 -50.23 10.99 -50.73
N LEU O 108 -51.12 10.70 -49.77
CA LEU O 108 -51.03 11.35 -48.47
C LEU O 108 -49.71 11.06 -47.77
N ARG O 109 -49.11 9.90 -48.05
CA ARG O 109 -47.81 9.59 -47.47
C ARG O 109 -46.74 10.55 -47.97
N GLN O 110 -46.73 10.83 -49.28
CA GLN O 110 -45.80 11.82 -49.80
C GLN O 110 -46.08 13.19 -49.20
N ILE O 111 -47.36 13.53 -49.00
CA ILE O 111 -47.71 14.78 -48.36
C ILE O 111 -47.40 14.77 -46.87
N MET O 112 -47.41 13.59 -46.23
CA MET O 112 -47.06 13.47 -44.83
C MET O 112 -45.59 13.16 -44.62
N ALA O 113 -44.83 12.90 -45.68
CA ALA O 113 -43.40 12.68 -45.53
C ALA O 113 -42.68 13.93 -45.04
N HIS O 114 -43.28 15.10 -45.22
CA HIS O 114 -42.69 16.34 -44.71
C HIS O 114 -42.65 16.38 -43.19
N PHE O 115 -43.38 15.50 -42.52
CA PHE O 115 -43.39 15.41 -41.06
C PHE O 115 -42.49 14.29 -40.55
N SER O 116 -41.67 13.70 -41.41
CA SER O 116 -40.84 12.58 -40.99
C SER O 116 -39.87 13.00 -39.88
N ASP O 117 -39.26 14.17 -40.02
CA ASP O 117 -38.33 14.63 -39.00
C ASP O 117 -39.06 14.96 -37.69
N VAL O 118 -40.20 15.65 -37.79
CA VAL O 118 -40.94 16.01 -36.59
C VAL O 118 -41.59 14.77 -35.98
N ALA O 119 -42.13 13.89 -36.82
CA ALA O 119 -42.70 12.65 -36.30
C ALA O 119 -41.65 11.83 -35.58
N GLU O 120 -40.43 11.78 -36.11
CA GLU O 120 -39.34 11.11 -35.42
C GLU O 120 -39.06 11.74 -34.07
N ALA O 121 -39.11 13.08 -34.00
CA ALA O 121 -38.89 13.77 -32.73
C ALA O 121 -39.99 13.47 -31.74
N TYR O 122 -41.24 13.50 -32.19
CA TYR O 122 -42.38 13.32 -31.30
C TYR O 122 -42.54 11.86 -30.86
N ILE O 123 -42.03 10.90 -31.65
CA ILE O 123 -42.11 9.50 -31.25
C ILE O 123 -40.95 9.13 -30.34
N GLU O 124 -39.92 9.97 -30.24
CA GLU O 124 -38.92 9.85 -29.19
C GLU O 124 -39.13 10.86 -28.08
N MET O 125 -39.79 11.98 -28.37
CA MET O 125 -40.09 12.94 -27.33
C MET O 125 -41.15 12.43 -26.37
N ARG O 126 -41.90 11.41 -26.78
CA ARG O 126 -42.89 10.77 -25.94
C ARG O 126 -42.43 9.42 -25.41
N ASN O 127 -41.17 9.13 -25.68
CA ASN O 127 -40.60 7.91 -25.21
C ASN O 127 -39.82 8.28 -24.00
N CYS O 128 -39.29 9.50 -23.95
CA CYS O 128 -38.65 9.93 -22.74
C CYS O 128 -39.76 9.79 -21.74
N LYS O 129 -39.41 9.65 -20.46
CA LYS O 129 -40.42 9.58 -19.39
C LYS O 129 -41.17 8.24 -19.31
N GLU O 130 -41.80 7.83 -20.40
CA GLU O 130 -42.54 6.56 -20.40
C GLU O 130 -42.39 5.86 -21.75
N PRO O 131 -42.32 4.52 -21.73
CA PRO O 131 -42.24 3.87 -23.05
C PRO O 131 -43.48 4.20 -23.89
N TYR O 132 -43.25 4.44 -25.17
CA TYR O 132 -44.32 4.70 -26.12
C TYR O 132 -43.97 4.04 -27.45
N MET O 133 -44.97 3.45 -28.09
CA MET O 133 -44.76 2.79 -29.36
C MET O 133 -45.96 3.03 -30.28
N PRO O 134 -45.76 3.63 -31.46
CA PRO O 134 -46.87 3.81 -32.39
C PRO O 134 -47.60 2.50 -32.66
N ARG O 135 -48.80 2.59 -33.23
CA ARG O 135 -49.59 1.40 -33.55
C ARG O 135 -49.28 0.86 -34.94
N TYR O 136 -48.37 1.49 -35.66
CA TYR O 136 -47.86 0.92 -36.90
C TYR O 136 -46.68 -0.01 -36.64
N GLY O 137 -46.32 -0.14 -35.36
CA GLY O 137 -45.29 -1.09 -34.96
C GLY O 137 -45.96 -2.14 -34.06
N LEU O 138 -46.90 -1.75 -33.20
CA LEU O 138 -47.61 -2.71 -32.39
C LEU O 138 -48.51 -3.64 -33.22
N VAL O 139 -48.92 -3.23 -34.41
CA VAL O 139 -49.70 -4.11 -35.29
C VAL O 139 -48.81 -4.90 -36.23
N ARG O 140 -47.63 -4.35 -36.53
CA ARG O 140 -46.69 -5.01 -37.43
C ARG O 140 -45.58 -5.75 -36.69
N ASN O 141 -45.87 -6.19 -35.47
CA ASN O 141 -44.94 -7.04 -34.74
C ASN O 141 -43.57 -6.51 -34.65
N LEU O 142 -43.41 -5.45 -33.91
CA LEU O 142 -42.10 -4.90 -33.63
C LEU O 142 -41.98 -4.98 -32.13
N ARG O 143 -40.87 -5.52 -31.64
CA ARG O 143 -40.67 -5.72 -30.21
C ARG O 143 -39.48 -4.98 -29.61
N ASP O 144 -38.96 -4.01 -30.34
CA ASP O 144 -37.80 -3.26 -29.88
C ASP O 144 -38.08 -1.79 -29.75
N GLY O 145 -38.03 -1.27 -28.54
CA GLY O 145 -38.37 0.12 -28.30
C GLY O 145 -37.38 1.09 -28.90
N SER O 146 -36.12 0.66 -29.09
CA SER O 146 -35.13 1.53 -29.68
C SER O 146 -35.48 1.92 -31.11
N LEU O 147 -36.31 1.13 -31.79
CA LEU O 147 -36.75 1.42 -33.14
C LEU O 147 -38.14 2.03 -33.19
N ALA O 148 -38.66 2.49 -32.06
CA ALA O 148 -39.96 3.13 -32.06
C ALA O 148 -39.94 4.45 -32.83
N ARG O 149 -38.80 5.12 -32.86
CA ARG O 149 -38.69 6.37 -33.61
C ARG O 149 -39.13 6.20 -35.05
N TYR O 150 -38.72 5.10 -35.68
CA TYR O 150 -38.91 4.88 -37.10
C TYR O 150 -40.19 4.13 -37.43
N ALA O 151 -41.11 4.02 -36.46
CA ALA O 151 -42.33 3.22 -36.64
C ALA O 151 -43.49 4.12 -37.03
N PHE O 152 -43.47 4.56 -38.28
CA PHE O 152 -44.62 5.23 -38.86
C PHE O 152 -44.52 5.12 -40.37
N ASP O 153 -45.68 5.16 -41.04
CA ASP O 153 -45.74 4.85 -42.46
C ASP O 153 -44.95 5.86 -43.29
N PHE O 154 -45.05 7.15 -42.94
CA PHE O 154 -44.50 8.22 -43.78
C PHE O 154 -43.06 8.58 -43.42
N TYR O 155 -42.30 7.65 -42.87
CA TYR O 155 -40.88 7.90 -42.64
C TYR O 155 -40.14 7.99 -43.95
N GLU O 156 -39.12 8.86 -43.98
CA GLU O 156 -38.30 9.09 -45.16
C GLU O 156 -36.98 8.36 -44.99
N VAL O 157 -36.79 7.28 -45.74
CA VAL O 157 -35.56 6.51 -45.69
C VAL O 157 -34.50 7.27 -46.48
N THR O 158 -33.46 7.72 -45.80
CA THR O 158 -32.38 8.49 -46.41
C THR O 158 -31.05 7.79 -46.14
N SER O 159 -29.96 8.42 -46.59
CA SER O 159 -28.64 7.89 -46.36
C SER O 159 -28.26 7.90 -44.87
N ARG O 160 -28.94 8.72 -44.07
CA ARG O 160 -28.66 8.82 -42.64
C ARG O 160 -29.48 7.85 -41.80
N THR O 161 -30.37 7.09 -42.41
CA THR O 161 -31.16 6.13 -41.64
C THR O 161 -30.27 5.02 -41.12
N PRO O 162 -30.38 4.65 -39.85
CA PRO O 162 -29.59 3.49 -39.37
C PRO O 162 -29.99 2.22 -40.11
N VAL O 163 -29.00 1.36 -40.32
CA VAL O 163 -29.25 0.09 -41.01
C VAL O 163 -30.31 -0.71 -40.28
N ARG O 164 -30.29 -0.65 -38.96
CA ARG O 164 -31.27 -1.38 -38.18
C ARG O 164 -32.62 -0.78 -38.39
N ALA O 165 -32.71 0.54 -38.43
CA ALA O 165 -33.97 1.19 -38.74
C ALA O 165 -34.44 0.85 -40.14
N ARG O 166 -33.52 0.85 -41.11
CA ARG O 166 -33.89 0.52 -42.49
C ARG O 166 -34.29 -0.93 -42.67
N GLU O 167 -34.08 -1.78 -41.66
CA GLU O 167 -34.50 -3.17 -41.69
C GLU O 167 -35.83 -3.40 -40.98
N ALA O 168 -36.11 -2.63 -39.93
CA ALA O 168 -37.44 -2.70 -39.33
C ALA O 168 -38.52 -2.35 -40.35
N HIS O 169 -38.27 -1.35 -41.20
CA HIS O 169 -39.27 -0.92 -42.16
C HIS O 169 -39.61 -2.02 -43.16
N ILE O 170 -38.60 -2.71 -43.68
CA ILE O 170 -38.89 -3.82 -44.59
C ILE O 170 -39.54 -4.98 -43.83
N GLN O 171 -39.27 -5.12 -42.53
CA GLN O 171 -39.99 -6.10 -41.73
C GLN O 171 -41.43 -5.67 -41.50
N MET O 172 -41.63 -4.41 -41.11
CA MET O 172 -42.99 -3.93 -40.86
C MET O 172 -43.79 -3.83 -42.15
N LYS O 173 -43.13 -3.50 -43.26
CA LYS O 173 -43.79 -3.37 -44.54
C LYS O 173 -44.11 -4.72 -45.18
N ALA O 174 -43.89 -5.81 -44.46
CA ALA O 174 -44.19 -7.15 -44.98
C ALA O 174 -44.41 -8.13 -43.84
N LYS P 5 -29.42 19.50 -40.06
CA LYS P 5 -30.43 19.84 -39.07
C LYS P 5 -31.80 19.33 -39.48
N MET P 6 -32.72 19.25 -38.52
CA MET P 6 -34.09 18.87 -38.84
C MET P 6 -34.71 19.90 -39.77
N ARG P 7 -35.47 19.41 -40.75
CA ARG P 7 -36.18 20.27 -41.70
C ARG P 7 -37.66 20.25 -41.31
N MET P 8 -38.05 21.21 -40.48
CA MET P 8 -39.43 21.29 -40.05
C MET P 8 -40.33 21.62 -41.24
N PRO P 9 -41.53 21.06 -41.30
CA PRO P 9 -42.42 21.34 -42.43
C PRO P 9 -42.76 22.83 -42.50
N LYS P 10 -42.80 23.35 -43.72
CA LYS P 10 -43.10 24.76 -43.95
C LYS P 10 -43.89 24.88 -45.24
N SER P 11 -44.83 25.82 -45.26
CA SER P 11 -45.66 26.05 -46.44
C SER P 11 -45.15 27.22 -47.26
N LYS P 12 -45.06 28.41 -46.66
CA LYS P 12 -44.55 29.61 -47.32
C LYS P 12 -43.61 30.34 -46.38
N GLY P 13 -42.69 29.61 -45.77
CA GLY P 13 -41.79 30.18 -44.79
C GLY P 13 -42.33 30.21 -43.39
N ALA P 14 -43.39 29.46 -43.11
CA ALA P 14 -43.97 29.39 -41.77
C ALA P 14 -44.19 27.93 -41.41
N THR P 15 -43.69 27.54 -40.24
CA THR P 15 -43.90 26.16 -39.78
C THR P 15 -45.38 25.86 -39.70
N VAL P 16 -45.77 24.69 -40.22
CA VAL P 16 -47.19 24.29 -40.23
C VAL P 16 -47.56 23.53 -38.97
N LEU P 17 -46.70 23.57 -37.98
CA LEU P 17 -46.95 22.90 -36.71
C LEU P 17 -46.72 23.87 -35.57
N ASN P 18 -47.51 23.72 -34.51
CA ASN P 18 -47.33 24.50 -33.29
C ASN P 18 -46.49 23.67 -32.32
N LEU P 19 -45.27 24.14 -32.04
CA LEU P 19 -44.36 23.39 -31.19
C LEU P 19 -44.65 23.59 -29.71
N GLU P 20 -45.25 24.71 -29.33
CA GLU P 20 -45.67 24.87 -27.95
C GLU P 20 -46.72 23.85 -27.55
N HIS P 21 -47.48 23.37 -28.55
CA HIS P 21 -48.55 22.44 -28.27
C HIS P 21 -48.18 21.04 -28.59
N LEU P 22 -47.30 20.79 -29.47
CA LEU P 22 -46.86 19.43 -29.77
C LEU P 22 -46.13 18.82 -28.58
N LEU P 23 -45.28 19.60 -27.92
CA LEU P 23 -44.58 19.08 -26.75
C LEU P 23 -45.56 18.69 -25.65
N GLU P 24 -46.70 19.38 -25.55
CA GLU P 24 -47.69 19.13 -24.52
C GLU P 24 -48.93 18.46 -25.09
N TYR P 25 -48.78 17.68 -26.16
CA TYR P 25 -49.88 16.97 -26.80
C TYR P 25 -49.50 15.49 -26.82
N ALA P 26 -49.85 14.80 -25.74
CA ALA P 26 -49.59 13.38 -25.61
C ALA P 26 -50.90 12.61 -25.50
N PRO P 27 -51.58 12.47 -26.61
CA PRO P 27 -52.79 11.70 -26.57
C PRO P 27 -52.66 10.23 -26.13
N GLN P 28 -53.52 9.70 -25.27
CA GLN P 28 -53.53 8.27 -24.99
C GLN P 28 -53.84 7.54 -26.29
N GLN P 29 -53.11 6.45 -26.54
CA GLN P 29 -53.19 5.83 -27.86
C GLN P 29 -54.61 5.43 -28.20
N ILE P 30 -55.39 5.03 -27.20
CA ILE P 30 -56.74 4.54 -27.45
C ILE P 30 -57.65 5.65 -27.95
N ASP P 31 -57.45 6.89 -27.47
CA ASP P 31 -58.38 7.96 -27.83
C ASP P 31 -58.35 8.29 -29.31
N ILE P 32 -57.17 8.25 -29.93
CA ILE P 32 -57.03 8.53 -31.36
C ILE P 32 -56.81 7.27 -32.18
N SER P 33 -56.84 6.10 -31.56
CA SER P 33 -56.66 4.87 -32.31
C SER P 33 -57.88 4.62 -33.19
N ASN P 34 -57.70 3.73 -34.17
CA ASN P 34 -58.77 3.34 -35.07
C ASN P 34 -59.28 1.93 -34.81
N THR P 35 -58.72 1.22 -33.84
CA THR P 35 -59.31 -0.02 -33.38
C THR P 35 -60.51 0.21 -32.48
N ARG P 36 -60.72 1.45 -32.01
CA ARG P 36 -61.86 1.83 -31.21
C ARG P 36 -62.68 2.86 -31.97
N ALA P 37 -64.01 2.71 -31.91
CA ALA P 37 -64.88 3.70 -32.54
C ALA P 37 -64.90 4.98 -31.71
N THR P 38 -65.15 6.10 -32.39
CA THR P 38 -65.18 7.38 -31.72
C THR P 38 -66.36 7.44 -30.76
N GLN P 39 -66.18 8.19 -29.67
CA GLN P 39 -67.26 8.35 -28.69
C GLN P 39 -68.51 8.93 -29.33
N SER P 40 -68.38 9.66 -30.43
CA SER P 40 -69.54 10.11 -31.18
C SER P 40 -70.20 8.99 -31.96
N GLN P 41 -69.47 7.91 -32.25
CA GLN P 41 -70.04 6.73 -32.87
C GLN P 41 -70.58 5.74 -31.85
N PHE P 42 -70.02 5.75 -30.64
CA PHE P 42 -70.57 4.92 -29.56
C PHE P 42 -71.91 5.49 -29.08
N ASP P 43 -71.97 6.80 -28.87
CA ASP P 43 -73.19 7.43 -28.37
C ASP P 43 -74.34 7.19 -29.33
N THR P 44 -74.10 7.31 -30.63
CA THR P 44 -75.14 7.03 -31.60
C THR P 44 -75.60 5.57 -31.51
N TRP P 45 -74.64 4.65 -31.35
CA TRP P 45 -74.99 3.24 -31.26
C TRP P 45 -75.78 3.10 -29.96
N TYR P 46 -75.13 3.36 -28.84
CA TYR P 46 -75.78 3.22 -27.54
C TYR P 46 -77.23 3.70 -27.58
N GLU P 47 -77.45 4.94 -28.03
CA GLU P 47 -78.81 5.48 -28.05
C GLU P 47 -79.70 4.66 -28.97
N ALA P 48 -79.16 4.18 -30.08
CA ALA P 48 -79.97 3.42 -31.04
C ALA P 48 -80.52 2.15 -30.42
N VAL P 49 -79.69 1.42 -29.65
CA VAL P 49 -80.15 0.19 -29.04
C VAL P 49 -81.20 0.48 -27.97
N GLN P 50 -81.06 1.61 -27.26
CA GLN P 50 -82.12 2.02 -26.33
C GLN P 50 -83.43 2.26 -27.06
N LEU P 51 -83.38 2.78 -28.28
CA LEU P 51 -84.61 3.01 -29.04
C LEU P 51 -85.19 1.70 -29.57
N ALA P 52 -84.34 0.82 -30.09
CA ALA P 52 -84.83 -0.44 -30.64
C ALA P 52 -85.36 -1.36 -29.54
N TYR P 53 -84.66 -1.44 -28.42
CA TYR P 53 -85.05 -2.35 -27.35
C TYR P 53 -86.14 -1.79 -26.44
N ASP P 54 -86.46 -0.51 -26.56
CA ASP P 54 -87.42 0.17 -25.71
C ASP P 54 -87.03 0.14 -24.24
N ILE P 55 -85.77 -0.22 -23.94
CA ILE P 55 -85.29 -0.18 -22.57
C ILE P 55 -85.03 1.27 -22.18
N GLY P 56 -85.37 1.62 -20.95
CA GLY P 56 -85.24 2.99 -20.49
C GLY P 56 -83.79 3.36 -20.24
N GLU P 57 -83.59 4.64 -19.93
CA GLU P 57 -82.25 5.11 -19.57
C GLU P 57 -81.72 4.41 -18.34
N THR P 58 -82.59 3.78 -17.56
CA THR P 58 -82.19 2.84 -16.53
C THR P 58 -82.40 1.42 -17.04
N GLU P 59 -81.66 0.48 -16.48
CA GLU P 59 -81.73 -0.90 -16.93
C GLU P 59 -80.94 -1.13 -18.21
N MET P 60 -80.45 -0.09 -18.89
CA MET P 60 -79.65 -0.36 -20.06
C MET P 60 -78.33 -0.82 -19.56
N PRO P 61 -77.85 -0.26 -18.48
CA PRO P 61 -76.55 -0.82 -18.09
C PRO P 61 -76.54 -2.33 -17.96
N THR P 62 -77.58 -2.93 -17.41
CA THR P 62 -77.68 -4.37 -17.22
C THR P 62 -77.85 -5.09 -18.55
N VAL P 63 -78.39 -4.46 -19.56
CA VAL P 63 -78.44 -5.10 -20.85
C VAL P 63 -77.06 -5.04 -21.46
N MET P 64 -76.30 -3.97 -21.27
CA MET P 64 -74.93 -3.91 -21.76
C MET P 64 -74.01 -4.89 -21.04
N ASN P 65 -74.35 -5.30 -19.82
CA ASN P 65 -73.59 -6.33 -19.13
C ASN P 65 -73.77 -7.69 -19.79
N GLY P 66 -74.99 -8.02 -20.21
CA GLY P 66 -75.19 -9.26 -20.94
C GLY P 66 -74.48 -9.27 -22.27
N LEU P 67 -74.53 -8.15 -22.99
CA LEU P 67 -73.88 -8.09 -24.29
C LEU P 67 -72.37 -8.22 -24.15
N MET P 68 -71.79 -7.55 -23.15
CA MET P 68 -70.34 -7.64 -22.95
C MET P 68 -69.92 -9.08 -22.68
N VAL P 69 -70.58 -9.74 -21.73
CA VAL P 69 -70.25 -11.13 -21.44
C VAL P 69 -70.61 -12.02 -22.62
N TRP P 70 -71.72 -11.70 -23.29
CA TRP P 70 -72.09 -12.46 -24.49
C TRP P 70 -71.05 -12.29 -25.59
N CYS P 71 -70.52 -11.09 -25.77
CA CYS P 71 -69.55 -10.83 -26.83
C CYS P 71 -68.15 -11.34 -26.48
N ILE P 72 -67.92 -11.75 -25.24
CA ILE P 72 -66.66 -12.39 -24.87
C ILE P 72 -66.68 -13.87 -25.23
N GLU P 73 -67.80 -14.54 -24.97
CA GLU P 73 -67.92 -15.98 -25.17
C GLU P 73 -68.46 -16.36 -26.54
N ASN P 74 -68.83 -15.40 -27.38
CA ASN P 74 -69.42 -15.72 -28.67
C ASN P 74 -68.66 -15.07 -29.82
N GLY P 75 -68.28 -13.81 -29.64
CA GLY P 75 -67.60 -13.06 -30.69
C GLY P 75 -68.29 -11.74 -30.95
N THR P 76 -67.66 -10.87 -31.72
CA THR P 76 -68.23 -9.57 -32.08
C THR P 76 -68.60 -9.49 -33.56
N SER P 77 -68.72 -10.64 -34.22
CA SER P 77 -69.17 -10.71 -35.61
C SER P 77 -70.26 -11.76 -35.73
N PRO P 78 -71.40 -11.55 -35.07
CA PRO P 78 -72.49 -12.53 -35.13
C PRO P 78 -73.38 -12.34 -36.36
N ASN P 79 -74.44 -13.13 -36.45
CA ASN P 79 -75.42 -12.97 -37.53
C ASN P 79 -76.36 -11.84 -37.18
N ILE P 80 -76.60 -10.95 -38.14
CA ILE P 80 -77.52 -9.83 -37.94
C ILE P 80 -78.94 -10.29 -37.67
N ASN P 81 -79.26 -11.55 -37.98
CA ASN P 81 -80.62 -12.07 -37.87
C ASN P 81 -80.80 -12.98 -36.67
N GLY P 82 -79.83 -13.05 -35.77
CA GLY P 82 -79.88 -13.93 -34.63
C GLY P 82 -80.41 -13.23 -33.39
N VAL P 83 -80.11 -13.82 -32.24
CA VAL P 83 -80.52 -13.27 -30.95
C VAL P 83 -79.46 -13.63 -29.93
N TRP P 84 -78.96 -12.62 -29.21
CA TRP P 84 -78.03 -12.85 -28.13
C TRP P 84 -78.79 -12.96 -26.82
N VAL P 85 -78.29 -13.82 -25.93
CA VAL P 85 -79.00 -14.18 -24.72
C VAL P 85 -78.22 -13.71 -23.51
N MET P 86 -78.96 -13.28 -22.49
CA MET P 86 -78.41 -12.97 -21.18
C MET P 86 -79.25 -13.69 -20.13
N MET P 87 -78.57 -14.13 -19.07
CA MET P 87 -79.20 -14.97 -18.04
C MET P 87 -79.83 -14.07 -16.98
N ASP P 88 -81.16 -14.13 -16.88
CA ASP P 88 -81.89 -13.42 -15.84
C ASP P 88 -82.09 -14.40 -14.69
N GLY P 89 -81.08 -14.50 -13.84
CA GLY P 89 -81.10 -15.54 -12.81
C GLY P 89 -80.83 -16.89 -13.42
N ASP P 90 -81.86 -17.73 -13.53
CA ASP P 90 -81.73 -19.04 -14.15
C ASP P 90 -82.38 -19.13 -15.52
N GLU P 91 -83.21 -18.16 -15.91
CA GLU P 91 -83.90 -18.20 -17.18
C GLU P 91 -82.98 -17.67 -18.27
N GLN P 92 -83.53 -17.46 -19.47
CA GLN P 92 -82.74 -17.04 -20.63
C GLN P 92 -83.50 -15.94 -21.35
N VAL P 93 -82.92 -14.74 -21.37
CA VAL P 93 -83.55 -13.56 -21.97
C VAL P 93 -82.87 -13.30 -23.30
N GLU P 94 -83.61 -13.51 -24.39
CA GLU P 94 -83.07 -13.37 -25.73
C GLU P 94 -83.40 -11.99 -26.27
N TYR P 95 -82.40 -11.32 -26.84
CA TYR P 95 -82.57 -10.01 -27.46
C TYR P 95 -82.17 -10.07 -28.92
N PRO P 96 -82.80 -9.28 -29.78
CA PRO P 96 -82.40 -9.27 -31.19
C PRO P 96 -81.08 -8.54 -31.40
N LEU P 97 -80.31 -9.02 -32.38
CA LEU P 97 -79.00 -8.47 -32.68
C LEU P 97 -79.04 -7.40 -33.77
N LYS P 98 -80.20 -7.12 -34.34
CA LYS P 98 -80.27 -6.13 -35.42
C LYS P 98 -79.80 -4.77 -34.98
N PRO P 99 -80.33 -4.17 -33.90
CA PRO P 99 -79.80 -2.87 -33.46
C PRO P 99 -78.33 -2.91 -33.07
N ILE P 100 -77.86 -4.04 -32.55
CA ILE P 100 -76.47 -4.14 -32.12
C ILE P 100 -75.53 -3.98 -33.32
N VAL P 101 -75.84 -4.66 -34.42
CA VAL P 101 -74.94 -4.72 -35.57
C VAL P 101 -75.28 -3.67 -36.61
N GLU P 102 -76.58 -3.41 -36.82
CA GLU P 102 -76.98 -2.43 -37.83
C GLU P 102 -76.46 -1.03 -37.50
N ASN P 103 -76.38 -0.70 -36.21
CA ASN P 103 -75.98 0.64 -35.78
C ASN P 103 -74.56 0.66 -35.21
N ALA P 104 -73.76 -0.37 -35.49
CA ALA P 104 -72.38 -0.44 -35.02
C ALA P 104 -71.47 0.03 -36.15
N LYS P 105 -71.06 1.29 -36.08
CA LYS P 105 -70.17 1.88 -37.07
C LYS P 105 -68.80 2.13 -36.46
N PRO P 106 -67.71 1.75 -37.14
CA PRO P 106 -67.65 1.05 -38.43
C PRO P 106 -68.02 -0.42 -38.29
N THR P 107 -67.71 -1.03 -37.15
CA THR P 107 -68.03 -2.42 -36.90
C THR P 107 -68.29 -2.60 -35.40
N LEU P 108 -68.92 -3.72 -35.07
CA LEU P 108 -69.22 -4.00 -33.66
C LEU P 108 -67.95 -4.19 -32.85
N ARG P 109 -66.90 -4.75 -33.45
CA ARG P 109 -65.66 -4.95 -32.72
C ARG P 109 -65.09 -3.62 -32.24
N GLN P 110 -65.08 -2.61 -33.11
CA GLN P 110 -64.61 -1.30 -32.71
C GLN P 110 -65.55 -0.64 -31.72
N ILE P 111 -66.86 -0.88 -31.84
CA ILE P 111 -67.80 -0.38 -30.85
C ILE P 111 -67.62 -1.10 -29.53
N MET P 112 -67.34 -2.40 -29.57
CA MET P 112 -67.15 -3.18 -28.36
C MET P 112 -65.77 -3.03 -27.76
N ALA P 113 -64.82 -2.43 -28.49
CA ALA P 113 -63.50 -2.19 -27.93
C ALA P 113 -63.53 -1.21 -26.77
N HIS P 114 -64.63 -0.46 -26.61
CA HIS P 114 -64.77 0.41 -25.45
C HIS P 114 -64.89 -0.38 -24.15
N PHE P 115 -65.19 -1.66 -24.23
CA PHE P 115 -65.33 -2.52 -23.06
C PHE P 115 -64.09 -3.35 -22.78
N SER P 116 -63.00 -3.12 -23.50
CA SER P 116 -61.85 -4.01 -23.41
C SER P 116 -61.30 -4.06 -21.99
N ASP P 117 -61.11 -2.90 -21.37
CA ASP P 117 -60.55 -2.88 -20.02
C ASP P 117 -61.45 -3.61 -19.04
N VAL P 118 -62.76 -3.40 -19.13
CA VAL P 118 -63.69 -4.13 -18.27
C VAL P 118 -63.71 -5.60 -18.63
N ALA P 119 -63.60 -5.92 -19.92
CA ALA P 119 -63.69 -7.30 -20.36
C ALA P 119 -62.61 -8.17 -19.70
N GLU P 120 -61.37 -7.71 -19.71
CA GLU P 120 -60.31 -8.47 -19.06
C GLU P 120 -60.51 -8.52 -17.56
N ALA P 121 -61.03 -7.43 -16.98
CA ALA P 121 -61.33 -7.42 -15.55
C ALA P 121 -62.40 -8.45 -15.21
N TYR P 122 -63.43 -8.55 -16.05
CA TYR P 122 -64.50 -9.51 -15.80
C TYR P 122 -63.97 -10.94 -15.83
N ILE P 123 -63.10 -11.24 -16.79
CA ILE P 123 -62.57 -12.61 -16.91
C ILE P 123 -61.75 -12.97 -15.66
N GLU P 124 -60.94 -12.04 -15.18
CA GLU P 124 -60.09 -12.33 -14.03
C GLU P 124 -60.91 -12.74 -12.81
N MET P 125 -61.93 -11.96 -12.48
CA MET P 125 -62.78 -12.32 -11.35
C MET P 125 -63.50 -13.63 -11.60
N ARG P 126 -63.97 -13.85 -12.83
CA ARG P 126 -64.53 -15.14 -13.20
C ARG P 126 -63.50 -16.24 -13.07
N ASN P 127 -62.27 -15.95 -13.42
CA ASN P 127 -61.18 -16.90 -13.30
C ASN P 127 -60.68 -16.99 -11.89
N CYS P 128 -61.09 -16.06 -11.05
CA CYS P 128 -60.70 -16.05 -9.64
C CYS P 128 -61.60 -16.93 -8.78
N LYS P 129 -62.59 -17.60 -9.40
CA LYS P 129 -63.42 -18.59 -8.72
C LYS P 129 -63.18 -19.99 -9.25
N GLU P 130 -63.23 -20.15 -10.57
CA GLU P 130 -62.93 -21.41 -11.23
C GLU P 130 -62.45 -21.10 -12.63
N PRO P 131 -61.81 -22.07 -13.30
CA PRO P 131 -61.28 -21.79 -14.65
C PRO P 131 -62.37 -21.28 -15.57
N TYR P 132 -62.02 -20.23 -16.32
CA TYR P 132 -62.93 -19.64 -17.31
C TYR P 132 -62.06 -19.13 -18.46
N MET P 133 -61.94 -19.96 -19.50
CA MET P 133 -61.33 -19.52 -20.74
C MET P 133 -62.44 -19.15 -21.72
N PRO P 134 -62.56 -17.89 -22.12
CA PRO P 134 -63.64 -17.53 -23.04
C PRO P 134 -63.61 -18.38 -24.30
N ARG P 135 -64.81 -18.73 -24.78
CA ARG P 135 -64.92 -19.60 -25.94
C ARG P 135 -64.05 -19.14 -27.11
N TYR P 136 -63.73 -17.85 -27.18
CA TYR P 136 -62.89 -17.38 -28.27
C TYR P 136 -61.49 -17.99 -28.20
N GLY P 137 -61.10 -18.51 -27.04
CA GLY P 137 -59.82 -19.17 -26.90
C GLY P 137 -59.92 -20.68 -26.88
N LEU P 138 -61.11 -21.21 -26.53
CA LEU P 138 -61.31 -22.65 -26.58
C LEU P 138 -61.40 -23.16 -28.00
N VAL P 139 -62.02 -22.39 -28.90
CA VAL P 139 -62.16 -22.80 -30.29
C VAL P 139 -60.93 -22.36 -31.08
N ARG P 140 -59.91 -21.87 -30.38
CA ARG P 140 -58.66 -21.48 -31.02
C ARG P 140 -57.45 -22.02 -30.28
N ASN P 141 -57.61 -23.09 -29.53
CA ASN P 141 -56.48 -23.77 -28.88
C ASN P 141 -55.63 -22.88 -28.03
N LEU P 142 -56.25 -21.95 -27.33
CA LEU P 142 -55.53 -21.13 -26.36
C LEU P 142 -55.45 -21.95 -25.08
N ARG P 143 -54.25 -22.43 -24.76
CA ARG P 143 -54.09 -23.43 -23.69
C ARG P 143 -53.57 -22.84 -22.39
N ASP P 144 -52.65 -21.88 -22.45
CA ASP P 144 -52.23 -21.21 -21.23
C ASP P 144 -53.41 -20.49 -20.60
N GLY P 145 -53.54 -20.61 -19.28
CA GLY P 145 -54.71 -20.07 -18.61
C GLY P 145 -54.50 -18.65 -18.13
N SER P 146 -53.26 -18.27 -17.82
CA SER P 146 -53.00 -16.91 -17.39
C SER P 146 -53.39 -15.91 -18.48
N LEU P 147 -53.08 -16.22 -19.74
CA LEU P 147 -53.50 -15.38 -20.84
C LEU P 147 -54.92 -15.73 -21.26
N ALA P 148 -55.84 -15.69 -20.30
CA ALA P 148 -57.26 -15.87 -20.57
C ALA P 148 -58.04 -14.56 -20.46
N ARG P 149 -57.41 -13.50 -19.97
CA ARG P 149 -57.99 -12.16 -19.94
C ARG P 149 -57.83 -11.43 -21.26
N TYR P 150 -57.18 -12.05 -22.25
CA TYR P 150 -56.98 -11.46 -23.56
C TYR P 150 -57.62 -12.31 -24.65
N ALA P 151 -58.43 -13.29 -24.27
CA ALA P 151 -59.05 -14.22 -25.21
C ALA P 151 -60.45 -13.74 -25.62
N PHE P 152 -60.58 -12.50 -26.08
CA PHE P 152 -61.86 -11.98 -26.54
C PHE P 152 -61.64 -11.10 -27.76
N ASP P 153 -62.61 -11.15 -28.68
CA ASP P 153 -62.39 -10.63 -30.03
C ASP P 153 -62.13 -9.13 -30.02
N PHE P 154 -62.72 -8.41 -29.08
CA PHE P 154 -62.66 -6.97 -29.07
C PHE P 154 -61.60 -6.39 -28.18
N TYR P 155 -60.47 -7.03 -28.09
CA TYR P 155 -59.39 -6.60 -27.25
C TYR P 155 -58.52 -5.65 -28.00
N GLU P 156 -58.05 -4.61 -27.33
CA GLU P 156 -57.26 -3.58 -27.96
C GLU P 156 -55.80 -3.75 -27.53
N VAL P 157 -54.96 -4.15 -28.46
CA VAL P 157 -53.53 -4.26 -28.19
C VAL P 157 -52.96 -2.85 -28.12
N THR P 158 -52.50 -2.46 -26.94
CA THR P 158 -51.95 -1.14 -26.69
C THR P 158 -50.49 -1.27 -26.29
N SER P 159 -49.89 -0.15 -25.90
CA SER P 159 -48.51 -0.17 -25.47
C SER P 159 -48.33 -0.86 -24.13
N ARG P 160 -49.40 -1.01 -23.36
CA ARG P 160 -49.36 -1.65 -22.05
C ARG P 160 -49.65 -3.14 -22.10
N THR P 161 -49.97 -3.69 -23.27
CA THR P 161 -50.33 -5.09 -23.36
C THR P 161 -49.09 -5.96 -23.20
N PRO P 162 -49.18 -7.03 -22.42
CA PRO P 162 -48.04 -7.98 -22.35
C PRO P 162 -47.70 -8.50 -23.73
N VAL P 163 -46.40 -8.65 -23.98
CA VAL P 163 -45.95 -9.09 -25.30
C VAL P 163 -46.45 -10.49 -25.61
N ARG P 164 -46.57 -11.31 -24.59
CA ARG P 164 -47.11 -12.62 -24.83
C ARG P 164 -48.49 -12.47 -25.38
N ALA P 165 -49.35 -11.82 -24.62
CA ALA P 165 -50.72 -11.61 -25.08
C ALA P 165 -50.76 -11.18 -26.53
N ARG P 166 -49.86 -10.27 -26.91
CA ARG P 166 -49.78 -9.82 -28.29
C ARG P 166 -49.48 -10.97 -29.23
N GLU P 167 -48.50 -11.81 -28.86
CA GLU P 167 -48.19 -12.98 -29.69
C GLU P 167 -49.36 -13.96 -29.72
N ALA P 168 -50.04 -14.12 -28.59
CA ALA P 168 -51.18 -15.03 -28.56
C ALA P 168 -52.26 -14.59 -29.54
N HIS P 169 -52.58 -13.29 -29.54
CA HIS P 169 -53.58 -12.79 -30.48
C HIS P 169 -53.18 -13.08 -31.91
N ILE P 170 -51.89 -12.98 -32.22
CA ILE P 170 -51.42 -13.39 -33.53
C ILE P 170 -51.69 -14.87 -33.77
N GLN P 171 -51.80 -15.65 -32.70
CA GLN P 171 -52.08 -17.08 -32.84
C GLN P 171 -53.58 -17.34 -33.00
N MET P 172 -54.42 -16.71 -32.17
CA MET P 172 -55.85 -16.89 -32.32
C MET P 172 -56.31 -16.38 -33.68
N LYS P 173 -55.83 -15.21 -34.10
CA LYS P 173 -56.12 -14.72 -35.44
C LYS P 173 -55.52 -15.68 -36.46
N ALA P 174 -56.37 -16.39 -37.19
CA ALA P 174 -55.91 -17.39 -38.15
C ALA P 174 -55.08 -18.46 -37.44
#